data_4A2M
#
_entry.id   4A2M
#
_cell.length_a   111.120
_cell.length_b   80.830
_cell.length_c   228.940
_cell.angle_alpha   90.00
_cell.angle_beta   93.96
_cell.angle_gamma   90.00
#
_symmetry.space_group_name_H-M   'P 1 21 1'
#
loop_
_entity.id
_entity.type
_entity.pdbx_description
1 polymer 'TWO-COMPONENT SYSTEM SENSOR HISTIDINE KINASE/RESPONSE'
2 branched '4-deoxy-alpha-L-threo-hex-4-enopyranuronic acid-(1-4)-2-acetamido-2-deoxy-6-O-sulfo-beta-D-glucopyranose'
#
_entity_poly.entity_id   1
_entity_poly.type   'polypeptide(L)'
_entity_poly.pdbx_seq_one_letter_code
;MSKLKKIVIYLFFLCLGMHSAFSETPEQITFSYISINEGLSQSTVFSIDQDKRGNMWFATYDGVNKYDGYAFTVYQHNED
DPNSIANDISRIVKTDSQGRVWIGTRDGLSRYDEEKDIFQNFFYEKNGKHLQVNGIEEISPEQLLISTPEGLIMFDIKES
KFIDDSFSTAMHKTIASTLYRQGDQIYIGTSTDGLYTYSITQKTFEKVIPILGTKQIQAILQQSPTRIWVATEGAGLFLI
NPKTKEIKNYLHSPSNPKSISSNYIRSLAMDSQNRLWIGTFNDLNIYHEGTDSFASYSSNPVENGSLSQRSVRSIFMDSQ
GGMWLGTYFGGLNYYHPIRNRFKNIRNIPYKNSLSDNVVSCIVEDKDKNLWIGTNDGGLNLYNPITQRFTSYTLQEDESA
RGIGSNNIKAVYVDEKKSLVYIGTHAGGLSILHRNSGQVENFNQRNSQLVNENVYAILPDGEGNLWLGTLSALVRFNPEQ
RSFTTIEKEKDGTPVVSKQITTLFRDSHKRLWIGGEEGLSVFKQEGLDIQKASILPVSNVTKLFTNCIYEASNGIIWVGT
REGFYCFNEKDKQIKRYNTTNGLPNNVVYGILEDSFGRLWLSTNRGISCFNPETEKFRNFTESDGLQSNQFNTASYCRTS
VGQMYFGGINGITTFRPELLLDNPYTPPVVITKLQLFNKVVRPDDETGILTKNISETKSITLKSWQTAFSIEFVVSNYIS
GQHNTFAYKLEGYDKEWYYLTDSRTVSYSNLPQGTYQFLVKAANSDGKWNPIPTALEIIVLPIWYKTLEHHHHHH
;
_entity_poly.pdbx_strand_id   A,B,C,D
#
loop_
_chem_comp.id
_chem_comp.type
_chem_comp.name
_chem_comp.formula
GCD L-saccharide, alpha linking '4-deoxy-alpha-L-threo-hex-4-enopyranuronic acid' 'C6 H8 O6'
NGS D-saccharide, beta linking 2-acetamido-2-deoxy-6-O-sulfo-beta-D-glucopyranose 'C8 H15 N O9 S'
#
# COMPACT_ATOMS: atom_id res chain seq x y z
N GLN A 28 4.17 -12.35 -16.89
CA GLN A 28 5.52 -11.82 -16.53
C GLN A 28 6.43 -11.72 -17.75
N ILE A 29 6.74 -10.49 -18.13
CA ILE A 29 7.60 -10.22 -19.29
C ILE A 29 8.81 -9.37 -18.89
N THR A 30 10.00 -9.94 -19.09
CA THR A 30 11.26 -9.25 -18.76
C THR A 30 12.17 -9.15 -19.98
N PHE A 31 12.92 -8.05 -20.06
CA PHE A 31 13.72 -7.73 -21.24
C PHE A 31 15.24 -7.86 -21.03
N SER A 32 15.94 -8.14 -22.11
CA SER A 32 17.40 -8.08 -22.16
C SER A 32 17.81 -6.71 -22.68
N TYR A 33 18.96 -6.21 -22.22
CA TYR A 33 19.39 -4.86 -22.57
C TYR A 33 20.55 -4.84 -23.56
N ILE A 34 20.38 -4.07 -24.64
CA ILE A 34 21.43 -3.86 -25.64
C ILE A 34 21.51 -2.37 -26.00
N SER A 35 22.65 -1.75 -25.69
CA SER A 35 22.83 -0.31 -25.88
C SER A 35 24.28 0.07 -26.19
N ILE A 36 24.68 1.28 -25.77
CA ILE A 36 26.02 1.83 -26.05
C ILE A 36 27.14 0.89 -25.57
N ASN A 37 27.06 0.48 -24.31
CA ASN A 37 28.05 -0.41 -23.71
C ASN A 37 28.12 -1.78 -24.39
N GLU A 38 27.07 -2.11 -25.12
CA GLU A 38 26.97 -3.40 -25.82
C GLU A 38 27.53 -3.33 -27.23
N GLY A 39 27.82 -2.11 -27.70
CA GLY A 39 28.42 -1.91 -29.03
C GLY A 39 27.61 -1.05 -29.97
N LEU A 40 26.36 -0.77 -29.59
CA LEU A 40 25.47 0.09 -30.36
C LEU A 40 26.02 1.52 -30.38
N SER A 41 25.91 2.17 -31.54
CA SER A 41 26.48 3.49 -31.75
C SER A 41 25.72 4.60 -31.05
N GLN A 42 24.39 4.55 -31.14
CA GLN A 42 23.54 5.59 -30.58
C GLN A 42 22.24 4.98 -30.05
N SER A 43 21.73 5.55 -28.96
CA SER A 43 20.59 4.97 -28.22
C SER A 43 19.26 4.94 -28.96
N THR A 44 18.97 5.98 -29.75
CA THR A 44 17.72 6.05 -30.49
C THR A 44 17.71 5.04 -31.62
N VAL A 45 16.68 4.18 -31.63
CA VAL A 45 16.51 3.20 -32.69
C VAL A 45 15.17 3.44 -33.38
N PHE A 46 15.23 4.09 -34.55
CA PHE A 46 14.03 4.49 -35.29
C PHE A 46 13.34 3.32 -35.97
N SER A 47 14.12 2.41 -36.55
CA SER A 47 13.56 1.25 -37.25
C SER A 47 14.46 0.03 -37.14
N ILE A 48 13.83 -1.14 -37.11
CA ILE A 48 14.53 -2.42 -37.00
C ILE A 48 14.10 -3.36 -38.13
N ASP A 49 15.07 -4.07 -38.70
CA ASP A 49 14.81 -5.09 -39.71
C ASP A 49 15.89 -6.18 -39.68
N GLN A 50 15.70 -7.23 -40.47
CA GLN A 50 16.60 -8.38 -40.49
C GLN A 50 16.86 -8.82 -41.94
N ASP A 51 18.05 -9.35 -42.20
CA ASP A 51 18.41 -9.80 -43.55
C ASP A 51 18.39 -11.32 -43.72
N LYS A 52 18.62 -11.77 -44.96
CA LYS A 52 18.67 -13.19 -45.31
C LYS A 52 19.63 -13.99 -44.43
N ARG A 53 20.79 -13.40 -44.18
CA ARG A 53 21.84 -14.03 -43.37
C ARG A 53 21.43 -14.21 -41.90
N GLY A 54 20.48 -13.38 -41.45
CA GLY A 54 19.98 -13.45 -40.09
C GLY A 54 20.42 -12.27 -39.24
N ASN A 55 21.22 -11.40 -39.83
CA ASN A 55 21.72 -10.20 -39.14
C ASN A 55 20.63 -9.18 -38.89
N MET A 56 20.63 -8.60 -37.69
CA MET A 56 19.70 -7.53 -37.34
C MET A 56 20.25 -6.19 -37.81
N TRP A 57 19.36 -5.32 -38.27
CA TRP A 57 19.72 -3.99 -38.72
C TRP A 57 18.99 -2.93 -37.95
N PHE A 58 19.73 -1.97 -37.41
CA PHE A 58 19.17 -0.90 -36.60
C PHE A 58 19.49 0.47 -37.16
N ALA A 59 18.44 1.26 -37.41
CA ALA A 59 18.59 2.63 -37.85
C ALA A 59 18.64 3.55 -36.64
N THR A 60 19.80 4.16 -36.42
CA THR A 60 20.01 5.06 -35.29
C THR A 60 20.19 6.50 -35.75
N TYR A 61 20.04 7.45 -34.83
CA TYR A 61 20.24 8.87 -35.13
C TYR A 61 21.69 9.13 -35.55
N ASP A 62 22.61 8.30 -35.04
CA ASP A 62 24.00 8.38 -35.39
C ASP A 62 24.52 7.02 -35.85
N GLY A 63 24.50 6.81 -37.16
CA GLY A 63 25.03 5.58 -37.76
C GLY A 63 24.00 4.49 -38.03
N VAL A 64 24.44 3.47 -38.77
CA VAL A 64 23.61 2.31 -39.06
C VAL A 64 24.27 1.08 -38.45
N ASN A 65 23.54 0.38 -37.58
CA ASN A 65 24.12 -0.74 -36.84
C ASN A 65 23.72 -2.11 -37.39
N LYS A 66 24.72 -2.99 -37.50
CA LYS A 66 24.53 -4.36 -37.96
C LYS A 66 24.97 -5.34 -36.87
N TYR A 67 24.02 -6.13 -36.39
CA TYR A 67 24.28 -7.07 -35.30
C TYR A 67 24.02 -8.51 -35.76
N ASP A 68 24.97 -9.39 -35.51
CA ASP A 68 24.87 -10.79 -35.93
C ASP A 68 24.55 -11.75 -34.79
N GLY A 69 24.78 -11.30 -33.56
CA GLY A 69 24.58 -12.13 -32.37
C GLY A 69 25.80 -12.14 -31.46
N TYR A 70 26.91 -11.64 -31.98
CA TYR A 70 28.17 -11.61 -31.24
C TYR A 70 28.79 -10.22 -31.17
N ALA A 71 28.73 -9.49 -32.28
CA ALA A 71 29.37 -8.17 -32.37
C ALA A 71 28.61 -7.21 -33.30
N PHE A 72 28.71 -5.92 -32.98
CA PHE A 72 28.13 -4.86 -33.80
C PHE A 72 29.09 -4.44 -34.90
N THR A 73 28.54 -4.21 -36.09
CA THR A 73 29.28 -3.60 -37.19
C THR A 73 28.66 -2.23 -37.45
N VAL A 74 29.36 -1.19 -37.04
CA VAL A 74 28.84 0.18 -37.14
C VAL A 74 29.24 0.80 -38.47
N TYR A 75 28.24 1.23 -39.23
CA TYR A 75 28.45 1.90 -40.51
C TYR A 75 28.16 3.39 -40.38
N GLN A 76 29.21 4.19 -40.54
CA GLN A 76 29.08 5.65 -40.51
C GLN A 76 29.72 6.26 -41.76
N HIS A 77 29.54 7.57 -41.94
CA HIS A 77 30.02 8.25 -43.15
C HIS A 77 31.49 8.53 -43.12
N ASN A 78 32.13 8.43 -44.28
CA ASN A 78 33.51 8.82 -44.47
C ASN A 78 33.60 9.74 -45.67
N GLU A 79 34.16 10.94 -45.45
CA GLU A 79 34.34 11.92 -46.52
C GLU A 79 35.43 11.51 -47.52
N ASP A 80 36.34 10.66 -47.07
CA ASP A 80 37.45 10.18 -47.91
C ASP A 80 37.14 8.83 -48.57
N ASP A 81 36.03 8.21 -48.19
CA ASP A 81 35.58 6.96 -48.80
C ASP A 81 34.14 7.07 -49.30
N PRO A 82 33.95 6.96 -50.64
CA PRO A 82 32.61 7.02 -51.24
C PRO A 82 31.78 5.76 -51.06
N ASN A 83 32.39 4.71 -50.49
CA ASN A 83 31.70 3.45 -50.23
C ASN A 83 31.15 3.33 -48.81
N SER A 84 31.07 4.47 -48.13
CA SER A 84 30.48 4.54 -46.80
C SER A 84 29.09 5.16 -46.88
N ILE A 85 28.20 4.76 -45.98
CA ILE A 85 26.85 5.30 -45.90
C ILE A 85 26.87 6.82 -45.96
N ALA A 86 26.02 7.40 -46.81
CA ALA A 86 26.03 8.82 -47.15
C ALA A 86 25.93 9.77 -45.95
N ASN A 87 25.16 9.37 -44.94
CA ASN A 87 25.00 10.17 -43.73
C ASN A 87 24.67 9.31 -42.51
N ASP A 88 25.10 9.75 -41.34
CA ASP A 88 24.90 9.02 -40.10
C ASP A 88 23.44 9.09 -39.61
N ILE A 89 22.74 10.17 -39.97
CA ILE A 89 21.35 10.36 -39.55
C ILE A 89 20.40 9.48 -40.38
N SER A 90 20.19 8.27 -39.89
CA SER A 90 19.32 7.30 -40.56
C SER A 90 17.91 7.27 -39.97
N ARG A 91 16.91 7.23 -40.86
CA ARG A 91 15.50 7.34 -40.47
C ARG A 91 14.71 6.04 -40.61
N ILE A 92 15.10 5.21 -41.57
CA ILE A 92 14.38 3.97 -41.86
C ILE A 92 15.31 2.88 -42.43
N VAL A 93 15.01 1.63 -42.09
CA VAL A 93 15.70 0.48 -42.67
C VAL A 93 14.67 -0.52 -43.23
N LYS A 94 14.90 -0.98 -44.45
CA LYS A 94 13.95 -1.86 -45.13
C LYS A 94 14.64 -2.95 -45.94
N THR A 95 14.27 -4.19 -45.67
CA THR A 95 14.72 -5.35 -46.44
C THR A 95 13.58 -5.83 -47.33
N ASP A 96 13.89 -6.09 -48.60
CA ASP A 96 12.86 -6.42 -49.59
C ASP A 96 12.75 -7.94 -49.87
N SER A 97 12.23 -8.27 -51.05
CA SER A 97 11.97 -9.65 -51.46
C SER A 97 13.24 -10.48 -51.58
N GLN A 98 14.26 -9.90 -52.22
CA GLN A 98 15.50 -10.62 -52.48
C GLN A 98 16.50 -10.49 -51.33
N GLY A 99 16.09 -9.79 -50.28
CA GLY A 99 16.93 -9.61 -49.09
C GLY A 99 17.95 -8.52 -49.25
N ARG A 100 17.56 -7.45 -49.96
CA ARG A 100 18.41 -6.28 -50.14
C ARG A 100 18.08 -5.26 -49.04
N VAL A 101 19.14 -4.76 -48.39
CA VAL A 101 18.98 -3.83 -47.26
C VAL A 101 19.04 -2.38 -47.75
N TRP A 102 17.99 -1.62 -47.44
CA TRP A 102 17.84 -0.24 -47.86
C TRP A 102 17.73 0.67 -46.68
N ILE A 103 18.51 1.74 -46.69
CA ILE A 103 18.53 2.70 -45.59
C ILE A 103 18.11 4.08 -46.07
N GLY A 104 17.33 4.77 -45.25
CA GLY A 104 16.95 6.15 -45.53
C GLY A 104 17.77 7.10 -44.68
N THR A 105 18.55 7.95 -45.34
CA THR A 105 19.37 8.96 -44.64
C THR A 105 18.92 10.38 -44.98
N ARG A 106 19.39 11.34 -44.20
CA ARG A 106 19.08 12.76 -44.41
C ARG A 106 19.62 13.28 -45.76
N ASP A 107 20.51 12.51 -46.37
CA ASP A 107 21.04 12.85 -47.69
C ASP A 107 20.29 12.18 -48.83
N GLY A 108 19.63 11.07 -48.52
CA GLY A 108 18.86 10.33 -49.52
C GLY A 108 18.71 8.86 -49.19
N LEU A 109 18.87 8.02 -50.21
CA LEU A 109 18.65 6.60 -50.08
C LEU A 109 19.96 5.85 -50.32
N SER A 110 20.26 4.92 -49.41
CA SER A 110 21.47 4.11 -49.53
C SER A 110 21.16 2.62 -49.47
N ARG A 111 21.84 1.86 -50.32
CA ARG A 111 21.76 0.41 -50.29
C ARG A 111 23.11 -0.21 -49.93
N TYR A 112 23.07 -1.15 -48.99
CA TYR A 112 24.23 -1.94 -48.63
C TYR A 112 24.37 -3.09 -49.62
N ASP A 113 25.43 -3.04 -50.43
CA ASP A 113 25.76 -4.14 -51.33
C ASP A 113 26.43 -5.23 -50.51
N GLU A 114 25.76 -6.37 -50.44
CA GLU A 114 26.20 -7.49 -49.62
C GLU A 114 27.34 -8.25 -50.31
N GLU A 115 27.27 -8.31 -51.63
CA GLU A 115 28.24 -9.03 -52.45
C GLU A 115 29.61 -8.34 -52.46
N LYS A 116 29.60 -7.02 -52.28
CA LYS A 116 30.84 -6.23 -52.29
C LYS A 116 31.12 -5.58 -50.95
N ASP A 117 30.26 -5.83 -49.97
CA ASP A 117 30.36 -5.25 -48.62
C ASP A 117 30.61 -3.73 -48.66
N ILE A 118 29.87 -3.05 -49.53
CA ILE A 118 29.98 -1.59 -49.69
C ILE A 118 28.63 -0.91 -49.52
N PHE A 119 28.59 0.40 -49.75
CA PHE A 119 27.36 1.17 -49.74
C PHE A 119 27.20 1.98 -51.02
N GLN A 120 26.06 1.76 -51.69
CA GLN A 120 25.70 2.52 -52.87
C GLN A 120 24.75 3.64 -52.46
N ASN A 121 25.22 4.88 -52.61
CA ASN A 121 24.47 6.04 -52.15
C ASN A 121 23.79 6.75 -53.31
N PHE A 122 22.51 7.06 -53.14
CA PHE A 122 21.71 7.71 -54.16
C PHE A 122 21.07 8.97 -53.61
N PHE A 123 21.08 10.04 -54.41
CA PHE A 123 20.58 11.33 -53.97
C PHE A 123 19.57 11.90 -54.94
N TYR A 124 18.35 12.16 -54.45
CA TYR A 124 17.38 12.92 -55.21
C TYR A 124 17.51 14.40 -54.84
N GLU A 125 17.81 15.22 -55.83
CA GLU A 125 18.06 16.63 -55.61
C GLU A 125 16.94 17.50 -56.16
N LYS A 126 16.30 18.25 -55.26
CA LYS A 126 15.28 19.22 -55.63
C LYS A 126 15.54 20.52 -54.90
N ASN A 127 15.52 21.62 -55.65
CA ASN A 127 15.77 22.98 -55.13
C ASN A 127 17.14 23.16 -54.49
N GLY A 128 18.15 22.53 -55.07
CA GLY A 128 19.53 22.68 -54.61
C GLY A 128 19.95 21.76 -53.49
N LYS A 129 18.98 21.23 -52.75
CA LYS A 129 19.24 20.36 -51.62
C LYS A 129 18.82 18.92 -51.89
N HIS A 130 19.63 17.97 -51.43
CA HIS A 130 19.28 16.55 -51.51
C HIS A 130 18.21 16.24 -50.52
N LEU A 131 17.19 15.52 -50.94
CA LEU A 131 16.05 15.23 -50.07
C LEU A 131 16.25 13.99 -49.20
N GLN A 132 15.65 14.05 -48.01
CA GLN A 132 15.70 12.97 -47.03
C GLN A 132 14.70 11.88 -47.37
N VAL A 133 15.07 10.63 -47.09
CA VAL A 133 14.18 9.49 -47.25
C VAL A 133 13.63 9.09 -45.88
N ASN A 134 12.31 9.24 -45.72
CA ASN A 134 11.64 8.97 -44.45
C ASN A 134 11.00 7.59 -44.38
N GLY A 135 10.70 7.01 -45.55
CA GLY A 135 10.10 5.69 -45.63
C GLY A 135 10.41 4.99 -46.94
N ILE A 136 10.61 3.69 -46.86
CA ILE A 136 10.90 2.86 -48.03
C ILE A 136 9.90 1.72 -48.11
N GLU A 137 9.34 1.50 -49.31
CA GLU A 137 8.47 0.37 -49.55
C GLU A 137 8.77 -0.24 -50.93
N GLU A 138 8.57 -1.55 -51.04
CA GLU A 138 8.84 -2.27 -52.29
C GLU A 138 7.60 -2.38 -53.16
N ILE A 139 7.75 -2.03 -54.43
CA ILE A 139 6.67 -2.20 -55.41
C ILE A 139 6.90 -3.47 -56.21
N SER A 140 8.09 -3.58 -56.81
CA SER A 140 8.52 -4.80 -57.48
C SER A 140 9.99 -5.07 -57.12
N PRO A 141 10.50 -6.28 -57.41
CA PRO A 141 11.93 -6.54 -57.20
C PRO A 141 12.84 -5.65 -58.06
N GLU A 142 12.26 -4.60 -58.65
CA GLU A 142 12.97 -3.65 -59.48
C GLU A 142 12.48 -2.22 -59.24
N GLN A 143 11.54 -2.07 -58.31
CA GLN A 143 10.95 -0.77 -58.01
C GLN A 143 10.80 -0.54 -56.51
N LEU A 144 10.88 0.73 -56.11
CA LEU A 144 10.72 1.11 -54.71
C LEU A 144 9.92 2.41 -54.59
N LEU A 145 8.97 2.42 -53.66
CA LEU A 145 8.25 3.64 -53.33
C LEU A 145 9.03 4.38 -52.25
N ILE A 146 9.38 5.63 -52.54
CA ILE A 146 10.20 6.45 -51.64
C ILE A 146 9.43 7.69 -51.21
N SER A 147 9.40 7.93 -49.90
CA SER A 147 8.74 9.11 -49.35
C SER A 147 9.75 10.16 -48.90
N THR A 148 9.51 11.40 -49.33
CA THR A 148 10.38 12.53 -49.00
C THR A 148 9.56 13.60 -48.27
N PRO A 149 10.24 14.53 -47.57
CA PRO A 149 9.51 15.60 -46.87
C PRO A 149 8.82 16.59 -47.81
N GLU A 150 8.75 16.25 -49.10
CA GLU A 150 8.14 17.12 -50.10
C GLU A 150 7.15 16.38 -51.02
N GLY A 151 7.08 15.06 -50.91
CA GLY A 151 6.15 14.27 -51.71
C GLY A 151 6.48 12.79 -51.79
N LEU A 152 6.13 12.19 -52.92
CA LEU A 152 6.39 10.77 -53.17
C LEU A 152 7.02 10.54 -54.53
N ILE A 153 8.18 9.90 -54.52
CA ILE A 153 8.92 9.58 -55.75
C ILE A 153 9.20 8.09 -55.84
N MET A 154 9.65 7.63 -57.00
CA MET A 154 9.98 6.21 -57.19
C MET A 154 11.46 6.01 -57.53
N PHE A 155 12.00 4.85 -57.12
CA PHE A 155 13.38 4.49 -57.41
C PHE A 155 13.43 3.20 -58.25
N ASP A 156 13.96 3.31 -59.45
CA ASP A 156 14.14 2.17 -60.34
C ASP A 156 15.45 1.47 -59.97
N ILE A 157 15.31 0.28 -59.38
CA ILE A 157 16.45 -0.49 -58.86
C ILE A 157 17.46 -0.86 -59.96
N LYS A 158 16.98 -1.47 -61.04
CA LYS A 158 17.85 -1.92 -62.13
C LYS A 158 18.51 -0.76 -62.86
N GLU A 159 17.95 0.45 -62.73
CA GLU A 159 18.50 1.62 -63.40
C GLU A 159 19.09 2.66 -62.45
N SER A 160 19.05 2.37 -61.15
CA SER A 160 19.65 3.21 -60.10
C SER A 160 19.24 4.69 -60.19
N LYS A 161 18.07 4.94 -60.75
CA LYS A 161 17.60 6.31 -60.99
C LYS A 161 16.22 6.55 -60.38
N PHE A 162 16.01 7.79 -59.91
CA PHE A 162 14.72 8.21 -59.39
C PHE A 162 13.81 8.65 -60.52
N ILE A 163 12.53 8.30 -60.41
CA ILE A 163 11.52 8.71 -61.38
C ILE A 163 10.42 9.49 -60.65
N ASP A 164 10.32 10.77 -60.97
CA ASP A 164 9.39 11.67 -60.27
C ASP A 164 8.11 11.98 -61.05
N ASP A 165 8.13 11.77 -62.37
CA ASP A 165 6.97 12.00 -63.22
C ASP A 165 6.10 10.75 -63.40
N SER A 166 6.35 9.75 -62.57
CA SER A 166 5.68 8.46 -62.66
C SER A 166 4.27 8.45 -62.08
N PHE A 167 4.08 9.13 -60.94
CA PHE A 167 2.81 9.12 -60.23
C PHE A 167 1.90 10.26 -60.66
N SER A 168 0.60 10.10 -60.40
CA SER A 168 -0.41 11.14 -60.63
C SER A 168 -0.14 12.34 -59.75
N THR A 169 -0.46 13.53 -60.26
CA THR A 169 -0.17 14.80 -59.59
C THR A 169 -0.62 14.83 -58.13
N ALA A 170 -1.77 14.20 -57.85
CA ALA A 170 -2.29 14.08 -56.50
C ALA A 170 -1.38 13.26 -55.60
N MET A 171 -0.92 12.12 -56.12
CA MET A 171 -0.05 11.20 -55.37
C MET A 171 1.38 11.74 -55.23
N HIS A 172 1.84 12.46 -56.24
CA HIS A 172 3.22 12.95 -56.28
C HIS A 172 3.54 13.94 -55.20
N LYS A 173 2.58 14.83 -54.89
CA LYS A 173 2.78 15.88 -53.89
C LYS A 173 2.25 15.51 -52.50
N THR A 174 2.06 14.21 -52.27
CA THR A 174 1.56 13.70 -51.00
C THR A 174 2.69 13.45 -50.02
N ILE A 175 2.70 14.21 -48.93
CA ILE A 175 3.71 14.05 -47.87
C ILE A 175 3.36 12.83 -47.03
N ALA A 176 4.13 11.76 -47.21
CA ALA A 176 3.88 10.48 -46.54
C ALA A 176 4.77 10.29 -45.32
N SER A 177 4.15 9.91 -44.21
CA SER A 177 4.87 9.70 -42.95
C SER A 177 5.20 8.23 -42.71
N THR A 178 4.34 7.34 -43.20
CA THR A 178 4.57 5.89 -43.06
C THR A 178 4.08 5.13 -44.29
N LEU A 179 4.78 4.04 -44.62
CA LEU A 179 4.43 3.20 -45.75
C LEU A 179 4.28 1.74 -45.30
N TYR A 180 3.23 1.09 -45.79
CA TYR A 180 2.90 -0.28 -45.40
C TYR A 180 2.22 -1.04 -46.52
N ARG A 181 2.90 -2.07 -47.04
CA ARG A 181 2.36 -2.89 -48.13
C ARG A 181 1.71 -4.17 -47.62
N GLN A 182 0.51 -4.45 -48.13
CA GLN A 182 -0.16 -5.71 -47.86
C GLN A 182 -0.53 -6.38 -49.18
N GLY A 183 0.39 -7.22 -49.68
CA GLY A 183 0.19 -7.97 -50.91
C GLY A 183 0.26 -7.14 -52.17
N ASP A 184 -0.89 -6.65 -52.62
CA ASP A 184 -0.98 -5.84 -53.83
C ASP A 184 -1.07 -4.34 -53.51
N GLN A 185 -1.73 -4.03 -52.39
CA GLN A 185 -1.96 -2.64 -51.99
C GLN A 185 -0.86 -2.14 -51.08
N ILE A 186 -0.50 -0.87 -51.26
CA ILE A 186 0.41 -0.19 -50.36
C ILE A 186 -0.38 0.93 -49.66
N TYR A 187 -0.48 0.81 -48.35
CA TYR A 187 -1.18 1.80 -47.53
C TYR A 187 -0.22 2.93 -47.16
N ILE A 188 -0.67 4.16 -47.40
CA ILE A 188 0.16 5.34 -47.19
C ILE A 188 -0.46 6.25 -46.10
N GLY A 189 0.26 6.37 -44.99
CA GLY A 189 -0.16 7.25 -43.90
C GLY A 189 0.50 8.61 -44.02
N THR A 190 -0.34 9.65 -44.06
CA THR A 190 0.14 11.02 -44.25
C THR A 190 0.18 11.81 -42.95
N SER A 191 0.73 13.02 -43.01
CA SER A 191 0.90 13.87 -41.83
C SER A 191 -0.40 14.53 -41.38
N THR A 192 -1.24 14.92 -42.33
CA THR A 192 -2.49 15.62 -42.02
C THR A 192 -3.67 15.11 -42.84
N ASP A 193 -3.38 14.58 -44.03
CA ASP A 193 -4.41 14.23 -45.00
C ASP A 193 -4.90 12.78 -44.88
N GLY A 194 -4.78 12.21 -43.69
CA GLY A 194 -5.33 10.89 -43.39
C GLY A 194 -4.61 9.71 -44.03
N LEU A 195 -5.38 8.70 -44.43
CA LEU A 195 -4.84 7.43 -44.93
C LEU A 195 -5.27 7.16 -46.37
N TYR A 196 -4.32 6.70 -47.18
CA TYR A 196 -4.57 6.37 -48.58
C TYR A 196 -4.15 4.92 -48.89
N THR A 197 -4.67 4.38 -49.99
CA THR A 197 -4.28 3.06 -50.47
C THR A 197 -3.94 3.08 -51.97
N TYR A 198 -2.81 2.46 -52.30
CA TYR A 198 -2.33 2.42 -53.67
C TYR A 198 -2.13 0.98 -54.16
N SER A 199 -2.95 0.59 -55.14
CA SER A 199 -2.85 -0.74 -55.74
C SER A 199 -1.80 -0.74 -56.86
N ILE A 200 -0.90 -1.72 -56.81
CA ILE A 200 0.15 -1.88 -57.81
C ILE A 200 -0.42 -2.34 -59.15
N THR A 201 -1.46 -3.17 -59.08
CA THR A 201 -2.11 -3.72 -60.27
C THR A 201 -2.88 -2.63 -61.03
N GLN A 202 -3.80 -1.97 -60.33
CA GLN A 202 -4.71 -1.01 -60.96
C GLN A 202 -4.16 0.42 -61.01
N LYS A 203 -3.01 0.63 -60.36
CA LYS A 203 -2.34 1.94 -60.28
C LYS A 203 -3.22 3.03 -59.66
N THR A 204 -4.26 2.60 -58.93
CA THR A 204 -5.26 3.49 -58.35
C THR A 204 -4.83 4.05 -57.00
N PHE A 205 -5.23 5.29 -56.74
CA PHE A 205 -4.85 5.99 -55.52
C PHE A 205 -6.06 6.68 -54.90
N GLU A 206 -6.56 6.10 -53.80
CA GLU A 206 -7.77 6.57 -53.14
C GLU A 206 -7.68 6.51 -51.61
N LYS A 207 -8.38 7.43 -50.96
CA LYS A 207 -8.43 7.47 -49.49
C LYS A 207 -9.28 6.34 -48.93
N VAL A 208 -8.88 5.82 -47.77
CA VAL A 208 -9.62 4.74 -47.11
C VAL A 208 -10.85 5.28 -46.38
N ILE A 209 -10.62 6.04 -45.31
CA ILE A 209 -11.70 6.69 -44.55
C ILE A 209 -11.13 7.64 -43.48
N THR A 214 -7.03 12.77 -39.21
CA THR A 214 -6.72 14.19 -39.17
C THR A 214 -5.30 14.47 -38.67
N LYS A 215 -4.82 13.62 -37.76
CA LYS A 215 -3.46 13.71 -37.24
C LYS A 215 -2.49 12.88 -38.08
N GLN A 216 -1.25 12.77 -37.61
CA GLN A 216 -0.21 12.05 -38.35
C GLN A 216 -0.17 10.57 -38.01
N ILE A 217 -0.23 9.74 -39.05
CA ILE A 217 -0.12 8.29 -38.91
C ILE A 217 1.36 7.90 -38.90
N GLN A 218 1.75 7.09 -37.92
CA GLN A 218 3.15 6.70 -37.75
C GLN A 218 3.41 5.24 -38.10
N ALA A 219 2.41 4.39 -37.91
CA ALA A 219 2.52 2.97 -38.21
C ALA A 219 1.17 2.38 -38.63
N ILE A 220 1.22 1.48 -39.60
CA ILE A 220 0.04 0.76 -40.07
C ILE A 220 0.33 -0.75 -40.01
N LEU A 221 -0.65 -1.52 -39.55
CA LEU A 221 -0.52 -2.98 -39.49
C LEU A 221 -1.86 -3.68 -39.64
N GLN A 222 -1.91 -4.68 -40.52
CA GLN A 222 -3.12 -5.45 -40.76
C GLN A 222 -3.06 -6.79 -40.04
N GLN A 223 -4.04 -7.01 -39.16
CA GLN A 223 -4.16 -8.28 -38.43
C GLN A 223 -4.90 -9.31 -39.29
N SER A 224 -6.02 -8.91 -39.87
CA SER A 224 -6.80 -9.75 -40.76
C SER A 224 -7.45 -8.88 -41.85
N PRO A 225 -8.05 -9.50 -42.88
CA PRO A 225 -8.79 -8.73 -43.90
C PRO A 225 -9.92 -7.87 -43.33
N THR A 226 -10.25 -8.09 -42.06
CA THR A 226 -11.30 -7.33 -41.38
C THR A 226 -10.74 -6.48 -40.23
N ARG A 227 -9.44 -6.60 -39.97
CA ARG A 227 -8.80 -5.88 -38.88
C ARG A 227 -7.52 -5.17 -39.32
N ILE A 228 -7.56 -3.84 -39.26
CA ILE A 228 -6.38 -3.01 -39.57
C ILE A 228 -6.14 -2.00 -38.45
N TRP A 229 -4.95 -2.05 -37.87
CA TRP A 229 -4.57 -1.17 -36.76
C TRP A 229 -3.79 0.01 -37.24
N VAL A 230 -4.19 1.20 -36.81
CA VAL A 230 -3.56 2.45 -37.22
C VAL A 230 -3.01 3.22 -36.00
N ALA A 231 -1.70 3.47 -36.03
CA ALA A 231 -1.03 4.22 -34.98
C ALA A 231 -0.90 5.69 -35.39
N THR A 232 -1.38 6.58 -34.53
CA THR A 232 -1.36 8.02 -34.83
C THR A 232 -0.58 8.84 -33.81
N GLU A 233 -0.17 10.02 -34.23
CA GLU A 233 0.57 10.96 -33.39
C GLU A 233 -0.39 11.85 -32.61
N GLY A 234 -0.83 11.35 -31.45
CA GLY A 234 -1.69 12.12 -30.54
C GLY A 234 -3.19 11.87 -30.68
N ALA A 235 -3.60 11.21 -31.75
CA ALA A 235 -5.01 10.90 -31.98
C ALA A 235 -5.41 9.52 -31.44
N GLY A 236 -4.45 8.82 -30.85
CA GLY A 236 -4.69 7.51 -30.25
C GLY A 236 -4.50 6.35 -31.20
N LEU A 237 -5.37 5.35 -31.09
CA LEU A 237 -5.31 4.14 -31.92
C LEU A 237 -6.63 3.91 -32.64
N PHE A 238 -6.56 3.39 -33.86
CA PHE A 238 -7.75 3.18 -34.67
C PHE A 238 -7.84 1.75 -35.20
N LEU A 239 -9.00 1.11 -35.00
CA LEU A 239 -9.29 -0.19 -35.56
C LEU A 239 -10.18 -0.05 -36.79
N ILE A 240 -9.69 -0.49 -37.93
CA ILE A 240 -10.41 -0.32 -39.19
C ILE A 240 -10.84 -1.65 -39.80
N ASN A 241 -12.14 -1.77 -40.05
CA ASN A 241 -12.68 -2.86 -40.85
C ASN A 241 -13.05 -2.31 -42.22
N PRO A 242 -12.20 -2.58 -43.23
CA PRO A 242 -12.38 -2.01 -44.57
C PRO A 242 -13.59 -2.55 -45.31
N LYS A 243 -13.96 -3.80 -45.00
CA LYS A 243 -15.11 -4.47 -45.62
C LYS A 243 -16.43 -3.84 -45.18
N THR A 244 -16.45 -3.23 -44.00
CA THR A 244 -17.64 -2.57 -43.48
C THR A 244 -17.44 -1.05 -43.35
N LYS A 245 -16.22 -0.59 -43.61
CA LYS A 245 -15.83 0.82 -43.47
C LYS A 245 -16.12 1.41 -42.08
N GLU A 246 -16.24 0.52 -41.09
CA GLU A 246 -16.49 0.91 -39.70
C GLU A 246 -15.18 1.10 -38.93
N ILE A 247 -15.11 2.20 -38.18
CA ILE A 247 -13.89 2.56 -37.44
C ILE A 247 -14.15 2.70 -35.93
N LYS A 248 -13.17 2.26 -35.14
CA LYS A 248 -13.25 2.35 -33.68
C LYS A 248 -12.00 3.01 -33.13
N ASN A 249 -12.19 4.04 -32.31
CA ASN A 249 -11.08 4.82 -31.76
C ASN A 249 -10.73 4.40 -30.32
N TYR A 250 -9.43 4.30 -30.07
CA TYR A 250 -8.91 3.97 -28.73
C TYR A 250 -8.05 5.11 -28.20
N LEU A 251 -8.45 5.67 -27.05
CA LEU A 251 -7.74 6.79 -26.45
C LEU A 251 -7.31 6.48 -25.01
N HIS A 252 -6.37 7.28 -24.51
CA HIS A 252 -5.87 7.11 -23.15
C HIS A 252 -6.72 7.82 -22.14
N SER A 253 -7.09 7.10 -21.07
CA SER A 253 -7.78 7.69 -19.94
C SER A 253 -6.89 7.59 -18.70
N PRO A 254 -6.52 8.74 -18.10
CA PRO A 254 -5.60 8.76 -16.95
C PRO A 254 -6.15 8.02 -15.73
N SER A 255 -7.47 8.05 -15.56
CA SER A 255 -8.13 7.37 -14.45
C SER A 255 -8.24 5.86 -14.69
N ASN A 256 -8.16 5.46 -15.96
CA ASN A 256 -8.26 4.04 -16.32
C ASN A 256 -6.92 3.44 -16.77
N PRO A 257 -6.29 2.64 -15.88
CA PRO A 257 -5.00 1.99 -16.21
C PRO A 257 -5.16 0.84 -17.21
N LYS A 258 -6.40 0.45 -17.50
CA LYS A 258 -6.68 -0.61 -18.46
C LYS A 258 -6.53 -0.13 -19.91
N SER A 259 -6.77 1.16 -20.12
CA SER A 259 -6.64 1.78 -21.45
C SER A 259 -5.17 1.97 -21.84
N ILE A 260 -4.94 2.39 -23.08
CA ILE A 260 -3.58 2.63 -23.60
C ILE A 260 -2.82 3.66 -22.76
N SER A 261 -1.49 3.58 -22.82
CA SER A 261 -0.63 4.44 -22.02
C SER A 261 -0.60 5.88 -22.52
N SER A 262 -0.46 6.04 -23.82
CA SER A 262 -0.38 7.38 -24.44
C SER A 262 -1.07 7.42 -25.80
N ASN A 263 -1.49 8.61 -26.21
CA ASN A 263 -2.12 8.82 -27.51
C ASN A 263 -1.12 8.87 -28.66
N TYR A 264 0.12 9.25 -28.34
CA TYR A 264 1.20 9.33 -29.33
C TYR A 264 1.81 7.94 -29.53
N ILE A 265 1.41 7.30 -30.63
CA ILE A 265 1.86 5.94 -30.95
C ILE A 265 2.69 5.96 -32.23
N ARG A 266 3.65 5.05 -32.33
CA ARG A 266 4.61 5.05 -33.45
C ARG A 266 5.01 3.68 -33.99
N SER A 267 4.76 2.62 -33.23
CA SER A 267 5.13 1.26 -33.66
C SER A 267 4.06 0.21 -33.37
N LEU A 268 3.90 -0.72 -34.32
CA LEU A 268 2.94 -1.81 -34.22
C LEU A 268 3.57 -3.12 -34.72
N ALA A 269 3.47 -4.17 -33.93
CA ALA A 269 4.01 -5.48 -34.30
C ALA A 269 3.22 -6.64 -33.70
N MET A 270 3.20 -7.76 -34.41
CA MET A 270 2.55 -8.99 -33.95
C MET A 270 3.60 -10.03 -33.57
N ASP A 271 3.41 -10.68 -32.42
CA ASP A 271 4.34 -11.72 -31.98
C ASP A 271 4.00 -13.11 -32.52
N SER A 272 4.76 -14.11 -32.11
CA SER A 272 4.55 -15.50 -32.53
C SER A 272 3.26 -16.10 -31.96
N GLN A 273 2.84 -15.60 -30.81
CA GLN A 273 1.61 -16.06 -30.17
C GLN A 273 0.38 -15.25 -30.59
N ASN A 274 0.50 -14.58 -31.74
CA ASN A 274 -0.59 -13.85 -32.39
C ASN A 274 -1.13 -12.65 -31.57
N ARG A 275 -0.27 -12.08 -30.73
CA ARG A 275 -0.63 -10.92 -29.91
C ARG A 275 -0.06 -9.62 -30.47
N LEU A 276 -0.81 -8.54 -30.34
CA LEU A 276 -0.39 -7.23 -30.82
C LEU A 276 0.47 -6.50 -29.80
N TRP A 277 1.58 -5.93 -30.29
CA TRP A 277 2.49 -5.14 -29.45
C TRP A 277 2.48 -3.72 -29.90
N ILE A 278 2.07 -2.83 -29.00
CA ILE A 278 1.91 -1.41 -29.32
C ILE A 278 2.96 -0.57 -28.58
N GLY A 279 3.82 0.08 -29.36
CA GLY A 279 4.87 0.94 -28.80
C GLY A 279 4.51 2.41 -28.92
N THR A 280 4.48 3.10 -27.79
CA THR A 280 4.03 4.49 -27.74
C THR A 280 5.12 5.45 -27.25
N PHE A 281 4.75 6.72 -27.09
CA PHE A 281 5.62 7.74 -26.53
C PHE A 281 5.86 7.47 -25.05
N ASN A 282 4.89 6.86 -24.40
CA ASN A 282 5.01 6.45 -23.00
C ASN A 282 4.58 5.00 -22.81
N ASP A 283 5.52 4.17 -22.40
CA ASP A 283 5.29 2.76 -22.05
C ASP A 283 4.92 1.86 -23.23
N LEU A 284 4.92 0.55 -22.98
CA LEU A 284 4.55 -0.44 -23.99
C LEU A 284 3.15 -0.98 -23.70
N ASN A 285 2.35 -1.14 -24.76
CA ASN A 285 1.00 -1.68 -24.63
C ASN A 285 0.85 -3.00 -25.36
N ILE A 286 0.15 -3.94 -24.73
CA ILE A 286 -0.17 -5.24 -25.33
C ILE A 286 -1.67 -5.47 -25.26
N TYR A 287 -2.30 -5.63 -26.43
CA TYR A 287 -3.74 -5.80 -26.52
C TYR A 287 -4.20 -7.18 -26.08
N HIS A 288 -5.30 -7.21 -25.32
CA HIS A 288 -5.95 -8.46 -24.93
C HIS A 288 -7.27 -8.58 -25.63
N GLU A 289 -7.50 -9.74 -26.25
CA GLU A 289 -8.67 -9.95 -27.11
C GLU A 289 -9.98 -10.05 -26.34
N GLY A 290 -10.00 -10.85 -25.27
CA GLY A 290 -11.21 -11.11 -24.51
C GLY A 290 -11.73 -9.92 -23.73
N THR A 291 -10.83 -9.27 -23.00
CA THR A 291 -11.19 -8.13 -22.14
C THR A 291 -11.28 -6.81 -22.89
N ASP A 292 -10.70 -6.77 -24.10
CA ASP A 292 -10.61 -5.55 -24.92
C ASP A 292 -9.77 -4.46 -24.24
N SER A 293 -8.86 -4.90 -23.37
CA SER A 293 -8.03 -3.99 -22.57
C SER A 293 -6.56 -4.04 -22.98
N PHE A 294 -5.75 -3.19 -22.37
CA PHE A 294 -4.32 -3.08 -22.67
C PHE A 294 -3.47 -3.29 -21.42
N ALA A 295 -2.36 -3.99 -21.59
CA ALA A 295 -1.41 -4.22 -20.50
C ALA A 295 -0.23 -3.27 -20.63
N SER A 296 -0.10 -2.37 -19.66
CA SER A 296 0.94 -1.35 -19.69
C SER A 296 2.24 -1.84 -19.07
N TYR A 297 3.33 -1.73 -19.84
CA TYR A 297 4.66 -2.09 -19.38
C TYR A 297 5.55 -0.85 -19.36
N SER A 298 5.91 -0.42 -18.16
CA SER A 298 6.60 0.85 -17.96
C SER A 298 8.11 0.71 -17.77
N SER A 299 8.80 1.86 -17.78
CA SER A 299 10.21 1.93 -17.46
C SER A 299 10.35 1.99 -15.94
N ASN A 300 10.88 0.91 -15.36
CA ASN A 300 10.96 0.77 -13.91
C ASN A 300 12.41 0.60 -13.43
N PRO A 301 12.93 1.61 -12.70
CA PRO A 301 14.29 1.53 -12.15
C PRO A 301 14.39 0.53 -10.98
N VAL A 302 13.28 0.36 -10.26
CA VAL A 302 13.23 -0.51 -9.08
C VAL A 302 13.23 -1.98 -9.49
N GLU A 303 12.24 -2.37 -10.31
CA GLU A 303 12.12 -3.75 -10.75
C GLU A 303 13.02 -4.01 -11.96
N ASN A 304 13.99 -4.91 -11.77
CA ASN A 304 14.94 -5.26 -12.82
C ASN A 304 14.32 -6.17 -13.88
N GLY A 305 14.83 -6.06 -15.10
CA GLY A 305 14.30 -6.82 -16.24
C GLY A 305 13.28 -6.02 -17.04
N SER A 306 12.82 -4.91 -16.47
CA SER A 306 11.81 -4.05 -17.09
C SER A 306 12.35 -3.26 -18.28
N LEU A 307 11.51 -2.39 -18.84
CA LEU A 307 11.84 -1.62 -20.04
C LEU A 307 12.93 -0.58 -19.78
N SER A 308 13.88 -0.47 -20.71
CA SER A 308 15.03 0.42 -20.56
C SER A 308 14.65 1.90 -20.60
N GLN A 309 13.72 2.25 -21.49
CA GLN A 309 13.20 3.62 -21.57
C GLN A 309 11.70 3.61 -21.89
N ARG A 310 11.01 4.68 -21.47
CA ARG A 310 9.56 4.80 -21.60
C ARG A 310 9.06 4.86 -23.05
N SER A 311 9.78 5.57 -23.91
CA SER A 311 9.36 5.76 -25.30
C SER A 311 9.82 4.63 -26.21
N VAL A 312 8.86 3.90 -26.77
CA VAL A 312 9.16 2.83 -27.72
C VAL A 312 8.94 3.34 -29.14
N ARG A 313 10.00 3.25 -29.95
CA ARG A 313 9.98 3.77 -31.32
C ARG A 313 9.70 2.71 -32.38
N SER A 314 10.29 1.53 -32.22
CA SER A 314 10.17 0.46 -33.21
C SER A 314 10.10 -0.91 -32.55
N ILE A 315 9.27 -1.78 -33.10
CA ILE A 315 9.15 -3.17 -32.63
C ILE A 315 9.21 -4.14 -33.81
N PHE A 316 10.12 -5.11 -33.71
CA PHE A 316 10.34 -6.08 -34.78
C PHE A 316 10.49 -7.50 -34.23
N MET A 317 9.92 -8.47 -34.93
CA MET A 317 10.04 -9.87 -34.57
C MET A 317 11.00 -10.59 -35.50
N ASP A 318 12.00 -11.26 -34.93
CA ASP A 318 12.98 -12.01 -35.71
C ASP A 318 12.41 -13.32 -36.26
N SER A 319 13.26 -14.11 -36.90
CA SER A 319 12.88 -15.41 -37.45
C SER A 319 12.62 -16.44 -36.34
N GLN A 320 13.30 -16.27 -35.21
CA GLN A 320 13.16 -17.16 -34.06
C GLN A 320 11.86 -16.90 -33.29
N GLY A 321 11.29 -15.71 -33.46
CA GLY A 321 10.06 -15.33 -32.78
C GLY A 321 10.25 -14.31 -31.66
N GLY A 322 11.51 -13.97 -31.40
CA GLY A 322 11.87 -13.00 -30.36
C GLY A 322 11.52 -11.57 -30.72
N MET A 323 11.08 -10.82 -29.71
CA MET A 323 10.63 -9.44 -29.92
C MET A 323 11.73 -8.42 -29.63
N TRP A 324 11.99 -7.55 -30.60
CA TRP A 324 12.98 -6.50 -30.48
C TRP A 324 12.30 -5.17 -30.34
N LEU A 325 12.68 -4.42 -29.31
CA LEU A 325 12.08 -3.12 -29.04
C LEU A 325 13.12 -2.01 -29.07
N GLY A 326 12.90 -1.03 -29.95
CA GLY A 326 13.78 0.11 -30.08
C GLY A 326 13.26 1.33 -29.34
N THR A 327 14.03 1.79 -28.36
CA THR A 327 13.67 2.96 -27.57
C THR A 327 14.44 4.20 -28.02
N TYR A 328 13.96 5.37 -27.63
CA TYR A 328 14.57 6.64 -28.02
C TYR A 328 15.87 6.92 -27.26
N PHE A 329 15.94 6.52 -25.99
CA PHE A 329 17.10 6.81 -25.15
C PHE A 329 17.71 5.58 -24.47
N GLY A 330 16.96 4.48 -24.40
CA GLY A 330 17.39 3.30 -23.67
C GLY A 330 18.06 2.23 -24.50
N GLY A 331 18.06 2.40 -25.82
CA GLY A 331 18.65 1.43 -26.73
C GLY A 331 17.65 0.37 -27.14
N LEU A 332 18.01 -0.89 -26.91
CA LEU A 332 17.21 -2.03 -27.37
C LEU A 332 16.79 -2.95 -26.23
N ASN A 333 15.60 -3.54 -26.38
CA ASN A 333 15.09 -4.49 -25.42
C ASN A 333 14.64 -5.79 -26.10
N TYR A 334 15.32 -6.88 -25.76
CA TYR A 334 15.05 -8.20 -26.35
C TYR A 334 14.20 -9.05 -25.41
N TYR A 335 13.20 -9.72 -25.96
CA TYR A 335 12.37 -10.64 -25.20
C TYR A 335 12.13 -11.95 -25.94
N HIS A 336 12.42 -13.05 -25.26
CA HIS A 336 12.06 -14.38 -25.74
C HIS A 336 11.75 -15.27 -24.58
N PRO A 337 10.55 -15.91 -24.60
CA PRO A 337 10.09 -16.80 -23.53
C PRO A 337 11.09 -17.88 -23.15
N ILE A 338 11.80 -18.42 -24.13
CA ILE A 338 12.80 -19.47 -23.90
C ILE A 338 14.00 -18.92 -23.10
N ARG A 339 14.40 -17.68 -23.41
CA ARG A 339 15.51 -17.04 -22.71
C ARG A 339 15.10 -16.55 -21.32
N ASN A 340 13.80 -16.39 -21.11
CA ASN A 340 13.26 -15.99 -19.81
C ASN A 340 13.26 -17.18 -18.86
N ARG A 341 14.43 -17.44 -18.27
CA ARG A 341 14.65 -18.63 -17.44
C ARG A 341 14.67 -18.30 -15.95
N PHE A 342 15.39 -17.23 -15.61
CA PHE A 342 15.73 -16.95 -14.21
C PHE A 342 15.04 -15.71 -13.64
N LYS A 343 14.68 -15.79 -12.37
CA LYS A 343 14.19 -14.65 -11.61
C LYS A 343 15.19 -14.32 -10.51
N ASN A 344 15.66 -13.08 -10.50
CA ASN A 344 16.66 -12.63 -9.52
C ASN A 344 16.06 -11.82 -8.37
N ILE A 345 16.44 -12.18 -7.15
CA ILE A 345 16.01 -11.46 -5.95
C ILE A 345 17.21 -10.77 -5.31
N ARG A 346 17.18 -9.44 -5.29
CA ARG A 346 18.28 -8.63 -4.77
C ARG A 346 17.83 -7.62 -3.73
N ASN A 347 18.80 -6.96 -3.10
CA ASN A 347 18.54 -5.89 -2.15
C ASN A 347 18.03 -4.64 -2.84
N ILE A 348 16.87 -4.15 -2.39
CA ILE A 348 16.34 -2.88 -2.87
C ILE A 348 16.35 -1.90 -1.70
N PRO A 349 17.18 -0.85 -1.78
CA PRO A 349 17.28 0.17 -0.73
C PRO A 349 15.96 0.92 -0.53
N TYR A 350 15.63 1.20 0.74
CA TYR A 350 14.39 1.87 1.12
C TYR A 350 13.14 1.14 0.63
N LYS A 351 13.19 -0.20 0.74
CA LYS A 351 12.14 -1.08 0.25
C LYS A 351 12.15 -2.42 0.98
N ASN A 352 10.97 -3.02 1.14
CA ASN A 352 10.85 -4.34 1.75
C ASN A 352 11.46 -5.42 0.84
N SER A 353 12.75 -5.68 1.05
CA SER A 353 13.50 -6.62 0.22
C SER A 353 14.57 -7.36 1.03
N LEU A 354 15.50 -7.98 0.33
CA LEU A 354 16.64 -8.67 0.95
C LEU A 354 17.56 -7.64 1.61
N SER A 355 18.14 -8.01 2.75
CA SER A 355 18.98 -7.09 3.51
C SER A 355 20.37 -6.92 2.89
N ASP A 356 21.01 -8.03 2.53
CA ASP A 356 22.34 -8.00 1.93
C ASP A 356 22.43 -8.98 0.76
N ASN A 357 23.14 -8.57 -0.29
CA ASN A 357 23.25 -9.37 -1.51
C ASN A 357 24.16 -10.59 -1.40
N VAL A 358 25.11 -10.55 -0.46
CA VAL A 358 26.00 -11.69 -0.21
C VAL A 358 25.23 -12.72 0.62
N VAL A 359 24.80 -13.79 -0.03
CA VAL A 359 23.89 -14.76 0.57
C VAL A 359 24.59 -16.07 0.93
N SER A 360 24.36 -16.53 2.16
CA SER A 360 24.87 -17.82 2.61
C SER A 360 23.76 -18.89 2.54
N CYS A 361 23.56 -19.61 3.63
CA CYS A 361 22.61 -20.73 3.68
C CYS A 361 21.15 -20.33 3.53
N ILE A 362 20.37 -21.19 2.87
CA ILE A 362 18.94 -20.99 2.67
C ILE A 362 18.20 -22.27 3.10
N VAL A 363 17.23 -22.11 4.00
CA VAL A 363 16.47 -23.25 4.54
C VAL A 363 14.96 -22.99 4.47
N GLU A 364 14.21 -23.98 3.99
CA GLU A 364 12.75 -23.91 3.94
C GLU A 364 12.13 -24.69 5.09
N ASP A 365 11.16 -24.08 5.76
CA ASP A 365 10.44 -24.71 6.87
C ASP A 365 9.17 -25.41 6.39
N LYS A 366 8.39 -25.93 7.33
CA LYS A 366 7.12 -26.60 7.04
C LYS A 366 6.05 -25.64 6.51
N ASP A 367 6.21 -24.35 6.86
CA ASP A 367 5.29 -23.30 6.40
C ASP A 367 5.62 -22.81 4.99
N LYS A 368 6.49 -23.55 4.30
CA LYS A 368 6.93 -23.22 2.93
C LYS A 368 7.73 -21.92 2.82
N ASN A 369 7.90 -21.23 3.95
CA ASN A 369 8.67 -19.99 4.00
C ASN A 369 10.17 -20.25 3.95
N LEU A 370 10.94 -19.21 3.61
CA LEU A 370 12.38 -19.37 3.43
C LEU A 370 13.18 -18.59 4.46
N TRP A 371 14.06 -19.30 5.16
CA TRP A 371 14.99 -18.69 6.10
C TRP A 371 16.31 -18.50 5.43
N ILE A 372 16.56 -17.26 5.02
CA ILE A 372 17.73 -16.93 4.20
C ILE A 372 18.80 -16.20 5.01
N GLY A 373 20.00 -16.76 5.01
CA GLY A 373 21.13 -16.18 5.72
C GLY A 373 21.98 -15.29 4.84
N THR A 374 22.47 -14.19 5.40
CA THR A 374 23.33 -13.26 4.68
C THR A 374 24.66 -13.04 5.41
N ASN A 375 25.62 -12.41 4.71
CA ASN A 375 26.95 -12.17 5.25
C ASN A 375 27.08 -10.87 6.03
N ASP A 376 26.26 -9.88 5.67
CA ASP A 376 26.37 -8.55 6.28
C ASP A 376 25.03 -7.91 6.64
N GLY A 377 23.93 -8.61 6.34
CA GLY A 377 22.59 -8.10 6.62
C GLY A 377 21.82 -8.90 7.66
N GLY A 378 22.52 -9.80 8.35
CA GLY A 378 21.91 -10.63 9.39
C GLY A 378 21.17 -11.83 8.82
N LEU A 379 19.96 -12.06 9.32
CA LEU A 379 19.12 -13.17 8.87
C LEU A 379 17.79 -12.67 8.31
N ASN A 380 17.32 -13.30 7.23
CA ASN A 380 16.09 -12.91 6.56
C ASN A 380 15.03 -14.00 6.54
N LEU A 381 13.78 -13.61 6.77
CA LEU A 381 12.65 -14.50 6.60
C LEU A 381 11.80 -14.00 5.43
N TYR A 382 11.44 -14.91 4.54
CA TYR A 382 10.76 -14.54 3.30
C TYR A 382 9.54 -15.41 3.03
N ASN A 383 8.44 -14.75 2.65
CA ASN A 383 7.23 -15.43 2.21
C ASN A 383 7.17 -15.44 0.68
N PRO A 384 7.20 -16.64 0.08
CA PRO A 384 7.21 -16.79 -1.39
C PRO A 384 5.94 -16.27 -2.08
N ILE A 385 4.84 -16.20 -1.32
CA ILE A 385 3.55 -15.80 -1.88
C ILE A 385 3.19 -14.34 -1.54
N THR A 386 3.64 -13.86 -0.39
CA THR A 386 3.32 -12.52 0.09
C THR A 386 4.42 -11.51 -0.27
N GLN A 387 5.60 -12.03 -0.61
CA GLN A 387 6.79 -11.23 -0.93
C GLN A 387 7.30 -10.41 0.27
N ARG A 388 6.87 -10.80 1.46
CA ARG A 388 7.22 -10.09 2.69
C ARG A 388 8.58 -10.50 3.22
N PHE A 389 9.38 -9.51 3.64
CA PHE A 389 10.70 -9.74 4.20
C PHE A 389 10.78 -9.36 5.67
N THR A 390 11.54 -10.14 6.42
CA THR A 390 11.75 -9.89 7.85
C THR A 390 13.25 -10.04 8.17
N SER A 391 13.87 -8.94 8.58
CA SER A 391 15.32 -8.91 8.84
C SER A 391 15.66 -8.83 10.32
N TYR A 392 16.70 -9.55 10.72
CA TYR A 392 17.19 -9.55 12.10
C TYR A 392 18.62 -9.03 12.17
N THR A 393 18.83 -8.00 12.98
CA THR A 393 20.15 -7.36 13.12
C THR A 393 20.69 -7.47 14.55
N LEU A 394 21.94 -7.05 14.74
CA LEU A 394 22.62 -7.14 16.02
C LEU A 394 22.10 -6.11 17.03
N GLN A 395 22.11 -4.83 16.63
CA GLN A 395 21.63 -3.72 17.46
C GLN A 395 22.26 -3.70 18.85
N ASN A 407 26.45 -11.90 10.11
CA ASN A 407 27.19 -12.88 9.35
C ASN A 407 26.71 -14.31 9.64
N ILE A 408 25.55 -14.64 9.09
CA ILE A 408 24.91 -15.95 9.31
C ILE A 408 25.48 -17.00 8.36
N LYS A 409 25.71 -18.20 8.88
CA LYS A 409 26.32 -19.28 8.10
C LYS A 409 25.59 -20.62 8.24
N ALA A 410 24.77 -20.76 9.29
CA ALA A 410 24.03 -22.01 9.54
C ALA A 410 22.62 -21.75 10.08
N VAL A 411 21.65 -22.48 9.55
CA VAL A 411 20.25 -22.37 9.97
C VAL A 411 19.60 -23.75 10.11
N TYR A 412 19.02 -23.98 11.29
CA TYR A 412 18.21 -25.19 11.54
C TYR A 412 16.88 -24.82 12.21
N VAL A 413 15.81 -25.43 11.74
CA VAL A 413 14.46 -25.13 12.23
C VAL A 413 13.92 -26.28 13.11
N ASP A 414 13.64 -25.96 14.37
CA ASP A 414 12.97 -26.87 15.28
C ASP A 414 11.47 -26.59 15.21
N GLU A 415 10.78 -27.38 14.39
CA GLU A 415 9.36 -27.17 14.10
C GLU A 415 8.44 -27.51 15.28
N LYS A 416 8.87 -28.48 16.09
CA LYS A 416 8.08 -28.95 17.23
C LYS A 416 8.03 -27.94 18.36
N LYS A 417 9.15 -27.31 18.67
CA LYS A 417 9.25 -26.33 19.74
C LYS A 417 9.16 -24.88 19.22
N SER A 418 8.92 -24.75 17.92
CA SER A 418 8.85 -23.44 17.23
C SER A 418 10.09 -22.58 17.48
N LEU A 419 11.26 -23.22 17.41
CA LEU A 419 12.54 -22.55 17.63
C LEU A 419 13.39 -22.55 16.36
N VAL A 420 14.22 -21.52 16.22
CA VAL A 420 15.14 -21.42 15.10
C VAL A 420 16.57 -21.29 15.62
N TYR A 421 17.42 -22.25 15.25
CA TYR A 421 18.82 -22.24 15.67
C TYR A 421 19.70 -21.59 14.60
N ILE A 422 20.52 -20.64 15.04
CA ILE A 422 21.33 -19.83 14.13
C ILE A 422 22.82 -19.96 14.41
N GLY A 423 23.58 -20.27 13.37
CA GLY A 423 25.04 -20.33 13.46
C GLY A 423 25.66 -19.15 12.75
N THR A 424 26.47 -18.38 13.48
CA THR A 424 27.07 -17.16 12.95
C THR A 424 28.60 -17.18 13.05
N HIS A 425 29.24 -16.34 12.24
CA HIS A 425 30.68 -16.13 12.33
C HIS A 425 30.97 -14.98 13.24
N ALA A 426 32.00 -15.15 14.07
CA ALA A 426 32.40 -14.16 15.09
C ALA A 426 31.25 -13.75 16.02
N GLY A 427 30.48 -14.74 16.45
CA GLY A 427 29.34 -14.52 17.32
C GLY A 427 28.98 -15.75 18.14
N GLY A 428 28.81 -16.88 17.45
CA GLY A 428 28.49 -18.15 18.11
C GLY A 428 27.15 -18.71 17.72
N LEU A 429 26.44 -19.29 18.71
CA LEU A 429 25.13 -19.89 18.49
C LEU A 429 24.03 -18.99 19.02
N SER A 430 22.96 -18.84 18.22
CA SER A 430 21.82 -18.00 18.61
C SER A 430 20.51 -18.79 18.49
N ILE A 431 19.72 -18.77 19.56
CA ILE A 431 18.43 -19.44 19.59
C ILE A 431 17.31 -18.39 19.52
N LEU A 432 16.41 -18.56 18.55
CA LEU A 432 15.29 -17.65 18.38
C LEU A 432 13.95 -18.31 18.72
N HIS A 433 13.21 -17.69 19.61
CA HIS A 433 11.82 -18.08 19.87
C HIS A 433 10.94 -17.36 18.90
N ARG A 434 10.28 -18.12 18.04
CA ARG A 434 9.45 -17.55 16.97
C ARG A 434 8.20 -16.86 17.48
N ASN A 435 7.73 -17.27 18.66
CA ASN A 435 6.49 -16.74 19.24
C ASN A 435 6.67 -15.52 20.15
N SER A 436 7.93 -15.18 20.46
CA SER A 436 8.21 -14.00 21.28
C SER A 436 9.18 -13.04 20.60
N GLY A 437 10.10 -13.59 19.80
CA GLY A 437 11.09 -12.78 19.09
C GLY A 437 12.37 -12.57 19.87
N GLN A 438 12.45 -13.19 21.05
CA GLN A 438 13.63 -13.09 21.91
C GLN A 438 14.77 -13.96 21.38
N VAL A 439 15.98 -13.42 21.41
CA VAL A 439 17.17 -14.12 20.93
C VAL A 439 18.13 -14.40 22.08
N GLU A 440 18.50 -15.67 22.23
CA GLU A 440 19.50 -16.07 23.22
C GLU A 440 20.78 -16.53 22.52
N ASN A 441 21.81 -15.68 22.58
CA ASN A 441 23.09 -15.97 21.93
C ASN A 441 24.21 -16.37 22.90
N PHE A 442 25.08 -17.26 22.44
CA PHE A 442 26.17 -17.79 23.25
C PHE A 442 27.51 -17.67 22.53
N ASN A 443 28.56 -17.38 23.30
CA ASN A 443 29.93 -17.27 22.75
C ASN A 443 30.98 -17.92 23.67
N GLN A 444 32.25 -17.69 23.37
CA GLN A 444 33.36 -18.26 24.14
C GLN A 444 33.51 -17.60 25.51
N ARG A 445 33.15 -16.32 25.59
CA ARG A 445 33.34 -15.52 26.81
C ARG A 445 32.25 -15.72 27.86
N ASN A 446 31.02 -16.00 27.43
CA ASN A 446 29.90 -16.16 28.35
C ASN A 446 29.48 -17.60 28.62
N SER A 447 29.65 -18.47 27.63
CA SER A 447 29.27 -19.88 27.75
C SER A 447 30.48 -20.82 27.61
N GLN A 448 30.22 -22.12 27.75
CA GLN A 448 31.26 -23.14 27.68
C GLN A 448 31.56 -23.58 26.24
N LEU A 449 31.14 -22.75 25.28
CA LEU A 449 31.41 -23.00 23.86
C LEU A 449 32.87 -22.70 23.53
N VAL A 450 33.49 -23.58 22.75
CA VAL A 450 34.92 -23.50 22.45
C VAL A 450 35.26 -22.53 21.29
N ASN A 451 34.31 -22.35 20.37
CA ASN A 451 34.54 -21.51 19.19
C ASN A 451 33.32 -20.69 18.79
N GLU A 452 33.55 -19.42 18.47
CA GLU A 452 32.48 -18.48 18.11
C GLU A 452 32.08 -18.52 16.64
N ASN A 453 32.70 -19.42 15.88
CA ASN A 453 32.48 -19.50 14.44
C ASN A 453 31.72 -20.77 14.03
N VAL A 454 30.41 -20.78 14.28
CA VAL A 454 29.55 -21.90 13.93
C VAL A 454 29.21 -21.84 12.45
N TYR A 455 29.48 -22.94 11.73
CA TYR A 455 29.24 -23.00 10.28
C TYR A 455 28.17 -24.00 9.85
N ALA A 456 27.93 -25.03 10.67
CA ALA A 456 26.95 -26.06 10.34
C ALA A 456 26.21 -26.60 11.57
N ILE A 457 24.88 -26.66 11.47
CA ILE A 457 24.03 -27.21 12.54
C ILE A 457 23.21 -28.38 12.01
N LEU A 458 23.30 -29.51 12.70
CA LEU A 458 22.55 -30.72 12.32
C LEU A 458 22.18 -31.53 13.56
N PRO A 459 20.91 -31.97 13.66
CA PRO A 459 20.44 -32.76 14.81
C PRO A 459 21.15 -34.10 14.95
N ASP A 460 21.42 -34.50 16.20
CA ASP A 460 22.14 -35.74 16.48
C ASP A 460 21.25 -36.98 16.40
N GLY A 461 19.95 -36.77 16.59
CA GLY A 461 18.98 -37.87 16.60
C GLY A 461 18.45 -38.18 17.99
N GLU A 462 19.30 -37.97 18.99
CA GLU A 462 18.95 -38.21 20.39
C GLU A 462 18.08 -37.09 20.94
N GLY A 463 18.39 -35.85 20.53
CA GLY A 463 17.68 -34.67 20.99
C GLY A 463 18.57 -33.43 20.97
N ASN A 464 19.88 -33.66 20.93
CA ASN A 464 20.87 -32.59 20.92
C ASN A 464 21.17 -32.08 19.50
N LEU A 465 22.23 -31.30 19.37
CA LEU A 465 22.63 -30.73 18.08
C LEU A 465 24.14 -30.79 17.87
N TRP A 466 24.55 -31.06 16.62
CA TRP A 466 25.94 -30.98 16.23
C TRP A 466 26.27 -29.59 15.76
N LEU A 467 27.42 -29.08 16.20
CA LEU A 467 27.86 -27.74 15.83
C LEU A 467 29.25 -27.75 15.20
N GLY A 468 29.31 -27.47 13.90
CA GLY A 468 30.56 -27.44 13.17
C GLY A 468 31.25 -26.09 13.24
N THR A 469 32.38 -26.04 13.93
CA THR A 469 33.15 -24.81 14.08
C THR A 469 34.54 -24.91 13.44
N LEU A 470 35.24 -23.78 13.38
CA LEU A 470 36.55 -23.69 12.73
C LEU A 470 37.69 -24.35 13.52
N SER A 471 37.37 -24.94 14.67
CA SER A 471 38.38 -25.59 15.51
C SER A 471 38.05 -27.06 15.78
N ALA A 472 36.84 -27.33 16.29
CA ALA A 472 36.41 -28.68 16.63
C ALA A 472 34.90 -28.85 16.48
N LEU A 473 34.39 -30.03 16.82
CA LEU A 473 32.96 -30.31 16.78
C LEU A 473 32.37 -30.28 18.20
N VAL A 474 31.25 -29.59 18.35
CA VAL A 474 30.61 -29.41 19.65
C VAL A 474 29.19 -29.98 19.68
N ARG A 475 28.87 -30.71 20.75
CA ARG A 475 27.51 -31.18 21.01
C ARG A 475 26.82 -30.25 21.99
N PHE A 476 25.60 -29.82 21.65
CA PHE A 476 24.84 -28.90 22.49
C PHE A 476 23.51 -29.50 22.95
N ASN A 477 23.37 -29.65 24.27
CA ASN A 477 22.12 -30.10 24.87
C ASN A 477 21.18 -28.91 25.05
N PRO A 478 20.03 -28.92 24.36
CA PRO A 478 19.06 -27.82 24.43
C PRO A 478 18.33 -27.75 25.77
N GLU A 479 18.21 -28.88 26.46
CA GLU A 479 17.50 -28.97 27.73
C GLU A 479 18.38 -28.59 28.91
N GLN A 480 19.69 -28.61 28.70
CA GLN A 480 20.66 -28.34 29.77
C GLN A 480 21.48 -27.07 29.53
N ARG A 481 21.48 -26.58 28.28
CA ARG A 481 22.27 -25.43 27.86
C ARG A 481 23.77 -25.62 28.15
N SER A 482 24.32 -26.72 27.65
CA SER A 482 25.73 -27.07 27.88
C SER A 482 26.43 -27.47 26.59
N PHE A 483 27.70 -27.11 26.48
CA PHE A 483 28.51 -27.39 25.29
C PHE A 483 29.57 -28.44 25.58
N THR A 484 29.60 -29.48 24.75
CA THR A 484 30.57 -30.57 24.89
C THR A 484 31.45 -30.68 23.65
N THR A 485 32.75 -30.42 23.83
CA THR A 485 33.72 -30.51 22.74
C THR A 485 34.15 -31.97 22.52
N ILE A 486 33.97 -32.45 21.30
CA ILE A 486 34.32 -33.83 20.95
C ILE A 486 35.83 -33.96 20.74
N GLU A 487 36.44 -34.87 21.49
CA GLU A 487 37.89 -35.08 21.44
C GLU A 487 38.28 -36.56 21.34
N LYS A 488 37.37 -37.44 21.74
CA LYS A 488 37.61 -38.88 21.68
C LYS A 488 36.49 -39.63 20.95
N GLU A 489 36.85 -40.73 20.31
CA GLU A 489 35.88 -41.60 19.64
C GLU A 489 35.25 -42.59 20.62
N LYS A 490 34.43 -43.50 20.11
CA LYS A 490 33.74 -44.50 20.91
C LYS A 490 34.70 -45.48 21.60
N ASP A 491 35.84 -45.72 20.97
CA ASP A 491 36.88 -46.59 21.52
C ASP A 491 37.93 -45.80 22.28
N GLY A 492 38.09 -44.53 21.93
CA GLY A 492 39.07 -43.65 22.57
C GLY A 492 40.09 -43.08 21.61
N THR A 493 39.78 -43.14 20.31
CA THR A 493 40.64 -42.58 19.27
C THR A 493 40.55 -41.05 19.28
N PRO A 494 41.70 -40.37 19.45
CA PRO A 494 41.73 -38.90 19.49
C PRO A 494 41.21 -38.25 18.21
N VAL A 495 40.35 -37.25 18.37
CA VAL A 495 39.78 -36.52 17.25
C VAL A 495 40.62 -35.28 16.96
N VAL A 496 41.13 -35.19 15.74
CA VAL A 496 41.99 -34.08 15.32
C VAL A 496 41.22 -32.76 15.26
N SER A 497 41.81 -31.72 15.82
CA SER A 497 41.23 -30.38 15.81
C SER A 497 41.34 -29.75 14.42
N LYS A 498 40.28 -29.85 13.65
CA LYS A 498 40.25 -29.33 12.27
C LYS A 498 39.01 -28.47 12.04
N GLN A 499 39.09 -27.60 11.03
CA GLN A 499 38.01 -26.68 10.70
C GLN A 499 36.84 -27.41 10.03
N ILE A 500 35.67 -27.32 10.66
CA ILE A 500 34.46 -27.98 10.16
C ILE A 500 33.56 -26.94 9.48
N THR A 501 33.15 -27.24 8.25
CA THR A 501 32.34 -26.31 7.45
C THR A 501 30.96 -26.87 7.10
N THR A 502 30.85 -28.19 6.99
CA THR A 502 29.59 -28.82 6.58
C THR A 502 29.30 -30.15 7.29
N LEU A 503 28.01 -30.41 7.52
CA LEU A 503 27.55 -31.64 8.17
C LEU A 503 26.37 -32.24 7.40
N PHE A 504 26.35 -33.56 7.25
CA PHE A 504 25.32 -34.25 6.47
C PHE A 504 24.92 -35.59 7.06
N ARG A 505 23.63 -35.91 6.95
CA ARG A 505 23.07 -37.18 7.38
C ARG A 505 22.45 -37.91 6.19
N ASP A 506 22.89 -39.14 5.94
CA ASP A 506 22.36 -39.94 4.82
C ASP A 506 21.12 -40.75 5.21
N SER A 507 20.67 -41.59 4.29
CA SER A 507 19.50 -42.46 4.53
C SER A 507 19.80 -43.57 5.52
N HIS A 508 21.08 -43.94 5.65
CA HIS A 508 21.51 -44.97 6.57
C HIS A 508 21.87 -44.43 7.94
N LYS A 509 21.49 -43.17 8.18
CA LYS A 509 21.70 -42.48 9.45
C LYS A 509 23.18 -42.35 9.86
N ARG A 510 24.02 -42.03 8.88
CA ARG A 510 25.45 -41.82 9.12
C ARG A 510 25.81 -40.34 9.00
N LEU A 511 26.73 -39.89 9.86
CA LEU A 511 27.17 -38.50 9.87
C LEU A 511 28.37 -38.27 8.96
N TRP A 512 28.33 -37.16 8.23
CA TRP A 512 29.42 -36.78 7.32
C TRP A 512 30.00 -35.46 7.73
N ILE A 513 31.31 -35.45 7.96
CA ILE A 513 32.00 -34.24 8.42
C ILE A 513 33.01 -33.77 7.37
N GLY A 514 32.80 -32.57 6.85
CA GLY A 514 33.66 -32.00 5.81
C GLY A 514 34.21 -30.63 6.13
N GLY A 515 35.43 -30.37 5.70
CA GLY A 515 36.10 -29.09 5.92
C GLY A 515 37.32 -28.91 5.03
N GLU A 516 38.18 -27.96 5.42
CA GLU A 516 39.40 -27.66 4.67
C GLU A 516 40.45 -28.78 4.78
N GLU A 517 40.45 -29.48 5.92
CA GLU A 517 41.35 -30.60 6.14
C GLU A 517 40.93 -31.80 5.29
N GLY A 518 39.63 -31.98 5.13
CA GLY A 518 39.08 -33.06 4.32
C GLY A 518 37.70 -33.52 4.71
N LEU A 519 37.37 -34.76 4.38
CA LEU A 519 36.07 -35.35 4.69
C LEU A 519 36.23 -36.58 5.59
N SER A 520 35.21 -36.86 6.41
CA SER A 520 35.24 -38.00 7.32
C SER A 520 33.84 -38.60 7.55
N VAL A 521 33.78 -39.93 7.64
CA VAL A 521 32.53 -40.65 7.84
C VAL A 521 32.46 -41.26 9.24
N PHE A 522 31.32 -41.07 9.91
CA PHE A 522 31.13 -41.55 11.27
C PHE A 522 29.77 -42.23 11.49
N LYS A 523 29.77 -43.18 12.42
CA LYS A 523 28.53 -43.82 12.90
C LYS A 523 28.33 -43.46 14.38
N GLN A 524 27.07 -43.41 14.79
CA GLN A 524 26.73 -43.04 16.17
C GLN A 524 26.37 -44.24 17.05
N GLU A 525 27.14 -44.43 18.12
CA GLU A 525 26.85 -45.45 19.13
C GLU A 525 26.36 -44.77 20.40
N GLY A 526 25.21 -44.10 20.29
CA GLY A 526 24.66 -43.31 21.38
C GLY A 526 25.10 -41.86 21.28
N LEU A 527 25.91 -41.43 22.24
CA LEU A 527 26.49 -40.09 22.22
C LEU A 527 27.90 -40.12 21.63
N ASP A 528 28.54 -41.28 21.69
CA ASP A 528 29.86 -41.50 21.13
C ASP A 528 29.79 -41.70 19.62
N ILE A 529 30.91 -41.44 18.95
CA ILE A 529 31.01 -41.63 17.49
C ILE A 529 32.19 -42.54 17.12
N GLN A 530 31.99 -43.36 16.09
CA GLN A 530 33.00 -44.29 15.62
C GLN A 530 33.32 -44.05 14.13
N LYS A 531 34.61 -44.02 13.81
CA LYS A 531 35.07 -43.81 12.44
C LYS A 531 34.77 -45.03 11.56
N ALA A 532 33.73 -44.89 10.73
CA ALA A 532 33.37 -45.94 9.78
C ALA A 532 33.95 -45.61 8.42
N SER A 533 35.16 -46.11 8.17
CA SER A 533 35.87 -45.86 6.92
C SER A 533 35.29 -46.70 5.78
N ILE A 534 34.22 -46.17 5.17
CA ILE A 534 33.56 -46.82 4.04
C ILE A 534 34.13 -46.34 2.70
N LEU A 535 34.79 -45.18 2.73
CA LEU A 535 35.43 -44.61 1.55
C LEU A 535 36.78 -45.29 1.30
N PRO A 536 37.07 -45.63 0.02
CA PRO A 536 38.37 -46.22 -0.32
C PRO A 536 39.51 -45.21 -0.16
N VAL A 537 40.72 -45.73 0.05
CA VAL A 537 41.91 -44.88 0.26
C VAL A 537 42.22 -44.03 -0.97
N SER A 538 41.97 -42.73 -0.84
CA SER A 538 42.20 -41.79 -1.94
C SER A 538 42.54 -40.39 -1.42
N ASN A 539 43.25 -39.62 -2.24
CA ASN A 539 43.64 -38.25 -1.90
C ASN A 539 42.49 -37.26 -1.96
N VAL A 540 41.35 -37.70 -2.48
CA VAL A 540 40.14 -36.87 -2.56
C VAL A 540 39.51 -36.67 -1.17
N THR A 541 39.89 -37.54 -0.23
CA THR A 541 39.39 -37.50 1.13
C THR A 541 40.01 -36.33 1.91
N LYS A 542 41.18 -35.87 1.45
CA LYS A 542 41.90 -34.77 2.11
C LYS A 542 41.82 -33.46 1.30
N LEU A 543 40.66 -33.22 0.69
CA LEU A 543 40.42 -32.00 -0.08
C LEU A 543 39.46 -31.04 0.62
N PHE A 544 39.50 -29.77 0.23
CA PHE A 544 38.60 -28.74 0.78
C PHE A 544 37.16 -29.08 0.40
N THR A 545 36.42 -29.61 1.36
CA THR A 545 35.04 -30.04 1.14
C THR A 545 34.07 -28.88 1.39
N ASN A 546 33.00 -28.82 0.60
CA ASN A 546 32.01 -27.75 0.72
C ASN A 546 30.59 -28.26 1.00
N CYS A 547 30.18 -29.31 0.30
CA CYS A 547 28.83 -29.86 0.44
C CYS A 547 28.75 -31.35 0.13
N ILE A 548 27.78 -32.01 0.75
CA ILE A 548 27.49 -33.43 0.51
C ILE A 548 26.00 -33.59 0.26
N TYR A 549 25.64 -34.33 -0.79
CA TYR A 549 24.24 -34.57 -1.13
C TYR A 549 24.00 -36.02 -1.56
N GLU A 550 22.94 -36.62 -1.00
CA GLU A 550 22.52 -37.95 -1.38
C GLU A 550 21.42 -37.86 -2.44
N ALA A 551 21.70 -38.42 -3.61
CA ALA A 551 20.73 -38.44 -4.71
C ALA A 551 19.65 -39.50 -4.46
N SER A 552 18.53 -39.36 -5.18
CA SER A 552 17.38 -40.26 -5.02
C SER A 552 17.68 -41.71 -5.38
N ASN A 553 18.70 -41.92 -6.22
CA ASN A 553 19.13 -43.28 -6.58
C ASN A 553 20.02 -43.92 -5.52
N GLY A 554 20.57 -43.10 -4.63
CA GLY A 554 21.39 -43.57 -3.52
C GLY A 554 22.87 -43.20 -3.60
N ILE A 555 23.25 -42.55 -4.70
CA ILE A 555 24.64 -42.14 -4.91
C ILE A 555 24.97 -40.88 -4.11
N ILE A 556 26.08 -40.94 -3.38
CA ILE A 556 26.57 -39.80 -2.60
C ILE A 556 27.40 -38.88 -3.50
N TRP A 557 27.06 -37.60 -3.48
CA TRP A 557 27.77 -36.59 -4.28
C TRP A 557 28.44 -35.57 -3.41
N VAL A 558 29.75 -35.40 -3.61
CA VAL A 558 30.55 -34.50 -2.78
C VAL A 558 31.11 -33.34 -3.61
N GLY A 559 30.82 -32.12 -3.18
CA GLY A 559 31.31 -30.91 -3.84
C GLY A 559 32.54 -30.34 -3.15
N THR A 560 33.64 -30.26 -3.89
CA THR A 560 34.90 -29.74 -3.37
C THR A 560 35.32 -28.46 -4.08
N ARG A 561 36.40 -27.84 -3.62
CA ARG A 561 36.97 -26.67 -4.28
C ARG A 561 37.82 -27.06 -5.49
N GLU A 562 38.14 -28.35 -5.57
CA GLU A 562 38.88 -28.90 -6.71
C GLU A 562 38.01 -29.90 -7.48
N GLY A 563 36.84 -29.44 -7.91
CA GLY A 563 35.90 -30.27 -8.67
C GLY A 563 34.85 -30.89 -7.80
N PHE A 564 34.30 -32.02 -8.27
CA PHE A 564 33.32 -32.80 -7.52
C PHE A 564 33.39 -34.28 -7.89
N TYR A 565 32.94 -35.15 -7.00
CA TYR A 565 32.97 -36.60 -7.24
C TYR A 565 31.75 -37.34 -6.70
N CYS A 566 31.49 -38.51 -7.26
CA CYS A 566 30.41 -39.39 -6.83
C CYS A 566 30.96 -40.59 -6.06
N PHE A 567 30.16 -41.11 -5.15
CA PHE A 567 30.53 -42.32 -4.39
C PHE A 567 29.43 -43.38 -4.46
N ASN A 568 29.74 -44.48 -5.12
CA ASN A 568 28.84 -45.62 -5.20
C ASN A 568 29.29 -46.69 -4.20
N GLU A 569 28.56 -46.79 -3.08
CA GLU A 569 28.90 -47.71 -2.00
C GLU A 569 28.72 -49.17 -2.40
N LYS A 570 27.89 -49.41 -3.41
CA LYS A 570 27.60 -50.75 -3.91
C LYS A 570 28.87 -51.49 -4.37
N ASP A 571 29.83 -50.75 -4.90
CA ASP A 571 31.09 -51.32 -5.37
C ASP A 571 32.32 -50.58 -4.82
N LYS A 572 32.08 -49.51 -4.07
CA LYS A 572 33.13 -48.66 -3.50
C LYS A 572 34.05 -48.04 -4.58
N GLN A 573 33.44 -47.31 -5.50
CA GLN A 573 34.16 -46.66 -6.60
C GLN A 573 33.87 -45.17 -6.65
N ILE A 574 34.92 -44.37 -6.89
CA ILE A 574 34.81 -42.92 -6.97
C ILE A 574 35.27 -42.40 -8.33
N LYS A 575 34.40 -41.65 -8.99
CA LYS A 575 34.72 -41.00 -10.25
C LYS A 575 34.73 -39.49 -10.08
N ARG A 576 35.87 -38.86 -10.39
CA ARG A 576 36.03 -37.41 -10.26
C ARG A 576 35.64 -36.65 -11.52
N TYR A 577 35.12 -35.44 -11.32
CA TYR A 577 34.75 -34.55 -12.42
C TYR A 577 35.26 -33.14 -12.16
N ASN A 578 35.98 -32.59 -13.13
CA ASN A 578 36.55 -31.24 -13.03
C ASN A 578 36.36 -30.43 -14.31
N THR A 579 37.09 -29.32 -14.42
CA THR A 579 36.97 -28.40 -15.56
C THR A 579 37.28 -29.03 -16.93
N THR A 580 38.19 -30.00 -16.94
CA THR A 580 38.55 -30.71 -18.18
C THR A 580 37.43 -31.62 -18.67
N ASN A 581 36.51 -31.97 -17.77
CA ASN A 581 35.36 -32.81 -18.10
C ASN A 581 34.18 -32.01 -18.67
N GLY A 582 34.21 -30.69 -18.48
CA GLY A 582 33.16 -29.81 -18.99
C GLY A 582 32.59 -28.87 -17.95
N LEU A 583 33.14 -28.95 -16.72
CA LEU A 583 32.70 -28.11 -15.61
C LEU A 583 33.24 -26.68 -15.77
N PRO A 584 32.38 -25.66 -15.54
CA PRO A 584 32.79 -24.26 -15.66
C PRO A 584 33.88 -23.83 -14.68
N ASN A 585 33.78 -24.30 -13.44
CA ASN A 585 34.76 -23.99 -12.40
C ASN A 585 34.87 -25.10 -11.35
N ASN A 586 36.08 -25.32 -10.86
CA ASN A 586 36.35 -26.38 -9.88
C ASN A 586 35.70 -26.18 -8.51
N VAL A 587 35.56 -24.92 -8.10
CA VAL A 587 34.99 -24.61 -6.78
C VAL A 587 33.47 -24.79 -6.79
N VAL A 588 33.02 -25.93 -6.25
CA VAL A 588 31.60 -26.27 -6.17
C VAL A 588 31.07 -25.84 -4.80
N TYR A 589 29.95 -25.12 -4.81
CA TYR A 589 29.35 -24.61 -3.57
C TYR A 589 28.13 -25.40 -3.12
N GLY A 590 27.34 -25.87 -4.08
CA GLY A 590 26.10 -26.60 -3.77
C GLY A 590 25.60 -27.52 -4.88
N ILE A 591 25.03 -28.65 -4.49
CA ILE A 591 24.49 -29.64 -5.42
C ILE A 591 23.00 -29.89 -5.14
N LEU A 592 22.19 -29.84 -6.19
CA LEU A 592 20.75 -30.12 -6.10
C LEU A 592 20.27 -30.98 -7.27
N GLU A 593 19.33 -31.87 -6.97
CA GLU A 593 18.78 -32.79 -7.98
C GLU A 593 17.37 -32.38 -8.40
N ASP A 594 17.10 -32.48 -9.70
CA ASP A 594 15.77 -32.16 -10.24
C ASP A 594 14.90 -33.41 -10.38
N SER A 595 13.74 -33.25 -11.02
CA SER A 595 12.77 -34.33 -11.18
C SER A 595 13.22 -35.40 -12.18
N PHE A 596 14.12 -35.02 -13.09
CA PHE A 596 14.57 -35.93 -14.14
C PHE A 596 15.80 -36.76 -13.74
N GLY A 597 16.47 -36.34 -12.67
CA GLY A 597 17.66 -37.05 -12.16
C GLY A 597 18.96 -36.31 -12.41
N ARG A 598 18.87 -35.15 -13.05
CA ARG A 598 20.05 -34.31 -13.33
C ARG A 598 20.44 -33.53 -12.08
N LEU A 599 21.70 -33.09 -12.04
CA LEU A 599 22.22 -32.32 -10.92
C LEU A 599 22.50 -30.86 -11.30
N TRP A 600 22.36 -29.97 -10.35
CA TRP A 600 22.61 -28.54 -10.56
C TRP A 600 23.63 -28.02 -9.59
N LEU A 601 24.72 -27.49 -10.12
CA LEU A 601 25.88 -27.10 -9.32
C LEU A 601 26.20 -25.62 -9.42
N SER A 602 26.45 -24.99 -8.27
CA SER A 602 26.88 -23.60 -8.22
C SER A 602 28.39 -23.51 -8.10
N THR A 603 29.00 -22.62 -8.88
CA THR A 603 30.44 -22.45 -8.92
C THR A 603 30.84 -20.96 -8.90
N ASN A 604 32.14 -20.70 -9.10
CA ASN A 604 32.64 -19.34 -9.26
C ASN A 604 32.35 -18.78 -10.65
N ARG A 605 31.94 -19.66 -11.57
CA ARG A 605 31.65 -19.27 -12.95
C ARG A 605 30.30 -19.81 -13.42
N GLY A 606 29.26 -19.55 -12.61
CA GLY A 606 27.88 -19.86 -12.99
C GLY A 606 27.35 -21.18 -12.48
N ILE A 607 26.24 -21.60 -13.08
CA ILE A 607 25.57 -22.86 -12.72
C ILE A 607 25.69 -23.89 -13.83
N SER A 608 26.01 -25.12 -13.46
CA SER A 608 26.14 -26.22 -14.41
C SER A 608 25.10 -27.32 -14.16
N CYS A 609 24.48 -27.79 -15.25
CA CYS A 609 23.55 -28.89 -15.19
C CYS A 609 24.24 -30.17 -15.66
N PHE A 610 24.43 -31.10 -14.72
CA PHE A 610 25.16 -32.35 -15.00
C PHE A 610 24.23 -33.55 -15.09
N ASN A 611 24.39 -34.30 -16.18
CA ASN A 611 23.64 -35.53 -16.40
C ASN A 611 24.55 -36.74 -16.18
N PRO A 612 24.36 -37.46 -15.05
CA PRO A 612 25.21 -38.58 -14.68
C PRO A 612 25.21 -39.74 -15.67
N GLU A 613 24.11 -39.89 -16.42
CA GLU A 613 23.97 -40.97 -17.38
C GLU A 613 24.85 -40.82 -18.62
N THR A 614 24.99 -39.58 -19.08
CA THR A 614 25.79 -39.27 -20.28
C THR A 614 27.08 -38.53 -19.96
N GLU A 615 27.19 -38.06 -18.71
CA GLU A 615 28.33 -37.25 -18.23
C GLU A 615 28.48 -35.93 -19.00
N LYS A 616 27.35 -35.39 -19.46
CA LYS A 616 27.31 -34.15 -20.23
C LYS A 616 26.98 -32.94 -19.35
N PHE A 617 27.56 -31.79 -19.71
CA PHE A 617 27.38 -30.56 -18.94
C PHE A 617 26.55 -29.51 -19.69
N ARG A 618 25.70 -28.80 -18.96
CA ARG A 618 24.93 -27.68 -19.49
C ARG A 618 25.18 -26.46 -18.61
N ASN A 619 26.04 -25.56 -19.08
CA ASN A 619 26.49 -24.43 -18.28
C ASN A 619 25.67 -23.16 -18.48
N PHE A 620 25.56 -22.39 -17.40
CA PHE A 620 24.89 -21.10 -17.42
C PHE A 620 25.77 -20.04 -16.77
N THR A 621 25.74 -18.83 -17.32
CA THR A 621 26.54 -17.71 -16.82
C THR A 621 25.65 -16.52 -16.46
N GLU A 622 26.27 -15.46 -15.95
CA GLU A 622 25.56 -14.23 -15.58
C GLU A 622 24.76 -13.66 -16.75
N SER A 623 25.34 -13.74 -17.94
CA SER A 623 24.70 -13.25 -19.18
C SER A 623 23.40 -13.98 -19.50
N ASP A 624 23.27 -15.22 -19.03
CA ASP A 624 22.05 -16.00 -19.22
C ASP A 624 20.92 -15.57 -18.29
N GLY A 625 21.27 -14.77 -17.27
CA GLY A 625 20.28 -14.19 -16.37
C GLY A 625 20.50 -14.47 -14.90
N LEU A 626 21.71 -14.91 -14.55
CA LEU A 626 22.07 -15.22 -13.15
C LEU A 626 22.36 -13.96 -12.34
N GLN A 627 22.36 -14.12 -11.02
CA GLN A 627 22.70 -13.01 -10.10
C GLN A 627 24.14 -12.52 -10.31
N SER A 628 25.03 -13.48 -10.55
CA SER A 628 26.45 -13.25 -10.77
C SER A 628 27.08 -14.59 -11.13
N ASN A 629 28.23 -14.54 -11.79
CA ASN A 629 28.98 -15.76 -12.10
C ASN A 629 29.48 -16.44 -10.83
N GLN A 630 29.93 -15.63 -9.87
CA GLN A 630 30.41 -16.13 -8.59
C GLN A 630 29.25 -16.40 -7.62
N PHE A 631 29.24 -17.60 -7.06
CA PHE A 631 28.26 -17.98 -6.05
C PHE A 631 28.92 -18.17 -4.69
N ASN A 632 28.11 -18.39 -3.65
CA ASN A 632 28.62 -18.47 -2.28
C ASN A 632 28.37 -19.83 -1.62
N THR A 633 29.11 -20.09 -0.54
CA THR A 633 29.07 -21.37 0.17
C THR A 633 27.73 -21.62 0.87
N ALA A 634 27.30 -22.88 0.85
CA ALA A 634 26.04 -23.33 1.48
C ALA A 634 24.78 -22.70 0.87
N SER A 635 24.95 -21.94 -0.20
CA SER A 635 23.85 -21.23 -0.84
C SER A 635 23.13 -22.08 -1.88
N TYR A 636 22.41 -23.09 -1.39
CA TYR A 636 21.64 -23.99 -2.24
C TYR A 636 20.42 -24.53 -1.50
N CYS A 637 19.25 -24.46 -2.14
CA CYS A 637 18.01 -24.91 -1.54
C CYS A 637 17.01 -25.44 -2.57
N ARG A 638 16.46 -26.61 -2.29
CA ARG A 638 15.39 -27.18 -3.09
C ARG A 638 14.13 -27.33 -2.23
N THR A 639 13.06 -26.66 -2.66
CA THR A 639 11.78 -26.70 -1.95
C THR A 639 11.08 -28.04 -2.14
N SER A 640 10.10 -28.31 -1.30
CA SER A 640 9.27 -29.51 -1.40
C SER A 640 8.44 -29.50 -2.69
N VAL A 641 8.22 -28.31 -3.23
CA VAL A 641 7.50 -28.12 -4.49
C VAL A 641 8.38 -28.54 -5.67
N GLY A 642 9.66 -28.16 -5.62
CA GLY A 642 10.62 -28.48 -6.67
C GLY A 642 11.41 -27.27 -7.16
N GLN A 643 11.12 -26.11 -6.57
CA GLN A 643 11.80 -24.86 -6.91
C GLN A 643 13.21 -24.83 -6.34
N MET A 644 14.16 -24.34 -7.13
CA MET A 644 15.56 -24.27 -6.72
C MET A 644 16.00 -22.85 -6.41
N TYR A 645 16.87 -22.71 -5.41
CA TYR A 645 17.37 -21.41 -4.97
C TYR A 645 18.88 -21.44 -4.80
N PHE A 646 19.56 -20.56 -5.53
CA PHE A 646 21.01 -20.44 -5.44
C PHE A 646 21.42 -19.00 -5.15
N GLY A 647 22.11 -18.80 -4.03
CA GLY A 647 22.59 -17.47 -3.65
C GLY A 647 24.06 -17.26 -3.98
N GLY A 648 24.45 -16.01 -4.15
CA GLY A 648 25.82 -15.67 -4.49
C GLY A 648 26.29 -14.39 -3.83
N ILE A 649 27.12 -13.63 -4.55
CA ILE A 649 27.65 -12.36 -4.05
C ILE A 649 26.77 -11.18 -4.46
N ASN A 650 25.90 -11.40 -5.43
CA ASN A 650 25.00 -10.35 -5.93
C ASN A 650 23.53 -10.80 -5.93
N GLY A 651 23.12 -11.47 -4.86
CA GLY A 651 21.73 -11.88 -4.68
C GLY A 651 21.45 -13.35 -4.89
N ILE A 652 20.16 -13.67 -5.06
CA ILE A 652 19.70 -15.05 -5.22
C ILE A 652 19.00 -15.21 -6.58
N THR A 653 19.25 -16.35 -7.23
CA THR A 653 18.60 -16.69 -8.48
C THR A 653 17.71 -17.91 -8.31
N THR A 654 16.43 -17.77 -8.64
CA THR A 654 15.46 -18.86 -8.53
C THR A 654 14.85 -19.26 -9.87
N PHE A 655 14.69 -20.57 -10.06
CA PHE A 655 14.16 -21.13 -11.30
C PHE A 655 13.55 -22.50 -11.09
N ARG A 656 12.74 -22.94 -12.06
CA ARG A 656 12.17 -24.28 -12.05
C ARG A 656 12.78 -25.07 -13.22
N PRO A 657 13.69 -26.01 -12.91
CA PRO A 657 14.39 -26.82 -13.92
C PRO A 657 13.46 -27.59 -14.86
N GLU A 658 12.27 -27.93 -14.37
CA GLU A 658 11.27 -28.64 -15.17
C GLU A 658 10.56 -27.70 -16.14
N LEU A 659 10.49 -26.42 -15.78
CA LEU A 659 9.81 -25.41 -16.59
C LEU A 659 10.72 -24.72 -17.60
N LEU A 660 12.00 -25.10 -17.62
CA LEU A 660 12.97 -24.51 -18.55
C LEU A 660 12.81 -25.04 -19.96
N LEU A 661 12.72 -24.11 -20.92
CA LEU A 661 12.52 -24.46 -22.33
C LEU A 661 13.85 -24.57 -23.06
N ASP A 662 13.96 -25.57 -23.93
CA ASP A 662 15.15 -25.76 -24.76
C ASP A 662 15.09 -24.89 -26.02
N ASN A 663 16.26 -24.45 -26.48
CA ASN A 663 16.37 -23.69 -27.72
C ASN A 663 16.45 -24.62 -28.94
N PRO A 664 15.39 -24.64 -29.76
CA PRO A 664 15.28 -25.59 -30.88
C PRO A 664 15.93 -25.10 -32.18
N TYR A 665 16.47 -23.88 -32.18
CA TYR A 665 17.05 -23.29 -33.37
C TYR A 665 18.53 -23.62 -33.51
N THR A 666 18.91 -24.10 -34.68
CA THR A 666 20.32 -24.35 -35.01
C THR A 666 20.66 -23.71 -36.36
N PRO A 667 20.91 -22.38 -36.36
CA PRO A 667 21.18 -21.63 -37.59
C PRO A 667 22.50 -22.02 -38.24
N PRO A 668 22.64 -21.76 -39.56
CA PRO A 668 23.89 -22.07 -40.27
C PRO A 668 25.01 -21.09 -39.93
N VAL A 669 26.25 -21.54 -40.08
CA VAL A 669 27.40 -20.69 -39.80
C VAL A 669 27.67 -19.77 -41.00
N VAL A 670 27.89 -18.49 -40.71
CA VAL A 670 28.23 -17.52 -41.74
C VAL A 670 29.66 -17.07 -41.51
N ILE A 671 30.51 -17.28 -42.52
CA ILE A 671 31.91 -16.86 -42.47
C ILE A 671 31.98 -15.34 -42.60
N THR A 672 32.28 -14.67 -41.49
CA THR A 672 32.21 -13.22 -41.37
C THR A 672 33.29 -12.49 -42.18
N LYS A 673 34.53 -12.91 -41.99
CA LYS A 673 35.68 -12.14 -42.47
C LYS A 673 36.90 -13.02 -42.73
N LEU A 674 37.69 -12.63 -43.74
CA LEU A 674 38.95 -13.29 -44.05
C LEU A 674 40.08 -12.28 -44.11
N GLN A 675 41.20 -12.60 -43.47
CA GLN A 675 42.40 -11.77 -43.51
C GLN A 675 43.53 -12.46 -44.26
N LEU A 676 44.55 -11.69 -44.62
CA LEU A 676 45.81 -12.22 -45.16
C LEU A 676 46.96 -11.43 -44.54
N PHE A 677 47.72 -12.10 -43.68
CA PHE A 677 48.75 -11.45 -42.84
C PHE A 677 48.13 -10.34 -42.00
N ASN A 678 47.00 -10.65 -41.35
CA ASN A 678 46.21 -9.68 -40.59
C ASN A 678 45.70 -8.46 -41.38
N LYS A 679 45.67 -8.58 -42.70
CA LYS A 679 45.04 -7.59 -43.56
C LYS A 679 43.75 -8.17 -44.13
N VAL A 680 42.64 -7.51 -43.82
CA VAL A 680 41.31 -7.96 -44.24
C VAL A 680 41.20 -8.02 -45.77
N VAL A 681 40.77 -9.18 -46.27
CA VAL A 681 40.58 -9.39 -47.71
C VAL A 681 39.23 -8.82 -48.15
N ARG A 682 39.28 -7.97 -49.18
CA ARG A 682 38.11 -7.26 -49.67
C ARG A 682 37.71 -7.75 -51.06
N PRO A 683 36.42 -7.65 -51.42
CA PRO A 683 36.00 -7.99 -52.78
C PRO A 683 36.62 -7.04 -53.81
N ASP A 684 37.24 -7.61 -54.83
CA ASP A 684 37.92 -6.87 -55.92
C ASP A 684 39.15 -6.08 -55.46
N ASP A 685 39.80 -6.54 -54.40
CA ASP A 685 40.99 -5.87 -53.89
C ASP A 685 42.24 -6.23 -54.71
N GLU A 686 43.40 -5.74 -54.26
CA GLU A 686 44.67 -5.96 -54.96
C GLU A 686 45.20 -7.39 -54.83
N THR A 687 44.79 -8.09 -53.76
CA THR A 687 45.17 -9.50 -53.57
C THR A 687 44.51 -10.39 -54.62
N GLY A 688 43.32 -9.99 -55.06
CA GLY A 688 42.60 -10.67 -56.13
C GLY A 688 41.94 -11.98 -55.71
N ILE A 689 42.03 -12.28 -54.42
CA ILE A 689 41.48 -13.52 -53.87
C ILE A 689 39.95 -13.48 -53.87
N LEU A 690 39.38 -12.39 -53.35
CA LEU A 690 37.94 -12.22 -53.32
C LEU A 690 37.45 -11.31 -54.45
N THR A 691 36.38 -11.75 -55.11
CA THR A 691 35.66 -10.94 -56.09
C THR A 691 34.23 -10.74 -55.59
N LYS A 692 33.70 -11.77 -54.95
CA LYS A 692 32.47 -11.68 -54.17
C LYS A 692 32.86 -11.52 -52.70
N ASN A 693 31.86 -11.34 -51.83
CA ASN A 693 32.07 -11.33 -50.39
C ASN A 693 32.48 -12.73 -49.91
N ILE A 694 33.16 -12.79 -48.77
CA ILE A 694 33.64 -14.07 -48.22
C ILE A 694 32.49 -15.04 -47.89
N SER A 695 31.34 -14.50 -47.50
CA SER A 695 30.14 -15.29 -47.25
C SER A 695 29.51 -15.78 -48.56
N GLU A 696 29.71 -15.01 -49.63
CA GLU A 696 29.22 -15.35 -50.96
C GLU A 696 30.13 -16.38 -51.64
N THR A 697 31.42 -16.31 -51.34
CA THR A 697 32.44 -17.12 -52.01
C THR A 697 32.43 -18.58 -51.55
N LYS A 698 32.51 -19.49 -52.51
CA LYS A 698 32.51 -20.93 -52.24
C LYS A 698 33.91 -21.53 -52.37
N SER A 699 34.77 -20.90 -53.18
CA SER A 699 36.14 -21.37 -53.37
C SER A 699 37.12 -20.23 -53.61
N ILE A 700 38.28 -20.33 -52.95
CA ILE A 700 39.36 -19.35 -53.10
C ILE A 700 40.67 -20.02 -53.52
N THR A 701 41.51 -19.26 -54.20
CA THR A 701 42.81 -19.76 -54.64
C THR A 701 43.94 -18.87 -54.11
N LEU A 702 44.80 -19.44 -53.30
CA LEU A 702 45.91 -18.71 -52.68
C LEU A 702 47.23 -18.93 -53.43
N LYS A 703 47.85 -17.83 -53.82
CA LYS A 703 49.10 -17.86 -54.57
C LYS A 703 50.29 -18.16 -53.65
N SER A 704 51.44 -18.43 -54.26
CA SER A 704 52.65 -18.88 -53.54
C SER A 704 53.05 -18.00 -52.35
N TRP A 705 52.95 -16.69 -52.51
CA TRP A 705 53.34 -15.74 -51.47
C TRP A 705 52.22 -15.39 -50.51
N GLN A 706 51.09 -16.07 -50.67
CA GLN A 706 49.95 -15.89 -49.78
C GLN A 706 49.80 -17.12 -48.89
N THR A 707 50.49 -17.09 -47.76
CA THR A 707 50.67 -18.26 -46.89
C THR A 707 49.85 -18.23 -45.59
N ALA A 708 49.74 -17.04 -44.99
CA ALA A 708 49.04 -16.91 -43.71
C ALA A 708 47.70 -16.19 -43.84
N PHE A 709 46.68 -16.77 -43.21
CA PHE A 709 45.33 -16.23 -43.24
C PHE A 709 44.54 -16.62 -42.00
N SER A 710 43.52 -15.82 -41.68
CA SER A 710 42.64 -16.12 -40.56
C SER A 710 41.17 -16.01 -41.00
N ILE A 711 40.36 -16.97 -40.54
CA ILE A 711 38.97 -17.08 -40.95
C ILE A 711 38.03 -16.86 -39.77
N GLU A 712 37.25 -15.77 -39.84
CA GLU A 712 36.26 -15.46 -38.83
C GLU A 712 34.88 -15.92 -39.28
N PHE A 713 34.09 -16.43 -38.34
CA PHE A 713 32.74 -16.91 -38.62
C PHE A 713 31.80 -16.62 -37.45
N VAL A 714 30.50 -16.61 -37.74
CA VAL A 714 29.49 -16.28 -36.75
C VAL A 714 28.22 -17.12 -36.94
N VAL A 715 27.45 -17.27 -35.86
CA VAL A 715 26.13 -17.87 -35.92
C VAL A 715 25.11 -16.91 -35.31
N SER A 716 23.95 -16.79 -35.95
CA SER A 716 22.93 -15.85 -35.50
C SER A 716 21.84 -16.53 -34.67
N ASN A 717 22.18 -16.82 -33.42
CA ASN A 717 21.26 -17.44 -32.47
C ASN A 717 20.97 -16.44 -31.35
N TYR A 718 19.87 -15.73 -31.48
CA TYR A 718 19.52 -14.65 -30.55
C TYR A 718 18.92 -15.16 -29.25
N ILE A 719 18.53 -16.43 -29.23
CA ILE A 719 18.06 -17.09 -28.02
C ILE A 719 19.25 -17.53 -27.17
N SER A 720 20.22 -18.19 -27.81
CA SER A 720 21.44 -18.62 -27.13
C SER A 720 22.40 -17.47 -26.88
N GLY A 721 22.23 -16.38 -27.63
CA GLY A 721 23.06 -15.19 -27.47
C GLY A 721 24.49 -15.41 -27.93
N GLN A 722 25.42 -15.28 -26.99
CA GLN A 722 26.85 -15.46 -27.28
C GLN A 722 27.37 -16.79 -26.74
N HIS A 723 26.45 -17.64 -26.30
CA HIS A 723 26.78 -18.96 -25.77
C HIS A 723 26.58 -20.00 -26.83
N ASN A 724 27.61 -20.19 -27.66
CA ASN A 724 27.56 -21.17 -28.75
C ASN A 724 28.88 -21.93 -28.90
N THR A 725 28.81 -23.10 -29.54
CA THR A 725 30.00 -23.91 -29.78
C THR A 725 30.20 -24.16 -31.27
N PHE A 726 31.41 -23.87 -31.75
CA PHE A 726 31.76 -24.06 -33.14
C PHE A 726 32.63 -25.30 -33.32
N ALA A 727 32.41 -26.02 -34.41
CA ALA A 727 33.24 -27.17 -34.77
C ALA A 727 33.86 -26.95 -36.14
N TYR A 728 35.18 -26.86 -36.18
CA TYR A 728 35.89 -26.62 -37.44
C TYR A 728 36.90 -27.72 -37.77
N LYS A 729 37.13 -27.92 -39.06
CA LYS A 729 38.13 -28.86 -39.57
C LYS A 729 38.47 -28.50 -41.01
N LEU A 730 39.77 -28.50 -41.32
CA LEU A 730 40.22 -28.31 -42.69
C LEU A 730 40.46 -29.67 -43.35
N GLU A 731 39.69 -29.94 -44.41
CA GLU A 731 39.74 -31.21 -45.12
C GLU A 731 41.07 -31.36 -45.86
N GLY A 732 41.76 -32.46 -45.60
CA GLY A 732 43.05 -32.73 -46.24
C GLY A 732 44.26 -32.24 -45.45
N TYR A 733 44.01 -31.54 -44.36
CA TYR A 733 45.09 -31.04 -43.49
C TYR A 733 44.90 -31.42 -42.03
N ASP A 734 43.75 -31.06 -41.45
CA ASP A 734 43.45 -31.41 -40.06
C ASP A 734 43.16 -32.89 -39.91
N LYS A 735 43.76 -33.49 -38.88
CA LYS A 735 43.56 -34.92 -38.61
C LYS A 735 42.22 -35.18 -37.92
N GLU A 736 41.70 -34.16 -37.24
CA GLU A 736 40.45 -34.28 -36.48
C GLU A 736 39.69 -32.95 -36.39
N TRP A 737 38.45 -33.03 -35.92
CA TRP A 737 37.64 -31.83 -35.66
C TRP A 737 38.07 -31.16 -34.39
N TYR A 738 38.07 -29.84 -34.40
CA TYR A 738 38.40 -29.04 -33.21
C TYR A 738 37.22 -28.16 -32.82
N TYR A 739 37.10 -27.89 -31.52
CA TYR A 739 35.96 -27.16 -30.99
C TYR A 739 36.34 -25.80 -30.38
N LEU A 740 35.50 -24.80 -30.63
CA LEU A 740 35.69 -23.46 -30.07
C LEU A 740 34.45 -22.98 -29.33
N THR A 741 34.67 -22.25 -28.25
CA THR A 741 33.58 -21.69 -27.45
C THR A 741 33.80 -20.20 -27.17
N ASP A 742 35.06 -19.81 -27.01
CA ASP A 742 35.43 -18.42 -26.74
C ASP A 742 35.69 -17.64 -28.03
N SER A 743 36.51 -18.22 -28.91
CA SER A 743 36.93 -17.55 -30.14
C SER A 743 36.07 -17.94 -31.35
N ARG A 744 36.29 -17.22 -32.45
CA ARG A 744 35.58 -17.43 -33.70
C ARG A 744 36.56 -17.36 -34.88
N THR A 745 37.84 -17.14 -34.56
CA THR A 745 38.88 -16.96 -35.56
C THR A 745 39.82 -18.16 -35.61
N VAL A 746 40.09 -18.65 -36.83
CA VAL A 746 40.99 -19.77 -37.05
C VAL A 746 42.11 -19.35 -37.99
N SER A 747 43.36 -19.55 -37.53
CA SER A 747 44.54 -19.16 -38.31
C SER A 747 45.30 -20.38 -38.83
N TYR A 748 45.73 -20.28 -40.09
CA TYR A 748 46.58 -21.29 -40.72
C TYR A 748 47.82 -20.62 -41.35
N SER A 749 48.87 -21.41 -41.53
CA SER A 749 50.13 -20.89 -42.07
C SER A 749 50.93 -21.95 -42.82
N ASN A 750 51.65 -21.50 -43.85
CA ASN A 750 52.56 -22.34 -44.64
C ASN A 750 51.99 -23.70 -45.03
N LEU A 751 50.81 -23.71 -45.63
CA LEU A 751 50.17 -24.95 -46.06
C LEU A 751 50.81 -25.50 -47.33
N PRO A 752 50.84 -26.84 -47.48
CA PRO A 752 51.33 -27.46 -48.71
C PRO A 752 50.37 -27.24 -49.88
N GLN A 753 50.87 -27.36 -51.10
CA GLN A 753 50.05 -27.20 -52.31
C GLN A 753 48.94 -28.25 -52.38
N GLY A 754 47.83 -27.88 -53.00
CA GLY A 754 46.68 -28.78 -53.14
C GLY A 754 45.38 -28.14 -52.72
N THR A 755 44.28 -28.87 -52.91
CA THR A 755 42.94 -28.37 -52.63
C THR A 755 42.43 -28.86 -51.27
N TYR A 756 41.99 -27.91 -50.45
CA TYR A 756 41.49 -28.19 -49.11
C TYR A 756 40.07 -27.64 -48.94
N GLN A 757 39.31 -28.25 -48.05
CA GLN A 757 37.94 -27.81 -47.78
C GLN A 757 37.73 -27.46 -46.31
N PHE A 758 37.44 -26.19 -46.03
CA PHE A 758 37.14 -25.75 -44.68
C PHE A 758 35.67 -26.02 -44.36
N LEU A 759 35.42 -26.59 -43.19
CA LEU A 759 34.07 -26.94 -42.76
C LEU A 759 33.81 -26.45 -41.35
N VAL A 760 32.60 -25.94 -41.10
CA VAL A 760 32.23 -25.41 -39.78
C VAL A 760 30.75 -25.64 -39.41
N LYS A 761 30.53 -26.18 -38.22
CA LYS A 761 29.19 -26.47 -37.69
C LYS A 761 28.86 -25.54 -36.52
N ALA A 762 27.57 -25.49 -36.16
CA ALA A 762 27.11 -24.62 -35.07
C ALA A 762 26.30 -25.37 -34.02
N ALA A 763 26.66 -25.18 -32.75
CA ALA A 763 25.93 -25.74 -31.62
C ALA A 763 25.40 -24.63 -30.73
N ASN A 764 24.11 -24.70 -30.38
CA ASN A 764 23.51 -23.73 -29.47
C ASN A 764 23.90 -23.97 -28.02
N SER A 765 23.50 -23.06 -27.14
CA SER A 765 23.79 -23.15 -25.71
C SER A 765 23.34 -24.48 -25.10
N ASP A 766 22.24 -25.03 -25.62
CA ASP A 766 21.69 -26.30 -25.16
C ASP A 766 22.50 -27.51 -25.62
N GLY A 767 23.22 -27.36 -26.73
CA GLY A 767 24.09 -28.43 -27.24
C GLY A 767 23.58 -29.12 -28.50
N LYS A 768 22.51 -28.57 -29.08
CA LYS A 768 21.96 -29.10 -30.32
C LYS A 768 22.79 -28.62 -31.51
N TRP A 769 23.09 -29.55 -32.42
CA TRP A 769 23.98 -29.26 -33.55
C TRP A 769 23.26 -28.95 -34.84
N ASN A 770 23.91 -28.16 -35.68
CA ASN A 770 23.48 -27.98 -37.06
C ASN A 770 24.15 -29.06 -37.92
N PRO A 771 23.36 -30.03 -38.41
CA PRO A 771 23.89 -31.21 -39.10
C PRO A 771 24.65 -30.90 -40.39
N ILE A 772 24.28 -29.80 -41.05
CA ILE A 772 24.93 -29.39 -42.29
C ILE A 772 25.97 -28.28 -42.02
N PRO A 773 27.24 -28.55 -42.36
CA PRO A 773 28.31 -27.57 -42.15
C PRO A 773 28.44 -26.57 -43.30
N THR A 774 29.03 -25.41 -43.01
CA THR A 774 29.31 -24.40 -44.03
C THR A 774 30.67 -24.72 -44.68
N ALA A 775 30.69 -24.74 -46.00
CA ALA A 775 31.87 -25.16 -46.75
C ALA A 775 32.56 -24.02 -47.49
N LEU A 776 33.89 -23.98 -47.38
CA LEU A 776 34.71 -23.05 -48.15
C LEU A 776 35.95 -23.77 -48.66
N GLU A 777 36.10 -23.80 -49.98
CA GLU A 777 37.21 -24.50 -50.62
C GLU A 777 38.45 -23.62 -50.74
N ILE A 778 39.60 -24.16 -50.32
CA ILE A 778 40.87 -23.44 -50.38
C ILE A 778 41.84 -24.21 -51.28
N ILE A 779 42.33 -23.52 -52.32
CA ILE A 779 43.31 -24.10 -53.23
C ILE A 779 44.66 -23.43 -53.01
N VAL A 780 45.65 -24.23 -52.62
CA VAL A 780 47.01 -23.74 -52.42
C VAL A 780 47.86 -24.07 -53.65
N LEU A 781 48.42 -23.02 -54.25
CA LEU A 781 49.23 -23.16 -55.46
C LEU A 781 50.66 -23.60 -55.13
N PRO A 782 51.30 -24.34 -56.06
CA PRO A 782 52.69 -24.78 -55.89
C PRO A 782 53.66 -23.61 -55.71
N ILE A 783 54.74 -23.85 -54.96
CA ILE A 783 55.73 -22.81 -54.69
C ILE A 783 57.09 -23.21 -55.27
N GLN B 28 37.31 13.99 1.23
CA GLN B 28 36.40 13.30 0.27
C GLN B 28 37.17 12.29 -0.57
N ILE B 29 36.86 11.01 -0.37
CA ILE B 29 37.58 9.91 -1.03
C ILE B 29 36.61 8.92 -1.69
N THR B 30 36.78 8.71 -2.99
CA THR B 30 35.99 7.73 -3.74
C THR B 30 36.87 6.71 -4.46
N PHE B 31 36.35 5.50 -4.61
CA PHE B 31 37.10 4.38 -5.19
C PHE B 31 36.61 3.99 -6.59
N SER B 32 37.51 3.40 -7.36
CA SER B 32 37.16 2.73 -8.61
C SER B 32 36.94 1.24 -8.32
N TYR B 33 36.20 0.56 -9.18
CA TYR B 33 35.84 -0.85 -8.95
C TYR B 33 36.51 -1.77 -9.97
N ILE B 34 37.20 -2.80 -9.48
CA ILE B 34 37.76 -3.85 -10.32
C ILE B 34 37.37 -5.22 -9.75
N SER B 35 36.51 -5.93 -10.46
CA SER B 35 35.98 -7.21 -9.99
C SER B 35 35.90 -8.24 -11.13
N ILE B 36 35.01 -9.22 -10.96
CA ILE B 36 34.85 -10.32 -11.93
C ILE B 36 34.56 -9.80 -13.34
N ASN B 37 33.65 -8.83 -13.43
CA ASN B 37 33.27 -8.22 -14.71
C ASN B 37 34.41 -7.45 -15.37
N GLU B 38 35.45 -7.17 -14.60
CA GLU B 38 36.63 -6.46 -15.08
C GLU B 38 37.74 -7.42 -15.51
N GLY B 39 37.57 -8.70 -15.18
CA GLY B 39 38.53 -9.73 -15.58
C GLY B 39 39.19 -10.45 -14.41
N LEU B 40 38.80 -10.10 -13.19
CA LEU B 40 39.33 -10.72 -11.99
C LEU B 40 38.73 -12.13 -11.82
N SER B 41 39.58 -13.07 -11.45
CA SER B 41 39.20 -14.49 -11.34
C SER B 41 38.25 -14.78 -10.18
N GLN B 42 38.60 -14.25 -9.01
CA GLN B 42 37.80 -14.45 -7.80
C GLN B 42 37.83 -13.20 -6.93
N SER B 43 36.72 -12.93 -6.23
CA SER B 43 36.52 -11.66 -5.51
C SER B 43 37.44 -11.42 -4.30
N THR B 44 37.84 -12.50 -3.62
CA THR B 44 38.68 -12.39 -2.44
C THR B 44 40.13 -12.13 -2.80
N VAL B 45 40.65 -10.96 -2.39
CA VAL B 45 42.05 -10.62 -2.63
C VAL B 45 42.82 -10.63 -1.30
N PHE B 46 43.59 -11.70 -1.10
CA PHE B 46 44.34 -11.90 0.14
C PHE B 46 45.59 -11.02 0.23
N SER B 47 46.37 -10.99 -0.85
CA SER B 47 47.64 -10.28 -0.86
C SER B 47 47.88 -9.53 -2.17
N ILE B 48 48.48 -8.35 -2.07
CA ILE B 48 48.75 -7.50 -3.24
C ILE B 48 50.22 -7.08 -3.28
N ASP B 49 50.83 -7.16 -4.47
CA ASP B 49 52.22 -6.76 -4.68
C ASP B 49 52.45 -6.30 -6.12
N GLN B 50 53.54 -5.58 -6.34
CA GLN B 50 53.92 -5.12 -7.67
C GLN B 50 55.35 -5.57 -8.02
N ASP B 51 55.55 -5.98 -9.27
CA ASP B 51 56.86 -6.46 -9.71
C ASP B 51 57.72 -5.35 -10.32
N LYS B 52 58.95 -5.72 -10.69
CA LYS B 52 59.92 -4.79 -11.28
C LYS B 52 59.47 -4.20 -12.62
N ARG B 53 58.57 -4.92 -13.30
CA ARG B 53 58.00 -4.46 -14.57
C ARG B 53 56.94 -3.39 -14.35
N GLY B 54 56.27 -3.44 -13.21
CA GLY B 54 55.18 -2.51 -12.88
C GLY B 54 53.83 -3.18 -12.82
N ASN B 55 53.79 -4.46 -13.16
CA ASN B 55 52.55 -5.24 -13.15
C ASN B 55 52.06 -5.52 -11.73
N MET B 56 50.75 -5.41 -11.55
CA MET B 56 50.12 -5.70 -10.25
C MET B 56 49.83 -7.19 -10.09
N TRP B 57 49.98 -7.67 -8.86
CA TRP B 57 49.73 -9.07 -8.54
C TRP B 57 48.71 -9.21 -7.44
N PHE B 58 47.75 -10.11 -7.64
CA PHE B 58 46.68 -10.34 -6.68
C PHE B 58 46.50 -11.83 -6.41
N ALA B 59 46.55 -12.20 -5.13
CA ALA B 59 46.30 -13.57 -4.71
C ALA B 59 44.83 -13.74 -4.33
N THR B 60 44.14 -14.62 -5.05
CA THR B 60 42.72 -14.87 -4.80
C THR B 60 42.49 -16.28 -4.26
N TYR B 61 41.26 -16.53 -3.79
CA TYR B 61 40.86 -17.85 -3.32
C TYR B 61 40.82 -18.83 -4.49
N ASP B 62 40.57 -18.30 -5.69
CA ASP B 62 40.54 -19.11 -6.91
C ASP B 62 41.37 -18.45 -8.02
N GLY B 63 42.67 -18.71 -8.01
CA GLY B 63 43.57 -18.23 -9.05
C GLY B 63 44.57 -17.18 -8.60
N VAL B 64 45.52 -16.86 -9.47
CA VAL B 64 46.49 -15.80 -9.25
C VAL B 64 46.39 -14.81 -10.42
N ASN B 65 46.10 -13.55 -10.10
CA ASN B 65 45.83 -12.54 -11.14
C ASN B 65 46.98 -11.58 -11.39
N LYS B 66 47.35 -11.43 -12.66
CA LYS B 66 48.35 -10.45 -13.08
C LYS B 66 47.67 -9.37 -13.90
N TYR B 67 47.85 -8.12 -13.47
CA TYR B 67 47.23 -6.96 -14.12
C TYR B 67 48.31 -5.96 -14.53
N ASP B 68 48.32 -5.61 -15.81
CA ASP B 68 49.36 -4.73 -16.38
C ASP B 68 48.86 -3.31 -16.67
N GLY B 69 47.60 -3.03 -16.38
CA GLY B 69 47.01 -1.72 -16.65
C GLY B 69 46.02 -1.72 -17.81
N TYR B 70 45.86 -2.89 -18.44
CA TYR B 70 44.95 -3.05 -19.56
C TYR B 70 44.20 -4.38 -19.49
N ALA B 71 44.94 -5.47 -19.26
CA ALA B 71 44.37 -6.81 -19.28
C ALA B 71 44.78 -7.66 -18.09
N PHE B 72 43.93 -8.66 -17.77
CA PHE B 72 44.22 -9.63 -16.72
C PHE B 72 44.88 -10.87 -17.29
N THR B 73 45.80 -11.45 -16.52
CA THR B 73 46.44 -12.70 -16.88
C THR B 73 46.26 -13.67 -15.71
N VAL B 74 45.20 -14.48 -15.77
CA VAL B 74 44.86 -15.41 -14.71
C VAL B 74 45.68 -16.69 -14.82
N TYR B 75 46.38 -17.03 -13.73
CA TYR B 75 47.16 -18.26 -13.65
C TYR B 75 46.48 -19.26 -12.72
N GLN B 76 46.09 -20.40 -13.28
CA GLN B 76 45.43 -21.45 -12.52
C GLN B 76 46.10 -22.80 -12.77
N HIS B 77 45.87 -23.75 -11.87
CA HIS B 77 46.51 -25.07 -11.95
C HIS B 77 45.97 -25.91 -13.07
N ASN B 78 46.90 -26.60 -13.74
CA ASN B 78 46.55 -27.58 -14.77
C ASN B 78 47.14 -28.93 -14.38
N GLU B 79 46.31 -29.97 -14.45
CA GLU B 79 46.73 -31.32 -14.10
C GLU B 79 47.65 -31.94 -15.16
N ASP B 80 47.51 -31.48 -16.41
CA ASP B 80 48.31 -31.98 -17.52
C ASP B 80 49.58 -31.16 -17.75
N ASP B 81 49.51 -29.86 -17.46
CA ASP B 81 50.65 -28.96 -17.61
C ASP B 81 51.33 -28.69 -16.27
N PRO B 82 52.58 -29.14 -16.12
CA PRO B 82 53.35 -28.92 -14.89
C PRO B 82 53.83 -27.46 -14.74
N ASN B 83 53.84 -26.73 -15.84
CA ASN B 83 54.30 -25.33 -15.86
C ASN B 83 53.35 -24.35 -15.18
N SER B 84 52.12 -24.80 -14.94
CA SER B 84 51.11 -24.00 -14.26
C SER B 84 51.38 -23.88 -12.76
N ILE B 85 50.64 -23.00 -12.10
CA ILE B 85 50.70 -22.85 -10.64
C ILE B 85 50.29 -24.16 -9.95
N ALA B 86 50.82 -24.41 -8.77
CA ALA B 86 50.57 -25.65 -8.02
C ALA B 86 49.09 -25.84 -7.64
N ASN B 87 48.46 -24.77 -7.18
CA ASN B 87 47.04 -24.81 -6.77
C ASN B 87 46.34 -23.47 -6.99
N ASP B 88 45.02 -23.53 -7.19
CA ASP B 88 44.20 -22.34 -7.41
C ASP B 88 44.03 -21.49 -6.15
N ILE B 89 44.13 -22.13 -4.98
CA ILE B 89 44.01 -21.43 -3.71
C ILE B 89 45.36 -20.83 -3.28
N SER B 90 45.52 -19.54 -3.51
CA SER B 90 46.70 -18.80 -3.11
C SER B 90 46.37 -17.86 -1.95
N ARG B 91 47.35 -17.63 -1.07
CA ARG B 91 47.10 -16.87 0.15
C ARG B 91 48.05 -15.69 0.34
N ILE B 92 49.25 -15.78 -0.22
CA ILE B 92 50.25 -14.71 -0.08
C ILE B 92 51.09 -14.51 -1.35
N VAL B 93 51.42 -13.25 -1.62
CA VAL B 93 52.33 -12.89 -2.71
C VAL B 93 53.36 -11.86 -2.22
N LYS B 94 54.63 -12.13 -2.49
CA LYS B 94 55.72 -11.25 -2.08
C LYS B 94 56.79 -11.14 -3.15
N THR B 95 57.22 -9.91 -3.44
CA THR B 95 58.28 -9.65 -4.40
C THR B 95 59.54 -9.22 -3.67
N ASP B 96 60.65 -9.90 -3.98
CA ASP B 96 61.94 -9.67 -3.30
C ASP B 96 62.71 -8.46 -3.86
N SER B 97 63.98 -8.37 -3.48
CA SER B 97 64.86 -7.28 -3.92
C SER B 97 65.22 -7.37 -5.41
N GLN B 98 65.33 -8.60 -5.91
CA GLN B 98 65.70 -8.85 -7.30
C GLN B 98 64.54 -8.60 -8.27
N GLY B 99 63.32 -8.65 -7.75
CA GLY B 99 62.11 -8.43 -8.55
C GLY B 99 61.39 -9.72 -8.89
N ARG B 100 61.75 -10.80 -8.20
CA ARG B 100 61.15 -12.12 -8.41
C ARG B 100 59.84 -12.24 -7.63
N VAL B 101 58.82 -12.79 -8.29
CA VAL B 101 57.49 -12.91 -7.70
C VAL B 101 57.29 -14.31 -7.10
N TRP B 102 56.89 -14.34 -5.82
CA TRP B 102 56.70 -15.59 -5.09
C TRP B 102 55.28 -15.73 -4.59
N ILE B 103 54.70 -16.91 -4.79
CA ILE B 103 53.30 -17.18 -4.44
C ILE B 103 53.20 -18.27 -3.37
N GLY B 104 52.24 -18.12 -2.46
CA GLY B 104 51.99 -19.10 -1.41
C GLY B 104 50.67 -19.81 -1.58
N THR B 105 50.73 -21.04 -2.09
CA THR B 105 49.54 -21.84 -2.36
C THR B 105 49.29 -22.90 -1.28
N ARG B 106 48.16 -23.59 -1.38
CA ARG B 106 47.83 -24.69 -0.47
C ARG B 106 48.80 -25.87 -0.64
N ASP B 107 49.17 -26.14 -1.89
CA ASP B 107 50.11 -27.24 -2.19
C ASP B 107 51.55 -26.93 -1.82
N GLY B 108 51.88 -25.65 -1.71
CA GLY B 108 53.21 -25.22 -1.29
C GLY B 108 53.63 -23.88 -1.84
N LEU B 109 54.90 -23.80 -2.26
CA LEU B 109 55.49 -22.57 -2.79
C LEU B 109 55.60 -22.62 -4.31
N SER B 110 55.35 -21.49 -4.95
CA SER B 110 55.48 -21.37 -6.40
C SER B 110 56.09 -20.02 -6.79
N ARG B 111 57.04 -20.05 -7.70
CA ARG B 111 57.68 -18.84 -8.21
C ARG B 111 57.33 -18.62 -9.68
N TYR B 112 56.99 -17.38 -10.03
CA TYR B 112 56.76 -17.02 -11.42
C TYR B 112 58.07 -16.68 -12.11
N ASP B 113 58.42 -17.47 -13.12
CA ASP B 113 59.59 -17.22 -13.94
C ASP B 113 59.19 -16.35 -15.12
N GLU B 114 59.54 -15.06 -15.05
CA GLU B 114 59.20 -14.10 -16.09
C GLU B 114 59.91 -14.45 -17.41
N GLU B 115 61.17 -14.88 -17.29
CA GLU B 115 61.99 -15.20 -18.45
C GLU B 115 61.38 -16.32 -19.30
N LYS B 116 60.87 -17.35 -18.65
CA LYS B 116 60.28 -18.48 -19.36
C LYS B 116 58.75 -18.46 -19.36
N ASP B 117 58.18 -17.46 -18.67
CA ASP B 117 56.72 -17.30 -18.53
C ASP B 117 56.05 -18.58 -17.98
N ILE B 118 56.70 -19.18 -16.99
CA ILE B 118 56.22 -20.42 -16.37
C ILE B 118 56.30 -20.34 -14.84
N PHE B 119 55.69 -21.30 -14.16
CA PHE B 119 55.76 -21.41 -12.71
C PHE B 119 56.64 -22.56 -12.26
N GLN B 120 57.45 -22.29 -11.23
CA GLN B 120 58.30 -23.31 -10.62
C GLN B 120 57.71 -23.72 -9.28
N ASN B 121 57.09 -24.90 -9.27
CA ASN B 121 56.37 -25.37 -8.09
C ASN B 121 57.26 -26.14 -7.12
N PHE B 122 57.22 -25.73 -5.86
CA PHE B 122 58.00 -26.36 -4.79
C PHE B 122 57.08 -26.86 -3.68
N PHE B 123 57.39 -28.04 -3.14
CA PHE B 123 56.54 -28.66 -2.12
C PHE B 123 57.36 -29.09 -0.91
N TYR B 124 56.80 -28.85 0.27
CA TYR B 124 57.38 -29.37 1.52
C TYR B 124 56.44 -30.38 2.15
N GLU B 125 56.78 -31.65 2.01
CA GLU B 125 55.94 -32.75 2.51
C GLU B 125 56.38 -33.17 3.91
N LYS B 126 55.43 -33.17 4.83
CA LYS B 126 55.67 -33.61 6.21
C LYS B 126 54.44 -34.33 6.75
N ASN B 127 54.67 -35.53 7.30
CA ASN B 127 53.62 -36.41 7.81
C ASN B 127 52.66 -36.95 6.74
N GLY B 128 53.10 -36.88 5.48
CA GLY B 128 52.31 -37.39 4.36
C GLY B 128 51.86 -36.32 3.37
N LYS B 129 51.38 -35.20 3.90
CA LYS B 129 50.81 -34.13 3.08
C LYS B 129 51.76 -32.95 2.89
N HIS B 130 51.62 -32.26 1.76
CA HIS B 130 52.39 -31.05 1.47
C HIS B 130 51.81 -29.89 2.24
N LEU B 131 52.67 -29.15 2.94
CA LEU B 131 52.23 -28.06 3.80
C LEU B 131 51.93 -26.77 3.02
N GLN B 132 50.96 -26.01 3.52
CA GLN B 132 50.55 -24.75 2.91
C GLN B 132 51.50 -23.61 3.29
N VAL B 133 51.66 -22.65 2.38
CA VAL B 133 52.46 -21.45 2.65
C VAL B 133 51.54 -20.30 3.03
N ASN B 134 51.80 -19.71 4.20
CA ASN B 134 50.99 -18.62 4.72
C ASN B 134 51.65 -17.25 4.56
N GLY B 135 52.99 -17.22 4.66
CA GLY B 135 53.75 -15.98 4.52
C GLY B 135 55.15 -16.20 3.97
N ILE B 136 55.61 -15.23 3.18
CA ILE B 136 56.95 -15.28 2.56
C ILE B 136 57.70 -13.99 2.90
N GLU B 137 58.97 -14.14 3.29
CA GLU B 137 59.82 -12.98 3.58
C GLU B 137 61.28 -13.24 3.18
N GLU B 138 61.95 -12.20 2.71
CA GLU B 138 63.33 -12.30 2.24
C GLU B 138 64.34 -12.15 3.38
N ILE B 139 65.34 -13.04 3.40
CA ILE B 139 66.46 -12.93 4.32
C ILE B 139 67.66 -12.38 3.56
N SER B 140 67.90 -12.93 2.37
CA SER B 140 68.95 -12.48 1.47
C SER B 140 68.54 -12.81 0.03
N PRO B 141 69.23 -12.25 -0.98
CA PRO B 141 68.94 -12.59 -2.38
C PRO B 141 69.07 -14.09 -2.71
N GLU B 142 69.56 -14.88 -1.74
CA GLU B 142 69.75 -16.32 -1.92
C GLU B 142 69.02 -17.16 -0.87
N GLN B 143 68.23 -16.50 -0.02
CA GLN B 143 67.50 -17.17 1.06
C GLN B 143 66.09 -16.61 1.23
N LEU B 144 65.17 -17.45 1.70
CA LEU B 144 63.79 -17.04 1.94
C LEU B 144 63.21 -17.62 3.23
N LEU B 145 62.38 -16.83 3.90
CA LEU B 145 61.69 -17.26 5.12
C LEU B 145 60.24 -17.64 4.80
N ILE B 146 59.89 -18.87 5.14
CA ILE B 146 58.56 -19.42 4.83
C ILE B 146 57.84 -19.86 6.10
N SER B 147 56.58 -19.45 6.24
CA SER B 147 55.76 -19.83 7.38
C SER B 147 54.70 -20.87 7.00
N THR B 148 54.65 -21.95 7.77
CA THR B 148 53.72 -23.05 7.54
C THR B 148 52.80 -23.25 8.75
N PRO B 149 51.66 -23.96 8.58
CA PRO B 149 50.78 -24.29 9.71
C PRO B 149 51.41 -25.23 10.74
N GLU B 150 52.64 -25.68 10.49
CA GLU B 150 53.37 -26.53 11.43
C GLU B 150 54.58 -25.83 12.06
N GLY B 151 55.11 -24.82 11.37
CA GLY B 151 56.25 -24.06 11.87
C GLY B 151 56.86 -23.12 10.86
N LEU B 152 58.18 -22.96 10.92
CA LEU B 152 58.93 -22.06 10.03
C LEU B 152 60.07 -22.80 9.34
N ILE B 153 60.16 -22.65 8.03
CA ILE B 153 61.24 -23.27 7.24
C ILE B 153 61.89 -22.28 6.29
N MET B 154 63.16 -22.54 5.95
CA MET B 154 63.94 -21.67 5.08
C MET B 154 64.12 -22.29 3.70
N PHE B 155 63.88 -21.49 2.66
CA PHE B 155 64.03 -21.95 1.27
C PHE B 155 65.27 -21.35 0.62
N ASP B 156 66.22 -22.21 0.26
CA ASP B 156 67.39 -21.79 -0.49
C ASP B 156 67.00 -21.59 -1.95
N ILE B 157 67.22 -20.38 -2.45
CA ILE B 157 66.86 -20.01 -3.81
C ILE B 157 67.82 -20.65 -4.83
N LYS B 158 69.12 -20.57 -4.54
CA LYS B 158 70.16 -21.10 -5.43
C LYS B 158 70.05 -22.62 -5.60
N GLU B 159 69.73 -23.32 -4.53
CA GLU B 159 69.65 -24.78 -4.54
C GLU B 159 68.23 -25.30 -4.81
N SER B 160 67.26 -24.39 -4.77
CA SER B 160 65.83 -24.70 -5.00
C SER B 160 65.29 -25.80 -4.07
N LYS B 161 65.76 -25.79 -2.83
CA LYS B 161 65.36 -26.78 -1.85
C LYS B 161 65.05 -26.16 -0.48
N PHE B 162 64.25 -26.87 0.32
CA PHE B 162 63.87 -26.41 1.65
C PHE B 162 64.84 -26.88 2.71
N ILE B 163 65.18 -25.98 3.64
CA ILE B 163 66.01 -26.31 4.79
C ILE B 163 65.20 -26.14 6.08
N ASP B 164 65.02 -27.25 6.80
CA ASP B 164 64.24 -27.27 8.04
C ASP B 164 65.12 -27.39 9.29
N ASP B 165 66.38 -27.77 9.08
CA ASP B 165 67.33 -27.91 10.18
C ASP B 165 68.29 -26.71 10.28
N SER B 166 67.73 -25.51 10.12
CA SER B 166 68.51 -24.28 10.16
C SER B 166 68.18 -23.40 11.37
N PHE B 167 66.92 -23.42 11.79
CA PHE B 167 66.46 -22.61 12.91
C PHE B 167 66.57 -23.34 14.23
N SER B 168 66.62 -22.58 15.33
CA SER B 168 66.61 -23.14 16.68
C SER B 168 65.26 -23.81 16.97
N THR B 169 65.27 -24.78 17.89
CA THR B 169 64.08 -25.59 18.20
C THR B 169 62.86 -24.74 18.58
N ALA B 170 63.10 -23.70 19.38
CA ALA B 170 62.04 -22.77 19.79
C ALA B 170 61.49 -21.95 18.62
N MET B 171 62.36 -21.64 17.66
CA MET B 171 61.99 -20.85 16.48
C MET B 171 61.33 -21.71 15.39
N HIS B 172 61.79 -22.95 15.27
CA HIS B 172 61.36 -23.85 14.20
C HIS B 172 59.92 -24.27 14.29
N LYS B 173 59.43 -24.47 15.51
CA LYS B 173 58.05 -24.94 15.73
C LYS B 173 57.06 -23.81 16.02
N THR B 174 57.43 -22.58 15.65
CA THR B 174 56.59 -21.41 15.87
C THR B 174 55.59 -21.23 14.73
N ILE B 175 54.31 -21.15 15.09
CA ILE B 175 53.23 -20.94 14.12
C ILE B 175 53.14 -19.45 13.79
N ALA B 176 53.68 -19.08 12.63
CA ALA B 176 53.69 -17.69 12.20
C ALA B 176 52.52 -17.37 11.27
N SER B 177 51.82 -16.28 11.58
CA SER B 177 50.67 -15.83 10.81
C SER B 177 51.02 -14.67 9.89
N THR B 178 52.03 -13.89 10.28
CA THR B 178 52.49 -12.75 9.48
C THR B 178 54.01 -12.55 9.57
N LEU B 179 54.60 -12.08 8.49
CA LEU B 179 56.04 -11.82 8.42
C LEU B 179 56.32 -10.44 7.82
N TYR B 180 57.21 -9.68 8.47
CA TYR B 180 57.53 -8.31 8.06
C TYR B 180 58.99 -7.97 8.34
N ARG B 181 59.69 -7.45 7.32
CA ARG B 181 61.10 -7.11 7.43
C ARG B 181 61.31 -5.59 7.47
N GLN B 182 62.25 -5.16 8.31
CA GLN B 182 62.64 -3.75 8.39
C GLN B 182 64.16 -3.64 8.47
N GLY B 183 64.80 -3.56 7.31
CA GLY B 183 66.26 -3.44 7.22
C GLY B 183 66.98 -4.71 7.63
N ASP B 184 67.39 -4.78 8.89
CA ASP B 184 68.13 -5.93 9.42
C ASP B 184 67.22 -6.94 10.10
N GLN B 185 66.16 -6.45 10.75
CA GLN B 185 65.28 -7.29 11.56
C GLN B 185 64.01 -7.72 10.83
N ILE B 186 63.63 -8.98 11.05
CA ILE B 186 62.36 -9.52 10.55
C ILE B 186 61.45 -9.82 11.74
N TYR B 187 60.29 -9.17 11.76
CA TYR B 187 59.34 -9.31 12.86
C TYR B 187 58.31 -10.40 12.58
N ILE B 188 58.07 -11.24 13.58
CA ILE B 188 57.21 -12.41 13.44
C ILE B 188 55.98 -12.32 14.34
N GLY B 189 54.80 -12.36 13.72
CA GLY B 189 53.53 -12.38 14.46
C GLY B 189 52.96 -13.78 14.53
N THR B 190 52.68 -14.23 15.75
CA THR B 190 52.16 -15.59 15.97
C THR B 190 50.68 -15.63 16.35
N SER B 191 50.11 -16.84 16.35
CA SER B 191 48.69 -17.06 16.60
C SER B 191 48.27 -16.78 18.05
N THR B 192 49.18 -17.06 18.99
CA THR B 192 48.87 -16.94 20.42
C THR B 192 50.04 -16.40 21.24
N ASP B 193 51.26 -16.62 20.74
CA ASP B 193 52.48 -16.28 21.49
C ASP B 193 52.94 -14.82 21.39
N GLY B 194 52.10 -13.96 20.83
CA GLY B 194 52.40 -12.53 20.75
C GLY B 194 53.31 -12.18 19.59
N LEU B 195 54.35 -11.39 19.89
CA LEU B 195 55.26 -10.89 18.86
C LEU B 195 56.72 -11.27 19.12
N TYR B 196 57.43 -11.59 18.04
CA TYR B 196 58.86 -11.92 18.09
C TYR B 196 59.66 -11.14 17.04
N THR B 197 60.97 -11.07 17.22
CA THR B 197 61.86 -10.42 16.27
C THR B 197 63.09 -11.29 15.95
N TYR B 198 63.58 -11.18 14.71
CA TYR B 198 64.72 -11.96 14.26
C TYR B 198 65.74 -11.11 13.50
N SER B 199 66.93 -11.01 14.08
CA SER B 199 68.05 -10.33 13.43
C SER B 199 68.74 -11.28 12.45
N ILE B 200 69.05 -10.78 11.26
CA ILE B 200 69.72 -11.58 10.23
C ILE B 200 71.22 -11.71 10.52
N THR B 201 71.83 -10.61 10.93
CA THR B 201 73.27 -10.56 11.23
C THR B 201 73.63 -11.40 12.47
N GLN B 202 72.90 -11.16 13.55
CA GLN B 202 73.18 -11.81 14.83
C GLN B 202 72.52 -13.18 14.97
N LYS B 203 71.53 -13.45 14.11
CA LYS B 203 70.76 -14.70 14.12
C LYS B 203 70.13 -14.98 15.49
N THR B 204 69.50 -13.95 16.04
CA THR B 204 68.89 -14.02 17.37
C THR B 204 67.36 -13.98 17.30
N PHE B 205 66.73 -14.73 18.20
CA PHE B 205 65.27 -14.84 18.25
C PHE B 205 64.77 -14.42 19.63
N GLU B 206 64.13 -13.26 19.70
CA GLU B 206 63.67 -12.68 20.97
C GLU B 206 62.24 -12.15 20.90
N LYS B 207 61.57 -12.14 22.04
CA LYS B 207 60.19 -11.66 22.15
C LYS B 207 60.13 -10.15 22.36
N VAL B 208 58.97 -9.57 22.01
CA VAL B 208 58.73 -8.14 22.18
C VAL B 208 57.70 -7.91 23.30
N ILE B 209 56.70 -8.79 23.36
CA ILE B 209 55.61 -8.75 24.34
C ILE B 209 54.75 -7.49 24.18
N THR B 214 47.88 -12.03 23.14
CA THR B 214 47.00 -13.16 23.37
C THR B 214 46.36 -13.67 22.08
N LYS B 215 45.94 -12.74 21.22
CA LYS B 215 45.28 -13.07 19.95
C LYS B 215 46.27 -13.33 18.82
N GLN B 216 45.76 -13.35 17.58
CA GLN B 216 46.57 -13.60 16.39
C GLN B 216 46.89 -12.31 15.66
N ILE B 217 48.16 -12.14 15.28
CA ILE B 217 48.61 -10.95 14.55
C ILE B 217 48.48 -11.17 13.03
N GLN B 218 48.01 -10.16 12.32
CA GLN B 218 47.74 -10.27 10.89
C GLN B 218 48.63 -9.37 10.02
N ALA B 219 49.02 -8.22 10.55
CA ALA B 219 49.85 -7.26 9.83
C ALA B 219 50.77 -6.48 10.76
N ILE B 220 52.01 -6.29 10.32
CA ILE B 220 53.01 -5.50 11.04
C ILE B 220 53.54 -4.40 10.12
N LEU B 221 53.56 -3.17 10.61
CA LEU B 221 54.08 -2.04 9.84
C LEU B 221 54.75 -1.01 10.74
N GLN B 222 55.94 -0.57 10.33
CA GLN B 222 56.69 0.44 11.10
C GLN B 222 56.65 1.80 10.42
N GLN B 223 56.22 2.81 11.18
CA GLN B 223 56.18 4.19 10.69
C GLN B 223 57.53 4.86 10.88
N SER B 224 58.06 4.75 12.10
CA SER B 224 59.35 5.33 12.46
C SER B 224 60.04 4.43 13.49
N PRO B 225 61.35 4.64 13.74
CA PRO B 225 62.04 3.85 14.78
C PRO B 225 61.40 3.96 16.17
N THR B 226 60.44 4.85 16.32
CA THR B 226 59.71 5.06 17.57
C THR B 226 58.23 4.69 17.46
N ARG B 227 57.81 4.27 16.27
CA ARG B 227 56.40 3.94 16.02
C ARG B 227 56.24 2.67 15.18
N ILE B 228 55.67 1.64 15.81
CA ILE B 228 55.35 0.38 15.11
C ILE B 228 53.88 0.02 15.33
N TRP B 229 53.15 -0.12 14.23
CA TRP B 229 51.73 -0.47 14.26
C TRP B 229 51.52 -1.95 14.09
N VAL B 230 50.61 -2.51 14.88
CA VAL B 230 50.34 -3.95 14.87
C VAL B 230 48.84 -4.23 14.72
N ALA B 231 48.50 -4.99 13.69
CA ALA B 231 47.12 -5.40 13.42
C ALA B 231 46.84 -6.81 13.95
N THR B 232 45.75 -6.95 14.70
CA THR B 232 45.42 -8.22 15.34
C THR B 232 43.98 -8.69 15.12
N GLU B 233 43.74 -9.99 15.34
CA GLU B 233 42.41 -10.58 15.22
C GLU B 233 41.59 -10.37 16.49
N GLY B 234 40.86 -9.25 16.54
CA GLY B 234 39.94 -8.98 17.64
C GLY B 234 40.55 -8.28 18.85
N ALA B 235 41.87 -8.20 18.90
CA ALA B 235 42.56 -7.54 20.00
C ALA B 235 42.74 -6.03 19.75
N GLY B 236 42.51 -5.61 18.51
CA GLY B 236 42.56 -4.20 18.14
C GLY B 236 43.87 -3.78 17.51
N LEU B 237 44.27 -2.53 17.77
CA LEU B 237 45.49 -1.96 17.21
C LEU B 237 46.46 -1.58 18.33
N PHE B 238 47.75 -1.81 18.09
CA PHE B 238 48.78 -1.54 19.08
C PHE B 238 49.92 -0.68 18.52
N LEU B 239 50.18 0.44 19.17
CA LEU B 239 51.31 1.30 18.83
C LEU B 239 52.46 1.04 19.80
N ILE B 240 53.61 0.63 19.24
CA ILE B 240 54.76 0.27 20.06
C ILE B 240 55.96 1.18 19.79
N ASN B 241 56.53 1.70 20.88
CA ASN B 241 57.79 2.43 20.83
C ASN B 241 58.90 1.54 21.39
N PRO B 242 59.63 0.83 20.50
CA PRO B 242 60.62 -0.17 20.91
C PRO B 242 61.80 0.41 21.69
N LYS B 243 62.03 1.70 21.56
CA LYS B 243 63.09 2.41 22.28
C LYS B 243 62.75 2.56 23.76
N THR B 244 61.47 2.67 24.07
CA THR B 244 61.00 2.80 25.46
C THR B 244 60.20 1.57 25.90
N LYS B 245 59.87 0.71 24.94
CA LYS B 245 59.07 -0.51 25.16
C LYS B 245 57.67 -0.24 25.70
N GLU B 246 57.14 0.95 25.40
CA GLU B 246 55.82 1.37 25.84
C GLU B 246 54.77 0.99 24.79
N ILE B 247 53.62 0.51 25.25
CA ILE B 247 52.54 0.06 24.38
C ILE B 247 51.24 0.84 24.59
N LYS B 248 50.52 1.08 23.50
CA LYS B 248 49.24 1.78 23.53
C LYS B 248 48.19 1.04 22.69
N ASN B 249 47.09 0.65 23.32
CA ASN B 249 46.04 -0.13 22.68
C ASN B 249 44.91 0.73 22.11
N TYR B 250 44.43 0.34 20.93
CA TYR B 250 43.29 0.99 20.29
C TYR B 250 42.17 -0.02 20.07
N LEU B 251 40.99 0.28 20.61
CA LEU B 251 39.83 -0.61 20.53
C LEU B 251 38.60 0.08 19.94
N HIS B 252 37.57 -0.72 19.64
CA HIS B 252 36.32 -0.19 19.08
C HIS B 252 35.27 -0.03 20.13
N SER B 253 34.61 1.13 20.10
CA SER B 253 33.42 1.36 20.91
C SER B 253 32.28 1.82 20.01
N PRO B 254 31.11 1.16 20.11
CA PRO B 254 29.94 1.47 19.27
C PRO B 254 29.39 2.88 19.52
N SER B 255 29.65 3.41 20.71
CA SER B 255 29.21 4.75 21.09
C SER B 255 30.02 5.84 20.38
N ASN B 256 31.30 5.57 20.14
CA ASN B 256 32.20 6.53 19.52
C ASN B 256 32.52 6.19 18.06
N PRO B 257 32.01 7.02 17.12
CA PRO B 257 32.31 6.83 15.70
C PRO B 257 33.72 7.30 15.31
N LYS B 258 34.37 8.04 16.22
CA LYS B 258 35.73 8.55 16.00
C LYS B 258 36.79 7.46 16.20
N SER B 259 36.43 6.39 16.90
CA SER B 259 37.32 5.25 17.10
C SER B 259 37.32 4.34 15.88
N ILE B 260 38.19 3.31 15.90
CA ILE B 260 38.24 2.31 14.82
C ILE B 260 36.93 1.54 14.72
N SER B 261 36.62 1.06 13.51
CA SER B 261 35.35 0.41 13.22
C SER B 261 35.24 -1.01 13.77
N SER B 262 36.33 -1.78 13.67
CA SER B 262 36.35 -3.16 14.15
C SER B 262 37.70 -3.56 14.74
N ASN B 263 37.66 -4.39 15.78
CA ASN B 263 38.87 -4.88 16.45
C ASN B 263 39.62 -5.93 15.64
N TYR B 264 38.94 -6.54 14.68
CA TYR B 264 39.54 -7.52 13.78
C TYR B 264 40.21 -6.81 12.59
N ILE B 265 41.53 -6.66 12.68
CA ILE B 265 42.30 -5.96 11.65
C ILE B 265 43.25 -6.92 10.94
N ARG B 266 43.44 -6.72 9.64
CA ARG B 266 44.26 -7.62 8.83
C ARG B 266 45.20 -6.96 7.80
N SER B 267 45.12 -5.64 7.66
CA SER B 267 46.01 -4.92 6.73
C SER B 267 46.40 -3.52 7.18
N LEU B 268 47.67 -3.17 6.95
CA LEU B 268 48.21 -1.85 7.27
C LEU B 268 49.09 -1.34 6.13
N ALA B 269 48.90 -0.08 5.75
CA ALA B 269 49.66 0.53 4.65
C ALA B 269 49.89 2.03 4.82
N MET B 270 50.97 2.53 4.22
CA MET B 270 51.29 3.96 4.24
C MET B 270 51.17 4.54 2.83
N ASP B 271 50.47 5.68 2.72
CA ASP B 271 50.28 6.35 1.43
C ASP B 271 51.40 7.33 1.10
N SER B 272 51.32 7.94 -0.08
CA SER B 272 52.30 8.92 -0.54
C SER B 272 52.27 10.21 0.31
N GLN B 273 51.12 10.49 0.92
CA GLN B 273 50.96 11.67 1.78
C GLN B 273 51.38 11.41 3.23
N ASN B 274 52.06 10.28 3.45
CA ASN B 274 52.57 9.87 4.76
C ASN B 274 51.47 9.70 5.83
N ARG B 275 50.46 8.90 5.49
CA ARG B 275 49.34 8.61 6.38
C ARG B 275 49.12 7.10 6.50
N LEU B 276 48.58 6.68 7.64
CA LEU B 276 48.33 5.25 7.90
C LEU B 276 46.97 4.80 7.35
N TRP B 277 46.96 3.65 6.68
CA TRP B 277 45.75 3.05 6.14
C TRP B 277 45.46 1.75 6.81
N ILE B 278 44.29 1.66 7.43
CA ILE B 278 43.93 0.52 8.27
C ILE B 278 42.74 -0.25 7.68
N GLY B 279 42.98 -1.49 7.29
CA GLY B 279 41.95 -2.33 6.69
C GLY B 279 41.44 -3.36 7.68
N THR B 280 40.17 -3.23 8.05
CA THR B 280 39.55 -4.06 9.08
C THR B 280 38.48 -4.99 8.51
N PHE B 281 37.94 -5.84 9.38
CA PHE B 281 36.85 -6.75 9.04
C PHE B 281 35.58 -5.97 8.70
N ASN B 282 35.44 -4.77 9.27
CA ASN B 282 34.38 -3.85 8.92
C ASN B 282 34.91 -2.46 8.61
N ASP B 283 34.71 -2.04 7.36
CA ASP B 283 35.05 -0.68 6.89
C ASP B 283 36.56 -0.38 6.87
N LEU B 284 36.90 0.81 6.37
CA LEU B 284 38.27 1.28 6.31
C LEU B 284 38.51 2.36 7.35
N ASN B 285 39.68 2.31 7.98
CA ASN B 285 40.07 3.33 8.96
C ASN B 285 41.35 4.06 8.54
N ILE B 286 41.36 5.38 8.78
CA ILE B 286 42.54 6.20 8.51
C ILE B 286 42.86 7.07 9.73
N TYR B 287 44.08 6.92 10.24
CA TYR B 287 44.52 7.63 11.44
C TYR B 287 44.83 9.10 11.15
N HIS B 288 44.40 9.96 12.08
CA HIS B 288 44.75 11.37 12.04
C HIS B 288 45.68 11.68 13.18
N GLU B 289 46.76 12.39 12.88
CA GLU B 289 47.83 12.66 13.85
C GLU B 289 47.42 13.67 14.92
N GLY B 290 46.78 14.75 14.50
CA GLY B 290 46.41 15.85 15.40
C GLY B 290 45.28 15.55 16.36
N THR B 291 44.28 14.81 15.89
CA THR B 291 43.08 14.52 16.68
C THR B 291 43.10 13.13 17.33
N ASP B 292 44.07 12.31 16.95
CA ASP B 292 44.23 10.93 17.45
C ASP B 292 42.99 10.05 17.19
N SER B 293 42.13 10.52 16.29
CA SER B 293 40.91 9.80 15.94
C SER B 293 41.04 9.09 14.58
N PHE B 294 40.02 8.32 14.24
CA PHE B 294 40.01 7.54 12.98
C PHE B 294 38.81 7.91 12.12
N ALA B 295 39.03 7.94 10.80
CA ALA B 295 37.96 8.20 9.85
C ALA B 295 37.46 6.88 9.25
N SER B 296 36.17 6.61 9.46
CA SER B 296 35.56 5.37 8.98
C SER B 296 34.97 5.52 7.58
N TYR B 297 35.46 4.71 6.64
CA TYR B 297 34.95 4.69 5.28
C TYR B 297 34.22 3.37 5.03
N SER B 298 32.89 3.47 4.91
CA SER B 298 32.01 2.30 4.88
C SER B 298 31.55 1.92 3.48
N SER B 299 31.02 0.71 3.36
CA SER B 299 30.41 0.24 2.12
C SER B 299 29.02 0.85 1.97
N ASN B 300 28.90 1.79 1.04
CA ASN B 300 27.65 2.52 0.82
C ASN B 300 27.05 2.24 -0.56
N PRO B 301 25.88 1.58 -0.59
CA PRO B 301 25.17 1.32 -1.85
C PRO B 301 24.51 2.57 -2.43
N VAL B 302 24.10 3.50 -1.55
CA VAL B 302 23.42 4.73 -1.95
C VAL B 302 24.40 5.71 -2.60
N GLU B 303 25.38 6.17 -1.82
CA GLU B 303 26.40 7.08 -2.33
C GLU B 303 27.42 6.31 -3.16
N ASN B 304 27.32 6.45 -4.48
CA ASN B 304 28.19 5.75 -5.41
C ASN B 304 29.61 6.29 -5.38
N GLY B 305 30.57 5.41 -5.63
CA GLY B 305 31.99 5.76 -5.56
C GLY B 305 32.63 5.27 -4.27
N SER B 306 31.79 4.94 -3.29
CA SER B 306 32.24 4.44 -2.00
C SER B 306 32.81 3.01 -2.11
N LEU B 307 33.27 2.49 -0.98
CA LEU B 307 33.89 1.16 -0.91
C LEU B 307 32.96 0.05 -1.41
N SER B 308 33.53 -0.92 -2.12
CA SER B 308 32.76 -1.98 -2.77
C SER B 308 32.22 -3.01 -1.76
N GLN B 309 33.06 -3.43 -0.83
CA GLN B 309 32.66 -4.36 0.23
C GLN B 309 33.09 -3.82 1.59
N ARG B 310 32.56 -4.41 2.65
CA ARG B 310 32.82 -3.96 4.01
C ARG B 310 34.13 -4.50 4.59
N SER B 311 34.54 -5.70 4.18
CA SER B 311 35.74 -6.35 4.74
C SER B 311 37.00 -6.18 3.88
N VAL B 312 37.88 -5.28 4.31
CA VAL B 312 39.17 -5.05 3.66
C VAL B 312 40.18 -6.07 4.18
N ARG B 313 40.98 -6.63 3.28
CA ARG B 313 41.96 -7.66 3.67
C ARG B 313 43.40 -7.35 3.27
N SER B 314 43.58 -6.50 2.28
CA SER B 314 44.92 -6.13 1.82
C SER B 314 44.96 -4.72 1.22
N ILE B 315 45.94 -3.93 1.64
CA ILE B 315 46.15 -2.59 1.11
C ILE B 315 47.59 -2.43 0.62
N PHE B 316 47.75 -1.89 -0.59
CA PHE B 316 49.07 -1.75 -1.21
C PHE B 316 49.19 -0.45 -1.98
N MET B 317 50.35 0.19 -1.87
CA MET B 317 50.66 1.40 -2.63
C MET B 317 51.61 1.07 -3.77
N ASP B 318 51.21 1.40 -4.99
CA ASP B 318 52.06 1.21 -6.16
C ASP B 318 53.10 2.33 -6.28
N SER B 319 53.98 2.21 -7.26
CA SER B 319 55.03 3.21 -7.49
C SER B 319 54.46 4.59 -7.84
N GLN B 320 53.26 4.60 -8.41
CA GLN B 320 52.55 5.84 -8.73
C GLN B 320 51.98 6.52 -7.49
N GLY B 321 51.80 5.74 -6.43
CA GLY B 321 51.24 6.25 -5.18
C GLY B 321 49.78 5.87 -4.95
N GLY B 322 49.17 5.28 -5.98
CA GLY B 322 47.77 4.85 -5.92
C GLY B 322 47.54 3.71 -4.96
N MET B 323 46.51 3.86 -4.12
CA MET B 323 46.20 2.87 -3.09
C MET B 323 45.23 1.81 -3.60
N TRP B 324 45.59 0.55 -3.36
CA TRP B 324 44.77 -0.59 -3.77
C TRP B 324 44.20 -1.27 -2.56
N LEU B 325 42.90 -1.54 -2.59
CA LEU B 325 42.22 -2.21 -1.48
C LEU B 325 41.60 -3.54 -1.90
N GLY B 326 42.12 -4.63 -1.33
CA GLY B 326 41.65 -5.98 -1.65
C GLY B 326 40.65 -6.49 -0.64
N THR B 327 39.39 -6.61 -1.08
CA THR B 327 38.29 -7.06 -0.23
C THR B 327 38.02 -8.56 -0.37
N TYR B 328 37.17 -9.09 0.51
CA TYR B 328 36.86 -10.52 0.53
C TYR B 328 35.76 -10.89 -0.47
N PHE B 329 34.85 -9.96 -0.74
CA PHE B 329 33.73 -10.23 -1.64
C PHE B 329 33.53 -9.18 -2.75
N GLY B 330 34.11 -8.00 -2.57
CA GLY B 330 33.90 -6.88 -3.48
C GLY B 330 34.97 -6.63 -4.52
N GLY B 331 35.95 -7.53 -4.60
CA GLY B 331 37.03 -7.42 -5.57
C GLY B 331 38.11 -6.45 -5.15
N LEU B 332 38.27 -5.38 -5.92
CA LEU B 332 39.33 -4.40 -5.68
C LEU B 332 38.83 -2.96 -5.69
N ASN B 333 39.53 -2.09 -4.96
CA ASN B 333 39.21 -0.67 -4.91
C ASN B 333 40.45 0.21 -5.11
N TYR B 334 40.45 1.00 -6.18
CA TYR B 334 41.57 1.88 -6.52
C TYR B 334 41.25 3.32 -6.19
N TYR B 335 42.24 4.04 -5.65
CA TYR B 335 42.12 5.46 -5.35
C TYR B 335 43.41 6.23 -5.63
N HIS B 336 43.27 7.30 -6.42
CA HIS B 336 44.36 8.25 -6.63
C HIS B 336 43.81 9.65 -6.79
N PRO B 337 44.37 10.62 -6.05
CA PRO B 337 43.93 12.02 -6.06
C PRO B 337 43.74 12.63 -7.45
N ILE B 338 44.58 12.23 -8.40
CA ILE B 338 44.53 12.76 -9.77
C ILE B 338 43.31 12.23 -10.52
N ARG B 339 42.99 10.95 -10.32
CA ARG B 339 41.87 10.31 -11.00
C ARG B 339 40.52 10.82 -10.49
N ASN B 340 40.51 11.37 -9.28
CA ASN B 340 39.35 12.06 -8.72
C ASN B 340 39.08 13.34 -9.49
N ARG B 341 38.33 13.22 -10.59
CA ARG B 341 38.10 14.34 -11.49
C ARG B 341 36.63 14.72 -11.67
N PHE B 342 35.78 13.72 -11.96
CA PHE B 342 34.39 13.99 -12.29
C PHE B 342 33.43 13.55 -11.19
N LYS B 343 32.38 14.34 -11.00
CA LYS B 343 31.30 14.01 -10.08
C LYS B 343 30.01 13.80 -10.88
N ASN B 344 29.27 12.74 -10.56
CA ASN B 344 28.05 12.40 -11.26
C ASN B 344 26.79 12.55 -10.42
N ILE B 345 25.74 13.10 -11.05
CA ILE B 345 24.46 13.31 -10.40
C ILE B 345 23.39 12.47 -11.12
N ARG B 346 22.86 11.47 -10.42
CA ARG B 346 21.87 10.55 -10.98
C ARG B 346 20.62 10.44 -10.13
N ASN B 347 19.60 9.80 -10.67
CA ASN B 347 18.36 9.53 -9.95
C ASN B 347 18.56 8.43 -8.92
N ILE B 348 18.13 8.72 -7.69
CA ILE B 348 18.07 7.71 -6.63
C ILE B 348 16.61 7.56 -6.21
N PRO B 349 16.03 6.35 -6.46
CA PRO B 349 14.64 6.08 -6.10
C PRO B 349 14.42 6.11 -4.59
N TYR B 350 13.26 6.63 -4.18
CA TYR B 350 12.90 6.77 -2.76
C TYR B 350 13.91 7.65 -2.00
N LYS B 351 14.39 8.69 -2.68
CA LYS B 351 15.41 9.60 -2.15
C LYS B 351 15.26 10.96 -2.82
N ASN B 352 15.58 12.01 -2.07
CA ASN B 352 15.56 13.37 -2.61
C ASN B 352 16.71 13.57 -3.61
N SER B 353 16.44 13.22 -4.86
CA SER B 353 17.43 13.27 -5.93
C SER B 353 16.77 13.65 -7.26
N LEU B 354 17.56 13.63 -8.33
CA LEU B 354 17.09 13.92 -9.69
C LEU B 354 15.92 13.02 -10.07
N SER B 355 14.96 13.56 -10.81
CA SER B 355 13.75 12.82 -11.17
C SER B 355 13.98 11.79 -12.28
N ASP B 356 14.59 12.23 -13.38
CA ASP B 356 14.88 11.34 -14.51
C ASP B 356 16.32 11.49 -14.97
N ASN B 357 16.92 10.40 -15.42
CA ASN B 357 18.31 10.38 -15.85
C ASN B 357 18.56 11.02 -17.22
N VAL B 358 17.52 11.06 -18.06
CA VAL B 358 17.62 11.69 -19.38
C VAL B 358 17.45 13.20 -19.22
N VAL B 359 18.59 13.89 -19.19
CA VAL B 359 18.64 15.31 -18.85
C VAL B 359 18.67 16.19 -20.10
N SER B 360 17.85 17.24 -20.11
CA SER B 360 17.86 18.25 -21.16
C SER B 360 18.56 19.53 -20.67
N CYS B 361 17.92 20.67 -20.88
CA CYS B 361 18.52 21.98 -20.59
C CYS B 361 18.81 22.21 -19.09
N ILE B 362 19.91 22.92 -18.83
CA ILE B 362 20.30 23.31 -17.48
C ILE B 362 20.56 24.82 -17.45
N VAL B 363 19.81 25.53 -16.62
CA VAL B 363 19.89 26.99 -16.54
C VAL B 363 20.16 27.43 -15.10
N GLU B 364 21.16 28.31 -14.93
CA GLU B 364 21.48 28.88 -13.63
C GLU B 364 20.82 30.26 -13.49
N ASP B 365 20.20 30.49 -12.33
CA ASP B 365 19.54 31.77 -12.05
C ASP B 365 20.45 32.70 -11.24
N LYS B 366 19.89 33.83 -10.79
CA LYS B 366 20.61 34.81 -9.98
C LYS B 366 21.00 34.24 -8.62
N ASP B 367 20.16 33.33 -8.10
CA ASP B 367 20.40 32.69 -6.82
C ASP B 367 21.44 31.56 -6.89
N LYS B 368 22.03 31.39 -8.07
CA LYS B 368 23.04 30.35 -8.35
C LYS B 368 22.51 28.92 -8.19
N ASN B 369 21.18 28.77 -8.22
CA ASN B 369 20.53 27.47 -8.27
C ASN B 369 20.44 27.00 -9.73
N LEU B 370 20.14 25.73 -9.93
CA LEU B 370 20.06 25.17 -11.28
C LEU B 370 18.67 24.64 -11.62
N TRP B 371 18.15 25.05 -12.77
CA TRP B 371 16.85 24.60 -13.25
C TRP B 371 17.03 23.51 -14.26
N ILE B 372 17.13 22.28 -13.77
CA ILE B 372 17.44 21.12 -14.61
C ILE B 372 16.17 20.55 -15.26
N GLY B 373 16.21 20.40 -16.57
CA GLY B 373 15.11 19.81 -17.32
C GLY B 373 15.36 18.35 -17.62
N THR B 374 14.29 17.55 -17.60
CA THR B 374 14.37 16.13 -17.90
C THR B 374 13.37 15.72 -18.98
N ASN B 375 13.53 14.50 -19.49
CA ASN B 375 12.69 14.00 -20.57
C ASN B 375 11.42 13.31 -20.09
N ASP B 376 11.51 12.63 -18.94
CA ASP B 376 10.40 11.85 -18.43
C ASP B 376 10.07 12.13 -16.96
N GLY B 377 10.83 13.04 -16.35
CA GLY B 377 10.67 13.35 -14.93
C GLY B 377 10.10 14.73 -14.62
N GLY B 378 10.09 15.60 -15.61
CA GLY B 378 9.61 16.97 -15.44
C GLY B 378 10.74 17.96 -15.25
N LEU B 379 10.47 19.03 -14.50
CA LEU B 379 11.46 20.07 -14.24
C LEU B 379 12.00 19.99 -12.81
N ASN B 380 13.33 19.95 -12.69
CA ASN B 380 14.01 19.86 -11.41
C ASN B 380 14.65 21.18 -11.02
N LEU B 381 14.53 21.53 -9.74
CA LEU B 381 15.22 22.68 -9.16
C LEU B 381 16.22 22.17 -8.13
N TYR B 382 17.50 22.43 -8.36
CA TYR B 382 18.57 21.86 -7.54
C TYR B 382 19.46 22.93 -6.90
N ASN B 383 19.64 22.80 -5.59
CA ASN B 383 20.57 23.64 -4.85
C ASN B 383 21.90 22.92 -4.68
N PRO B 384 22.98 23.45 -5.30
CA PRO B 384 24.31 22.85 -5.28
C PRO B 384 24.93 22.74 -3.89
N ILE B 385 24.47 23.57 -2.96
CA ILE B 385 24.98 23.54 -1.59
C ILE B 385 24.14 22.59 -0.72
N THR B 386 22.82 22.76 -0.77
CA THR B 386 21.91 22.04 0.11
C THR B 386 21.58 20.63 -0.38
N GLN B 387 21.91 20.36 -1.64
CA GLN B 387 21.68 19.04 -2.29
C GLN B 387 20.19 18.72 -2.50
N ARG B 388 19.32 19.71 -2.25
CA ARG B 388 17.88 19.51 -2.31
C ARG B 388 17.33 19.58 -3.72
N PHE B 389 16.25 18.84 -3.96
CA PHE B 389 15.57 18.81 -5.25
C PHE B 389 14.10 19.19 -5.14
N THR B 390 13.66 20.05 -6.06
CA THR B 390 12.26 20.44 -6.15
C THR B 390 11.74 20.13 -7.54
N SER B 391 10.87 19.12 -7.64
CA SER B 391 10.35 18.67 -8.92
C SER B 391 9.00 19.29 -9.28
N TYR B 392 8.69 19.29 -10.57
CA TYR B 392 7.39 19.72 -11.09
C TYR B 392 6.93 18.73 -12.16
N THR B 393 5.73 18.19 -11.98
CA THR B 393 5.19 17.19 -12.90
C THR B 393 3.82 17.59 -13.42
N LEU B 394 3.28 16.78 -14.34
CA LEU B 394 1.93 16.98 -14.86
C LEU B 394 0.90 16.50 -13.86
N GLN B 395 -0.02 17.40 -13.48
CA GLN B 395 -1.05 17.07 -12.52
C GLN B 395 -2.41 17.01 -13.20
N GLU B 396 -3.35 16.27 -12.60
CA GLU B 396 -4.69 16.12 -13.15
C GLU B 396 -5.62 17.29 -12.77
N ASP B 397 -5.18 18.50 -13.13
CA ASP B 397 -5.94 19.74 -12.94
C ASP B 397 -6.43 19.95 -11.50
N ALA B 400 -3.92 22.31 -11.52
CA ALA B 400 -3.52 23.70 -11.33
C ALA B 400 -2.00 23.84 -11.25
N ARG B 401 -1.35 22.85 -10.61
CA ARG B 401 0.11 22.80 -10.53
C ARG B 401 0.72 21.95 -11.65
N GLY B 402 -0.12 21.54 -12.59
CA GLY B 402 0.31 20.77 -13.75
C GLY B 402 1.08 21.63 -14.73
N ILE B 403 2.16 21.08 -15.29
CA ILE B 403 3.06 21.85 -16.15
C ILE B 403 2.90 21.54 -17.64
N GLY B 404 1.80 20.89 -17.99
CA GLY B 404 1.49 20.56 -19.39
C GLY B 404 2.10 19.24 -19.84
N SER B 405 3.43 19.12 -19.72
CA SER B 405 4.15 17.91 -20.11
C SER B 405 5.40 17.71 -19.24
N ASN B 406 5.76 16.44 -19.02
CA ASN B 406 6.95 16.11 -18.24
C ASN B 406 8.23 16.06 -19.08
N ASN B 407 8.11 16.50 -20.34
CA ASN B 407 9.23 16.51 -21.26
C ASN B 407 9.73 17.94 -21.50
N ILE B 408 10.67 18.37 -20.67
CA ILE B 408 11.17 19.75 -20.70
C ILE B 408 12.30 19.90 -21.71
N LYS B 409 12.27 21.01 -22.46
CA LYS B 409 13.28 21.29 -23.47
C LYS B 409 13.90 22.68 -23.34
N ALA B 410 13.13 23.65 -22.83
CA ALA B 410 13.60 25.03 -22.71
C ALA B 410 13.17 25.69 -21.39
N VAL B 411 14.12 26.43 -20.80
CA VAL B 411 13.88 27.14 -19.54
C VAL B 411 14.42 28.57 -19.60
N TYR B 412 13.56 29.54 -19.30
CA TYR B 412 13.98 30.93 -19.15
C TYR B 412 13.52 31.50 -17.81
N VAL B 413 14.40 32.26 -17.16
CA VAL B 413 14.11 32.84 -15.85
C VAL B 413 13.92 34.35 -15.95
N ASP B 414 12.68 34.80 -15.73
CA ASP B 414 12.38 36.22 -15.60
C ASP B 414 12.65 36.62 -14.16
N GLU B 415 13.87 37.10 -13.91
CA GLU B 415 14.34 37.39 -12.56
C GLU B 415 13.66 38.62 -11.93
N LYS B 416 13.27 39.57 -12.78
CA LYS B 416 12.62 40.80 -12.33
C LYS B 416 11.18 40.55 -11.88
N LYS B 417 10.48 39.67 -12.60
CA LYS B 417 9.09 39.36 -12.30
C LYS B 417 8.93 38.10 -11.42
N SER B 418 10.06 37.48 -11.07
CA SER B 418 10.10 36.23 -10.30
C SER B 418 9.29 35.12 -10.96
N LEU B 419 9.47 34.97 -12.28
CA LEU B 419 8.74 33.98 -13.07
C LEU B 419 9.69 33.07 -13.84
N VAL B 420 9.22 31.86 -14.13
CA VAL B 420 9.98 30.89 -14.92
C VAL B 420 9.14 30.43 -16.11
N TYR B 421 9.68 30.62 -17.31
CA TYR B 421 9.03 30.20 -18.54
C TYR B 421 9.55 28.84 -18.98
N ILE B 422 8.64 27.87 -19.09
CA ILE B 422 9.01 26.49 -19.39
C ILE B 422 8.55 26.07 -20.79
N GLY B 423 9.48 25.48 -21.54
CA GLY B 423 9.20 24.97 -22.88
C GLY B 423 9.22 23.46 -22.89
N THR B 424 8.05 22.86 -23.12
CA THR B 424 7.88 21.40 -23.07
C THR B 424 7.53 20.81 -24.42
N HIS B 425 8.00 19.59 -24.67
CA HIS B 425 7.61 18.83 -25.84
C HIS B 425 6.25 18.21 -25.62
N ALA B 426 5.38 18.34 -26.61
CA ALA B 426 4.00 17.86 -26.55
C ALA B 426 3.23 18.43 -25.34
N GLY B 427 3.34 19.73 -25.15
CA GLY B 427 2.66 20.43 -24.06
C GLY B 427 2.46 21.90 -24.38
N GLY B 428 3.55 22.56 -24.77
CA GLY B 428 3.51 23.96 -25.14
C GLY B 428 4.32 24.84 -24.20
N LEU B 429 3.75 25.99 -23.85
CA LEU B 429 4.41 26.95 -22.97
C LEU B 429 3.81 26.92 -21.56
N SER B 430 4.68 26.87 -20.56
CA SER B 430 4.27 26.89 -19.16
C SER B 430 4.91 28.05 -18.41
N ILE B 431 4.09 28.81 -17.69
CA ILE B 431 4.58 29.93 -16.89
C ILE B 431 4.41 29.61 -15.41
N LEU B 432 5.53 29.55 -14.70
CA LEU B 432 5.53 29.25 -13.28
C LEU B 432 5.71 30.51 -12.43
N HIS B 433 4.82 30.70 -11.46
CA HIS B 433 4.96 31.75 -10.46
C HIS B 433 5.69 31.16 -9.29
N ARG B 434 6.93 31.60 -9.10
CA ARG B 434 7.83 31.04 -8.08
C ARG B 434 7.32 31.24 -6.65
N ASN B 435 6.63 32.36 -6.43
CA ASN B 435 6.18 32.74 -5.09
C ASN B 435 4.79 32.18 -4.72
N SER B 436 4.25 31.30 -5.56
CA SER B 436 2.96 30.66 -5.29
C SER B 436 2.91 29.20 -5.78
N GLY B 437 3.71 28.89 -6.80
CA GLY B 437 3.79 27.52 -7.32
C GLY B 437 2.75 27.19 -8.38
N GLN B 438 1.94 28.18 -8.75
CA GLN B 438 0.90 28.00 -9.77
C GLN B 438 1.48 28.03 -11.19
N VAL B 439 0.90 27.23 -12.08
CA VAL B 439 1.41 27.11 -13.45
C VAL B 439 0.33 27.38 -14.49
N GLU B 440 0.62 28.32 -15.40
CA GLU B 440 -0.22 28.59 -16.56
C GLU B 440 0.24 27.76 -17.75
N ASN B 441 -0.70 27.09 -18.40
CA ASN B 441 -0.39 26.25 -19.56
C ASN B 441 -1.00 26.75 -20.86
N PHE B 442 -0.22 26.68 -21.93
CA PHE B 442 -0.67 27.11 -23.26
C PHE B 442 -0.37 26.03 -24.31
N ASN B 443 -1.37 25.73 -25.13
CA ASN B 443 -1.23 24.76 -26.22
C ASN B 443 -2.01 25.17 -27.47
N GLN B 444 -2.12 24.25 -28.43
CA GLN B 444 -2.79 24.53 -29.70
C GLN B 444 -4.31 24.57 -29.60
N ARG B 445 -4.85 23.91 -28.58
CA ARG B 445 -6.30 23.79 -28.41
C ARG B 445 -6.92 24.91 -27.56
N ASN B 446 -6.14 25.43 -26.60
CA ASN B 446 -6.64 26.49 -25.72
C ASN B 446 -6.22 27.90 -26.14
N SER B 447 -5.00 28.03 -26.66
CA SER B 447 -4.45 29.33 -27.06
C SER B 447 -4.20 29.41 -28.56
N GLN B 448 -3.69 30.56 -29.01
CA GLN B 448 -3.40 30.78 -30.42
C GLN B 448 -2.01 30.26 -30.83
N LEU B 449 -1.37 29.52 -29.93
CA LEU B 449 -0.06 28.94 -30.21
C LEU B 449 -0.18 27.98 -31.39
N VAL B 450 0.79 28.08 -32.31
CA VAL B 450 0.78 27.30 -33.54
C VAL B 450 1.41 25.91 -33.37
N ASN B 451 2.26 25.76 -32.35
CA ASN B 451 2.94 24.49 -32.09
C ASN B 451 3.17 24.20 -30.61
N GLU B 452 2.82 22.98 -30.20
CA GLU B 452 2.89 22.56 -28.80
C GLU B 452 4.28 22.08 -28.36
N ASN B 453 5.27 22.21 -29.25
CA ASN B 453 6.60 21.72 -28.97
C ASN B 453 7.64 22.83 -28.90
N VAL B 454 7.66 23.52 -27.74
CA VAL B 454 8.60 24.63 -27.53
C VAL B 454 9.96 24.07 -27.12
N TYR B 455 10.98 24.42 -27.92
CA TYR B 455 12.33 23.88 -27.72
C TYR B 455 13.36 24.93 -27.31
N ALA B 456 13.04 26.20 -27.53
CA ALA B 456 13.94 27.30 -27.17
C ALA B 456 13.17 28.56 -26.79
N ILE B 457 13.56 29.16 -25.67
CA ILE B 457 12.96 30.42 -25.20
C ILE B 457 14.04 31.47 -24.97
N LEU B 458 13.89 32.62 -25.62
CA LEU B 458 14.86 33.71 -25.52
C LEU B 458 14.14 35.06 -25.60
N PRO B 459 14.49 36.00 -24.70
CA PRO B 459 13.86 37.33 -24.70
C PRO B 459 14.16 38.13 -25.95
N ASP B 460 13.16 38.84 -26.45
CA ASP B 460 13.29 39.64 -27.66
C ASP B 460 14.05 40.95 -27.41
N GLY B 461 14.17 41.32 -26.13
CA GLY B 461 14.81 42.56 -25.74
C GLY B 461 13.81 43.69 -25.56
N GLU B 462 12.72 43.64 -26.32
CA GLU B 462 11.67 44.65 -26.24
C GLU B 462 10.74 44.41 -25.05
N GLY B 463 10.65 43.15 -24.63
CA GLY B 463 9.80 42.77 -23.49
C GLY B 463 9.17 41.39 -23.66
N ASN B 464 8.95 41.00 -24.91
CA ASN B 464 8.35 39.71 -25.24
C ASN B 464 9.36 38.55 -25.19
N LEU B 465 8.97 37.41 -25.76
CA LEU B 465 9.83 36.24 -25.81
C LEU B 465 9.79 35.54 -27.17
N TRP B 466 10.95 35.11 -27.64
CA TRP B 466 11.04 34.28 -28.84
C TRP B 466 10.85 32.84 -28.46
N LEU B 467 10.03 32.14 -29.24
CA LEU B 467 9.73 30.74 -28.97
C LEU B 467 10.08 29.86 -30.16
N GLY B 468 11.08 29.00 -29.97
CA GLY B 468 11.50 28.08 -31.02
C GLY B 468 10.68 26.80 -30.99
N THR B 469 9.78 26.67 -31.98
CA THR B 469 8.93 25.49 -32.08
C THR B 469 9.26 24.68 -33.35
N LEU B 470 8.69 23.47 -33.44
CA LEU B 470 9.00 22.55 -34.53
C LEU B 470 8.50 22.97 -35.91
N SER B 471 7.54 23.89 -35.95
CA SER B 471 6.97 24.33 -37.23
C SER B 471 7.38 25.76 -37.60
N ALA B 472 7.29 26.68 -36.65
CA ALA B 472 7.59 28.09 -36.90
C ALA B 472 8.14 28.82 -35.68
N LEU B 473 8.47 30.09 -35.85
CA LEU B 473 8.92 30.94 -34.74
C LEU B 473 7.76 31.81 -34.25
N VAL B 474 7.55 31.82 -32.93
CA VAL B 474 6.44 32.53 -32.32
C VAL B 474 6.91 33.60 -31.34
N ARG B 475 6.28 34.77 -31.41
CA ARG B 475 6.52 35.85 -30.46
C ARG B 475 5.41 35.84 -29.42
N PHE B 476 5.80 35.90 -28.15
CA PHE B 476 4.82 35.90 -27.05
C PHE B 476 4.89 37.17 -26.21
N ASN B 477 3.83 37.96 -26.26
CA ASN B 477 3.67 39.13 -25.41
C ASN B 477 3.16 38.71 -24.04
N PRO B 478 3.99 38.90 -22.98
CA PRO B 478 3.61 38.48 -21.64
C PRO B 478 2.55 39.39 -21.00
N GLU B 479 2.50 40.64 -21.43
CA GLU B 479 1.52 41.60 -20.94
C GLU B 479 0.15 41.43 -21.59
N GLN B 480 0.13 40.77 -22.75
CA GLN B 480 -1.12 40.58 -23.51
C GLN B 480 -1.53 39.12 -23.65
N ARG B 481 -0.65 38.21 -23.25
CA ARG B 481 -0.87 36.76 -23.37
C ARG B 481 -1.26 36.35 -24.80
N SER B 482 -0.49 36.85 -25.77
CA SER B 482 -0.79 36.64 -27.19
C SER B 482 0.39 36.00 -27.92
N PHE B 483 0.07 35.15 -28.91
CA PHE B 483 1.07 34.45 -29.71
C PHE B 483 1.07 34.95 -31.15
N THR B 484 2.23 35.37 -31.62
CA THR B 484 2.38 35.90 -32.98
C THR B 484 3.35 35.06 -33.79
N THR B 485 2.81 34.33 -34.77
CA THR B 485 3.62 33.48 -35.64
C THR B 485 4.34 34.34 -36.69
N ILE B 486 5.65 34.11 -36.83
CA ILE B 486 6.47 34.86 -37.76
C ILE B 486 6.48 34.19 -39.13
N GLU B 487 6.08 34.95 -40.16
CA GLU B 487 6.01 34.45 -41.53
C GLU B 487 6.68 35.41 -42.51
N LYS B 488 7.02 36.61 -42.03
CA LYS B 488 7.61 37.66 -42.85
C LYS B 488 8.87 38.24 -42.23
N GLU B 489 9.79 38.69 -43.08
CA GLU B 489 10.93 39.48 -42.63
C GLU B 489 10.54 40.97 -42.55
N LYS B 490 11.52 41.83 -42.30
CA LYS B 490 11.27 43.28 -42.20
C LYS B 490 11.02 43.93 -43.56
N ASP B 491 11.13 43.13 -44.62
CA ASP B 491 10.82 43.56 -45.98
C ASP B 491 9.78 42.65 -46.65
N GLY B 492 9.14 41.81 -45.84
CA GLY B 492 8.14 40.87 -46.33
C GLY B 492 8.71 39.73 -47.15
N THR B 493 9.88 39.23 -46.74
CA THR B 493 10.48 38.05 -47.36
C THR B 493 9.98 36.80 -46.61
N PRO B 494 9.19 35.96 -47.30
CA PRO B 494 8.57 34.77 -46.71
C PRO B 494 9.53 33.95 -45.85
N VAL B 495 9.16 33.76 -44.60
CA VAL B 495 9.94 32.94 -43.67
C VAL B 495 9.47 31.49 -43.79
N VAL B 496 10.39 30.63 -44.22
CA VAL B 496 10.12 29.21 -44.40
C VAL B 496 9.70 28.54 -43.08
N SER B 497 8.57 27.84 -43.11
CA SER B 497 8.06 27.13 -41.94
C SER B 497 8.94 25.90 -41.64
N LYS B 498 9.95 26.11 -40.79
CA LYS B 498 10.94 25.08 -40.49
C LYS B 498 11.09 24.80 -38.99
N GLN B 499 11.81 23.72 -38.68
CA GLN B 499 12.07 23.31 -37.29
C GLN B 499 13.10 24.21 -36.61
N ILE B 500 12.73 24.74 -35.45
CA ILE B 500 13.62 25.59 -34.64
C ILE B 500 13.96 24.87 -33.35
N THR B 501 15.25 24.63 -33.13
CA THR B 501 15.71 23.89 -31.94
C THR B 501 16.53 24.76 -30.99
N THR B 502 17.16 25.80 -31.53
CA THR B 502 18.04 26.65 -30.74
C THR B 502 17.97 28.12 -31.16
N LEU B 503 18.05 29.01 -30.15
CA LEU B 503 18.08 30.45 -30.36
C LEU B 503 19.24 31.07 -29.59
N PHE B 504 19.95 32.01 -30.22
CA PHE B 504 21.10 32.65 -29.59
C PHE B 504 21.23 34.15 -29.89
N ARG B 505 21.58 34.91 -28.86
CA ARG B 505 21.83 36.33 -28.97
C ARG B 505 23.30 36.63 -28.70
N ASP B 506 23.96 37.26 -29.66
CA ASP B 506 25.38 37.60 -29.52
C ASP B 506 25.60 38.99 -28.90
N SER B 507 26.86 39.39 -28.78
CA SER B 507 27.23 40.67 -28.20
C SER B 507 26.81 41.86 -29.08
N HIS B 508 26.63 41.60 -30.37
CA HIS B 508 26.18 42.62 -31.32
C HIS B 508 24.67 42.66 -31.43
N LYS B 509 23.99 42.03 -30.47
CA LYS B 509 22.53 42.00 -30.38
C LYS B 509 21.85 41.45 -31.64
N ARG B 510 22.41 40.36 -32.17
CA ARG B 510 21.85 39.70 -33.34
C ARG B 510 21.24 38.35 -32.97
N LEU B 511 20.12 38.03 -33.60
CA LEU B 511 19.41 36.78 -33.34
C LEU B 511 19.87 35.66 -34.27
N TRP B 512 20.12 34.49 -33.67
CA TRP B 512 20.58 33.32 -34.41
C TRP B 512 19.58 32.22 -34.31
N ILE B 513 19.09 31.76 -35.46
CA ILE B 513 18.05 30.74 -35.51
C ILE B 513 18.57 29.48 -36.18
N GLY B 514 18.46 28.35 -35.49
CA GLY B 514 18.98 27.08 -35.98
C GLY B 514 18.07 25.89 -35.70
N GLY B 515 18.17 24.90 -36.59
CA GLY B 515 17.42 23.65 -36.45
C GLY B 515 17.99 22.61 -37.40
N GLU B 516 17.14 21.73 -37.90
CA GLU B 516 17.56 20.72 -38.87
C GLU B 516 17.79 21.30 -40.27
N GLU B 517 17.04 22.35 -40.59
CA GLU B 517 17.15 23.01 -41.90
C GLU B 517 18.46 23.76 -42.02
N GLY B 518 18.93 24.29 -40.90
CA GLY B 518 20.19 25.00 -40.85
C GLY B 518 20.15 26.25 -40.01
N LEU B 519 21.22 27.04 -40.14
CA LEU B 519 21.41 28.25 -39.35
C LEU B 519 20.98 29.50 -40.14
N SER B 520 20.68 30.57 -39.42
CA SER B 520 20.34 31.85 -40.02
C SER B 520 20.58 32.99 -39.04
N VAL B 521 20.98 34.14 -39.57
CA VAL B 521 21.30 35.31 -38.74
C VAL B 521 20.31 36.44 -39.03
N PHE B 522 19.88 37.12 -37.97
CA PHE B 522 18.88 38.19 -38.10
C PHE B 522 19.22 39.42 -37.26
N LYS B 523 18.77 40.58 -37.74
CA LYS B 523 18.79 41.82 -36.96
C LYS B 523 17.37 42.11 -36.48
N GLN B 524 17.23 42.95 -35.47
CA GLN B 524 15.91 43.33 -34.95
C GLN B 524 15.62 44.82 -35.11
N GLU B 525 14.76 45.15 -36.08
CA GLU B 525 14.31 46.52 -36.27
C GLU B 525 12.97 46.69 -35.57
N GLY B 526 13.01 46.71 -34.24
CA GLY B 526 11.82 46.77 -33.41
C GLY B 526 11.22 45.39 -33.23
N LEU B 527 10.04 45.19 -33.81
CA LEU B 527 9.37 43.88 -33.76
C LEU B 527 9.69 43.06 -35.01
N ASP B 528 9.94 43.73 -36.12
CA ASP B 528 10.31 43.08 -37.38
C ASP B 528 11.76 42.61 -37.35
N ILE B 529 12.01 41.50 -38.04
CA ILE B 529 13.36 40.95 -38.16
C ILE B 529 13.79 40.87 -39.62
N GLN B 530 15.02 41.31 -39.91
CA GLN B 530 15.57 41.18 -41.25
C GLN B 530 16.84 40.34 -41.25
N LYS B 531 16.96 39.45 -42.24
CA LYS B 531 18.10 38.58 -42.39
C LYS B 531 19.31 39.38 -42.82
N ALA B 532 20.29 39.48 -41.92
CA ALA B 532 21.57 40.09 -42.22
C ALA B 532 22.55 39.00 -42.61
N SER B 533 22.77 38.87 -43.92
CA SER B 533 23.67 37.85 -44.45
C SER B 533 25.14 38.22 -44.18
N ILE B 534 25.65 37.70 -43.06
CA ILE B 534 27.03 37.94 -42.65
C ILE B 534 27.92 36.71 -42.82
N LEU B 535 27.28 35.54 -42.87
CA LEU B 535 27.98 34.27 -43.10
C LEU B 535 28.31 34.10 -44.58
N PRO B 536 29.50 33.53 -44.88
CA PRO B 536 29.81 33.22 -46.27
C PRO B 536 29.01 32.02 -46.78
N VAL B 537 28.73 31.99 -48.07
CA VAL B 537 27.96 30.89 -48.67
C VAL B 537 28.66 29.54 -48.54
N SER B 538 28.09 28.70 -47.68
CA SER B 538 28.61 27.36 -47.44
C SER B 538 27.46 26.42 -47.10
N ASN B 539 27.63 25.14 -47.44
CA ASN B 539 26.63 24.11 -47.17
C ASN B 539 26.47 23.76 -45.68
N VAL B 540 27.32 24.36 -44.85
CA VAL B 540 27.27 24.16 -43.40
C VAL B 540 26.14 24.98 -42.76
N THR B 541 25.69 26.00 -43.48
CA THR B 541 24.57 26.83 -43.08
C THR B 541 23.26 26.06 -43.28
N LYS B 542 23.35 24.94 -44.01
CA LYS B 542 22.20 24.06 -44.22
C LYS B 542 22.37 22.73 -43.48
N LEU B 543 23.05 22.78 -42.34
CA LEU B 543 23.28 21.58 -41.53
C LEU B 543 22.43 21.54 -40.28
N PHE B 544 22.18 20.32 -39.78
CA PHE B 544 21.41 20.12 -38.55
C PHE B 544 22.11 20.81 -37.38
N THR B 545 21.64 22.01 -37.07
CA THR B 545 22.21 22.85 -36.03
C THR B 545 21.72 22.45 -34.63
N ASN B 546 22.66 22.30 -33.70
CA ASN B 546 22.33 21.96 -32.31
C ASN B 546 22.49 23.13 -31.33
N CYS B 547 23.62 23.84 -31.43
CA CYS B 547 23.97 24.87 -30.46
C CYS B 547 24.83 25.99 -31.07
N ILE B 548 24.70 27.19 -30.50
CA ILE B 548 25.55 28.32 -30.86
C ILE B 548 26.14 28.93 -29.59
N TYR B 549 27.44 29.18 -29.60
CA TYR B 549 28.12 29.79 -28.47
C TYR B 549 29.09 30.89 -28.91
N GLU B 550 29.00 32.05 -28.24
CA GLU B 550 29.92 33.15 -28.49
C GLU B 550 31.07 33.09 -27.48
N ALA B 551 32.28 32.93 -28.01
CA ALA B 551 33.47 32.80 -27.17
C ALA B 551 33.98 34.16 -26.67
N SER B 552 34.90 34.12 -25.70
CA SER B 552 35.46 35.33 -25.10
C SER B 552 36.31 36.14 -26.08
N ASN B 553 36.78 35.51 -27.14
CA ASN B 553 37.55 36.19 -28.19
C ASN B 553 36.70 36.67 -29.37
N GLY B 554 35.38 36.63 -29.20
CA GLY B 554 34.44 37.12 -30.20
C GLY B 554 34.09 36.14 -31.30
N ILE B 555 34.84 35.04 -31.37
CA ILE B 555 34.63 34.01 -32.39
C ILE B 555 33.36 33.23 -32.09
N ILE B 556 32.52 33.06 -33.11
CA ILE B 556 31.27 32.31 -32.98
C ILE B 556 31.52 30.84 -33.28
N TRP B 557 31.07 29.97 -32.37
CA TRP B 557 31.22 28.53 -32.53
C TRP B 557 29.89 27.85 -32.60
N VAL B 558 29.69 27.07 -33.66
CA VAL B 558 28.43 26.35 -33.88
C VAL B 558 28.67 24.84 -33.91
N GLY B 559 27.94 24.12 -33.07
CA GLY B 559 27.99 22.66 -33.04
C GLY B 559 26.81 22.05 -33.78
N THR B 560 27.12 21.20 -34.75
CA THR B 560 26.09 20.54 -35.57
C THR B 560 26.15 19.02 -35.39
N ARG B 561 25.32 18.31 -36.14
CA ARG B 561 25.29 16.85 -36.07
C ARG B 561 26.42 16.20 -36.88
N GLU B 562 27.03 16.97 -37.77
CA GLU B 562 28.17 16.51 -38.57
C GLU B 562 29.40 17.36 -38.25
N GLY B 563 29.79 17.37 -36.98
CA GLY B 563 30.97 18.11 -36.54
C GLY B 563 30.62 19.46 -35.93
N PHE B 564 31.59 20.38 -36.00
CA PHE B 564 31.41 21.75 -35.54
C PHE B 564 32.36 22.70 -36.27
N TYR B 565 32.12 24.00 -36.15
CA TYR B 565 32.93 25.00 -36.83
C TYR B 565 33.03 26.33 -36.09
N CYS B 566 33.89 27.22 -36.59
CA CYS B 566 34.05 28.56 -36.04
C CYS B 566 33.71 29.60 -37.10
N PHE B 567 33.27 30.78 -36.65
CA PHE B 567 33.03 31.88 -37.56
C PHE B 567 33.75 33.15 -37.11
N ASN B 568 34.81 33.49 -37.83
CA ASN B 568 35.55 34.72 -37.60
C ASN B 568 35.02 35.79 -38.54
N GLU B 569 34.27 36.74 -37.97
CA GLU B 569 33.61 37.79 -38.75
C GLU B 569 34.59 38.82 -39.28
N LYS B 570 35.72 38.97 -38.59
CA LYS B 570 36.77 39.92 -38.96
C LYS B 570 37.20 39.79 -40.42
N ASP B 571 37.40 38.55 -40.87
CA ASP B 571 37.78 38.28 -42.26
C ASP B 571 36.71 37.48 -43.01
N LYS B 572 35.70 37.02 -42.27
CA LYS B 572 34.59 36.21 -42.81
C LYS B 572 35.10 34.85 -43.32
N GLN B 573 35.45 33.98 -42.38
CA GLN B 573 35.95 32.64 -42.70
C GLN B 573 35.38 31.59 -41.77
N ILE B 574 35.21 30.37 -42.28
CA ILE B 574 34.72 29.24 -41.51
C ILE B 574 35.68 28.06 -41.63
N LYS B 575 36.22 27.63 -40.48
CA LYS B 575 37.07 26.44 -40.41
C LYS B 575 36.31 25.29 -39.75
N ARG B 576 36.18 24.17 -40.46
CA ARG B 576 35.40 23.03 -39.99
C ARG B 576 36.22 21.98 -39.24
N TYR B 577 35.61 21.38 -38.22
CA TYR B 577 36.28 20.35 -37.43
C TYR B 577 35.41 19.11 -37.24
N ASN B 578 35.90 17.99 -37.75
CA ASN B 578 35.18 16.72 -37.74
C ASN B 578 35.94 15.62 -36.99
N THR B 579 35.46 14.38 -37.11
CA THR B 579 36.04 13.24 -36.41
C THR B 579 37.48 12.92 -36.80
N THR B 580 37.79 13.04 -38.10
CA THR B 580 39.14 12.76 -38.61
C THR B 580 40.14 13.83 -38.21
N ASN B 581 39.67 14.85 -37.50
CA ASN B 581 40.54 15.90 -36.97
C ASN B 581 41.01 15.61 -35.53
N GLY B 582 40.34 14.65 -34.89
CA GLY B 582 40.67 14.27 -33.51
C GLY B 582 39.46 14.26 -32.60
N LEU B 583 38.32 14.70 -33.14
CA LEU B 583 37.04 14.75 -32.42
C LEU B 583 36.50 13.33 -32.23
N PRO B 584 35.98 13.02 -31.02
CA PRO B 584 35.49 11.68 -30.71
C PRO B 584 34.22 11.30 -31.48
N ASN B 585 33.30 12.26 -31.64
CA ASN B 585 32.06 12.05 -32.38
C ASN B 585 31.56 13.35 -33.00
N ASN B 586 30.99 13.24 -34.20
CA ASN B 586 30.49 14.39 -34.94
C ASN B 586 29.34 15.13 -34.25
N VAL B 587 28.43 14.39 -33.63
CA VAL B 587 27.22 14.97 -33.06
C VAL B 587 27.54 15.78 -31.79
N VAL B 588 27.72 17.08 -31.98
CA VAL B 588 28.02 18.00 -30.88
C VAL B 588 26.74 18.66 -30.37
N TYR B 589 26.43 18.44 -29.10
CA TYR B 589 25.20 18.94 -28.48
C TYR B 589 25.38 20.31 -27.82
N GLY B 590 26.58 20.58 -27.31
CA GLY B 590 26.86 21.83 -26.62
C GLY B 590 28.34 22.16 -26.51
N ILE B 591 28.64 23.45 -26.48
CA ILE B 591 30.02 23.94 -26.36
C ILE B 591 30.15 24.90 -25.17
N LEU B 592 31.21 24.71 -24.38
CA LEU B 592 31.49 25.57 -23.23
C LEU B 592 32.97 25.96 -23.16
N GLU B 593 33.23 27.20 -22.74
CA GLU B 593 34.58 27.75 -22.66
C GLU B 593 35.04 27.87 -21.21
N ASP B 594 36.26 27.40 -20.93
CA ASP B 594 36.83 27.51 -19.59
C ASP B 594 37.63 28.81 -19.40
N SER B 595 38.37 28.90 -18.30
CA SER B 595 39.18 30.08 -17.98
C SER B 595 40.37 30.26 -18.93
N PHE B 596 40.83 29.16 -19.52
CA PHE B 596 42.03 29.17 -20.35
C PHE B 596 41.74 29.39 -21.83
N GLY B 597 40.45 29.46 -22.19
CA GLY B 597 40.03 29.65 -23.57
C GLY B 597 39.72 28.37 -24.32
N ARG B 598 39.99 27.24 -23.68
CA ARG B 598 39.72 25.92 -24.26
C ARG B 598 38.21 25.65 -24.32
N LEU B 599 37.81 24.80 -25.27
CA LEU B 599 36.40 24.50 -25.47
C LEU B 599 36.05 23.07 -25.08
N TRP B 600 34.95 22.92 -24.35
CA TRP B 600 34.46 21.62 -23.90
C TRP B 600 33.21 21.25 -24.63
N LEU B 601 33.21 20.06 -25.23
CA LEU B 601 32.13 19.62 -26.12
C LEU B 601 31.50 18.30 -25.70
N SER B 602 30.18 18.24 -25.73
CA SER B 602 29.45 17.00 -25.44
C SER B 602 29.04 16.31 -26.73
N THR B 603 29.37 15.02 -26.82
CA THR B 603 29.09 14.23 -28.03
C THR B 603 28.35 12.93 -27.69
N ASN B 604 28.24 12.05 -28.68
CA ASN B 604 27.70 10.72 -28.47
C ASN B 604 28.74 9.76 -27.92
N ARG B 605 30.01 10.18 -27.95
CA ARG B 605 31.10 9.34 -27.48
C ARG B 605 32.05 10.13 -26.55
N GLY B 606 31.48 10.70 -25.50
CA GLY B 606 32.26 11.35 -24.46
C GLY B 606 32.34 12.86 -24.57
N ILE B 607 33.24 13.46 -23.79
CA ILE B 607 33.46 14.91 -23.80
C ILE B 607 34.86 15.23 -24.31
N SER B 608 34.94 16.23 -25.19
CA SER B 608 36.20 16.63 -25.81
C SER B 608 36.64 18.02 -25.38
N CYS B 609 37.94 18.15 -25.11
CA CYS B 609 38.55 19.44 -24.79
C CYS B 609 39.41 19.92 -25.96
N PHE B 610 38.99 21.02 -26.58
CA PHE B 610 39.58 21.52 -27.81
C PHE B 610 40.31 22.84 -27.59
N ASN B 611 41.58 22.89 -28.00
CA ASN B 611 42.38 24.10 -27.96
C ASN B 611 42.50 24.69 -29.37
N PRO B 612 41.79 25.79 -29.64
CA PRO B 612 41.70 26.38 -30.99
C PRO B 612 43.04 26.79 -31.58
N GLU B 613 44.01 27.12 -30.74
CA GLU B 613 45.34 27.52 -31.19
C GLU B 613 46.12 26.35 -31.80
N THR B 614 46.20 25.26 -31.05
CA THR B 614 46.88 24.06 -31.51
C THR B 614 45.99 23.23 -32.44
N GLU B 615 44.68 23.44 -32.32
CA GLU B 615 43.66 22.67 -33.04
C GLU B 615 43.67 21.18 -32.66
N LYS B 616 44.07 20.90 -31.43
CA LYS B 616 44.18 19.53 -30.92
C LYS B 616 43.02 19.20 -29.96
N PHE B 617 42.85 17.90 -29.70
CA PHE B 617 41.74 17.42 -28.89
C PHE B 617 42.21 16.61 -27.68
N ARG B 618 41.52 16.82 -26.55
CA ARG B 618 41.72 16.02 -25.35
C ARG B 618 40.38 15.39 -24.96
N ASN B 619 40.23 14.10 -25.24
CA ASN B 619 38.94 13.43 -25.11
C ASN B 619 38.79 12.62 -23.83
N PHE B 620 37.57 12.60 -23.31
CA PHE B 620 37.24 11.83 -22.10
C PHE B 620 36.05 10.92 -22.38
N THR B 621 36.11 9.69 -21.85
CA THR B 621 35.05 8.69 -22.06
C THR B 621 34.35 8.34 -20.76
N GLU B 622 33.41 7.39 -20.83
CA GLU B 622 32.65 6.95 -19.66
C GLU B 622 33.55 6.25 -18.63
N SER B 623 34.57 5.55 -19.11
CA SER B 623 35.55 4.87 -18.25
C SER B 623 36.38 5.87 -17.44
N ASP B 624 36.43 7.12 -17.91
CA ASP B 624 37.13 8.19 -17.21
C ASP B 624 36.29 8.74 -16.04
N GLY B 625 34.98 8.58 -16.12
CA GLY B 625 34.08 8.96 -15.03
C GLY B 625 32.81 9.69 -15.42
N LEU B 626 32.49 9.69 -16.72
CA LEU B 626 31.30 10.38 -17.22
C LEU B 626 30.03 9.59 -16.95
N GLN B 627 28.88 10.26 -17.01
CA GLN B 627 27.57 9.65 -16.80
C GLN B 627 27.26 8.57 -17.85
N SER B 628 27.73 8.82 -19.06
CA SER B 628 27.55 7.94 -20.22
C SER B 628 28.21 8.61 -21.42
N ASN B 629 28.74 7.80 -22.34
CA ASN B 629 29.36 8.33 -23.54
C ASN B 629 28.42 9.23 -24.35
N GLN B 630 27.15 8.84 -24.40
CA GLN B 630 26.12 9.62 -25.09
C GLN B 630 25.57 10.72 -24.21
N PHE B 631 25.66 11.96 -24.68
CA PHE B 631 25.08 13.11 -24.01
C PHE B 631 23.87 13.61 -24.78
N ASN B 632 23.12 14.55 -24.19
CA ASN B 632 21.86 14.99 -24.78
C ASN B 632 21.84 16.46 -25.21
N THR B 633 20.82 16.82 -26.00
CA THR B 633 20.66 18.16 -26.55
C THR B 633 20.40 19.19 -25.45
N ALA B 634 20.93 20.39 -25.65
CA ALA B 634 20.76 21.52 -24.73
C ALA B 634 21.34 21.30 -23.32
N SER B 635 21.91 20.12 -23.10
CA SER B 635 22.44 19.74 -21.79
C SER B 635 23.86 20.28 -21.56
N TYR B 636 23.97 21.60 -21.53
CA TYR B 636 25.25 22.26 -21.26
C TYR B 636 25.02 23.53 -20.46
N CYS B 637 25.85 23.73 -19.43
CA CYS B 637 25.73 24.87 -18.54
C CYS B 637 27.05 25.22 -17.87
N ARG B 638 27.42 26.50 -17.94
CA ARG B 638 28.57 27.00 -17.21
C ARG B 638 28.08 28.01 -16.17
N THR B 639 28.46 27.77 -14.91
CA THR B 639 28.05 28.65 -13.82
C THR B 639 28.84 29.95 -13.82
N SER B 640 28.33 30.94 -13.09
CA SER B 640 29.02 32.21 -12.89
C SER B 640 30.34 32.02 -12.16
N VAL B 641 30.44 30.91 -11.42
CA VAL B 641 31.64 30.56 -10.67
C VAL B 641 32.70 29.96 -11.61
N GLY B 642 32.26 29.11 -12.53
CA GLY B 642 33.16 28.47 -13.50
C GLY B 642 32.98 26.97 -13.63
N GLN B 643 32.07 26.43 -12.81
CA GLN B 643 31.75 24.99 -12.84
C GLN B 643 30.96 24.65 -14.10
N MET B 644 31.21 23.47 -14.64
CA MET B 644 30.54 23.00 -15.86
C MET B 644 29.60 21.84 -15.58
N TYR B 645 28.46 21.84 -16.27
CA TYR B 645 27.45 20.80 -16.12
C TYR B 645 27.00 20.27 -17.47
N PHE B 646 27.28 18.98 -17.70
CA PHE B 646 26.87 18.32 -18.93
C PHE B 646 25.94 17.15 -18.63
N GLY B 647 24.73 17.21 -19.19
CA GLY B 647 23.73 16.16 -19.00
C GLY B 647 23.71 15.19 -20.16
N GLY B 648 23.20 13.99 -19.91
CA GLY B 648 23.10 12.96 -20.94
C GLY B 648 21.90 12.04 -20.77
N ILE B 649 22.11 10.77 -21.07
CA ILE B 649 21.05 9.76 -20.96
C ILE B 649 21.00 9.12 -19.58
N ASN B 650 22.14 9.11 -18.89
CA ASN B 650 22.24 8.51 -17.56
C ASN B 650 22.71 9.51 -16.51
N GLY B 651 22.10 10.70 -16.50
CA GLY B 651 22.36 11.72 -15.49
C GLY B 651 23.17 12.91 -15.96
N ILE B 652 23.86 13.55 -15.01
CA ILE B 652 24.68 14.72 -15.28
C ILE B 652 26.12 14.48 -14.79
N THR B 653 27.09 14.99 -15.55
CA THR B 653 28.48 14.99 -15.10
C THR B 653 28.93 16.44 -14.86
N THR B 654 29.42 16.69 -13.64
CA THR B 654 29.89 18.02 -13.27
C THR B 654 31.35 18.01 -12.83
N PHE B 655 32.08 19.05 -13.25
CA PHE B 655 33.50 19.17 -12.95
C PHE B 655 33.97 20.61 -13.04
N ARG B 656 35.16 20.87 -12.49
CA ARG B 656 35.82 22.16 -12.62
C ARG B 656 37.07 21.97 -13.47
N PRO B 657 37.03 22.45 -14.74
CA PRO B 657 38.14 22.29 -15.69
C PRO B 657 39.47 22.87 -15.18
N GLU B 658 39.38 23.88 -14.33
CA GLU B 658 40.56 24.54 -13.76
C GLU B 658 41.17 23.72 -12.62
N LEU B 659 40.35 22.86 -12.01
CA LEU B 659 40.76 22.06 -10.85
C LEU B 659 41.29 20.68 -11.22
N LEU B 660 41.17 20.31 -12.48
CA LEU B 660 41.60 18.99 -12.95
C LEU B 660 43.11 18.82 -12.87
N LEU B 661 43.53 17.69 -12.32
CA LEU B 661 44.95 17.43 -12.06
C LEU B 661 45.65 16.72 -13.22
N ASP B 662 46.94 17.05 -13.39
CA ASP B 662 47.77 16.44 -14.41
C ASP B 662 48.46 15.18 -13.89
N ASN B 663 48.50 14.16 -14.73
CA ASN B 663 49.25 12.93 -14.45
C ASN B 663 50.71 13.13 -14.84
N PRO B 664 51.62 13.08 -13.84
CA PRO B 664 53.03 13.29 -14.12
C PRO B 664 53.79 12.02 -14.48
N TYR B 665 53.14 10.87 -14.35
CA TYR B 665 53.79 9.57 -14.54
C TYR B 665 53.78 9.12 -16.01
N THR B 666 54.97 8.82 -16.52
CA THR B 666 55.13 8.26 -17.86
C THR B 666 55.97 6.97 -17.78
N PRO B 667 55.30 5.83 -17.55
CA PRO B 667 55.96 4.53 -17.42
C PRO B 667 56.52 4.04 -18.76
N PRO B 668 57.56 3.18 -18.72
CA PRO B 668 58.08 2.58 -19.95
C PRO B 668 57.10 1.59 -20.58
N VAL B 669 57.27 1.35 -21.88
CA VAL B 669 56.42 0.41 -22.60
C VAL B 669 56.93 -1.01 -22.41
N VAL B 670 56.06 -1.91 -21.95
CA VAL B 670 56.38 -3.32 -21.81
C VAL B 670 55.69 -4.11 -22.93
N ILE B 671 56.48 -4.81 -23.73
CA ILE B 671 55.95 -5.62 -24.82
C ILE B 671 55.43 -6.95 -24.25
N THR B 672 54.11 -7.11 -24.30
CA THR B 672 53.45 -8.23 -23.64
C THR B 672 53.36 -9.51 -24.48
N LYS B 673 53.21 -9.36 -25.79
CA LYS B 673 52.93 -10.50 -26.65
C LYS B 673 53.52 -10.35 -28.06
N LEU B 674 54.03 -11.45 -28.59
CA LEU B 674 54.42 -11.52 -29.99
C LEU B 674 53.76 -12.73 -30.65
N GLN B 675 53.10 -12.48 -31.79
CA GLN B 675 52.43 -13.55 -32.53
C GLN B 675 53.07 -13.73 -33.89
N LEU B 676 53.29 -14.98 -34.27
CA LEU B 676 53.78 -15.33 -35.60
C LEU B 676 52.66 -16.02 -36.35
N PHE B 677 52.24 -15.41 -37.45
CA PHE B 677 51.06 -15.84 -38.22
C PHE B 677 49.83 -15.97 -37.31
N ASN B 678 49.66 -14.97 -36.45
CA ASN B 678 48.55 -14.89 -35.49
C ASN B 678 48.70 -15.83 -34.28
N LYS B 679 49.51 -16.87 -34.43
CA LYS B 679 49.82 -17.82 -33.35
C LYS B 679 50.87 -17.22 -32.41
N VAL B 680 50.62 -17.30 -31.11
CA VAL B 680 51.48 -16.69 -30.09
C VAL B 680 52.85 -17.37 -29.99
N VAL B 681 53.90 -16.56 -30.04
CA VAL B 681 55.27 -17.06 -29.90
C VAL B 681 55.62 -17.23 -28.42
N ARG B 682 56.03 -18.44 -28.06
CA ARG B 682 56.38 -18.78 -26.68
C ARG B 682 57.90 -18.92 -26.54
N PRO B 683 58.42 -18.76 -25.31
CA PRO B 683 59.85 -19.05 -25.11
C PRO B 683 60.12 -20.56 -25.18
N ASP B 684 61.16 -20.93 -25.94
CA ASP B 684 61.57 -22.33 -26.15
C ASP B 684 60.54 -23.17 -26.92
N ASP B 685 59.72 -22.51 -27.73
CA ASP B 685 58.76 -23.21 -28.58
C ASP B 685 59.43 -23.69 -29.87
N GLU B 686 58.65 -24.35 -30.74
CA GLU B 686 59.18 -24.93 -31.98
C GLU B 686 59.72 -23.90 -32.97
N THR B 687 59.17 -22.68 -32.95
CA THR B 687 59.63 -21.60 -33.82
C THR B 687 61.07 -21.20 -33.49
N GLY B 688 61.43 -21.28 -32.21
CA GLY B 688 62.79 -21.04 -31.75
C GLY B 688 63.24 -19.60 -31.86
N ILE B 689 62.27 -18.69 -32.02
CA ILE B 689 62.56 -17.26 -32.10
C ILE B 689 62.81 -16.70 -30.70
N LEU B 690 62.01 -17.16 -29.74
CA LEU B 690 62.15 -16.75 -28.35
C LEU B 690 62.61 -17.91 -27.47
N THR B 691 63.60 -17.64 -26.62
CA THR B 691 63.99 -18.56 -25.55
C THR B 691 63.77 -17.86 -24.22
N LYS B 692 63.95 -16.54 -24.22
CA LYS B 692 63.55 -15.69 -23.10
C LYS B 692 62.16 -15.13 -23.40
N ASN B 693 61.57 -14.45 -22.43
CA ASN B 693 60.29 -13.78 -22.61
C ASN B 693 60.43 -12.60 -23.55
N ILE B 694 59.34 -12.25 -24.23
CA ILE B 694 59.32 -11.12 -25.16
C ILE B 694 59.71 -9.81 -24.45
N SER B 695 59.35 -9.70 -23.16
CA SER B 695 59.73 -8.58 -22.32
C SER B 695 61.24 -8.56 -22.07
N GLU B 696 61.83 -9.75 -21.96
CA GLU B 696 63.25 -9.92 -21.68
C GLU B 696 64.10 -9.79 -22.94
N THR B 697 63.53 -10.15 -24.08
CA THR B 697 64.26 -10.25 -25.36
C THR B 697 64.77 -8.89 -25.86
N LYS B 698 66.01 -8.88 -26.34
CA LYS B 698 66.63 -7.67 -26.87
C LYS B 698 66.54 -7.67 -28.40
N SER B 699 66.63 -8.87 -28.99
CA SER B 699 66.64 -9.04 -30.45
C SER B 699 66.08 -10.38 -30.88
N ILE B 700 65.31 -10.36 -31.98
CA ILE B 700 64.74 -11.58 -32.56
C ILE B 700 65.15 -11.78 -34.03
N THR B 701 65.50 -13.02 -34.37
CA THR B 701 65.88 -13.36 -35.73
C THR B 701 64.78 -14.17 -36.41
N LEU B 702 64.32 -13.69 -37.56
CA LEU B 702 63.22 -14.31 -38.29
C LEU B 702 63.69 -14.99 -39.57
N LYS B 703 63.47 -16.30 -39.63
CA LYS B 703 63.90 -17.13 -40.76
C LYS B 703 63.03 -16.91 -41.99
N SER B 704 63.52 -17.36 -43.14
CA SER B 704 62.91 -17.11 -44.45
C SER B 704 61.41 -17.42 -44.56
N TRP B 705 60.97 -18.49 -43.91
CA TRP B 705 59.56 -18.91 -43.95
C TRP B 705 58.69 -18.13 -42.99
N GLN B 706 59.33 -17.35 -42.11
CA GLN B 706 58.60 -16.55 -41.12
C GLN B 706 58.44 -15.12 -41.61
N THR B 707 57.26 -14.83 -42.15
CA THR B 707 57.00 -13.55 -42.84
C THR B 707 56.06 -12.60 -42.09
N ALA B 708 55.03 -13.15 -41.45
CA ALA B 708 54.05 -12.32 -40.73
C ALA B 708 54.15 -12.44 -39.21
N PHE B 709 54.06 -11.30 -38.53
CA PHE B 709 54.12 -11.24 -37.07
C PHE B 709 53.42 -10.00 -36.52
N SER B 710 52.79 -10.15 -35.36
CA SER B 710 52.08 -9.04 -34.71
C SER B 710 52.50 -8.85 -33.26
N ILE B 711 52.90 -7.62 -32.95
CA ILE B 711 53.50 -7.27 -31.66
C ILE B 711 52.56 -6.46 -30.79
N GLU B 712 52.20 -7.00 -29.63
CA GLU B 712 51.33 -6.33 -28.67
C GLU B 712 52.13 -5.81 -27.49
N PHE B 713 51.91 -4.54 -27.14
CA PHE B 713 52.61 -3.93 -26.01
C PHE B 713 51.66 -3.22 -25.06
N VAL B 714 52.15 -2.93 -23.85
CA VAL B 714 51.33 -2.35 -22.80
C VAL B 714 52.10 -1.24 -22.07
N VAL B 715 51.38 -0.39 -21.34
CA VAL B 715 51.99 0.59 -20.45
C VAL B 715 51.29 0.59 -19.09
N SER B 716 52.08 0.46 -18.03
CA SER B 716 51.54 0.31 -16.68
C SER B 716 51.22 1.66 -16.03
N ASN B 717 50.23 2.35 -16.60
CA ASN B 717 49.77 3.63 -16.06
C ASN B 717 48.36 3.48 -15.50
N TYR B 718 48.25 3.45 -14.18
CA TYR B 718 46.98 3.18 -13.52
C TYR B 718 46.14 4.43 -13.27
N ILE B 719 46.82 5.58 -13.23
CA ILE B 719 46.15 6.87 -13.09
C ILE B 719 45.44 7.22 -14.39
N SER B 720 46.16 7.11 -15.51
CA SER B 720 45.60 7.28 -16.85
C SER B 720 44.73 6.09 -17.23
N GLY B 721 45.00 4.94 -16.61
CA GLY B 721 44.23 3.72 -16.82
C GLY B 721 44.48 3.09 -18.17
N GLN B 722 43.50 3.24 -19.07
CA GLN B 722 43.56 2.64 -20.40
C GLN B 722 43.58 3.69 -21.51
N HIS B 723 43.68 4.95 -21.11
CA HIS B 723 43.74 6.07 -22.04
C HIS B 723 45.16 6.48 -22.24
N ASN B 724 45.83 5.87 -23.22
CA ASN B 724 47.23 6.13 -23.50
C ASN B 724 47.55 6.18 -25.00
N THR B 725 48.53 7.01 -25.35
CA THR B 725 48.99 7.14 -26.73
C THR B 725 50.36 6.50 -26.90
N PHE B 726 50.49 5.62 -27.89
CA PHE B 726 51.74 4.93 -28.19
C PHE B 726 52.33 5.45 -29.50
N ALA B 727 53.64 5.69 -29.51
CA ALA B 727 54.34 6.06 -30.74
C ALA B 727 55.31 4.96 -31.13
N TYR B 728 55.06 4.33 -32.28
CA TYR B 728 55.93 3.26 -32.75
C TYR B 728 56.57 3.59 -34.09
N LYS B 729 57.73 2.98 -34.35
CA LYS B 729 58.42 3.09 -35.62
C LYS B 729 59.34 1.89 -35.80
N LEU B 730 59.40 1.36 -37.03
CA LEU B 730 60.34 0.30 -37.36
C LEU B 730 61.54 0.86 -38.11
N GLU B 731 62.61 1.13 -37.36
CA GLU B 731 63.84 1.70 -37.90
C GLU B 731 64.38 0.85 -39.07
N GLY B 732 64.50 1.49 -40.22
CA GLY B 732 65.00 0.83 -41.42
C GLY B 732 63.90 0.54 -42.43
N TYR B 733 62.68 0.39 -41.93
CA TYR B 733 61.53 0.11 -42.78
C TYR B 733 60.57 1.30 -42.84
N ASP B 734 60.10 1.73 -41.66
CA ASP B 734 59.21 2.88 -41.57
C ASP B 734 59.94 4.18 -41.84
N LYS B 735 59.32 5.04 -42.67
CA LYS B 735 59.87 6.35 -42.99
C LYS B 735 59.72 7.30 -41.81
N GLU B 736 58.51 7.33 -41.24
CA GLU B 736 58.17 8.20 -40.12
C GLU B 736 57.62 7.42 -38.94
N TRP B 737 57.42 8.11 -37.82
CA TRP B 737 56.77 7.53 -36.65
C TRP B 737 55.30 7.36 -36.85
N TYR B 738 54.69 6.44 -36.11
CA TYR B 738 53.26 6.20 -36.19
C TYR B 738 52.63 6.14 -34.80
N TYR B 739 51.42 6.67 -34.68
CA TYR B 739 50.75 6.84 -33.39
C TYR B 739 49.50 5.98 -33.23
N LEU B 740 49.31 5.44 -32.02
CA LEU B 740 48.17 4.60 -31.69
C LEU B 740 47.46 5.10 -30.43
N THR B 741 46.13 5.24 -30.53
CA THR B 741 45.32 5.73 -29.41
C THR B 741 44.32 4.70 -28.89
N ASP B 742 43.84 3.84 -29.77
CA ASP B 742 42.89 2.79 -29.41
C ASP B 742 43.53 1.41 -29.41
N SER B 743 44.64 1.28 -30.13
CA SER B 743 45.30 -0.01 -30.32
C SER B 743 46.64 -0.14 -29.58
N ARG B 744 47.13 -1.37 -29.51
CA ARG B 744 48.37 -1.69 -28.82
C ARG B 744 49.21 -2.68 -29.62
N THR B 745 48.61 -3.26 -30.67
CA THR B 745 49.27 -4.28 -31.48
C THR B 745 49.68 -3.72 -32.85
N VAL B 746 50.89 -4.08 -33.28
CA VAL B 746 51.43 -3.66 -34.57
C VAL B 746 51.75 -4.90 -35.41
N SER B 747 51.22 -4.95 -36.63
CA SER B 747 51.44 -6.07 -37.53
C SER B 747 52.35 -5.72 -38.70
N TYR B 748 53.26 -6.64 -39.03
CA TYR B 748 54.12 -6.52 -40.19
C TYR B 748 54.13 -7.83 -40.99
N SER B 749 54.40 -7.72 -42.29
CA SER B 749 54.47 -8.88 -43.17
C SER B 749 55.46 -8.66 -44.31
N ASN B 750 55.92 -9.77 -44.89
CA ASN B 750 56.85 -9.75 -46.04
C ASN B 750 57.88 -8.64 -46.00
N LEU B 751 58.80 -8.72 -45.04
CA LEU B 751 59.86 -7.74 -44.90
C LEU B 751 61.08 -8.12 -45.73
N PRO B 752 61.78 -7.11 -46.28
CA PRO B 752 63.07 -7.36 -46.96
C PRO B 752 64.15 -7.77 -45.96
N GLN B 753 65.19 -8.43 -46.45
CA GLN B 753 66.28 -8.88 -45.58
C GLN B 753 67.08 -7.69 -45.02
N GLY B 754 67.65 -7.89 -43.84
CA GLY B 754 68.40 -6.84 -43.15
C GLY B 754 68.12 -6.80 -41.66
N THR B 755 68.74 -5.84 -40.98
CA THR B 755 68.60 -5.68 -39.54
C THR B 755 67.78 -4.43 -39.24
N TYR B 756 66.68 -4.60 -38.53
CA TYR B 756 65.78 -3.51 -38.20
C TYR B 756 65.67 -3.32 -36.68
N GLN B 757 65.11 -2.20 -36.27
CA GLN B 757 64.87 -1.92 -34.85
C GLN B 757 63.45 -1.41 -34.63
N PHE B 758 62.77 -2.01 -33.67
CA PHE B 758 61.44 -1.55 -33.28
C PHE B 758 61.52 -0.65 -32.04
N LEU B 759 60.92 0.52 -32.14
CA LEU B 759 60.89 1.49 -31.05
C LEU B 759 59.46 1.85 -30.70
N VAL B 760 59.19 2.05 -29.41
CA VAL B 760 57.85 2.44 -28.94
C VAL B 760 57.88 3.38 -27.72
N LYS B 761 57.22 4.52 -27.86
CA LYS B 761 57.14 5.55 -26.81
C LYS B 761 55.80 5.49 -26.08
N ALA B 762 55.72 6.13 -24.92
CA ALA B 762 54.52 6.11 -24.09
C ALA B 762 54.04 7.51 -23.67
N ALA B 763 52.88 7.90 -24.16
CA ALA B 763 52.20 9.12 -23.71
C ALA B 763 51.01 8.76 -22.84
N ASN B 764 50.87 9.47 -21.73
CA ASN B 764 49.73 9.28 -20.83
C ASN B 764 48.48 9.99 -21.34
N SER B 765 47.41 9.95 -20.56
CA SER B 765 46.15 10.61 -20.90
C SER B 765 46.33 12.12 -21.08
N ASP B 766 47.14 12.73 -20.21
CA ASP B 766 47.36 14.17 -20.22
C ASP B 766 48.36 14.66 -21.28
N GLY B 767 49.03 13.71 -21.95
CA GLY B 767 49.86 14.04 -23.11
C GLY B 767 51.35 14.18 -22.86
N LYS B 768 51.81 13.75 -21.68
CA LYS B 768 53.23 13.75 -21.35
C LYS B 768 53.88 12.48 -21.89
N TRP B 769 55.07 12.63 -22.48
CA TRP B 769 55.76 11.53 -23.14
C TRP B 769 56.83 10.89 -22.32
N ASN B 770 57.18 9.65 -22.70
CA ASN B 770 58.37 8.99 -22.19
C ASN B 770 59.48 9.10 -23.24
N PRO B 771 60.48 9.95 -22.98
CA PRO B 771 61.56 10.28 -23.92
C PRO B 771 62.34 9.07 -24.43
N ILE B 772 62.77 8.20 -23.51
CA ILE B 772 63.47 6.96 -23.86
C ILE B 772 62.47 5.85 -24.16
N PRO B 773 62.43 5.35 -25.42
CA PRO B 773 61.48 4.34 -25.84
C PRO B 773 61.94 2.92 -25.53
N THR B 774 61.12 1.94 -25.86
CA THR B 774 61.49 0.53 -25.68
C THR B 774 61.95 -0.07 -27.01
N ALA B 775 63.13 -0.70 -26.98
CA ALA B 775 63.80 -1.19 -28.18
C ALA B 775 63.89 -2.71 -28.26
N LEU B 776 63.40 -3.26 -29.38
CA LEU B 776 63.57 -4.67 -29.70
C LEU B 776 64.04 -4.82 -31.13
N GLU B 777 65.22 -5.40 -31.30
CA GLU B 777 65.83 -5.57 -32.63
C GLU B 777 65.16 -6.71 -33.37
N ILE B 778 65.05 -6.56 -34.69
CA ILE B 778 64.47 -7.58 -35.56
C ILE B 778 65.41 -7.82 -36.74
N ILE B 779 65.80 -9.07 -36.94
CA ILE B 779 66.72 -9.44 -38.01
C ILE B 779 66.01 -10.34 -39.02
N VAL B 780 65.94 -9.86 -40.26
CA VAL B 780 65.30 -10.61 -41.35
C VAL B 780 66.37 -11.27 -42.22
N LEU B 781 66.30 -12.59 -42.31
CA LEU B 781 67.25 -13.39 -43.07
C LEU B 781 66.84 -13.47 -44.55
N PRO B 782 67.82 -13.70 -45.46
CA PRO B 782 67.58 -13.77 -46.91
C PRO B 782 66.51 -14.77 -47.33
N ILE B 783 65.94 -14.57 -48.53
CA ILE B 783 64.90 -15.45 -49.06
C ILE B 783 65.36 -16.13 -50.35
N GLN C 28 -29.49 15.35 -5.57
CA GLN C 28 -29.16 14.55 -4.35
C GLN C 28 -30.31 14.55 -3.35
N ILE C 29 -30.77 13.35 -3.01
CA ILE C 29 -31.89 13.16 -2.08
C ILE C 29 -31.51 12.15 -0.99
N THR C 30 -31.59 12.58 0.27
CA THR C 30 -31.27 11.72 1.40
C THR C 30 -32.46 11.54 2.35
N PHE C 31 -32.61 10.34 2.89
CA PHE C 31 -33.76 9.97 3.71
C PHE C 31 -33.45 9.87 5.21
N SER C 32 -34.47 10.12 6.02
CA SER C 32 -34.42 9.91 7.46
C SER C 32 -34.96 8.51 7.78
N TYR C 33 -34.49 7.94 8.88
CA TYR C 33 -34.85 6.57 9.24
C TYR C 33 -35.80 6.49 10.43
N ILE C 34 -36.96 5.87 10.22
CA ILE C 34 -37.93 5.59 11.27
C ILE C 34 -38.35 4.12 11.20
N SER C 35 -37.97 3.35 12.21
CA SER C 35 -38.20 1.91 12.22
C SER C 35 -38.54 1.38 13.62
N ILE C 36 -38.31 0.08 13.83
CA ILE C 36 -38.63 -0.60 15.09
C ILE C 36 -37.93 0.05 16.28
N ASN C 37 -36.66 0.43 16.10
CA ASN C 37 -35.88 1.09 17.14
C ASN C 37 -36.41 2.47 17.49
N GLU C 38 -37.14 3.06 16.55
CA GLU C 38 -37.72 4.40 16.72
C GLU C 38 -39.11 4.35 17.34
N GLY C 39 -39.65 3.14 17.46
CA GLY C 39 -40.95 2.94 18.11
C GLY C 39 -42.03 2.31 17.25
N LEU C 40 -41.67 1.96 16.02
CA LEU C 40 -42.60 1.32 15.09
C LEU C 40 -42.84 -0.14 15.48
N SER C 41 -44.08 -0.59 15.34
CA SER C 41 -44.48 -1.94 15.75
C SER C 41 -44.00 -3.02 14.77
N GLN C 42 -44.13 -2.73 13.48
CA GLN C 42 -43.79 -3.68 12.42
C GLN C 42 -43.29 -2.93 11.19
N SER C 43 -42.29 -3.51 10.51
CA SER C 43 -41.58 -2.85 9.42
C SER C 43 -42.42 -2.51 8.18
N THR C 44 -43.32 -3.43 7.81
CA THR C 44 -44.17 -3.26 6.63
C THR C 44 -45.20 -2.14 6.85
N VAL C 45 -45.24 -1.19 5.92
CA VAL C 45 -46.24 -0.12 5.96
C VAL C 45 -47.06 -0.15 4.66
N PHE C 46 -48.27 -0.67 4.76
CA PHE C 46 -49.16 -0.84 3.61
C PHE C 46 -49.75 0.48 3.10
N SER C 47 -50.15 1.34 4.04
CA SER C 47 -50.79 2.61 3.69
C SER C 47 -50.43 3.71 4.70
N ILE C 48 -50.40 4.95 4.22
CA ILE C 48 -50.08 6.11 5.06
C ILE C 48 -51.09 7.23 4.86
N ASP C 49 -51.56 7.82 5.96
CA ASP C 49 -52.51 8.94 5.91
C ASP C 49 -52.30 9.89 7.10
N GLN C 50 -52.84 11.11 6.97
CA GLN C 50 -52.73 12.13 8.01
C GLN C 50 -54.11 12.64 8.41
N ASP C 51 -54.27 12.97 9.69
CA ASP C 51 -55.55 13.46 10.23
C ASP C 51 -55.58 14.98 10.39
N LYS C 52 -56.72 15.51 10.82
CA LYS C 52 -56.91 16.95 11.03
C LYS C 52 -56.04 17.51 12.16
N ARG C 53 -55.70 16.66 13.13
CA ARG C 53 -54.84 17.05 14.24
C ARG C 53 -53.39 17.24 13.79
N GLY C 54 -53.00 16.51 12.75
CA GLY C 54 -51.65 16.58 12.20
C GLY C 54 -50.86 15.30 12.39
N ASN C 55 -51.45 14.33 13.06
CA ASN C 55 -50.82 13.04 13.33
C ASN C 55 -50.75 12.15 12.09
N MET C 56 -49.69 11.36 12.01
CA MET C 56 -49.50 10.41 10.91
C MET C 56 -50.00 9.03 11.30
N TRP C 57 -50.59 8.33 10.33
CA TRP C 57 -51.13 7.00 10.54
C TRP C 57 -50.49 5.99 9.62
N PHE C 58 -50.05 4.88 10.18
CA PHE C 58 -49.38 3.82 9.42
C PHE C 58 -50.05 2.47 9.63
N ALA C 59 -50.56 1.91 8.53
CA ALA C 59 -51.15 0.58 8.56
C ALA C 59 -50.07 -0.48 8.37
N THR C 60 -49.80 -1.25 9.41
CA THR C 60 -48.76 -2.27 9.38
C THR C 60 -49.37 -3.68 9.37
N TYR C 61 -48.51 -4.69 9.15
CA TYR C 61 -48.93 -6.09 9.18
C TYR C 61 -49.24 -6.50 10.61
N ASP C 62 -48.64 -5.80 11.57
CA ASP C 62 -48.84 -6.07 12.99
C ASP C 62 -49.09 -4.78 13.77
N GLY C 63 -50.37 -4.39 13.83
CA GLY C 63 -50.80 -3.21 14.56
C GLY C 63 -51.10 -2.00 13.69
N VAL C 64 -51.58 -0.94 14.32
CA VAL C 64 -51.82 0.35 13.65
C VAL C 64 -51.08 1.43 14.42
N ASN C 65 -50.13 2.09 13.76
CA ASN C 65 -49.26 3.06 14.41
C ASN C 65 -49.73 4.51 14.23
N LYS C 66 -49.71 5.27 15.32
CA LYS C 66 -49.99 6.69 15.29
C LYS C 66 -48.76 7.48 15.75
N TYR C 67 -48.32 8.39 14.89
CA TYR C 67 -47.14 9.20 15.17
C TYR C 67 -47.49 10.68 15.14
N ASP C 68 -47.16 11.37 16.24
CA ASP C 68 -47.49 12.79 16.40
C ASP C 68 -46.30 13.73 16.15
N GLY C 69 -45.09 13.17 16.16
CA GLY C 69 -43.87 13.95 15.95
C GLY C 69 -42.85 13.70 17.04
N TYR C 70 -43.26 13.04 18.11
CA TYR C 70 -42.40 12.76 19.25
C TYR C 70 -42.45 11.30 19.69
N ALA C 71 -43.64 10.72 19.71
CA ALA C 71 -43.84 9.36 20.21
C ALA C 71 -44.82 8.54 19.37
N PHE C 72 -44.66 7.22 19.40
CA PHE C 72 -45.54 6.29 18.71
C PHE C 72 -46.68 5.81 19.60
N THR C 73 -47.86 5.66 19.01
CA THR C 73 -49.01 5.10 19.71
C THR C 73 -49.49 3.85 18.98
N VAL C 74 -49.04 2.69 19.46
CA VAL C 74 -49.36 1.41 18.84
C VAL C 74 -50.73 0.92 19.30
N TYR C 75 -51.63 0.69 18.34
CA TYR C 75 -52.96 0.18 18.63
C TYR C 75 -53.10 -1.28 18.18
N GLN C 76 -53.15 -2.19 19.15
CA GLN C 76 -53.28 -3.62 18.88
C GLN C 76 -54.52 -4.21 19.52
N HIS C 77 -55.00 -5.31 18.95
CA HIS C 77 -56.23 -5.95 19.40
C HIS C 77 -56.11 -6.54 20.77
N ASN C 78 -57.17 -6.38 21.57
CA ASN C 78 -57.28 -7.00 22.87
C ASN C 78 -58.51 -7.89 22.94
N GLU C 79 -58.33 -9.11 23.43
CA GLU C 79 -59.42 -10.09 23.53
C GLU C 79 -60.45 -9.67 24.59
N ASP C 80 -59.96 -9.09 25.68
CA ASP C 80 -60.81 -8.68 26.80
C ASP C 80 -61.40 -7.28 26.63
N ASP C 81 -60.69 -6.43 25.87
CA ASP C 81 -61.13 -5.07 25.63
C ASP C 81 -61.72 -4.91 24.22
N PRO C 82 -63.04 -4.65 24.13
CA PRO C 82 -63.72 -4.45 22.85
C PRO C 82 -63.41 -3.09 22.22
N ASN C 83 -62.86 -2.18 23.00
CA ASN C 83 -62.51 -0.83 22.54
C ASN C 83 -61.23 -0.75 21.72
N SER C 84 -60.49 -1.86 21.67
CA SER C 84 -59.28 -1.96 20.86
C SER C 84 -59.63 -2.26 19.40
N ILE C 85 -58.65 -2.10 18.51
CA ILE C 85 -58.80 -2.41 17.09
C ILE C 85 -59.25 -3.87 16.88
N ALA C 86 -60.02 -4.11 15.82
CA ALA C 86 -60.58 -5.43 15.52
C ALA C 86 -59.50 -6.50 15.31
N ASN C 87 -58.48 -6.16 14.52
CA ASN C 87 -57.35 -7.05 14.27
C ASN C 87 -56.08 -6.27 13.97
N ASP C 88 -54.94 -6.80 14.42
CA ASP C 88 -53.64 -6.15 14.21
C ASP C 88 -53.15 -6.16 12.75
N ILE C 89 -53.68 -7.10 11.96
CA ILE C 89 -53.38 -7.14 10.52
C ILE C 89 -54.22 -6.08 9.79
N SER C 90 -53.61 -4.94 9.53
CA SER C 90 -54.25 -3.83 8.84
C SER C 90 -53.72 -3.69 7.41
N ARG C 91 -54.60 -3.28 6.50
CA ARG C 91 -54.27 -3.22 5.07
C ARG C 91 -54.37 -1.81 4.49
N ILE C 92 -55.33 -1.03 4.96
CA ILE C 92 -55.57 0.31 4.42
C ILE C 92 -55.98 1.33 5.49
N VAL C 93 -55.52 2.57 5.33
CA VAL C 93 -55.91 3.68 6.20
C VAL C 93 -56.27 4.92 5.38
N LYS C 94 -57.49 5.44 5.59
CA LYS C 94 -57.97 6.60 4.87
C LYS C 94 -58.67 7.61 5.78
N THR C 95 -58.34 8.89 5.58
CA THR C 95 -58.97 9.98 6.31
C THR C 95 -59.90 10.74 5.37
N ASP C 96 -61.15 10.93 5.79
CA ASP C 96 -62.16 11.55 4.93
C ASP C 96 -62.18 13.08 5.03
N SER C 97 -63.27 13.69 4.55
CA SER C 97 -63.43 15.14 4.52
C SER C 97 -63.54 15.77 5.92
N GLN C 98 -64.17 15.04 6.83
CA GLN C 98 -64.41 15.55 8.19
C GLN C 98 -63.31 15.17 9.19
N GLY C 99 -62.24 14.55 8.69
CA GLY C 99 -61.07 14.24 9.51
C GLY C 99 -61.14 12.91 10.25
N ARG C 100 -62.14 12.10 9.92
CA ARG C 100 -62.33 10.79 10.55
C ARG C 100 -61.37 9.76 9.95
N VAL C 101 -60.66 9.05 10.83
CA VAL C 101 -59.68 8.05 10.41
C VAL C 101 -60.31 6.66 10.37
N TRP C 102 -60.19 5.99 9.23
CA TRP C 102 -60.76 4.67 9.02
C TRP C 102 -59.71 3.64 8.72
N ILE C 103 -59.85 2.46 9.31
CA ILE C 103 -58.87 1.38 9.15
C ILE C 103 -59.50 0.14 8.52
N GLY C 104 -58.79 -0.47 7.57
CA GLY C 104 -59.21 -1.74 6.97
C GLY C 104 -58.43 -2.90 7.54
N THR C 105 -59.13 -3.76 8.30
CA THR C 105 -58.49 -4.90 8.97
C THR C 105 -58.92 -6.23 8.34
N ARG C 106 -58.30 -7.31 8.79
CA ARG C 106 -58.63 -8.66 8.32
C ARG C 106 -60.00 -9.12 8.81
N ASP C 107 -60.40 -8.64 9.99
CA ASP C 107 -61.70 -8.95 10.57
C ASP C 107 -62.82 -8.09 9.99
N GLY C 108 -62.46 -6.91 9.48
CA GLY C 108 -63.43 -6.00 8.88
C GLY C 108 -63.01 -4.55 8.91
N LEU C 109 -63.97 -3.69 9.24
CA LEU C 109 -63.75 -2.24 9.26
C LEU C 109 -63.70 -1.70 10.69
N SER C 110 -62.83 -0.72 10.93
CA SER C 110 -62.71 -0.08 12.24
C SER C 110 -62.49 1.42 12.11
N ARG C 111 -63.18 2.18 12.96
CA ARG C 111 -63.04 3.64 13.01
C ARG C 111 -62.44 4.09 14.34
N TYR C 112 -61.43 4.97 14.26
CA TYR C 112 -60.84 5.55 15.44
C TYR C 112 -61.64 6.76 15.92
N ASP C 113 -62.35 6.58 17.02
CA ASP C 113 -63.09 7.68 17.65
C ASP C 113 -62.13 8.48 18.53
N GLU C 114 -61.69 9.63 18.02
CA GLU C 114 -60.76 10.48 18.73
C GLU C 114 -61.41 11.29 19.86
N GLU C 115 -62.74 11.38 19.82
CA GLU C 115 -63.51 12.07 20.86
C GLU C 115 -63.53 11.28 22.16
N LYS C 116 -63.50 9.95 22.05
CA LYS C 116 -63.52 9.07 23.21
C LYS C 116 -62.27 8.18 23.30
N ASP C 117 -61.35 8.36 22.36
CA ASP C 117 -60.10 7.60 22.27
C ASP C 117 -60.32 6.08 22.24
N ILE C 118 -61.30 5.66 21.44
CA ILE C 118 -61.67 4.24 21.30
C ILE C 118 -61.82 3.83 19.84
N PHE C 119 -61.90 2.52 19.60
CA PHE C 119 -62.15 1.99 18.26
C PHE C 119 -63.54 1.39 18.14
N GLN C 120 -64.23 1.69 17.05
CA GLN C 120 -65.54 1.13 16.75
C GLN C 120 -65.43 0.10 15.64
N ASN C 121 -65.50 -1.17 16.02
CA ASN C 121 -65.29 -2.28 15.09
C ASN C 121 -66.59 -2.72 14.41
N PHE C 122 -66.56 -2.76 13.07
CA PHE C 122 -67.70 -3.21 12.28
C PHE C 122 -67.33 -4.43 11.46
N PHE C 123 -68.27 -5.37 11.36
CA PHE C 123 -68.02 -6.64 10.68
C PHE C 123 -69.07 -6.93 9.61
N TYR C 124 -68.63 -7.49 8.50
CA TYR C 124 -69.52 -7.97 7.45
C TYR C 124 -69.28 -9.45 7.21
N GLU C 125 -70.32 -10.25 7.44
CA GLU C 125 -70.21 -11.70 7.32
C GLU C 125 -70.88 -12.23 6.06
N LYS C 126 -70.13 -13.05 5.32
CA LYS C 126 -70.66 -13.80 4.19
C LYS C 126 -70.09 -15.21 4.19
N ASN C 127 -70.97 -16.20 4.03
CA ASN C 127 -70.60 -17.62 4.02
C ASN C 127 -69.97 -18.13 5.32
N GLY C 128 -70.21 -17.40 6.41
CA GLY C 128 -69.72 -17.79 7.73
C GLY C 128 -68.60 -16.91 8.27
N LYS C 129 -67.66 -16.54 7.39
CA LYS C 129 -66.49 -15.78 7.78
C LYS C 129 -66.67 -14.27 7.62
N HIS C 130 -66.03 -13.51 8.51
CA HIS C 130 -66.02 -12.05 8.43
C HIS C 130 -65.04 -11.61 7.37
N LEU C 131 -65.49 -10.74 6.48
CA LEU C 131 -64.70 -10.32 5.32
C LEU C 131 -63.69 -9.22 5.61
N GLN C 132 -62.54 -9.32 4.94
CA GLN C 132 -61.46 -8.34 5.05
C GLN C 132 -61.74 -7.10 4.21
N VAL C 133 -61.37 -5.94 4.73
CA VAL C 133 -61.45 -4.69 3.98
C VAL C 133 -60.10 -4.40 3.34
N ASN C 134 -60.09 -4.33 2.01
CA ASN C 134 -58.86 -4.09 1.25
C ASN C 134 -58.62 -2.62 0.94
N GLY C 135 -59.69 -1.92 0.57
CA GLY C 135 -59.61 -0.50 0.25
C GLY C 135 -60.86 0.24 0.70
N ILE C 136 -60.71 1.54 0.92
CA ILE C 136 -61.80 2.37 1.43
C ILE C 136 -61.80 3.77 0.81
N GLU C 137 -62.96 4.19 0.31
CA GLU C 137 -63.10 5.49 -0.35
C GLU C 137 -64.39 6.17 0.07
N GLU C 138 -64.36 7.50 0.14
CA GLU C 138 -65.52 8.30 0.55
C GLU C 138 -66.44 8.57 -0.62
N ILE C 139 -67.74 8.29 -0.43
CA ILE C 139 -68.78 8.64 -1.39
C ILE C 139 -69.40 9.97 -0.97
N SER C 140 -69.73 10.07 0.32
CA SER C 140 -70.28 11.29 0.91
C SER C 140 -69.86 11.34 2.39
N PRO C 141 -70.08 12.49 3.05
CA PRO C 141 -69.82 12.55 4.50
C PRO C 141 -70.72 11.59 5.30
N GLU C 142 -71.64 10.91 4.62
CA GLU C 142 -72.59 9.99 5.25
C GLU C 142 -72.39 8.54 4.81
N GLN C 143 -71.73 8.34 3.67
CA GLN C 143 -71.55 7.01 3.09
C GLN C 143 -70.10 6.70 2.72
N LEU C 144 -69.77 5.42 2.64
CA LEU C 144 -68.42 4.97 2.30
C LEU C 144 -68.42 3.80 1.33
N LEU C 145 -67.40 3.76 0.46
CA LEU C 145 -67.21 2.67 -0.48
C LEU C 145 -66.20 1.67 0.07
N ILE C 146 -66.60 0.40 0.17
CA ILE C 146 -65.77 -0.65 0.75
C ILE C 146 -65.48 -1.75 -0.27
N SER C 147 -64.21 -2.15 -0.35
CA SER C 147 -63.79 -3.23 -1.24
C SER C 147 -63.43 -4.49 -0.46
N THR C 148 -64.04 -5.61 -0.85
CA THR C 148 -63.82 -6.90 -0.21
C THR C 148 -63.33 -7.92 -1.24
N PRO C 149 -62.66 -9.00 -0.78
CA PRO C 149 -62.23 -10.06 -1.70
C PRO C 149 -63.39 -10.80 -2.37
N GLU C 150 -64.62 -10.45 -2.00
CA GLU C 150 -65.81 -11.06 -2.58
C GLU C 150 -66.62 -10.10 -3.46
N GLY C 151 -66.42 -8.79 -3.26
CA GLY C 151 -67.10 -7.78 -4.07
C GLY C 151 -66.97 -6.36 -3.56
N LEU C 152 -68.00 -5.56 -3.82
CA LEU C 152 -68.03 -4.15 -3.39
C LEU C 152 -69.31 -3.83 -2.62
N ILE C 153 -69.14 -3.36 -1.38
CA ILE C 153 -70.26 -3.03 -0.51
C ILE C 153 -70.19 -1.59 -0.01
N MET C 154 -71.34 -1.06 0.42
CA MET C 154 -71.45 0.32 0.88
C MET C 154 -71.74 0.37 2.37
N PHE C 155 -71.05 1.28 3.07
CA PHE C 155 -71.23 1.44 4.52
C PHE C 155 -71.88 2.79 4.85
N ASP C 156 -72.99 2.73 5.58
CA ASP C 156 -73.66 3.93 6.06
C ASP C 156 -73.06 4.36 7.38
N ILE C 157 -72.48 5.56 7.42
CA ILE C 157 -71.83 6.08 8.61
C ILE C 157 -72.84 6.45 9.69
N LYS C 158 -73.89 7.17 9.28
CA LYS C 158 -74.92 7.65 10.21
C LYS C 158 -75.74 6.52 10.83
N GLU C 159 -75.82 5.39 10.14
CA GLU C 159 -76.60 4.23 10.61
C GLU C 159 -75.73 3.11 11.17
N SER C 160 -74.42 3.18 10.89
CA SER C 160 -73.44 2.19 11.36
C SER C 160 -73.75 0.76 10.89
N LYS C 161 -74.25 0.64 9.66
CA LYS C 161 -74.61 -0.64 9.07
C LYS C 161 -74.20 -0.73 7.60
N PHE C 162 -73.90 -1.95 7.15
CA PHE C 162 -73.49 -2.19 5.77
C PHE C 162 -74.70 -2.38 4.85
N ILE C 163 -74.61 -1.80 3.66
CA ILE C 163 -75.64 -1.94 2.63
C ILE C 163 -75.06 -2.65 1.41
N ASP C 164 -75.58 -3.83 1.11
CA ASP C 164 -75.12 -4.65 -0.02
C ASP C 164 -76.09 -4.68 -1.19
N ASP C 165 -77.27 -4.09 -1.00
CA ASP C 165 -78.29 -4.05 -2.05
C ASP C 165 -78.44 -2.65 -2.66
N SER C 166 -77.33 -1.92 -2.72
CA SER C 166 -77.32 -0.57 -3.28
C SER C 166 -76.71 -0.51 -4.68
N PHE C 167 -75.72 -1.36 -4.93
CA PHE C 167 -75.02 -1.39 -6.22
C PHE C 167 -75.66 -2.37 -7.20
N SER C 168 -75.41 -2.12 -8.49
CA SER C 168 -75.86 -3.03 -9.55
C SER C 168 -75.08 -4.34 -9.50
N THR C 169 -75.70 -5.41 -9.99
CA THR C 169 -75.12 -6.76 -9.95
C THR C 169 -73.70 -6.83 -10.53
N ALA C 170 -73.48 -6.11 -11.64
CA ALA C 170 -72.18 -6.05 -12.29
C ALA C 170 -71.14 -5.32 -11.43
N MET C 171 -71.58 -4.25 -10.77
CA MET C 171 -70.71 -3.46 -9.90
C MET C 171 -70.48 -4.14 -8.55
N HIS C 172 -71.50 -4.84 -8.06
CA HIS C 172 -71.47 -5.45 -6.73
C HIS C 172 -70.54 -6.63 -6.63
N LYS C 173 -70.47 -7.42 -7.71
CA LYS C 173 -69.63 -8.61 -7.75
C LYS C 173 -68.25 -8.33 -8.36
N THR C 174 -67.76 -7.10 -8.17
CA THR C 174 -66.46 -6.69 -8.71
C THR C 174 -65.39 -6.71 -7.63
N ILE C 175 -64.31 -7.42 -7.91
CA ILE C 175 -63.18 -7.52 -6.99
C ILE C 175 -62.25 -6.31 -7.20
N ALA C 176 -62.31 -5.36 -6.28
CA ALA C 176 -61.52 -4.14 -6.36
C ALA C 176 -60.21 -4.27 -5.60
N SER C 177 -59.11 -3.97 -6.27
CA SER C 177 -57.77 -4.03 -5.67
C SER C 177 -57.33 -2.66 -5.16
N THR C 178 -57.82 -1.60 -5.79
CA THR C 178 -57.52 -0.22 -5.38
C THR C 178 -58.70 0.73 -5.66
N LEU C 179 -58.81 1.77 -4.84
CA LEU C 179 -59.87 2.77 -4.98
C LEU C 179 -59.30 4.19 -4.94
N TYR C 180 -59.79 5.03 -5.86
CA TYR C 180 -59.33 6.42 -5.97
C TYR C 180 -60.44 7.33 -6.45
N ARG C 181 -60.60 8.47 -5.76
CA ARG C 181 -61.64 9.44 -6.10
C ARG C 181 -61.03 10.73 -6.67
N GLN C 182 -61.71 11.29 -7.66
CA GLN C 182 -61.33 12.57 -8.25
C GLN C 182 -62.57 13.46 -8.42
N GLY C 183 -62.88 14.19 -7.37
CA GLY C 183 -64.04 15.08 -7.36
C GLY C 183 -65.37 14.34 -7.35
N ASP C 184 -65.92 14.12 -8.54
CA ASP C 184 -67.21 13.46 -8.68
C ASP C 184 -67.07 11.96 -8.98
N GLN C 185 -66.03 11.59 -9.71
CA GLN C 185 -65.83 10.20 -10.13
C GLN C 185 -64.92 9.42 -9.19
N ILE C 186 -65.28 8.15 -8.97
CA ILE C 186 -64.45 7.23 -8.20
C ILE C 186 -63.95 6.13 -9.13
N TYR C 187 -62.65 6.18 -9.43
CA TYR C 187 -62.01 5.20 -10.30
C TYR C 187 -61.72 3.91 -9.54
N ILE C 188 -62.06 2.78 -10.16
CA ILE C 188 -61.91 1.47 -9.53
C ILE C 188 -60.91 0.59 -10.29
N GLY C 189 -59.87 0.17 -9.59
CA GLY C 189 -58.85 -0.71 -10.15
C GLY C 189 -59.02 -2.14 -9.68
N THR C 190 -59.19 -3.06 -10.63
CA THR C 190 -59.47 -4.46 -10.34
C THR C 190 -58.21 -5.33 -10.41
N SER C 191 -58.38 -6.63 -10.14
CA SER C 191 -57.28 -7.59 -10.16
C SER C 191 -56.99 -8.14 -11.55
N THR C 192 -58.03 -8.26 -12.38
CA THR C 192 -57.91 -8.80 -13.74
C THR C 192 -58.78 -8.06 -14.76
N ASP C 193 -59.89 -7.50 -14.29
CA ASP C 193 -60.93 -6.94 -15.18
C ASP C 193 -60.64 -5.52 -15.68
N GLY C 194 -59.43 -5.03 -15.43
CA GLY C 194 -59.01 -3.71 -15.91
C GLY C 194 -59.44 -2.56 -15.03
N LEU C 195 -59.81 -1.45 -15.66
CA LEU C 195 -60.18 -0.22 -14.94
C LEU C 195 -61.63 0.19 -15.20
N TYR C 196 -62.29 0.65 -14.14
CA TYR C 196 -63.67 1.14 -14.23
C TYR C 196 -63.79 2.50 -13.56
N THR C 197 -64.84 3.24 -13.94
CA THR C 197 -65.13 4.53 -13.32
C THR C 197 -66.58 4.63 -12.84
N TYR C 198 -66.77 5.28 -11.70
CA TYR C 198 -68.09 5.42 -11.10
C TYR C 198 -68.41 6.87 -10.73
N SER C 199 -69.43 7.43 -11.36
CA SER C 199 -69.92 8.76 -11.04
C SER C 199 -70.89 8.66 -9.85
N ILE C 200 -70.71 9.54 -8.88
CA ILE C 200 -71.58 9.58 -7.70
C ILE C 200 -72.94 10.19 -8.04
N THR C 201 -72.91 11.28 -8.81
CA THR C 201 -74.12 11.99 -9.21
C THR C 201 -74.95 11.18 -10.19
N GLN C 202 -74.31 10.64 -11.22
CA GLN C 202 -75.00 9.90 -12.28
C GLN C 202 -75.26 8.44 -11.92
N LYS C 203 -74.54 7.93 -10.92
CA LYS C 203 -74.61 6.52 -10.50
C LYS C 203 -74.32 5.55 -11.65
N THR C 204 -73.39 5.94 -12.51
CA THR C 204 -73.04 5.16 -13.70
C THR C 204 -71.75 4.38 -13.51
N PHE C 205 -71.73 3.15 -14.04
CA PHE C 205 -70.58 2.26 -13.93
C PHE C 205 -70.10 1.84 -15.33
N GLU C 206 -69.00 2.45 -15.76
CA GLU C 206 -68.45 2.21 -17.09
C GLU C 206 -66.95 1.91 -17.07
N LYS C 207 -66.47 1.23 -18.11
CA LYS C 207 -65.06 0.87 -18.24
C LYS C 207 -64.25 1.95 -18.95
N VAL C 208 -62.94 1.91 -18.75
CA VAL C 208 -62.03 2.87 -19.38
C VAL C 208 -61.15 2.16 -20.41
N GLN C 216 -53.33 -6.59 -12.41
CA GLN C 216 -53.87 -6.02 -11.18
C GLN C 216 -53.38 -4.59 -10.97
N ILE C 217 -54.32 -3.70 -10.69
CA ILE C 217 -54.01 -2.29 -10.44
C ILE C 217 -53.81 -2.06 -8.94
N GLN C 218 -52.71 -1.40 -8.58
CA GLN C 218 -52.37 -1.16 -7.19
C GLN C 218 -52.58 0.28 -6.73
N ALA C 219 -52.38 1.24 -7.64
CA ALA C 219 -52.57 2.65 -7.35
C ALA C 219 -53.03 3.46 -8.55
N ILE C 220 -53.91 4.43 -8.30
CA ILE C 220 -54.40 5.35 -9.32
C ILE C 220 -54.17 6.79 -8.86
N LEU C 221 -53.64 7.62 -9.74
CA LEU C 221 -53.39 9.04 -9.45
C LEU C 221 -53.56 9.90 -10.69
N GLN C 222 -54.20 11.05 -10.53
CA GLN C 222 -54.40 12.00 -11.62
C GLN C 222 -53.51 13.23 -11.46
N GLN C 223 -52.81 13.58 -12.53
CA GLN C 223 -51.96 14.76 -12.56
C GLN C 223 -52.75 15.96 -13.08
N SER C 224 -53.45 15.75 -14.20
CA SER C 224 -54.29 16.76 -14.82
C SER C 224 -55.45 16.09 -15.55
N PRO C 225 -56.48 16.87 -15.97
CA PRO C 225 -57.61 16.29 -16.72
C PRO C 225 -57.22 15.57 -18.02
N THR C 226 -55.95 15.64 -18.40
CA THR C 226 -55.44 14.94 -19.58
C THR C 226 -54.34 13.93 -19.23
N ARG C 227 -54.05 13.80 -17.94
CA ARG C 227 -52.99 12.92 -17.46
C ARG C 227 -53.41 12.11 -16.23
N ILE C 228 -53.60 10.80 -16.42
CA ILE C 228 -53.90 9.88 -15.32
C ILE C 228 -52.87 8.75 -15.31
N TRP C 229 -52.17 8.62 -14.18
CA TRP C 229 -51.16 7.57 -14.02
C TRP C 229 -51.74 6.36 -13.34
N VAL C 230 -51.40 5.18 -13.85
CA VAL C 230 -51.90 3.93 -13.31
C VAL C 230 -50.75 2.99 -12.95
N ALA C 231 -50.73 2.56 -11.69
CA ALA C 231 -49.72 1.62 -11.20
C ALA C 231 -50.29 0.20 -11.20
N THR C 232 -49.57 -0.72 -11.83
CA THR C 232 -50.02 -2.10 -11.96
C THR C 232 -49.03 -3.13 -11.41
N GLU C 233 -49.53 -4.34 -11.20
CA GLU C 233 -48.74 -5.45 -10.67
C GLU C 233 -48.09 -6.24 -11.81
N GLY C 234 -46.91 -5.78 -12.23
CA GLY C 234 -46.13 -6.47 -13.26
C GLY C 234 -46.38 -6.02 -14.68
N ALA C 235 -47.47 -5.28 -14.88
CA ALA C 235 -47.82 -4.76 -16.22
C ALA C 235 -47.14 -3.43 -16.54
N GLY C 236 -46.48 -2.85 -15.53
CA GLY C 236 -45.74 -1.61 -15.72
C GLY C 236 -46.52 -0.36 -15.32
N LEU C 237 -46.25 0.74 -16.00
CA LEU C 237 -46.91 2.01 -15.75
C LEU C 237 -47.74 2.43 -16.97
N PHE C 238 -48.92 3.00 -16.72
CA PHE C 238 -49.81 3.41 -17.78
C PHE C 238 -50.25 4.87 -17.65
N LEU C 239 -49.94 5.66 -18.68
CA LEU C 239 -50.38 7.05 -18.77
C LEU C 239 -51.59 7.14 -19.68
N ILE C 240 -52.71 7.58 -19.12
CA ILE C 240 -53.97 7.65 -19.86
C ILE C 240 -54.45 9.09 -20.03
N ASN C 241 -54.75 9.46 -21.27
CA ASN C 241 -55.41 10.72 -21.57
C ASN C 241 -56.90 10.46 -21.83
N PRO C 242 -57.75 10.72 -20.82
CA PRO C 242 -59.17 10.38 -20.91
C PRO C 242 -59.93 11.21 -21.94
N LYS C 243 -59.40 12.38 -22.27
CA LYS C 243 -60.01 13.28 -23.26
C LYS C 243 -59.85 12.74 -24.68
N THR C 244 -58.74 12.04 -24.94
CA THR C 244 -58.46 11.48 -26.27
C THR C 244 -58.52 9.95 -26.29
N LYS C 245 -58.73 9.35 -25.13
CA LYS C 245 -58.75 7.88 -24.96
C LYS C 245 -57.47 7.19 -25.42
N GLU C 246 -56.35 7.91 -25.37
CA GLU C 246 -55.05 7.39 -25.75
C GLU C 246 -54.26 6.92 -24.54
N ILE C 247 -53.58 5.78 -24.68
CA ILE C 247 -52.82 5.19 -23.59
C ILE C 247 -51.34 4.99 -23.96
N LYS C 248 -50.46 5.18 -22.98
CA LYS C 248 -49.03 4.99 -23.16
C LYS C 248 -48.46 4.09 -22.05
N ASN C 249 -47.71 3.07 -22.45
CA ASN C 249 -47.17 2.09 -21.51
C ASN C 249 -45.66 2.26 -21.27
N TYR C 250 -45.27 2.23 -19.99
CA TYR C 250 -43.87 2.30 -19.60
C TYR C 250 -43.44 0.99 -18.93
N LEU C 251 -42.34 0.42 -19.42
CA LEU C 251 -41.81 -0.84 -18.90
C LEU C 251 -40.33 -0.74 -18.54
N HIS C 252 -39.84 -1.73 -17.79
CA HIS C 252 -38.44 -1.76 -17.37
C HIS C 252 -37.56 -2.45 -18.36
N SER C 253 -36.44 -1.81 -18.68
CA SER C 253 -35.39 -2.40 -19.50
C SER C 253 -34.13 -2.57 -18.66
N PRO C 254 -33.61 -3.82 -18.56
CA PRO C 254 -32.40 -4.08 -17.77
C PRO C 254 -31.15 -3.41 -18.33
N SER C 255 -31.10 -3.27 -19.66
CA SER C 255 -29.98 -2.62 -20.34
C SER C 255 -30.08 -1.09 -20.25
N ASN C 256 -31.28 -0.58 -20.00
CA ASN C 256 -31.53 0.85 -19.90
C ASN C 256 -31.84 1.32 -18.48
N PRO C 257 -30.85 1.95 -17.82
CA PRO C 257 -31.03 2.46 -16.46
C PRO C 257 -31.93 3.70 -16.39
N LYS C 258 -32.19 4.31 -17.56
CA LYS C 258 -33.05 5.49 -17.66
C LYS C 258 -34.53 5.16 -17.45
N SER C 259 -34.91 3.93 -17.81
CA SER C 259 -36.29 3.46 -17.63
C SER C 259 -36.58 3.13 -16.16
N ILE C 260 -37.83 2.78 -15.87
CA ILE C 260 -38.26 2.38 -14.52
C ILE C 260 -37.49 1.16 -14.01
N SER C 261 -37.42 1.02 -12.69
CA SER C 261 -36.64 -0.05 -12.06
C SER C 261 -37.35 -1.40 -12.07
N SER C 262 -38.67 -1.39 -11.88
CA SER C 262 -39.46 -2.63 -11.84
C SER C 262 -40.84 -2.46 -12.47
N ASN C 263 -41.37 -3.56 -13.02
CA ASN C 263 -42.70 -3.57 -13.62
C ASN C 263 -43.82 -3.65 -12.58
N TYR C 264 -43.50 -4.22 -11.42
CA TYR C 264 -44.45 -4.30 -10.31
C TYR C 264 -44.47 -2.99 -9.53
N ILE C 265 -45.54 -2.22 -9.72
CA ILE C 265 -45.67 -0.90 -9.08
C ILE C 265 -46.83 -0.89 -8.09
N ARG C 266 -46.63 -0.21 -6.96
CA ARG C 266 -47.58 -0.23 -5.85
C ARG C 266 -48.19 1.13 -5.51
N SER C 267 -47.36 2.17 -5.48
CA SER C 267 -47.79 3.48 -4.99
C SER C 267 -47.46 4.64 -5.94
N LEU C 268 -48.34 5.64 -5.93
CA LEU C 268 -48.15 6.87 -6.71
C LEU C 268 -48.45 8.09 -5.86
N ALA C 269 -47.56 9.07 -5.89
CA ALA C 269 -47.71 10.30 -5.10
C ALA C 269 -47.08 11.53 -5.77
N MET C 270 -47.65 12.70 -5.51
CA MET C 270 -47.11 13.97 -5.99
C MET C 270 -46.54 14.79 -4.84
N ASP C 271 -45.39 15.42 -5.08
CA ASP C 271 -44.75 16.25 -4.05
C ASP C 271 -45.15 17.73 -4.19
N SER C 272 -44.54 18.58 -3.35
CA SER C 272 -44.80 20.02 -3.35
C SER C 272 -44.23 20.71 -4.59
N GLN C 273 -43.18 20.12 -5.18
CA GLN C 273 -42.55 20.68 -6.37
C GLN C 273 -43.15 20.12 -7.67
N ASN C 274 -44.38 19.62 -7.57
CA ASN C 274 -45.16 19.12 -8.71
C ASN C 274 -44.51 17.95 -9.47
N ARG C 275 -43.79 17.10 -8.73
CA ARG C 275 -43.11 15.94 -9.31
C ARG C 275 -43.78 14.62 -8.91
N LEU C 276 -43.65 13.62 -9.76
CA LEU C 276 -44.25 12.30 -9.53
C LEU C 276 -43.28 11.36 -8.81
N TRP C 277 -43.78 10.73 -7.74
CA TRP C 277 -43.00 9.76 -6.97
C TRP C 277 -43.57 8.38 -7.16
N ILE C 278 -42.74 7.48 -7.68
CA ILE C 278 -43.19 6.14 -8.05
C ILE C 278 -42.59 5.08 -7.13
N GLY C 279 -43.45 4.38 -6.39
CA GLY C 279 -43.04 3.33 -5.48
C GLY C 279 -43.25 1.95 -6.07
N THR C 280 -42.16 1.24 -6.33
CA THR C 280 -42.21 -0.06 -6.99
C THR C 280 -41.74 -1.19 -6.07
N PHE C 281 -41.78 -2.42 -6.58
CA PHE C 281 -41.27 -3.59 -5.89
C PHE C 281 -39.75 -3.51 -5.72
N ASN C 282 -39.09 -2.85 -6.66
CA ASN C 282 -37.66 -2.60 -6.59
C ASN C 282 -37.33 -1.13 -6.80
N ASP C 283 -36.75 -0.50 -5.77
CA ASP C 283 -36.27 0.89 -5.81
C ASP C 283 -37.37 1.95 -5.96
N LEU C 284 -36.95 3.21 -5.93
CA LEU C 284 -37.85 4.35 -6.11
C LEU C 284 -37.56 5.07 -7.42
N ASN C 285 -38.61 5.35 -8.17
CA ASN C 285 -38.49 6.08 -9.42
C ASN C 285 -39.12 7.48 -9.37
N ILE C 286 -38.45 8.44 -9.97
CA ILE C 286 -38.95 9.81 -10.09
C ILE C 286 -38.93 10.22 -11.56
N TYR C 287 -40.12 10.52 -12.09
CA TYR C 287 -40.27 10.89 -13.49
C TYR C 287 -39.79 12.31 -13.77
N HIS C 288 -38.97 12.44 -14.80
CA HIS C 288 -38.54 13.75 -15.29
C HIS C 288 -39.32 14.09 -16.53
N GLU C 289 -39.87 15.31 -16.56
CA GLU C 289 -40.76 15.73 -17.62
C GLU C 289 -40.06 15.92 -18.98
N GLY C 290 -38.94 16.63 -18.96
CA GLY C 290 -38.21 16.98 -20.18
C GLY C 290 -37.55 15.82 -20.90
N THR C 291 -36.96 14.91 -20.12
CA THR C 291 -36.21 13.78 -20.67
C THR C 291 -37.06 12.52 -20.81
N ASP C 292 -38.27 12.54 -20.25
CA ASP C 292 -39.19 11.40 -20.27
C ASP C 292 -38.62 10.15 -19.57
N SER C 293 -37.52 10.35 -18.85
CA SER C 293 -36.81 9.26 -18.18
C SER C 293 -37.10 9.23 -16.67
N PHE C 294 -36.67 8.15 -16.02
CA PHE C 294 -36.92 7.93 -14.61
C PHE C 294 -35.62 7.84 -13.82
N ALA C 295 -35.55 8.57 -12.71
CA ALA C 295 -34.37 8.54 -11.84
C ALA C 295 -34.53 7.49 -10.74
N SER C 296 -33.67 6.47 -10.78
CA SER C 296 -33.73 5.36 -9.83
C SER C 296 -32.96 5.68 -8.55
N TYR C 297 -33.65 5.55 -7.42
CA TYR C 297 -33.04 5.71 -6.11
C TYR C 297 -33.07 4.37 -5.37
N SER C 298 -31.89 3.78 -5.19
CA SER C 298 -31.76 2.40 -4.76
C SER C 298 -31.40 2.22 -3.28
N SER C 299 -31.72 1.04 -2.77
CA SER C 299 -31.35 0.66 -1.41
C SER C 299 -29.84 0.43 -1.35
N ASN C 300 -29.12 1.42 -0.82
CA ASN C 300 -27.67 1.36 -0.77
C ASN C 300 -27.14 1.25 0.68
N PRO C 301 -26.48 0.12 1.00
CA PRO C 301 -25.88 -0.04 2.32
C PRO C 301 -24.60 0.79 2.49
N VAL C 302 -23.91 1.04 1.38
CA VAL C 302 -22.63 1.75 1.38
C VAL C 302 -22.83 3.24 1.63
N GLU C 303 -23.56 3.89 0.73
CA GLU C 303 -23.82 5.33 0.82
C GLU C 303 -24.93 5.60 1.83
N ASN C 304 -24.58 6.30 2.92
CA ASN C 304 -25.54 6.63 3.98
C ASN C 304 -26.49 7.75 3.55
N GLY C 305 -27.74 7.64 4.00
CA GLY C 305 -28.79 8.59 3.62
C GLY C 305 -29.72 8.02 2.56
N SER C 306 -29.30 6.94 1.92
CA SER C 306 -30.09 6.28 0.87
C SER C 306 -31.28 5.51 1.43
N LEU C 307 -32.05 4.89 0.55
CA LEU C 307 -33.27 4.16 0.93
C LEU C 307 -32.98 2.97 1.84
N SER C 308 -33.84 2.77 2.84
CA SER C 308 -33.67 1.71 3.84
C SER C 308 -33.91 0.31 3.28
N GLN C 309 -34.94 0.17 2.45
CA GLN C 309 -35.27 -1.10 1.82
C GLN C 309 -35.72 -0.91 0.38
N ARG C 310 -35.45 -1.91 -0.46
CA ARG C 310 -35.67 -1.85 -1.90
C ARG C 310 -37.15 -1.71 -2.31
N SER C 311 -38.04 -2.42 -1.60
CA SER C 311 -39.47 -2.41 -1.93
C SER C 311 -40.23 -1.26 -1.27
N VAL C 312 -40.87 -0.43 -2.10
CA VAL C 312 -41.71 0.67 -1.62
C VAL C 312 -43.18 0.32 -1.88
N ARG C 313 -44.02 0.51 -0.87
CA ARG C 313 -45.43 0.14 -0.97
C ARG C 313 -46.41 1.32 -0.81
N SER C 314 -46.01 2.33 -0.04
CA SER C 314 -46.88 3.48 0.21
C SER C 314 -46.10 4.79 0.35
N ILE C 315 -46.50 5.79 -0.44
CA ILE C 315 -45.91 7.12 -0.37
C ILE C 315 -47.00 8.15 -0.06
N PHE C 316 -46.70 9.06 0.87
CA PHE C 316 -47.66 10.08 1.28
C PHE C 316 -46.96 11.40 1.61
N MET C 317 -47.55 12.50 1.13
CA MET C 317 -47.04 13.83 1.44
C MET C 317 -47.88 14.48 2.55
N ASP C 318 -47.21 14.92 3.61
CA ASP C 318 -47.87 15.60 4.73
C ASP C 318 -48.27 17.02 4.37
N SER C 319 -48.83 17.74 5.33
CA SER C 319 -49.23 19.14 5.14
C SER C 319 -48.02 20.06 4.94
N GLN C 320 -46.88 19.66 5.51
CA GLN C 320 -45.64 20.44 5.42
C GLN C 320 -44.96 20.32 4.06
N GLY C 321 -45.24 19.23 3.35
CA GLY C 321 -44.62 18.97 2.05
C GLY C 321 -43.60 17.85 2.08
N GLY C 322 -43.35 17.31 3.26
CA GLY C 322 -42.42 16.21 3.45
C GLY C 322 -42.91 14.91 2.85
N MET C 323 -41.98 14.11 2.32
CA MET C 323 -42.32 12.86 1.66
C MET C 323 -42.08 11.65 2.56
N TRP C 324 -43.13 10.85 2.74
CA TRP C 324 -43.07 9.65 3.56
C TRP C 324 -43.10 8.42 2.69
N LEU C 325 -42.12 7.55 2.88
CA LEU C 325 -42.04 6.30 2.11
C LEU C 325 -42.18 5.08 3.00
N GLY C 326 -43.11 4.21 2.64
CA GLY C 326 -43.38 2.99 3.41
C GLY C 326 -42.82 1.75 2.76
N THR C 327 -41.81 1.16 3.39
CA THR C 327 -41.15 -0.05 2.88
C THR C 327 -41.69 -1.30 3.55
N TYR C 328 -41.46 -2.46 2.91
CA TYR C 328 -41.94 -3.74 3.42
C TYR C 328 -41.08 -4.27 4.56
N PHE C 329 -39.79 -3.99 4.53
CA PHE C 329 -38.86 -4.51 5.54
C PHE C 329 -37.99 -3.46 6.22
N GLY C 330 -37.88 -2.27 5.62
CA GLY C 330 -36.99 -1.23 6.13
C GLY C 330 -37.63 -0.21 7.06
N GLY C 331 -38.97 -0.17 7.08
CA GLY C 331 -39.71 0.76 7.92
C GLY C 331 -40.21 1.97 7.15
N LEU C 332 -39.78 3.15 7.59
CA LEU C 332 -40.22 4.41 6.98
C LEU C 332 -39.05 5.32 6.61
N ASN C 333 -39.22 6.04 5.50
CA ASN C 333 -38.22 6.98 5.03
C ASN C 333 -38.79 8.38 4.83
N TYR C 334 -38.27 9.34 5.60
CA TYR C 334 -38.72 10.73 5.55
C TYR C 334 -37.75 11.60 4.77
N TYR C 335 -38.29 12.43 3.88
CA TYR C 335 -37.48 13.39 3.14
C TYR C 335 -38.16 14.76 3.07
N HIS C 336 -37.41 15.80 3.45
CA HIS C 336 -37.82 17.17 3.25
C HIS C 336 -36.62 18.02 2.93
N PRO C 337 -36.71 18.83 1.85
CA PRO C 337 -35.60 19.70 1.40
C PRO C 337 -34.96 20.53 2.51
N ILE C 338 -35.77 21.04 3.43
CA ILE C 338 -35.28 21.85 4.55
C ILE C 338 -34.47 21.00 5.53
N ARG C 339 -34.92 19.77 5.77
CA ARG C 339 -34.24 18.82 6.67
C ARG C 339 -32.87 18.39 6.13
N ASN C 340 -32.73 18.38 4.81
CA ASN C 340 -31.45 18.10 4.16
C ASN C 340 -30.47 19.23 4.39
N ARG C 341 -29.82 19.23 5.55
CA ARG C 341 -28.90 20.29 5.95
C ARG C 341 -27.45 19.86 5.81
N PHE C 342 -27.17 18.59 6.10
CA PHE C 342 -25.80 18.11 6.22
C PHE C 342 -25.48 16.91 5.33
N LYS C 343 -24.22 16.82 4.94
CA LYS C 343 -23.69 15.66 4.23
C LYS C 343 -22.52 15.09 5.02
N ASN C 344 -22.61 13.80 5.36
CA ASN C 344 -21.59 13.14 6.16
C ASN C 344 -20.58 12.36 5.32
N ILE C 345 -19.31 12.45 5.71
CA ILE C 345 -18.23 11.71 5.06
C ILE C 345 -17.57 10.77 6.07
N ARG C 346 -17.78 9.47 5.88
CA ARG C 346 -17.25 8.45 6.80
C ARG C 346 -16.39 7.42 6.08
N ASN C 347 -15.64 6.64 6.86
CA ASN C 347 -14.84 5.54 6.34
C ASN C 347 -15.72 4.41 5.80
N ILE C 348 -15.40 3.95 4.60
CA ILE C 348 -16.04 2.77 4.03
C ILE C 348 -14.97 1.72 3.75
N PRO C 349 -15.08 0.55 4.39
CA PRO C 349 -14.09 -0.52 4.24
C PRO C 349 -14.08 -1.10 2.83
N TYR C 350 -12.88 -1.47 2.36
CA TYR C 350 -12.68 -2.06 1.03
C TYR C 350 -13.21 -1.18 -0.10
N LYS C 351 -13.03 0.13 0.07
CA LYS C 351 -13.55 1.12 -0.87
C LYS C 351 -12.76 2.41 -0.74
N ASN C 352 -12.57 3.11 -1.87
CA ASN C 352 -11.87 4.39 -1.88
C ASN C 352 -12.63 5.44 -1.07
N SER C 353 -12.26 5.56 0.20
CA SER C 353 -12.92 6.47 1.14
C SER C 353 -11.94 6.99 2.18
N LEU C 354 -12.45 7.74 3.16
CA LEU C 354 -11.67 8.23 4.28
C LEU C 354 -11.07 7.05 5.07
N SER C 355 -9.85 7.22 5.56
CA SER C 355 -9.14 6.13 6.24
C SER C 355 -9.66 5.85 7.65
N ASP C 356 -9.81 6.91 8.45
CA ASP C 356 -10.26 6.79 9.84
C ASP C 356 -11.33 7.82 10.18
N ASN C 357 -12.28 7.43 11.03
CA ASN C 357 -13.39 8.29 11.41
C ASN C 357 -13.04 9.37 12.42
N VAL C 358 -11.99 9.14 13.21
CA VAL C 358 -11.50 10.13 14.16
C VAL C 358 -10.67 11.17 13.43
N VAL C 359 -11.30 12.32 13.14
CA VAL C 359 -10.71 13.32 12.26
C VAL C 359 -10.12 14.50 13.02
N SER C 360 -8.87 14.83 12.72
CA SER C 360 -8.21 16.01 13.27
C SER C 360 -8.20 17.16 12.26
N CYS C 361 -7.07 17.86 12.16
CA CYS C 361 -6.95 19.07 11.33
C CYS C 361 -7.34 18.88 9.86
N ILE C 362 -8.02 19.89 9.32
CA ILE C 362 -8.45 19.90 7.92
C ILE C 362 -7.94 21.18 7.25
N VAL C 363 -7.13 21.02 6.20
CA VAL C 363 -6.52 22.15 5.50
C VAL C 363 -6.85 22.11 4.00
N GLU C 364 -7.23 23.28 3.46
CA GLU C 364 -7.43 23.43 2.01
C GLU C 364 -6.25 24.17 1.40
N ASP C 365 -5.77 23.67 0.26
CA ASP C 365 -4.66 24.28 -0.46
C ASP C 365 -5.13 25.16 -1.62
N LYS C 366 -4.17 25.70 -2.39
CA LYS C 366 -4.47 26.55 -3.54
C LYS C 366 -5.13 25.77 -4.68
N ASP C 367 -5.07 24.45 -4.60
CA ASP C 367 -5.63 23.57 -5.62
C ASP C 367 -7.07 23.17 -5.29
N LYS C 368 -7.62 23.77 -4.23
CA LYS C 368 -8.98 23.51 -3.73
C LYS C 368 -9.23 22.07 -3.28
N ASN C 369 -8.16 21.35 -2.98
CA ASN C 369 -8.25 20.01 -2.41
C ASN C 369 -8.09 20.06 -0.90
N LEU C 370 -8.59 19.04 -0.20
CA LEU C 370 -8.57 19.02 1.26
C LEU C 370 -7.58 18.00 1.83
N TRP C 371 -6.65 18.51 2.64
CA TRP C 371 -5.72 17.65 3.38
C TRP C 371 -6.31 17.34 4.73
N ILE C 372 -6.86 16.14 4.85
CA ILE C 372 -7.55 15.72 6.07
C ILE C 372 -6.68 14.82 6.93
N GLY C 373 -6.49 15.21 8.19
CA GLY C 373 -5.68 14.43 9.13
C GLY C 373 -6.53 13.56 10.04
N THR C 374 -6.07 12.35 10.30
CA THR C 374 -6.77 11.42 11.18
C THR C 374 -5.90 10.94 12.34
N ASN C 375 -6.54 10.39 13.37
CA ASN C 375 -5.86 9.96 14.58
C ASN C 375 -5.25 8.57 14.49
N ASP C 376 -5.82 7.73 13.62
CA ASP C 376 -5.40 6.33 13.52
C ASP C 376 -5.16 5.85 12.08
N GLY C 377 -5.65 6.62 11.11
CA GLY C 377 -5.57 6.23 9.70
C GLY C 377 -4.53 6.96 8.87
N GLY C 378 -3.78 7.85 9.51
CA GLY C 378 -2.74 8.61 8.83
C GLY C 378 -3.25 9.92 8.24
N LEU C 379 -2.68 10.31 7.10
CA LEU C 379 -3.07 11.54 6.42
C LEU C 379 -3.84 11.24 5.14
N ASN C 380 -4.98 11.92 4.98
CA ASN C 380 -5.84 11.77 3.82
C ASN C 380 -5.82 12.98 2.90
N LEU C 381 -5.87 12.73 1.60
CA LEU C 381 -5.98 13.78 0.59
C LEU C 381 -7.26 13.57 -0.20
N TYR C 382 -8.14 14.58 -0.18
CA TYR C 382 -9.48 14.45 -0.75
C TYR C 382 -9.76 15.45 -1.85
N ASN C 383 -10.34 14.96 -2.94
CA ASN C 383 -10.81 15.82 -4.02
C ASN C 383 -12.33 15.97 -3.94
N PRO C 384 -12.82 17.20 -3.69
CA PRO C 384 -14.25 17.48 -3.55
C PRO C 384 -15.07 17.25 -4.83
N ILE C 385 -14.40 17.21 -5.98
CA ILE C 385 -15.06 16.99 -7.26
C ILE C 385 -14.99 15.52 -7.68
N THR C 386 -13.78 14.95 -7.66
CA THR C 386 -13.54 13.57 -8.08
C THR C 386 -14.06 12.56 -7.06
N GLN C 387 -14.16 13.01 -5.80
CA GLN C 387 -14.54 12.15 -4.66
C GLN C 387 -13.47 11.09 -4.38
N ARG C 388 -12.23 11.38 -4.75
CA ARG C 388 -11.13 10.44 -4.64
C ARG C 388 -10.24 10.71 -3.42
N PHE C 389 -9.81 9.63 -2.76
CA PHE C 389 -9.01 9.72 -1.56
C PHE C 389 -7.59 9.19 -1.77
N THR C 390 -6.64 9.78 -1.04
CA THR C 390 -5.24 9.33 -1.07
C THR C 390 -4.71 9.24 0.36
N SER C 391 -4.27 8.06 0.76
CA SER C 391 -3.84 7.80 2.14
C SER C 391 -2.33 7.60 2.28
N TYR C 392 -1.81 7.93 3.46
CA TYR C 392 -0.40 7.75 3.79
C TYR C 392 -0.28 7.10 5.17
N THR C 393 0.56 6.07 5.27
CA THR C 393 0.75 5.32 6.53
C THR C 393 2.23 5.06 6.82
N LEU C 394 2.49 4.34 7.93
CA LEU C 394 3.85 3.92 8.30
C LEU C 394 4.34 2.71 7.51
N GLN C 395 5.63 2.41 7.65
CA GLN C 395 6.29 1.27 7.00
C GLN C 395 6.06 1.23 5.48
N GLY C 402 7.93 4.86 5.43
CA GLY C 402 6.79 5.30 6.22
C GLY C 402 6.60 6.81 6.22
N ILE C 403 5.72 7.28 7.10
CA ILE C 403 5.44 8.72 7.22
C ILE C 403 5.69 9.25 8.65
N GLY C 404 6.27 8.40 9.50
CA GLY C 404 6.59 8.80 10.87
C GLY C 404 5.60 8.27 11.89
N SER C 405 4.34 8.73 11.77
CA SER C 405 3.26 8.30 12.65
C SER C 405 1.90 8.41 11.96
N ASN C 406 0.96 7.58 12.39
CA ASN C 406 -0.40 7.59 11.84
C ASN C 406 -1.34 8.53 12.60
N ASN C 407 -0.81 9.19 13.63
CA ASN C 407 -1.58 10.12 14.43
C ASN C 407 -1.27 11.56 14.05
N ILE C 408 -1.96 12.05 13.02
CA ILE C 408 -1.72 13.40 12.49
C ILE C 408 -2.48 14.45 13.30
N LYS C 409 -1.78 15.55 13.60
CA LYS C 409 -2.37 16.66 14.35
C LYS C 409 -2.22 18.01 13.65
N ALA C 410 -1.18 18.15 12.83
CA ALA C 410 -0.89 19.42 12.14
C ALA C 410 -0.49 19.24 10.69
N VAL C 411 -1.01 20.11 9.83
CA VAL C 411 -0.71 20.10 8.39
C VAL C 411 -0.48 21.51 7.87
N TYR C 412 0.68 21.73 7.24
CA TYR C 412 0.97 22.97 6.53
C TYR C 412 1.39 22.67 5.10
N VAL C 413 0.89 23.46 4.16
CA VAL C 413 1.20 23.27 2.74
C VAL C 413 2.13 24.38 2.23
N ASP C 414 3.32 23.97 1.78
CA ASP C 414 4.25 24.87 1.11
C ASP C 414 3.99 24.77 -0.39
N GLU C 415 3.16 25.68 -0.90
CA GLU C 415 2.73 25.65 -2.29
C GLU C 415 3.83 26.06 -3.26
N LYS C 416 4.76 26.88 -2.79
CA LYS C 416 5.88 27.37 -3.59
C LYS C 416 6.84 26.24 -3.95
N LYS C 417 7.29 25.50 -2.94
CA LYS C 417 8.23 24.41 -3.13
C LYS C 417 7.53 23.06 -3.33
N SER C 418 6.20 23.10 -3.42
CA SER C 418 5.36 21.91 -3.61
C SER C 418 5.60 20.84 -2.53
N LEU C 419 5.63 21.28 -1.27
CA LEU C 419 5.90 20.41 -0.13
C LEU C 419 4.76 20.45 0.89
N VAL C 420 4.59 19.35 1.62
CA VAL C 420 3.62 19.28 2.71
C VAL C 420 4.33 18.98 4.03
N TYR C 421 4.15 19.87 4.99
CA TYR C 421 4.71 19.69 6.33
C TYR C 421 3.68 19.09 7.27
N ILE C 422 4.07 18.00 7.94
CA ILE C 422 3.16 17.23 8.77
C ILE C 422 3.64 17.17 10.22
N GLY C 423 2.72 17.44 11.15
CA GLY C 423 2.99 17.36 12.58
C GLY C 423 2.21 16.23 13.21
N THR C 424 2.92 15.22 13.69
CA THR C 424 2.29 14.01 14.24
C THR C 424 2.55 13.81 15.72
N HIS C 425 1.64 13.11 16.38
CA HIS C 425 1.81 12.71 17.77
C HIS C 425 2.63 11.46 17.85
N ALA C 426 3.65 11.48 18.71
CA ALA C 426 4.59 10.37 18.92
C ALA C 426 5.39 9.99 17.66
N GLY C 427 5.55 10.94 16.75
CA GLY C 427 6.29 10.72 15.51
C GLY C 427 7.28 11.83 15.22
N GLY C 428 6.81 13.07 15.34
CA GLY C 428 7.64 14.25 15.11
C GLY C 428 7.23 15.01 13.87
N LEU C 429 8.21 15.38 13.05
CA LEU C 429 7.99 16.15 11.85
C LEU C 429 8.19 15.30 10.59
N SER C 430 7.27 15.45 9.64
CA SER C 430 7.34 14.72 8.38
C SER C 430 7.17 15.67 7.20
N ILE C 431 8.14 15.64 6.28
CA ILE C 431 8.10 16.47 5.08
C ILE C 431 7.75 15.59 3.87
N LEU C 432 6.58 15.84 3.30
CA LEU C 432 6.11 15.09 2.14
C LEU C 432 6.42 15.83 0.84
N HIS C 433 7.17 15.17 -0.04
CA HIS C 433 7.40 15.67 -1.38
C HIS C 433 6.29 15.18 -2.26
N ARG C 434 5.37 16.09 -2.61
CA ARG C 434 4.15 15.75 -3.34
C ARG C 434 4.42 15.11 -4.71
N ASN C 435 5.42 15.65 -5.42
CA ASN C 435 5.68 15.25 -6.79
C ASN C 435 6.55 13.98 -6.92
N SER C 436 6.81 13.33 -5.79
CA SER C 436 7.58 12.08 -5.78
C SER C 436 7.02 11.08 -4.76
N GLY C 437 6.42 11.61 -3.69
CA GLY C 437 5.79 10.78 -2.67
C GLY C 437 6.70 10.41 -1.52
N GLN C 438 7.97 10.81 -1.60
CA GLN C 438 8.96 10.47 -0.56
C GLN C 438 8.87 11.38 0.66
N VAL C 439 9.00 10.78 1.85
CA VAL C 439 8.79 11.46 3.12
C VAL C 439 10.09 11.57 3.93
N GLU C 440 10.30 12.74 4.51
CA GLU C 440 11.47 12.99 5.36
C GLU C 440 11.03 13.13 6.81
N ASN C 441 11.41 12.16 7.65
CA ASN C 441 10.95 12.09 9.04
C ASN C 441 11.99 12.56 10.05
N PHE C 442 11.51 13.21 11.12
CA PHE C 442 12.37 13.71 12.18
C PHE C 442 11.77 13.45 13.56
N ASN C 443 12.61 13.03 14.49
CA ASN C 443 12.21 12.78 15.88
C ASN C 443 13.30 13.19 16.87
N GLN C 444 13.20 12.70 18.10
CA GLN C 444 14.16 13.04 19.16
C GLN C 444 15.49 12.29 19.03
N ARG C 445 15.42 11.05 18.54
CA ARG C 445 16.60 10.19 18.46
C ARG C 445 17.48 10.45 17.22
N ASN C 446 16.85 10.79 16.10
CA ASN C 446 17.56 11.00 14.85
C ASN C 446 17.96 12.45 14.58
N SER C 447 17.17 13.39 15.11
CA SER C 447 17.40 14.81 14.87
C SER C 447 17.52 15.62 16.17
N GLN C 448 17.77 16.92 16.02
CA GLN C 448 17.96 17.82 17.15
C GLN C 448 16.62 18.32 17.71
N LEU C 449 15.53 17.71 17.27
CA LEU C 449 14.19 18.04 17.75
C LEU C 449 14.01 17.61 19.20
N VAL C 450 13.38 18.47 20.00
CA VAL C 450 13.25 18.26 21.44
C VAL C 450 11.99 17.46 21.83
N ASN C 451 10.96 17.50 20.98
CA ASN C 451 9.72 16.79 21.25
C ASN C 451 9.10 16.18 19.98
N GLU C 452 8.78 14.88 20.07
CA GLU C 452 8.21 14.14 18.94
C GLU C 452 6.70 14.36 18.77
N ASN C 453 6.14 15.27 19.58
CA ASN C 453 4.70 15.53 19.57
C ASN C 453 4.36 16.92 19.05
N VAL C 454 4.37 17.06 17.72
CA VAL C 454 4.04 18.33 17.07
C VAL C 454 2.52 18.44 16.89
N TYR C 455 1.97 19.59 17.30
CA TYR C 455 0.53 19.80 17.29
C TYR C 455 0.07 20.99 16.43
N ALA C 456 0.99 21.91 16.15
CA ALA C 456 0.68 23.09 15.32
C ALA C 456 1.89 23.55 14.51
N ILE C 457 1.68 23.76 13.21
CA ILE C 457 2.71 24.28 12.31
C ILE C 457 2.25 25.58 11.67
N LEU C 458 3.07 26.62 11.78
CA LEU C 458 2.78 27.93 11.20
C LEU C 458 4.05 28.62 10.75
N PRO C 459 4.05 29.18 9.52
CA PRO C 459 5.21 29.89 8.99
C PRO C 459 5.56 31.14 9.80
N ASP C 460 6.85 31.40 9.97
CA ASP C 460 7.33 32.53 10.76
C ASP C 460 7.25 33.85 10.00
N GLY C 461 7.22 33.77 8.67
CA GLY C 461 7.23 34.95 7.82
C GLY C 461 8.62 35.24 7.26
N GLU C 462 9.64 34.89 8.03
CA GLU C 462 11.03 35.05 7.62
C GLU C 462 11.43 33.98 6.60
N GLY C 463 10.87 32.79 6.76
CA GLY C 463 11.15 31.66 5.88
C GLY C 463 11.09 30.33 6.59
N ASN C 464 11.28 30.36 7.92
CA ASN C 464 11.26 29.16 8.75
C ASN C 464 9.85 28.74 9.17
N LEU C 465 9.77 27.85 10.14
CA LEU C 465 8.48 27.34 10.64
C LEU C 465 8.44 27.26 12.15
N TRP C 466 7.29 27.61 12.73
CA TRP C 466 7.04 27.43 14.15
C TRP C 466 6.45 26.08 14.41
N LEU C 467 6.95 25.42 15.45
CA LEU C 467 6.46 24.08 15.80
C LEU C 467 5.97 24.02 17.24
N GLY C 468 4.66 23.87 17.39
CA GLY C 468 4.02 23.81 18.70
C GLY C 468 3.99 22.41 19.26
N THR C 469 4.94 22.12 20.15
CA THR C 469 5.04 20.80 20.79
C THR C 469 4.56 20.82 22.24
N LEU C 470 4.49 19.65 22.86
CA LEU C 470 3.95 19.50 24.21
C LEU C 470 4.93 19.87 25.33
N SER C 471 6.12 20.34 24.95
CA SER C 471 7.12 20.77 25.92
C SER C 471 7.50 22.24 25.74
N ALA C 472 7.83 22.63 24.51
CA ALA C 472 8.25 23.99 24.21
C ALA C 472 7.90 24.41 22.78
N LEU C 473 8.49 25.52 22.33
CA LEU C 473 8.33 26.01 20.96
C LEU C 473 9.64 25.85 20.19
N VAL C 474 9.57 25.25 19.02
CA VAL C 474 10.76 24.97 18.21
C VAL C 474 10.71 25.70 16.86
N ARG C 475 11.81 26.36 16.52
CA ARG C 475 11.99 26.98 15.22
C ARG C 475 12.77 26.04 14.30
N PHE C 476 12.22 25.78 13.12
CA PHE C 476 12.85 24.88 12.15
C PHE C 476 13.20 25.58 10.85
N ASN C 477 14.48 25.59 10.52
CA ASN C 477 14.96 26.13 9.26
C ASN C 477 14.92 25.04 8.18
N PRO C 478 14.10 25.26 7.13
CA PRO C 478 13.97 24.26 6.05
C PRO C 478 15.24 24.11 5.23
N GLU C 479 15.95 25.22 5.02
CA GLU C 479 17.19 25.22 4.24
C GLU C 479 18.37 24.65 5.02
N GLN C 480 18.30 24.74 6.35
CA GLN C 480 19.40 24.29 7.21
C GLN C 480 19.16 22.92 7.85
N ARG C 481 17.89 22.49 7.89
CA ARG C 481 17.49 21.27 8.59
C ARG C 481 17.92 21.28 10.05
N SER C 482 17.64 22.38 10.74
CA SER C 482 18.05 22.57 12.13
C SER C 482 16.88 22.95 13.04
N PHE C 483 16.86 22.37 14.23
CA PHE C 483 15.83 22.65 15.22
C PHE C 483 16.35 23.56 16.33
N THR C 484 15.65 24.66 16.56
CA THR C 484 16.04 25.63 17.59
C THR C 484 14.91 25.81 18.61
N THR C 485 15.14 25.30 19.81
CA THR C 485 14.18 25.41 20.91
C THR C 485 14.23 26.82 21.50
N ILE C 486 13.07 27.47 21.56
CA ILE C 486 12.98 28.83 22.10
C ILE C 486 12.94 28.79 23.62
N GLU C 487 13.90 29.48 24.25
CA GLU C 487 14.05 29.48 25.70
C GLU C 487 14.06 30.89 26.28
N LYS C 488 14.51 31.86 25.48
CA LYS C 488 14.59 33.25 25.89
C LYS C 488 13.85 34.19 24.95
N GLU C 489 13.34 35.28 25.48
CA GLU C 489 12.67 36.31 24.68
C GLU C 489 13.68 37.21 23.97
N LYS C 490 13.21 38.35 23.46
CA LYS C 490 14.06 39.31 22.76
C LYS C 490 14.95 40.08 23.72
N ASP C 491 14.53 40.17 24.98
CA ASP C 491 15.29 40.87 26.03
C ASP C 491 16.08 39.92 26.91
N GLY C 492 15.63 38.67 26.98
CA GLY C 492 16.28 37.65 27.80
C GLY C 492 15.38 37.04 28.86
N THR C 493 14.08 37.28 28.73
CA THR C 493 13.07 36.71 29.64
C THR C 493 12.89 35.22 29.33
N PRO C 494 13.05 34.36 30.36
CA PRO C 494 12.91 32.91 30.20
C PRO C 494 11.50 32.48 29.79
N VAL C 495 11.42 31.64 28.76
CA VAL C 495 10.16 31.13 28.26
C VAL C 495 9.80 29.84 29.00
N VAL C 496 8.62 29.82 29.63
CA VAL C 496 8.16 28.68 30.41
C VAL C 496 7.85 27.46 29.52
N SER C 497 8.38 26.31 29.92
CA SER C 497 8.16 25.06 29.19
C SER C 497 6.72 24.58 29.42
N LYS C 498 5.86 24.85 28.43
CA LYS C 498 4.44 24.51 28.52
C LYS C 498 3.95 23.79 27.26
N GLN C 499 2.82 23.09 27.38
CA GLN C 499 2.20 22.40 26.25
C GLN C 499 1.63 23.40 25.25
N ILE C 500 2.05 23.28 23.99
CA ILE C 500 1.54 24.11 22.91
C ILE C 500 0.67 23.28 21.99
N THR C 501 -0.59 23.69 21.83
CA THR C 501 -1.57 22.94 21.05
C THR C 501 -2.05 23.69 19.82
N THR C 502 -1.99 25.02 19.87
CA THR C 502 -2.48 25.86 18.78
C THR C 502 -1.61 27.11 18.55
N LEU C 503 -1.52 27.51 17.28
CA LEU C 503 -0.80 28.71 16.87
C LEU C 503 -1.65 29.53 15.89
N PHE C 504 -1.60 30.86 16.04
CA PHE C 504 -2.41 31.75 15.19
C PHE C 504 -1.68 33.03 14.82
N ARG C 505 -1.94 33.51 13.61
CA ARG C 505 -1.42 34.79 13.12
C ARG C 505 -2.57 35.72 12.76
N ASP C 506 -2.57 36.91 13.36
CA ASP C 506 -3.62 37.90 13.11
C ASP C 506 -3.27 38.83 11.96
N SER C 507 -4.15 39.81 11.71
CA SER C 507 -3.96 40.79 10.65
C SER C 507 -2.83 41.79 10.95
N HIS C 508 -2.44 41.86 12.21
CA HIS C 508 -1.36 42.75 12.66
C HIS C 508 -0.04 42.04 12.78
N LYS C 509 0.04 40.84 12.20
CA LYS C 509 1.25 39.99 12.19
C LYS C 509 1.78 39.70 13.59
N ARG C 510 0.90 39.21 14.46
CA ARG C 510 1.25 38.80 15.82
C ARG C 510 0.99 37.31 16.02
N LEU C 511 1.83 36.67 16.83
CA LEU C 511 1.71 35.25 17.09
C LEU C 511 0.93 34.96 18.37
N TRP C 512 -0.03 34.04 18.27
CA TRP C 512 -0.88 33.66 19.39
C TRP C 512 -0.59 32.24 19.80
N ILE C 513 -0.14 32.07 21.04
CA ILE C 513 0.25 30.76 21.54
C ILE C 513 -0.69 30.29 22.65
N GLY C 514 -1.38 29.17 22.39
CA GLY C 514 -2.33 28.61 23.35
C GLY C 514 -2.05 27.15 23.69
N GLY C 515 -2.50 26.74 24.86
CA GLY C 515 -2.34 25.37 25.34
C GLY C 515 -3.06 25.10 26.64
N GLU C 516 -2.59 24.10 27.38
CA GLU C 516 -3.19 23.74 28.67
C GLU C 516 -2.84 24.72 29.77
N GLU C 517 -1.65 25.32 29.68
CA GLU C 517 -1.20 26.33 30.64
C GLU C 517 -1.95 27.64 30.46
N GLY C 518 -2.23 28.00 29.21
CA GLY C 518 -2.97 29.21 28.90
C GLY C 518 -2.65 29.81 27.55
N LEU C 519 -2.97 31.09 27.39
CA LEU C 519 -2.77 31.80 26.14
C LEU C 519 -1.72 32.91 26.30
N SER C 520 -1.00 33.21 25.22
CA SER C 520 0.02 34.26 25.22
C SER C 520 0.17 34.92 23.84
N VAL C 521 0.38 36.24 23.85
CA VAL C 521 0.54 37.02 22.62
C VAL C 521 1.97 37.52 22.48
N PHE C 522 2.52 37.41 21.27
CA PHE C 522 3.90 37.81 21.01
C PHE C 522 4.07 38.62 19.72
N LYS C 523 5.14 39.39 19.68
CA LYS C 523 5.54 40.13 18.48
C LYS C 523 6.95 39.70 18.05
N GLN C 524 7.19 39.66 16.75
CA GLN C 524 8.47 39.22 16.21
C GLN C 524 9.42 40.37 15.89
N GLU C 525 10.55 40.40 16.60
CA GLU C 525 11.63 41.33 16.30
C GLU C 525 12.72 40.57 15.54
N GLY C 526 12.38 40.13 14.33
CA GLY C 526 13.26 39.28 13.53
C GLY C 526 13.08 37.82 13.91
N LEU C 527 14.16 37.22 14.41
CA LEU C 527 14.14 35.83 14.88
C LEU C 527 13.63 35.74 16.32
N ASP C 528 13.99 36.72 17.13
CA ASP C 528 13.57 36.80 18.53
C ASP C 528 12.10 37.16 18.67
N ILE C 529 11.54 36.90 19.86
CA ILE C 529 10.14 37.21 20.15
C ILE C 529 9.99 38.01 21.44
N GLN C 530 9.07 38.98 21.42
CA GLN C 530 8.82 39.86 22.57
C GLN C 530 7.37 39.72 23.04
N LYS C 531 7.20 39.63 24.36
CA LYS C 531 5.87 39.53 24.95
C LYS C 531 5.11 40.85 24.84
N ALA C 532 4.11 40.86 23.97
CA ALA C 532 3.24 42.02 23.80
C ALA C 532 1.89 41.75 24.45
N SER C 533 1.83 41.97 25.76
CA SER C 533 0.61 41.73 26.53
C SER C 533 -0.45 42.79 26.25
N ILE C 534 -1.23 42.55 25.18
CA ILE C 534 -2.31 43.46 24.80
C ILE C 534 -3.63 43.09 25.47
N LEU C 535 -3.67 41.89 26.05
CA LEU C 535 -4.85 41.41 26.77
C LEU C 535 -4.86 41.98 28.20
N PRO C 536 -6.05 42.38 28.68
CA PRO C 536 -6.20 42.82 30.07
C PRO C 536 -6.07 41.65 31.03
N VAL C 537 -5.59 41.92 32.24
CA VAL C 537 -5.37 40.88 33.26
C VAL C 537 -6.67 40.16 33.63
N SER C 538 -6.73 38.88 33.27
CA SER C 538 -7.91 38.05 33.52
C SER C 538 -7.51 36.59 33.68
N ASN C 539 -8.34 35.83 34.39
CA ASN C 539 -8.11 34.40 34.62
C ASN C 539 -8.35 33.53 33.38
N VAL C 540 -8.96 34.13 32.36
CA VAL C 540 -9.21 33.45 31.07
C VAL C 540 -7.92 33.21 30.30
N THR C 541 -6.86 33.93 30.68
CA THR C 541 -5.54 33.82 30.07
C THR C 541 -4.86 32.52 30.49
N LYS C 542 -5.31 31.93 31.60
CA LYS C 542 -4.74 30.70 32.13
C LYS C 542 -5.62 29.47 31.86
N LEU C 543 -6.55 29.60 30.91
CA LEU C 543 -7.48 28.52 30.56
C LEU C 543 -6.93 27.58 29.50
N PHE C 544 -7.52 26.38 29.42
CA PHE C 544 -7.17 25.39 28.40
C PHE C 544 -7.64 25.87 27.03
N THR C 545 -6.70 26.39 26.25
CA THR C 545 -7.00 27.00 24.95
C THR C 545 -6.97 25.97 23.82
N ASN C 546 -7.95 26.07 22.92
CA ASN C 546 -8.05 25.13 21.79
C ASN C 546 -7.85 25.78 20.41
N CYS C 547 -8.54 26.90 20.19
CA CYS C 547 -8.51 27.56 18.88
C CYS C 547 -8.64 29.08 18.98
N ILE C 548 -8.01 29.79 18.04
CA ILE C 548 -8.11 31.24 17.93
C ILE C 548 -8.56 31.60 16.53
N TYR C 549 -9.52 32.52 16.41
CA TYR C 549 -10.01 32.98 15.11
C TYR C 549 -10.23 34.49 15.07
N GLU C 550 -9.72 35.13 14.02
CA GLU C 550 -9.96 36.55 13.79
C GLU C 550 -11.12 36.70 12.80
N ALA C 551 -12.16 37.41 13.24
CA ALA C 551 -13.34 37.64 12.42
C ALA C 551 -13.15 38.80 11.45
N SER C 552 -14.06 38.93 10.49
CA SER C 552 -14.01 39.97 9.47
C SER C 552 -14.10 41.39 10.05
N ASN C 553 -14.74 41.52 11.20
CA ASN C 553 -14.85 42.80 11.88
C ASN C 553 -13.65 43.12 12.80
N GLY C 554 -12.67 42.23 12.79
CA GLY C 554 -11.42 42.43 13.55
C GLY C 554 -11.45 41.91 14.98
N ILE C 555 -12.59 41.38 15.40
CA ILE C 555 -12.75 40.85 16.75
C ILE C 555 -12.13 39.46 16.88
N ILE C 556 -11.27 39.29 17.89
CA ILE C 556 -10.60 38.02 18.14
C ILE C 556 -11.50 37.11 18.98
N TRP C 557 -11.73 35.90 18.49
CA TRP C 557 -12.54 34.91 19.20
C TRP C 557 -11.71 33.73 19.59
N VAL C 558 -11.73 33.40 20.88
CA VAL C 558 -10.93 32.30 21.42
C VAL C 558 -11.83 31.20 21.97
N GLY C 559 -11.61 29.97 21.49
CA GLY C 559 -12.36 28.81 21.93
C GLY C 559 -11.58 27.99 22.95
N THR C 560 -12.13 27.88 24.16
CA THR C 560 -11.50 27.12 25.25
C THR C 560 -12.35 25.92 25.64
N ARG C 561 -11.85 25.15 26.60
CA ARG C 561 -12.57 23.99 27.12
C ARG C 561 -13.68 24.40 28.09
N GLU C 562 -13.60 25.62 28.60
CA GLU C 562 -14.58 26.16 29.54
C GLU C 562 -15.38 27.32 28.93
N GLY C 563 -15.83 27.13 27.69
CA GLY C 563 -16.57 28.16 26.97
C GLY C 563 -15.76 28.85 25.90
N PHE C 564 -16.21 30.04 25.49
CA PHE C 564 -15.51 30.86 24.51
C PHE C 564 -15.74 32.35 24.78
N TYR C 565 -14.77 33.18 24.39
CA TYR C 565 -14.85 34.62 24.60
C TYR C 565 -14.38 35.44 23.41
N CYS C 566 -14.80 36.71 23.38
CA CYS C 566 -14.37 37.65 22.35
C CYS C 566 -13.43 38.69 22.94
N PHE C 567 -12.49 39.17 22.11
CA PHE C 567 -11.58 40.23 22.52
C PHE C 567 -11.62 41.40 21.54
N ASN C 568 -12.08 42.54 22.04
CA ASN C 568 -12.08 43.78 21.26
C ASN C 568 -10.94 44.67 21.72
N GLU C 569 -9.90 44.75 20.88
CA GLU C 569 -8.68 45.50 21.20
C GLU C 569 -8.90 47.01 21.23
N LYS C 570 -9.94 47.47 20.53
CA LYS C 570 -10.28 48.89 20.44
C LYS C 570 -10.55 49.53 21.81
N ASP C 571 -11.04 48.72 22.75
CA ASP C 571 -11.31 49.19 24.11
C ASP C 571 -10.75 48.25 25.18
N LYS C 572 -10.12 47.16 24.74
CA LYS C 572 -9.57 46.11 25.62
C LYS C 572 -10.63 45.49 26.54
N GLN C 573 -11.67 44.94 25.93
CA GLN C 573 -12.79 44.32 26.67
C GLN C 573 -13.02 42.87 26.25
N ILE C 574 -13.32 42.03 27.24
CA ILE C 574 -13.58 40.60 27.02
C ILE C 574 -14.95 40.21 27.58
N LYS C 575 -15.77 39.59 26.72
CA LYS C 575 -17.09 39.10 27.12
C LYS C 575 -17.15 37.58 26.95
N ARG C 576 -17.30 36.86 28.06
CA ARG C 576 -17.35 35.40 28.05
C ARG C 576 -18.73 34.84 27.75
N TYR C 577 -18.76 33.65 27.15
CA TYR C 577 -20.00 32.94 26.85
C TYR C 577 -19.85 31.46 27.19
N ASN C 578 -20.83 30.93 27.92
CA ASN C 578 -20.83 29.52 28.31
C ASN C 578 -22.20 28.84 28.14
N THR C 579 -22.36 27.67 28.76
CA THR C 579 -23.57 26.85 28.62
C THR C 579 -24.86 27.51 29.11
N THR C 580 -24.75 28.36 30.14
CA THR C 580 -25.89 29.07 30.70
C THR C 580 -26.43 30.15 29.76
N ASN C 581 -25.54 30.64 28.88
CA ASN C 581 -25.93 31.64 27.87
C ASN C 581 -26.76 31.03 26.74
N GLY C 582 -26.54 29.75 26.47
CA GLY C 582 -27.26 29.03 25.41
C GLY C 582 -26.38 28.09 24.60
N LEU C 583 -25.15 27.90 25.07
CA LEU C 583 -24.17 27.03 24.42
C LEU C 583 -24.42 25.57 24.81
N PRO C 584 -24.37 24.64 23.82
CA PRO C 584 -24.62 23.22 24.09
C PRO C 584 -23.54 22.56 24.96
N ASN C 585 -22.29 22.98 24.80
CA ASN C 585 -21.17 22.44 25.57
C ASN C 585 -20.02 23.44 25.68
N ASN C 586 -19.36 23.46 26.85
CA ASN C 586 -18.26 24.37 27.12
C ASN C 586 -17.00 24.14 26.29
N VAL C 587 -16.70 22.88 25.99
CA VAL C 587 -15.50 22.52 25.24
C VAL C 587 -15.65 22.91 23.76
N VAL C 588 -15.02 24.03 23.39
CA VAL C 588 -15.07 24.52 22.01
C VAL C 588 -13.81 24.10 21.26
N TYR C 589 -14.00 23.41 20.14
CA TYR C 589 -12.89 22.89 19.33
C TYR C 589 -12.53 23.82 18.18
N GLY C 590 -13.54 24.36 17.50
CA GLY C 590 -13.31 25.21 16.33
C GLY C 590 -14.36 26.29 16.13
N ILE C 591 -13.91 27.44 15.61
CA ILE C 591 -14.79 28.58 15.34
C ILE C 591 -14.63 29.02 13.89
N LEU C 592 -15.76 29.16 13.19
CA LEU C 592 -15.78 29.63 11.80
C LEU C 592 -16.89 30.64 11.55
N GLU C 593 -16.60 31.64 10.71
CA GLU C 593 -17.54 32.70 10.39
C GLU C 593 -18.12 32.54 8.99
N ASP C 594 -19.43 32.74 8.87
CA ASP C 594 -20.12 32.66 7.57
C ASP C 594 -20.17 34.02 6.87
N SER C 595 -20.89 34.07 5.74
CA SER C 595 -21.02 35.28 4.94
C SER C 595 -21.93 36.34 5.58
N PHE C 596 -22.74 35.91 6.55
CA PHE C 596 -23.65 36.82 7.24
C PHE C 596 -23.06 37.43 8.52
N GLY C 597 -21.96 36.86 8.98
CA GLY C 597 -21.28 37.35 10.19
C GLY C 597 -21.46 36.46 11.40
N ARG C 598 -22.34 35.46 11.28
CA ARG C 598 -22.61 34.51 12.36
C ARG C 598 -21.46 33.52 12.51
N LEU C 599 -21.26 33.04 13.73
CA LEU C 599 -20.19 32.08 14.02
C LEU C 599 -20.71 30.66 14.19
N TRP C 600 -19.86 29.69 13.83
CA TRP C 600 -20.20 28.28 13.94
C TRP C 600 -19.17 27.57 14.76
N LEU C 601 -19.62 26.86 15.79
CA LEU C 601 -18.74 26.27 16.79
C LEU C 601 -18.94 24.76 16.95
N SER C 602 -17.84 24.02 16.97
CA SER C 602 -17.88 22.58 17.21
C SER C 602 -17.62 22.27 18.69
N THR C 603 -18.49 21.47 19.29
CA THR C 603 -18.40 21.12 20.70
C THR C 603 -18.60 19.62 20.93
N ASN C 604 -18.60 19.21 22.20
CA ASN C 604 -18.91 17.83 22.57
C ASN C 604 -20.40 17.52 22.46
N ARG C 605 -21.22 18.57 22.36
CA ARG C 605 -22.67 18.41 22.25
C ARG C 605 -23.22 18.99 20.93
N GLY C 606 -22.39 18.98 19.89
CA GLY C 606 -22.82 19.37 18.55
C GLY C 606 -22.27 20.68 18.04
N ILE C 607 -22.95 21.26 17.06
CA ILE C 607 -22.56 22.53 16.45
C ILE C 607 -23.58 23.62 16.76
N SER C 608 -23.09 24.78 17.20
CA SER C 608 -23.95 25.91 17.52
C SER C 608 -23.70 27.10 16.59
N CYS C 609 -24.79 27.70 16.13
CA CYS C 609 -24.73 28.90 15.29
C CYS C 609 -24.95 30.14 16.15
N PHE C 610 -23.86 30.85 16.45
CA PHE C 610 -23.89 32.00 17.33
C PHE C 610 -23.94 33.32 16.56
N ASN C 611 -24.87 34.19 16.96
CA ASN C 611 -24.97 35.53 16.41
C ASN C 611 -24.47 36.55 17.43
N PRO C 612 -23.32 37.19 17.15
CA PRO C 612 -22.70 38.14 18.10
C PRO C 612 -23.52 39.40 18.37
N GLU C 613 -24.36 39.78 17.41
CA GLU C 613 -25.19 40.98 17.53
C GLU C 613 -26.35 40.80 18.50
N THR C 614 -27.01 39.64 18.44
CA THR C 614 -28.15 39.34 19.30
C THR C 614 -27.78 38.49 20.51
N GLU C 615 -26.55 37.95 20.49
CA GLU C 615 -26.05 37.02 21.50
C GLU C 615 -26.93 35.77 21.66
N LYS C 616 -27.58 35.38 20.56
CA LYS C 616 -28.48 34.23 20.55
C LYS C 616 -27.82 33.03 19.87
N PHE C 617 -28.25 31.84 20.29
CA PHE C 617 -27.67 30.59 19.80
C PHE C 617 -28.65 29.78 18.94
N ARG C 618 -28.10 28.97 18.05
CA ARG C 618 -28.87 28.04 17.24
C ARG C 618 -28.13 26.70 17.20
N ASN C 619 -28.57 25.78 18.05
CA ASN C 619 -27.86 24.51 18.27
C ASN C 619 -28.28 23.37 17.35
N PHE C 620 -27.31 22.55 16.97
CA PHE C 620 -27.55 21.37 16.15
C PHE C 620 -26.95 20.14 16.80
N THR C 621 -27.66 19.02 16.70
CA THR C 621 -27.22 17.76 17.30
C THR C 621 -27.03 16.66 16.26
N GLU C 622 -26.62 15.48 16.72
CA GLU C 622 -26.42 14.32 15.85
C GLU C 622 -27.72 13.91 15.15
N SER C 623 -28.84 14.05 15.85
CA SER C 623 -30.16 13.74 15.32
C SER C 623 -30.58 14.69 14.19
N ASP C 624 -30.00 15.89 14.19
CA ASP C 624 -30.24 16.87 13.13
C ASP C 624 -29.55 16.47 11.83
N GLY C 625 -28.48 15.68 11.94
CA GLY C 625 -27.78 15.14 10.78
C GLY C 625 -26.26 15.21 10.85
N LEU C 626 -25.73 15.42 12.05
CA LEU C 626 -24.28 15.51 12.25
C LEU C 626 -23.60 14.14 12.25
N GLN C 627 -22.27 14.14 12.16
CA GLN C 627 -21.47 12.92 12.24
C GLN C 627 -21.57 12.29 13.63
N SER C 628 -21.55 13.15 14.65
CA SER C 628 -21.64 12.77 16.05
C SER C 628 -21.80 14.06 16.86
N ASN C 629 -22.38 13.94 18.06
CA ASN C 629 -22.48 15.07 18.97
C ASN C 629 -21.09 15.57 19.38
N GLN C 630 -20.18 14.64 19.63
CA GLN C 630 -18.82 14.96 20.00
C GLN C 630 -17.97 15.26 18.76
N PHE C 631 -17.27 16.38 18.80
CA PHE C 631 -16.33 16.75 17.73
C PHE C 631 -14.89 16.71 18.23
N ASN C 632 -13.94 16.88 17.33
CA ASN C 632 -12.52 16.75 17.67
C ASN C 632 -11.72 18.04 17.50
N THR C 633 -10.56 18.10 18.16
CA THR C 633 -9.68 19.27 18.16
C THR C 633 -9.08 19.52 16.78
N ALA C 634 -8.86 20.80 16.47
CA ALA C 634 -8.27 21.26 15.20
C ALA C 634 -9.11 20.93 13.96
N SER C 635 -10.19 20.17 14.16
CA SER C 635 -10.99 19.68 13.05
C SER C 635 -12.06 20.68 12.59
N TYR C 636 -11.60 21.73 11.92
CA TYR C 636 -12.47 22.79 11.40
C TYR C 636 -11.84 23.46 10.18
N CYS C 637 -12.64 23.67 9.15
CA CYS C 637 -12.14 24.29 7.91
C CYS C 637 -13.23 25.00 7.11
N ARG C 638 -12.92 26.22 6.69
CA ARG C 638 -13.77 26.96 5.75
C ARG C 638 -13.02 27.13 4.44
N THR C 639 -13.65 26.68 3.35
CA THR C 639 -13.05 26.77 2.03
C THR C 639 -13.11 28.20 1.48
N SER C 640 -12.32 28.45 0.43
CA SER C 640 -12.33 29.73 -0.27
C SER C 640 -13.69 29.99 -0.90
N VAL C 641 -14.39 28.92 -1.25
CA VAL C 641 -15.74 28.99 -1.83
C VAL C 641 -16.75 29.44 -0.77
N GLY C 642 -16.63 28.90 0.43
CA GLY C 642 -17.53 29.22 1.54
C GLY C 642 -18.09 28.00 2.25
N GLN C 643 -17.70 26.81 1.78
CA GLN C 643 -18.14 25.55 2.37
C GLN C 643 -17.44 25.31 3.70
N MET C 644 -18.19 24.76 4.67
CA MET C 644 -17.64 24.48 5.99
C MET C 644 -17.48 22.98 6.25
N TYR C 645 -16.41 22.63 6.95
CA TYR C 645 -16.10 21.24 7.28
C TYR C 645 -15.78 21.08 8.76
N PHE C 646 -16.51 20.19 9.43
CA PHE C 646 -16.30 19.90 10.84
C PHE C 646 -16.17 18.40 11.07
N GLY C 647 -15.01 17.98 11.58
CA GLY C 647 -14.76 16.57 11.86
C GLY C 647 -14.83 16.25 13.34
N GLY C 648 -15.10 14.98 13.64
CA GLY C 648 -15.20 14.52 15.03
C GLY C 648 -14.73 13.10 15.20
N ILE C 649 -15.48 12.33 15.98
CA ILE C 649 -15.15 10.93 16.26
C ILE C 649 -15.75 9.95 15.25
N ASN C 650 -16.81 10.39 14.58
CA ASN C 650 -17.50 9.54 13.61
C ASN C 650 -17.60 10.18 12.22
N GLY C 651 -16.48 10.74 11.76
CA GLY C 651 -16.39 11.32 10.42
C GLY C 651 -16.45 12.84 10.37
N ILE C 652 -16.74 13.37 9.19
CA ILE C 652 -16.80 14.81 8.95
C ILE C 652 -18.20 15.21 8.46
N THR C 653 -18.68 16.34 8.95
CA THR C 653 -19.96 16.89 8.51
C THR C 653 -19.75 18.18 7.72
N THR C 654 -20.22 18.19 6.49
CA THR C 654 -20.10 19.37 5.62
C THR C 654 -21.46 19.98 5.27
N PHE C 655 -21.50 21.30 5.19
CA PHE C 655 -22.71 22.04 4.88
C PHE C 655 -22.38 23.45 4.39
N ARG C 656 -23.32 24.05 3.65
CA ARG C 656 -23.21 25.44 3.25
C ARG C 656 -24.21 26.27 4.06
N PRO C 657 -23.71 27.04 5.04
CA PRO C 657 -24.55 27.82 5.96
C PRO C 657 -25.48 28.80 5.24
N GLU C 658 -25.03 29.30 4.09
CA GLU C 658 -25.82 30.24 3.28
C GLU C 658 -26.95 29.52 2.54
N LEU C 659 -26.75 28.24 2.27
CA LEU C 659 -27.71 27.42 1.53
C LEU C 659 -28.77 26.76 2.43
N LEU C 660 -28.59 26.89 3.74
CA LEU C 660 -29.50 26.27 4.70
C LEU C 660 -30.87 26.96 4.71
N LEU C 661 -31.93 26.15 4.67
CA LEU C 661 -33.30 26.66 4.62
C LEU C 661 -33.92 26.73 6.00
N ASP C 662 -34.76 27.74 6.21
CA ASP C 662 -35.47 27.92 7.48
C ASP C 662 -36.82 27.23 7.45
N ASN C 663 -37.21 26.65 8.59
CA ASN C 663 -38.53 26.02 8.73
C ASN C 663 -39.60 27.08 9.05
N PRO C 664 -40.54 27.30 8.11
CA PRO C 664 -41.56 28.32 8.27
C PRO C 664 -42.87 27.81 8.89
N TYR C 665 -42.87 26.57 9.38
CA TYR C 665 -44.06 25.95 9.93
C TYR C 665 -44.14 26.06 11.45
N THR C 666 -45.24 26.64 11.93
CA THR C 666 -45.51 26.75 13.36
C THR C 666 -46.87 26.13 13.68
N PRO C 667 -46.89 24.80 13.94
CA PRO C 667 -48.13 24.07 14.23
C PRO C 667 -48.63 24.34 15.65
N PRO C 668 -49.96 24.26 15.86
CA PRO C 668 -50.55 24.43 17.19
C PRO C 668 -50.22 23.25 18.12
N VAL C 669 -50.21 23.51 19.42
CA VAL C 669 -49.93 22.47 20.42
C VAL C 669 -51.18 21.64 20.68
N VAL C 670 -51.00 20.32 20.75
CA VAL C 670 -52.09 19.40 21.06
C VAL C 670 -51.80 18.66 22.35
N ILE C 671 -52.69 18.82 23.33
CA ILE C 671 -52.56 18.16 24.63
C ILE C 671 -52.90 16.68 24.47
N THR C 672 -51.89 15.82 24.71
CA THR C 672 -52.00 14.39 24.44
C THR C 672 -52.50 13.56 25.62
N LYS C 673 -51.96 13.83 26.81
CA LYS C 673 -52.22 12.98 27.97
C LYS C 673 -52.34 13.76 29.28
N LEU C 674 -53.36 13.41 30.07
CA LEU C 674 -53.54 13.95 31.41
C LEU C 674 -53.50 12.81 32.42
N GLN C 675 -52.73 12.98 33.48
CA GLN C 675 -52.62 11.99 34.55
C GLN C 675 -53.02 12.55 35.89
N LEU C 676 -53.84 11.81 36.62
CA LEU C 676 -54.21 12.14 37.99
C LEU C 676 -53.47 11.19 38.93
N PHE C 677 -52.56 11.74 39.72
CA PHE C 677 -51.67 10.97 40.59
C PHE C 677 -50.93 9.88 39.80
N ASN C 678 -50.35 10.28 38.66
CA ASN C 678 -49.66 9.37 37.74
C ASN C 678 -50.57 8.41 36.95
N LYS C 679 -51.80 8.23 37.42
CA LYS C 679 -52.77 7.38 36.72
C LYS C 679 -53.46 8.19 35.61
N VAL C 680 -53.40 7.65 34.40
CA VAL C 680 -53.91 8.35 33.21
C VAL C 680 -55.42 8.53 33.25
N VAL C 681 -55.86 9.79 33.11
CA VAL C 681 -57.28 10.12 33.06
C VAL C 681 -57.85 9.78 31.69
N ARG C 682 -58.99 9.11 31.67
CA ARG C 682 -59.62 8.69 30.42
C ARG C 682 -61.03 9.29 30.26
N PRO C 683 -61.54 9.38 29.02
CA PRO C 683 -62.92 9.83 28.81
C PRO C 683 -63.95 8.88 29.41
N ASP C 684 -64.91 9.45 30.14
CA ASP C 684 -65.99 8.70 30.80
C ASP C 684 -65.50 7.65 31.81
N ASP C 685 -64.42 7.96 32.51
CA ASP C 685 -63.89 7.07 33.54
C ASP C 685 -64.50 7.36 34.91
N GLU C 686 -64.06 6.61 35.93
CA GLU C 686 -64.62 6.73 37.28
C GLU C 686 -64.31 8.04 37.99
N THR C 687 -63.28 8.76 37.51
CA THR C 687 -62.94 10.08 38.04
C THR C 687 -63.98 11.11 37.58
N GLY C 688 -64.47 10.95 36.36
CA GLY C 688 -65.50 11.83 35.80
C GLY C 688 -65.01 13.21 35.43
N ILE C 689 -63.70 13.38 35.34
CA ILE C 689 -63.09 14.66 34.99
C ILE C 689 -63.22 14.88 33.47
N LEU C 690 -62.97 13.83 32.70
CA LEU C 690 -63.07 13.89 31.25
C LEU C 690 -64.28 13.11 30.74
N THR C 691 -65.04 13.74 29.85
CA THR C 691 -66.12 13.08 29.12
C THR C 691 -65.71 12.90 27.66
N LYS C 692 -64.97 13.88 27.14
CA LYS C 692 -64.35 13.81 25.82
C LYS C 692 -62.84 13.61 25.99
N ASN C 693 -62.12 13.59 24.87
CA ASN C 693 -60.67 13.49 24.87
C ASN C 693 -60.04 14.79 25.40
N ILE C 694 -58.85 14.68 25.98
CA ILE C 694 -58.12 15.82 26.54
C ILE C 694 -57.79 16.89 25.48
N SER C 695 -57.64 16.45 24.23
CA SER C 695 -57.43 17.36 23.11
C SER C 695 -58.73 18.09 22.74
N GLU C 696 -59.84 17.38 22.87
CA GLU C 696 -61.17 17.93 22.58
C GLU C 696 -61.66 18.87 23.67
N THR C 697 -61.35 18.51 24.92
CA THR C 697 -61.88 19.20 26.12
C THR C 697 -61.37 20.64 26.24
N LYS C 698 -62.31 21.54 26.54
CA LYS C 698 -62.01 22.97 26.70
C LYS C 698 -61.76 23.31 28.17
N SER C 699 -62.53 22.69 29.06
CA SER C 699 -62.44 22.97 30.49
C SER C 699 -62.64 21.72 31.35
N ILE C 700 -61.85 21.64 32.43
CA ILE C 700 -61.97 20.54 33.40
C ILE C 700 -62.19 21.06 34.82
N THR C 701 -62.86 20.27 35.64
CA THR C 701 -63.12 20.62 37.04
C THR C 701 -62.53 19.55 37.97
N LEU C 702 -61.73 20.01 38.93
CA LEU C 702 -61.07 19.12 39.88
C LEU C 702 -61.72 19.20 41.25
N LYS C 703 -62.07 18.02 41.80
CA LYS C 703 -62.68 17.91 43.12
C LYS C 703 -61.63 18.00 44.23
N SER C 704 -62.10 18.14 45.46
CA SER C 704 -61.23 18.37 46.63
C SER C 704 -60.12 17.33 46.80
N TRP C 705 -60.44 16.05 46.61
CA TRP C 705 -59.47 14.97 46.76
C TRP C 705 -58.54 14.83 45.59
N GLN C 706 -58.93 15.40 44.45
CA GLN C 706 -58.10 15.42 43.26
C GLN C 706 -57.12 16.59 43.34
N THR C 707 -55.90 16.31 43.79
CA THR C 707 -54.95 17.36 44.17
C THR C 707 -53.76 17.47 43.21
N ALA C 708 -53.23 16.34 42.77
CA ALA C 708 -52.04 16.31 41.91
C ALA C 708 -52.34 15.80 40.51
N PHE C 709 -51.68 16.41 39.52
CA PHE C 709 -51.86 16.05 38.12
C PHE C 709 -50.64 16.39 37.26
N SER C 710 -50.55 15.77 36.08
CA SER C 710 -49.50 16.05 35.11
C SER C 710 -50.06 16.15 33.70
N ILE C 711 -49.59 17.16 32.95
CA ILE C 711 -50.11 17.44 31.62
C ILE C 711 -49.05 17.17 30.54
N GLU C 712 -49.38 16.29 29.61
CA GLU C 712 -48.51 15.97 28.48
C GLU C 712 -49.07 16.57 27.18
N PHE C 713 -48.20 17.19 26.41
CA PHE C 713 -48.58 17.86 25.16
C PHE C 713 -47.56 17.59 24.05
N VAL C 714 -48.00 17.76 22.80
CA VAL C 714 -47.14 17.51 21.64
C VAL C 714 -47.34 18.56 20.54
N VAL C 715 -46.37 18.66 19.64
CA VAL C 715 -46.47 19.51 18.45
C VAL C 715 -46.07 18.71 17.21
N SER C 716 -46.85 18.86 16.13
CA SER C 716 -46.63 18.11 14.90
C SER C 716 -45.76 18.87 13.90
N ASN C 717 -44.47 18.96 14.21
CA ASN C 717 -43.49 19.60 13.33
C ASN C 717 -42.45 18.59 12.88
N TYR C 718 -42.70 17.95 11.74
CA TYR C 718 -41.87 16.86 11.25
C TYR C 718 -40.56 17.33 10.62
N ILE C 719 -40.52 18.59 10.19
CA ILE C 719 -39.30 19.19 9.65
C ILE C 719 -38.30 19.46 10.77
N SER C 720 -38.79 20.04 11.87
CA SER C 720 -37.98 20.27 13.07
C SER C 720 -37.79 18.98 13.85
N GLY C 721 -38.70 18.02 13.65
CA GLY C 721 -38.61 16.71 14.28
C GLY C 721 -38.94 16.75 15.76
N GLN C 722 -37.93 16.56 16.59
CA GLN C 722 -38.07 16.58 18.04
C GLN C 722 -37.31 17.74 18.66
N HIS C 723 -36.87 18.66 17.81
CA HIS C 723 -36.09 19.82 18.23
C HIS C 723 -36.98 21.03 18.34
N ASN C 724 -37.89 21.00 19.30
CA ASN C 724 -38.86 22.09 19.49
C ASN C 724 -38.77 22.72 20.88
N THR C 725 -39.35 23.91 21.01
CA THR C 725 -39.38 24.63 22.28
C THR C 725 -40.81 24.98 22.69
N PHE C 726 -41.21 24.51 23.87
CA PHE C 726 -42.54 24.76 24.41
C PHE C 726 -42.51 25.91 25.43
N ALA C 727 -43.58 26.69 25.46
CA ALA C 727 -43.74 27.75 26.46
C ALA C 727 -45.08 27.58 27.18
N TYR C 728 -45.04 27.31 28.47
CA TYR C 728 -46.25 27.07 29.25
C TYR C 728 -46.44 28.08 30.38
N LYS C 729 -47.71 28.35 30.70
CA LYS C 729 -48.07 29.21 31.83
C LYS C 729 -49.48 28.87 32.31
N LEU C 730 -49.64 28.78 33.63
CA LEU C 730 -50.96 28.62 34.24
C LEU C 730 -51.45 29.97 34.75
N GLU C 731 -52.48 30.49 34.08
CA GLU C 731 -53.03 31.81 34.40
C GLU C 731 -53.67 31.82 35.79
N GLY C 732 -53.27 32.79 36.60
CA GLY C 732 -53.78 32.93 37.96
C GLY C 732 -52.94 32.23 39.02
N TYR C 733 -51.91 31.51 38.58
CA TYR C 733 -51.02 30.78 39.48
C TYR C 733 -49.55 30.99 39.15
N ASP C 734 -49.20 30.87 37.87
CA ASP C 734 -47.84 31.12 37.41
C ASP C 734 -47.59 32.62 37.31
N LYS C 735 -46.50 33.07 37.93
CA LYS C 735 -46.11 34.49 37.92
C LYS C 735 -45.53 34.89 36.56
N GLU C 736 -44.94 33.93 35.86
CA GLU C 736 -44.31 34.17 34.56
C GLU C 736 -44.35 32.93 33.65
N TRP C 737 -44.00 33.13 32.39
CA TRP C 737 -43.90 32.03 31.43
C TRP C 737 -42.67 31.20 31.66
N TYR C 738 -42.80 29.88 31.46
CA TYR C 738 -41.68 28.97 31.57
C TYR C 738 -41.47 28.22 30.26
N TYR C 739 -40.21 27.93 29.95
CA TYR C 739 -39.83 27.32 28.68
C TYR C 739 -39.28 25.90 28.84
N LEU C 740 -39.70 25.00 27.96
CA LEU C 740 -39.22 23.62 27.96
C LEU C 740 -38.61 23.21 26.62
N THR C 741 -37.54 22.43 26.68
CA THR C 741 -36.86 21.95 25.49
C THR C 741 -36.72 20.43 25.47
N ASP C 742 -36.54 19.84 26.65
CA ASP C 742 -36.32 18.39 26.79
C ASP C 742 -37.59 17.63 27.14
N SER C 743 -38.42 18.22 27.98
CA SER C 743 -39.62 17.55 28.48
C SER C 743 -40.90 18.06 27.81
N ARG C 744 -41.96 17.27 27.94
CA ARG C 744 -43.28 17.59 27.40
C ARG C 744 -44.34 17.56 28.50
N THR C 745 -43.92 17.17 29.70
CA THR C 745 -44.84 16.98 30.82
C THR C 745 -44.63 18.03 31.91
N VAL C 746 -45.74 18.66 32.31
CA VAL C 746 -45.73 19.64 33.41
C VAL C 746 -46.60 19.11 34.55
N SER C 747 -46.04 19.11 35.76
CA SER C 747 -46.73 18.58 36.93
C SER C 747 -47.04 19.64 37.97
N TYR C 748 -48.29 19.62 38.46
CA TYR C 748 -48.74 20.53 39.52
C TYR C 748 -49.34 19.75 40.69
N SER C 749 -49.44 20.41 41.84
CA SER C 749 -49.99 19.79 43.04
C SER C 749 -50.71 20.78 43.95
N ASN C 750 -51.59 20.25 44.79
CA ASN C 750 -52.39 21.03 45.75
C ASN C 750 -53.25 22.12 45.12
N LEU C 751 -52.68 23.31 44.94
CA LEU C 751 -53.35 24.48 44.33
C LEU C 751 -54.56 24.99 45.13
N PRO C 752 -54.64 26.32 45.33
CA PRO C 752 -55.82 26.93 45.95
C PRO C 752 -57.03 26.90 45.00
N GLN C 753 -58.22 27.08 45.57
CA GLN C 753 -59.46 27.06 44.78
C GLN C 753 -59.57 28.25 43.84
N GLY C 754 -60.38 28.09 42.79
CA GLY C 754 -60.59 29.15 41.80
C GLY C 754 -60.47 28.66 40.37
N THR C 755 -60.58 29.59 39.43
CA THR C 755 -60.52 29.28 38.01
C THR C 755 -59.14 29.65 37.43
N TYR C 756 -58.55 28.69 36.73
CA TYR C 756 -57.23 28.87 36.11
C TYR C 756 -57.28 28.48 34.63
N GLN C 757 -56.41 29.09 33.83
CA GLN C 757 -56.30 28.77 32.41
C GLN C 757 -54.88 28.36 32.03
N PHE C 758 -54.73 27.16 31.49
CA PHE C 758 -53.44 26.67 31.03
C PHE C 758 -53.20 27.06 29.58
N LEU C 759 -52.05 27.68 29.32
CA LEU C 759 -51.70 28.15 27.98
C LEU C 759 -50.35 27.59 27.54
N VAL C 760 -50.28 27.13 26.30
CA VAL C 760 -49.04 26.55 25.76
C VAL C 760 -48.75 26.99 24.31
N LYS C 761 -47.54 27.51 24.10
CA LYS C 761 -47.09 27.96 22.78
C LYS C 761 -46.11 26.94 22.18
N ALA C 762 -45.84 27.08 20.88
CA ALA C 762 -44.95 26.16 20.17
C ALA C 762 -43.92 26.89 19.31
N ALA C 763 -42.66 26.47 19.44
CA ALA C 763 -41.57 27.00 18.63
C ALA C 763 -40.86 25.88 17.87
N ASN C 764 -40.53 26.15 16.61
CA ASN C 764 -39.77 25.20 15.79
C ASN C 764 -38.27 25.26 16.08
N SER C 765 -37.50 24.39 15.42
CA SER C 765 -36.05 24.31 15.62
C SER C 765 -35.32 25.62 15.35
N ASP C 766 -35.79 26.37 14.34
CA ASP C 766 -35.20 27.65 13.98
C ASP C 766 -35.49 28.75 14.99
N GLY C 767 -36.71 28.75 15.55
CA GLY C 767 -37.07 29.69 16.60
C GLY C 767 -38.33 30.51 16.37
N LYS C 768 -39.10 30.17 15.34
CA LYS C 768 -40.36 30.86 15.07
C LYS C 768 -41.49 30.31 15.94
N TRP C 769 -42.25 31.22 16.53
CA TRP C 769 -43.31 30.87 17.48
C TRP C 769 -44.67 30.82 16.86
N ASN C 770 -45.58 30.08 17.51
CA ASN C 770 -46.99 30.11 17.17
C ASN C 770 -47.69 31.16 18.05
N PRO C 771 -48.18 32.26 17.42
CA PRO C 771 -48.76 33.39 18.14
C PRO C 771 -49.98 33.03 18.99
N ILE C 772 -50.80 32.10 18.49
CA ILE C 772 -51.97 31.64 19.22
C ILE C 772 -51.66 30.36 20.02
N PRO C 773 -51.80 30.42 21.36
CA PRO C 773 -51.54 29.25 22.20
C PRO C 773 -52.76 28.35 22.37
N THR C 774 -52.54 27.14 22.88
CA THR C 774 -53.62 26.20 23.15
C THR C 774 -54.09 26.38 24.60
N ALA C 775 -55.39 26.59 24.77
CA ALA C 775 -55.96 26.92 26.07
C ALA C 775 -56.81 25.79 26.67
N LEU C 776 -56.57 25.51 27.95
CA LEU C 776 -57.37 24.57 28.72
C LEU C 776 -57.68 25.17 30.09
N GLU C 777 -58.96 25.26 30.42
CA GLU C 777 -59.40 25.82 31.69
C GLU C 777 -59.45 24.76 32.78
N ILE C 778 -58.93 25.10 33.95
CA ILE C 778 -58.94 24.21 35.11
C ILE C 778 -59.64 24.90 36.27
N ILE C 779 -60.69 24.25 36.79
CA ILE C 779 -61.44 24.78 37.93
C ILE C 779 -61.13 23.95 39.17
N VAL C 780 -60.55 24.60 40.18
CA VAL C 780 -60.26 23.95 41.46
C VAL C 780 -61.35 24.25 42.47
N LEU C 781 -61.98 23.19 42.97
CA LEU C 781 -63.09 23.31 43.92
C LEU C 781 -62.61 23.51 45.36
N PRO C 782 -63.45 24.15 46.21
CA PRO C 782 -63.09 24.40 47.61
C PRO C 782 -62.82 23.13 48.42
N ILE C 783 -61.93 23.25 49.41
CA ILE C 783 -61.52 22.13 50.25
C ILE C 783 -62.00 22.36 51.69
N GLN D 28 -12.01 -16.45 21.39
CA GLN D 28 -12.81 -15.34 20.78
C GLN D 28 -13.34 -14.40 21.87
N ILE D 29 -13.17 -13.10 21.64
CA ILE D 29 -13.60 -12.07 22.60
C ILE D 29 -14.37 -10.96 21.88
N THR D 30 -15.62 -10.76 22.28
CA THR D 30 -16.47 -9.70 21.72
C THR D 30 -16.92 -8.73 22.80
N PHE D 31 -16.92 -7.44 22.45
CA PHE D 31 -17.21 -6.36 23.40
C PHE D 31 -18.58 -5.75 23.20
N SER D 32 -19.10 -5.13 24.27
CA SER D 32 -20.34 -4.35 24.22
C SER D 32 -20.01 -2.87 24.26
N TYR D 33 -20.67 -2.09 23.40
CA TYR D 33 -20.36 -0.67 23.23
C TYR D 33 -21.22 0.24 24.11
N ILE D 34 -20.56 1.10 24.87
CA ILE D 34 -21.24 2.13 25.67
C ILE D 34 -20.56 3.48 25.45
N SER D 35 -21.26 4.39 24.80
CA SER D 35 -20.71 5.70 24.44
C SER D 35 -21.74 6.83 24.57
N ILE D 36 -21.56 7.88 23.78
CA ILE D 36 -22.39 9.09 23.84
C ILE D 36 -23.88 8.78 23.67
N ASN D 37 -24.22 7.97 22.68
CA ASN D 37 -25.59 7.55 22.40
C ASN D 37 -26.25 6.85 23.59
N GLU D 38 -25.42 6.20 24.41
CA GLU D 38 -25.88 5.43 25.55
C GLU D 38 -26.10 6.30 26.79
N GLY D 39 -25.53 7.51 26.77
CA GLY D 39 -25.70 8.46 27.88
C GLY D 39 -24.41 9.03 28.42
N LEU D 40 -23.28 8.49 27.96
CA LEU D 40 -21.95 8.96 28.37
C LEU D 40 -21.72 10.40 27.90
N SER D 41 -21.09 11.20 28.75
CA SER D 41 -20.86 12.62 28.45
C SER D 41 -19.78 12.83 27.39
N GLN D 42 -18.61 12.24 27.62
CA GLN D 42 -17.47 12.38 26.71
C GLN D 42 -16.78 11.04 26.52
N SER D 43 -16.27 10.80 25.30
CA SER D 43 -15.78 9.48 24.90
C SER D 43 -14.49 9.00 25.58
N THR D 44 -13.64 9.93 25.99
CA THR D 44 -12.38 9.59 26.65
C THR D 44 -12.63 9.16 28.09
N VAL D 45 -12.15 7.96 28.44
CA VAL D 45 -12.25 7.46 29.81
C VAL D 45 -10.85 7.21 30.37
N PHE D 46 -10.37 8.15 31.19
CA PHE D 46 -9.03 8.11 31.75
C PHE D 46 -8.87 7.07 32.85
N SER D 47 -9.87 7.00 33.74
CA SER D 47 -9.82 6.09 34.89
C SER D 47 -11.20 5.51 35.21
N ILE D 48 -11.21 4.26 35.65
CA ILE D 48 -12.44 3.56 36.01
C ILE D 48 -12.35 2.99 37.42
N ASP D 49 -13.44 3.08 38.17
CA ASP D 49 -13.53 2.51 39.52
C ASP D 49 -14.98 2.19 39.91
N GLN D 50 -15.14 1.32 40.91
CA GLN D 50 -16.45 0.91 41.41
C GLN D 50 -16.57 1.21 42.91
N ASP D 51 -17.77 1.61 43.34
CA ASP D 51 -18.03 1.92 44.75
C ASP D 51 -18.70 0.75 45.50
N LYS D 52 -19.01 0.98 46.77
CA LYS D 52 -19.61 -0.04 47.64
C LYS D 52 -21.03 -0.42 47.21
N ARG D 53 -21.76 0.53 46.65
CA ARG D 53 -23.12 0.30 46.18
C ARG D 53 -23.18 -0.53 44.89
N GLY D 54 -22.07 -0.54 44.15
CA GLY D 54 -21.97 -1.29 42.91
C GLY D 54 -21.96 -0.42 41.67
N ASN D 55 -22.08 0.89 41.87
CA ASN D 55 -22.06 1.86 40.78
C ASN D 55 -20.69 2.00 40.14
N MET D 56 -20.67 2.17 38.82
CA MET D 56 -19.42 2.37 38.08
C MET D 56 -19.15 3.85 37.89
N TRP D 57 -17.88 4.22 38.01
CA TRP D 57 -17.45 5.62 37.88
C TRP D 57 -16.42 5.79 36.80
N PHE D 58 -16.66 6.75 35.91
CA PHE D 58 -15.78 7.00 34.76
C PHE D 58 -15.28 8.44 34.75
N ALA D 59 -13.96 8.60 34.74
CA ALA D 59 -13.34 9.91 34.66
C ALA D 59 -13.16 10.32 33.20
N THR D 60 -14.00 11.25 32.74
CA THR D 60 -13.95 11.71 31.35
C THR D 60 -13.29 13.09 31.23
N TYR D 61 -12.89 13.44 30.02
CA TYR D 61 -12.25 14.72 29.74
C TYR D 61 -13.25 15.87 29.85
N ASP D 62 -14.53 15.54 29.80
CA ASP D 62 -15.61 16.50 29.98
C ASP D 62 -16.74 15.89 30.81
N GLY D 63 -16.67 16.11 32.13
CA GLY D 63 -17.68 15.61 33.06
C GLY D 63 -17.27 14.39 33.84
N VAL D 64 -18.09 14.01 34.82
CA VAL D 64 -17.89 12.79 35.60
C VAL D 64 -19.15 11.93 35.51
N ASN D 65 -18.97 10.67 35.12
CA ASN D 65 -20.09 9.77 34.86
C ASN D 65 -20.31 8.72 35.96
N LYS D 66 -21.57 8.55 36.36
CA LYS D 66 -21.96 7.52 37.32
C LYS D 66 -22.99 6.58 36.71
N TYR D 67 -22.60 5.32 36.53
CA TYR D 67 -23.46 4.34 35.87
C TYR D 67 -23.90 3.25 36.85
N ASP D 68 -25.19 2.96 36.87
CA ASP D 68 -25.77 1.99 37.80
C ASP D 68 -26.17 0.67 37.13
N GLY D 69 -26.45 0.72 35.83
CA GLY D 69 -26.88 -0.46 35.08
C GLY D 69 -28.13 -0.22 34.26
N TYR D 70 -28.68 0.99 34.38
CA TYR D 70 -29.88 1.38 33.63
C TYR D 70 -29.75 2.78 33.04
N ALA D 71 -29.18 3.70 33.81
CA ALA D 71 -29.05 5.10 33.39
C ALA D 71 -27.72 5.73 33.82
N PHE D 72 -27.33 6.79 33.11
CA PHE D 72 -26.13 7.55 33.43
C PHE D 72 -26.45 8.74 34.33
N THR D 73 -25.50 9.07 35.20
CA THR D 73 -25.60 10.27 36.03
C THR D 73 -24.36 11.12 35.78
N VAL D 74 -24.53 12.17 34.97
CA VAL D 74 -23.43 13.05 34.57
C VAL D 74 -23.28 14.22 35.53
N TYR D 75 -22.10 14.35 36.11
CA TYR D 75 -21.78 15.45 37.02
C TYR D 75 -20.82 16.45 36.37
N GLN D 76 -21.32 17.66 36.14
CA GLN D 76 -20.52 18.72 35.53
C GLN D 76 -20.55 19.99 36.38
N HIS D 77 -19.51 20.81 36.23
CA HIS D 77 -19.34 22.01 37.05
C HIS D 77 -20.39 23.05 36.79
N ASN D 78 -20.86 23.67 37.87
CA ASN D 78 -21.80 24.78 37.80
C ASN D 78 -21.20 25.99 38.50
N GLU D 79 -21.24 27.14 37.82
CA GLU D 79 -20.67 28.38 38.37
C GLU D 79 -21.52 28.97 39.50
N ASP D 80 -22.80 28.60 39.53
CA ASP D 80 -23.72 29.09 40.56
C ASP D 80 -23.86 28.12 41.72
N ASP D 81 -23.77 26.83 41.43
CA ASP D 81 -23.89 25.79 42.46
C ASP D 81 -22.50 25.33 42.95
N PRO D 82 -22.20 25.57 44.24
CA PRO D 82 -20.93 25.13 44.83
C PRO D 82 -20.92 23.63 45.14
N ASN D 83 -22.10 23.00 45.10
CA ASN D 83 -22.24 21.58 45.40
C ASN D 83 -21.86 20.67 44.23
N SER D 84 -21.69 21.26 43.06
CA SER D 84 -21.27 20.52 41.86
C SER D 84 -19.75 20.31 41.85
N ILE D 85 -19.29 19.40 40.99
CA ILE D 85 -17.86 19.12 40.82
C ILE D 85 -17.07 20.39 40.47
N ALA D 86 -15.80 20.44 40.90
CA ALA D 86 -14.95 21.60 40.70
C ALA D 86 -14.68 21.92 39.23
N ASN D 87 -14.40 20.89 38.43
CA ASN D 87 -14.15 21.05 37.00
C ASN D 87 -14.56 19.81 36.20
N ASP D 88 -14.91 20.03 34.93
CA ASP D 88 -15.33 18.95 34.03
C ASP D 88 -14.17 18.06 33.59
N ILE D 89 -12.96 18.63 33.57
CA ILE D 89 -11.75 17.90 33.22
C ILE D 89 -11.29 17.05 34.40
N SER D 90 -11.61 15.76 34.35
CA SER D 90 -11.24 14.82 35.41
C SER D 90 -10.19 13.82 34.92
N ARG D 91 -9.17 13.60 35.75
CA ARG D 91 -8.03 12.77 35.38
C ARG D 91 -8.02 11.39 36.03
N ILE D 92 -8.45 11.31 37.29
CA ILE D 92 -8.36 10.06 38.05
C ILE D 92 -9.56 9.86 39.00
N VAL D 93 -9.99 8.60 39.14
CA VAL D 93 -11.03 8.23 40.10
C VAL D 93 -10.56 7.06 40.98
N LYS D 94 -10.74 7.19 42.30
CA LYS D 94 -10.30 6.18 43.25
C LYS D 94 -11.33 5.97 44.36
N THR D 95 -11.64 4.70 44.63
CA THR D 95 -12.52 4.31 45.73
C THR D 95 -11.68 3.63 46.82
N ASP D 96 -11.75 4.16 48.03
CA ASP D 96 -10.93 3.66 49.14
C ASP D 96 -11.51 2.44 49.86
N SER D 97 -11.04 2.19 51.06
CA SER D 97 -11.47 1.04 51.87
C SER D 97 -12.92 1.18 52.35
N GLN D 98 -13.32 2.41 52.66
CA GLN D 98 -14.66 2.68 53.21
C GLN D 98 -15.70 2.97 52.13
N GLY D 99 -15.31 2.81 50.86
CA GLY D 99 -16.22 3.00 49.73
C GLY D 99 -16.41 4.43 49.30
N ARG D 100 -15.57 5.32 49.82
CA ARG D 100 -15.62 6.75 49.49
C ARG D 100 -14.97 7.00 48.14
N VAL D 101 -15.69 7.72 47.26
CA VAL D 101 -15.23 7.99 45.91
C VAL D 101 -14.53 9.35 45.84
N TRP D 102 -13.33 9.36 45.24
CA TRP D 102 -12.51 10.57 45.12
C TRP D 102 -12.15 10.85 43.69
N ILE D 103 -12.32 12.11 43.29
CA ILE D 103 -12.06 12.53 41.91
C ILE D 103 -10.89 13.50 41.86
N GLY D 104 -10.01 13.32 40.87
CA GLY D 104 -8.88 14.22 40.66
C GLY D 104 -9.06 15.08 39.43
N THR D 105 -9.43 16.34 39.65
CA THR D 105 -9.72 17.28 38.55
C THR D 105 -8.60 18.29 38.33
N ARG D 106 -8.78 19.13 37.32
CA ARG D 106 -7.83 20.19 36.97
C ARG D 106 -7.77 21.26 38.06
N ASP D 107 -8.93 21.59 38.63
CA ASP D 107 -9.02 22.58 39.70
C ASP D 107 -8.54 22.06 41.05
N GLY D 108 -8.61 20.74 41.24
CA GLY D 108 -8.12 20.10 42.46
C GLY D 108 -8.80 18.78 42.78
N LEU D 109 -8.95 18.52 44.08
CA LEU D 109 -9.55 17.27 44.56
C LEU D 109 -11.03 17.48 44.89
N SER D 110 -11.84 16.46 44.59
CA SER D 110 -13.27 16.51 44.89
C SER D 110 -13.79 15.16 45.35
N ARG D 111 -14.54 15.15 46.44
CA ARG D 111 -15.16 13.93 46.97
C ARG D 111 -16.68 13.94 46.77
N TYR D 112 -17.22 12.80 46.36
CA TYR D 112 -18.66 12.63 46.22
C TYR D 112 -19.26 12.14 47.54
N ASP D 113 -20.00 13.01 48.20
CA ASP D 113 -20.72 12.65 49.41
C ASP D 113 -22.07 12.05 49.03
N GLU D 114 -22.14 10.71 49.06
CA GLU D 114 -23.37 10.02 48.66
C GLU D 114 -24.50 10.18 49.67
N GLU D 115 -24.15 10.50 50.92
CA GLU D 115 -25.12 10.70 51.98
C GLU D 115 -26.00 11.93 51.71
N LYS D 116 -25.38 13.01 51.24
CA LYS D 116 -26.10 14.24 50.93
C LYS D 116 -26.23 14.46 49.42
N ASP D 117 -25.69 13.53 48.63
CA ASP D 117 -25.68 13.58 47.16
C ASP D 117 -25.07 14.88 46.61
N ILE D 118 -23.87 15.20 47.08
CA ILE D 118 -23.17 16.43 46.69
C ILE D 118 -21.68 16.18 46.45
N PHE D 119 -20.98 17.23 46.00
CA PHE D 119 -19.52 17.18 45.85
C PHE D 119 -18.82 18.15 46.78
N GLN D 120 -17.73 17.69 47.38
CA GLN D 120 -16.93 18.51 48.29
C GLN D 120 -15.58 18.87 47.63
N ASN D 121 -15.47 20.11 47.18
CA ASN D 121 -14.30 20.57 46.42
C ASN D 121 -13.18 21.09 47.32
N PHE D 122 -11.98 20.58 47.08
CA PHE D 122 -10.78 20.98 47.83
C PHE D 122 -9.73 21.53 46.87
N PHE D 123 -9.05 22.60 47.30
CA PHE D 123 -8.08 23.28 46.46
C PHE D 123 -6.73 23.42 47.14
N TYR D 124 -5.66 23.15 46.40
CA TYR D 124 -4.31 23.39 46.87
C TYR D 124 -3.65 24.42 45.98
N GLU D 125 -3.38 25.60 46.55
CA GLU D 125 -2.82 26.71 45.79
C GLU D 125 -1.30 26.81 45.93
N LYS D 126 -0.62 26.82 44.78
CA LYS D 126 0.82 27.06 44.71
C LYS D 126 1.12 28.04 43.58
N ASN D 127 1.82 29.11 43.93
CA ASN D 127 2.23 30.17 42.99
C ASN D 127 1.07 30.92 42.32
N GLY D 128 -0.11 30.88 42.95
CA GLY D 128 -1.29 31.59 42.46
C GLY D 128 -2.42 30.70 42.00
N LYS D 129 -2.10 29.72 41.16
CA LYS D 129 -3.11 28.82 40.60
C LYS D 129 -3.27 27.53 41.41
N HIS D 130 -4.48 26.97 41.38
CA HIS D 130 -4.76 25.70 42.04
C HIS D 130 -4.21 24.56 41.26
N LEU D 131 -3.48 23.66 41.93
CA LEU D 131 -2.82 22.54 41.27
C LEU D 131 -3.77 21.39 40.93
N GLN D 132 -3.43 20.68 39.85
CA GLN D 132 -4.22 19.54 39.36
C GLN D 132 -3.85 18.26 40.11
N VAL D 133 -4.84 17.39 40.31
CA VAL D 133 -4.61 16.08 40.91
C VAL D 133 -4.50 15.02 39.80
N ASN D 134 -3.37 14.31 39.79
CA ASN D 134 -3.10 13.30 38.76
C ASN D 134 -3.37 11.87 39.22
N GLY D 135 -3.15 11.61 40.51
CA GLY D 135 -3.35 10.28 41.07
C GLY D 135 -3.73 10.31 42.54
N ILE D 136 -4.61 9.39 42.93
CA ILE D 136 -5.11 9.30 44.30
C ILE D 136 -4.87 7.90 44.89
N GLU D 137 -4.25 7.88 46.07
CA GLU D 137 -4.07 6.66 46.85
C GLU D 137 -4.26 6.92 48.34
N GLU D 138 -4.73 5.91 49.07
CA GLU D 138 -4.91 6.04 50.52
C GLU D 138 -3.73 5.47 51.29
N ILE D 139 -3.30 6.21 52.31
CA ILE D 139 -2.29 5.75 53.24
C ILE D 139 -3.00 5.10 54.43
N SER D 140 -4.08 5.76 54.87
CA SER D 140 -4.94 5.25 55.93
C SER D 140 -6.39 5.67 55.64
N PRO D 141 -7.37 5.13 56.38
CA PRO D 141 -8.75 5.62 56.24
C PRO D 141 -8.92 7.08 56.68
N GLU D 142 -7.83 7.70 57.12
CA GLU D 142 -7.84 9.10 57.57
C GLU D 142 -6.90 9.99 56.76
N GLN D 143 -6.02 9.38 55.96
CA GLN D 143 -5.03 10.11 55.16
C GLN D 143 -4.98 9.66 53.70
N LEU D 144 -4.75 10.61 52.80
CA LEU D 144 -4.66 10.33 51.36
C LEU D 144 -3.39 10.88 50.74
N LEU D 145 -2.81 10.11 49.83
CA LEU D 145 -1.64 10.53 49.06
C LEU D 145 -2.08 11.16 47.73
N ILE D 146 -1.64 12.40 47.50
CA ILE D 146 -2.04 13.15 46.31
C ILE D 146 -0.83 13.52 45.46
N SER D 147 -0.94 13.32 44.15
CA SER D 147 0.12 13.67 43.21
C SER D 147 -0.25 14.90 42.38
N THR D 148 0.68 15.85 42.33
CA THR D 148 0.49 17.10 41.58
C THR D 148 1.61 17.27 40.54
N PRO D 149 1.39 18.13 39.52
CA PRO D 149 2.45 18.44 38.56
C PRO D 149 3.66 19.15 39.20
N GLU D 150 3.52 19.55 40.45
CA GLU D 150 4.60 20.22 41.19
C GLU D 150 5.32 19.28 42.14
N GLY D 151 4.59 18.33 42.73
CA GLY D 151 5.17 17.37 43.66
C GLY D 151 4.17 16.42 44.30
N LEU D 152 4.46 16.02 45.53
CA LEU D 152 3.61 15.08 46.28
C LEU D 152 3.16 15.66 47.62
N ILE D 153 1.84 15.67 47.83
CA ILE D 153 1.23 16.21 49.06
C ILE D 153 0.24 15.23 49.69
N MET D 154 0.01 15.38 51.00
CA MET D 154 -0.94 14.54 51.73
C MET D 154 -2.25 15.30 52.00
N PHE D 155 -3.35 14.55 51.98
CA PHE D 155 -4.66 15.11 52.33
C PHE D 155 -5.24 14.39 53.55
N ASP D 156 -5.44 15.13 54.63
CA ASP D 156 -6.09 14.60 55.82
C ASP D 156 -7.60 14.62 55.60
N ILE D 157 -8.22 13.45 55.69
CA ILE D 157 -9.65 13.29 55.45
C ILE D 157 -10.48 13.87 56.60
N LYS D 158 -10.09 13.51 57.83
CA LYS D 158 -10.80 13.95 59.04
C LYS D 158 -10.74 15.47 59.25
N GLU D 159 -9.63 16.07 58.82
CA GLU D 159 -9.43 17.52 58.97
C GLU D 159 -9.80 18.30 57.71
N SER D 160 -9.88 17.59 56.58
CA SER D 160 -10.23 18.18 55.28
C SER D 160 -9.26 19.27 54.83
N LYS D 161 -7.98 19.09 55.14
CA LYS D 161 -6.93 20.06 54.81
C LYS D 161 -5.70 19.39 54.21
N PHE D 162 -4.99 20.13 53.36
CA PHE D 162 -3.77 19.63 52.71
C PHE D 162 -2.53 19.84 53.57
N ILE D 163 -1.69 18.81 53.64
CA ILE D 163 -0.42 18.88 54.38
C ILE D 163 0.74 18.71 53.40
N ASP D 164 1.59 19.73 53.32
CA ASP D 164 2.75 19.72 52.42
C ASP D 164 4.08 19.46 53.13
N ASP D 165 4.14 19.83 54.41
CA ASP D 165 5.37 19.68 55.20
C ASP D 165 5.45 18.36 55.97
N SER D 166 4.90 17.30 55.37
CA SER D 166 4.89 15.97 55.99
C SER D 166 5.99 15.06 55.44
N PHE D 167 6.19 15.10 54.12
CA PHE D 167 7.16 14.23 53.45
C PHE D 167 8.56 14.84 53.42
N SER D 168 9.56 13.99 53.20
CA SER D 168 10.94 14.43 53.04
C SER D 168 11.11 15.24 51.77
N THR D 169 12.12 16.11 51.76
CA THR D 169 12.38 17.03 50.64
C THR D 169 12.52 16.30 49.30
N ALA D 170 13.13 15.11 49.33
CA ALA D 170 13.29 14.27 48.14
C ALA D 170 11.96 13.71 47.65
N MET D 171 11.09 13.36 48.59
CA MET D 171 9.78 12.78 48.28
C MET D 171 8.75 13.86 47.91
N HIS D 172 8.88 15.03 48.52
CA HIS D 172 7.92 16.12 48.34
C HIS D 172 7.95 16.73 46.96
N LYS D 173 9.15 16.83 46.38
CA LYS D 173 9.33 17.44 45.06
C LYS D 173 9.34 16.41 43.92
N THR D 174 8.73 15.25 44.17
CA THR D 174 8.69 14.17 43.20
C THR D 174 7.47 14.28 42.29
N ILE D 175 7.73 14.32 40.98
CA ILE D 175 6.66 14.40 39.99
C ILE D 175 6.12 12.99 39.72
N ALA D 176 5.00 12.67 40.37
CA ALA D 176 4.40 11.33 40.26
C ALA D 176 3.38 11.27 39.14
N SER D 177 3.52 10.25 38.29
CA SER D 177 2.62 10.03 37.16
C SER D 177 1.58 8.96 37.45
N THR D 178 1.92 8.02 38.31
CA THR D 178 1.00 6.95 38.72
C THR D 178 1.25 6.47 40.16
N LEU D 179 0.20 6.01 40.82
CA LEU D 179 0.26 5.54 42.20
C LEU D 179 -0.44 4.19 42.37
N TYR D 180 0.22 3.28 43.08
CA TYR D 180 -0.28 1.91 43.27
C TYR D 180 0.18 1.34 44.61
N ARG D 181 -0.78 0.86 45.40
CA ARG D 181 -0.50 0.32 46.74
C ARG D 181 -0.64 -1.20 46.78
N GLN D 182 0.33 -1.85 47.43
CA GLN D 182 0.30 -3.29 47.63
C GLN D 182 0.53 -3.63 49.10
N GLY D 183 -0.56 -3.74 49.85
CA GLY D 183 -0.52 -4.04 51.28
C GLY D 183 0.09 -2.91 52.09
N ASP D 184 1.37 -3.06 52.41
CA ASP D 184 2.12 -2.08 53.20
C ASP D 184 2.81 -1.04 52.32
N GLN D 185 3.34 -1.48 51.18
CA GLN D 185 4.12 -0.62 50.29
C GLN D 185 3.27 0.10 49.25
N ILE D 186 3.61 1.36 48.99
CA ILE D 186 3.01 2.13 47.91
C ILE D 186 4.09 2.45 46.88
N TYR D 187 3.91 1.91 45.67
CA TYR D 187 4.87 2.11 44.57
C TYR D 187 4.54 3.35 43.78
N ILE D 188 5.57 4.18 43.54
CA ILE D 188 5.40 5.46 42.86
C ILE D 188 6.13 5.47 41.51
N GLY D 189 5.38 5.75 40.46
CA GLY D 189 5.92 5.85 39.11
C GLY D 189 6.11 7.30 38.70
N THR D 190 7.34 7.65 38.31
CA THR D 190 7.69 9.02 37.97
C THR D 190 7.72 9.24 36.45
N SER D 191 7.85 10.50 36.05
CA SER D 191 7.89 10.89 34.65
C SER D 191 9.25 10.59 34.00
N THR D 192 10.32 10.70 34.78
CA THR D 192 11.68 10.53 34.25
C THR D 192 12.62 9.78 35.19
N ASP D 193 12.37 9.88 36.50
CA ASP D 193 13.32 9.42 37.51
C ASP D 193 13.16 7.96 37.95
N GLY D 194 12.49 7.16 37.12
CA GLY D 194 12.34 5.73 37.37
C GLY D 194 11.25 5.37 38.36
N LEU D 195 11.51 4.33 39.17
CA LEU D 195 10.52 3.79 40.09
C LEU D 195 10.97 3.88 41.55
N TYR D 196 10.00 4.21 42.42
CA TYR D 196 10.25 4.33 43.86
C TYR D 196 9.21 3.54 44.66
N THR D 197 9.58 3.18 45.88
CA THR D 197 8.67 2.48 46.81
C THR D 197 8.63 3.16 48.17
N TYR D 198 7.42 3.28 48.72
CA TYR D 198 7.22 3.93 50.02
C TYR D 198 6.48 3.02 51.00
N SER D 199 7.14 2.74 52.13
CA SER D 199 6.54 1.99 53.22
C SER D 199 5.75 2.94 54.12
N ILE D 200 4.58 2.48 54.58
CA ILE D 200 3.74 3.26 55.49
C ILE D 200 4.24 3.11 56.92
N THR D 201 4.51 1.87 57.31
CA THR D 201 4.97 1.54 58.67
C THR D 201 6.37 2.10 58.94
N GLN D 202 7.28 1.92 57.99
CA GLN D 202 8.67 2.32 58.14
C GLN D 202 8.90 3.79 57.76
N LYS D 203 7.96 4.37 57.01
CA LYS D 203 8.06 5.73 56.48
C LYS D 203 9.34 5.95 55.66
N THR D 204 9.73 4.91 54.93
CA THR D 204 10.97 4.91 54.15
C THR D 204 10.71 5.13 52.67
N PHE D 205 11.63 5.85 52.01
CA PHE D 205 11.50 6.19 50.60
C PHE D 205 12.76 5.77 49.83
N GLU D 206 12.64 4.70 49.06
CA GLU D 206 13.77 4.13 48.33
C GLU D 206 13.41 3.79 46.89
N LYS D 207 14.42 3.68 46.03
CA LYS D 207 14.24 3.39 44.61
C LYS D 207 14.28 1.88 44.32
N VAL D 208 13.73 1.49 43.17
CA VAL D 208 13.73 0.10 42.72
C VAL D 208 14.54 -0.04 41.43
N THR D 214 14.13 5.91 32.08
CA THR D 214 14.27 7.11 31.28
C THR D 214 12.92 7.69 30.87
N LYS D 215 11.91 6.83 30.77
CA LYS D 215 10.57 7.24 30.33
C LYS D 215 9.55 7.25 31.48
N GLN D 216 8.34 7.70 31.15
CA GLN D 216 7.26 7.88 32.13
C GLN D 216 6.47 6.60 32.38
N ILE D 217 6.24 6.29 33.65
CA ILE D 217 5.45 5.12 34.05
C ILE D 217 3.97 5.52 34.16
N GLN D 218 3.10 4.72 33.55
CA GLN D 218 1.67 5.03 33.50
C GLN D 218 0.80 4.13 34.38
N ALA D 219 1.20 2.88 34.55
CA ALA D 219 0.47 1.92 35.39
C ALA D 219 1.40 0.90 36.04
N ILE D 220 1.11 0.56 37.28
CA ILE D 220 1.85 -0.46 38.02
C ILE D 220 0.88 -1.51 38.56
N LEU D 221 1.25 -2.78 38.43
CA LEU D 221 0.42 -3.89 38.91
C LEU D 221 1.28 -5.08 39.33
N GLN D 222 0.91 -5.71 40.44
CA GLN D 222 1.63 -6.88 40.94
C GLN D 222 0.82 -8.16 40.76
N GLN D 223 1.42 -9.13 40.08
CA GLN D 223 0.81 -10.44 39.86
C GLN D 223 1.07 -11.34 41.07
N SER D 224 2.35 -11.51 41.41
CA SER D 224 2.76 -12.31 42.56
C SER D 224 3.93 -11.60 43.25
N PRO D 225 4.30 -12.04 44.48
CA PRO D 225 5.48 -11.47 45.15
C PRO D 225 6.79 -11.65 44.38
N THR D 226 6.72 -12.29 43.21
CA THR D 226 7.88 -12.46 42.33
C THR D 226 7.63 -11.88 40.93
N ARG D 227 6.45 -11.30 40.73
CA ARG D 227 6.07 -10.74 39.43
C ARG D 227 5.39 -9.38 39.57
N ILE D 228 6.06 -8.34 39.07
CA ILE D 228 5.51 -6.99 39.04
C ILE D 228 5.59 -6.43 37.61
N TRP D 229 4.43 -6.11 37.05
CA TRP D 229 4.34 -5.55 35.71
C TRP D 229 4.34 -4.05 35.73
N VAL D 230 5.14 -3.46 34.86
CA VAL D 230 5.28 -1.99 34.78
C VAL D 230 4.94 -1.49 33.37
N ALA D 231 3.96 -0.59 33.30
CA ALA D 231 3.55 0.02 32.04
C ALA D 231 4.23 1.37 31.86
N THR D 232 4.98 1.51 30.77
CA THR D 232 5.73 2.74 30.50
C THR D 232 5.33 3.43 29.20
N GLU D 233 5.59 4.73 29.13
CA GLU D 233 5.26 5.54 27.96
C GLU D 233 6.41 5.52 26.95
N GLY D 234 6.40 4.49 26.10
CA GLY D 234 7.41 4.36 25.03
C GLY D 234 8.53 3.38 25.31
N ALA D 235 8.78 3.11 26.59
CA ALA D 235 9.85 2.20 26.99
C ALA D 235 9.45 0.72 26.95
N GLY D 236 8.16 0.46 26.77
CA GLY D 236 7.63 -0.90 26.66
C GLY D 236 7.05 -1.44 27.95
N LEU D 237 7.26 -2.73 28.19
CA LEU D 237 6.76 -3.40 29.40
C LEU D 237 7.91 -3.99 30.20
N PHE D 238 7.78 -3.96 31.52
CA PHE D 238 8.82 -4.47 32.42
C PHE D 238 8.28 -5.47 33.43
N LEU D 239 8.91 -6.64 33.50
CA LEU D 239 8.59 -7.65 34.50
C LEU D 239 9.68 -7.65 35.56
N ILE D 240 9.31 -7.28 36.79
CA ILE D 240 10.26 -7.16 37.88
C ILE D 240 10.04 -8.25 38.93
N ASN D 241 11.11 -8.97 39.25
CA ASN D 241 11.14 -9.88 40.38
C ASN D 241 11.87 -9.19 41.52
N PRO D 242 11.12 -8.69 42.53
CA PRO D 242 11.71 -7.89 43.61
C PRO D 242 12.58 -8.69 44.58
N LYS D 243 12.36 -10.00 44.64
CA LYS D 243 13.12 -10.88 45.52
C LYS D 243 14.54 -11.12 45.01
N THR D 244 14.70 -11.08 43.68
CA THR D 244 16.01 -11.30 43.06
C THR D 244 16.56 -10.02 42.39
N LYS D 245 15.71 -8.99 42.31
CA LYS D 245 16.05 -7.69 41.73
C LYS D 245 16.45 -7.74 40.24
N GLU D 246 15.86 -8.67 39.49
CA GLU D 246 16.11 -8.79 38.05
C GLU D 246 14.92 -8.33 37.21
N ILE D 247 15.22 -7.70 36.08
CA ILE D 247 14.19 -7.12 35.20
C ILE D 247 14.21 -7.72 33.80
N LYS D 248 13.02 -7.78 33.18
CA LYS D 248 12.88 -8.25 31.81
C LYS D 248 12.05 -7.26 31.00
N ASN D 249 12.59 -6.82 29.88
CA ASN D 249 11.93 -5.82 29.03
C ASN D 249 11.18 -6.44 27.86
N TYR D 250 9.98 -5.91 27.60
CA TYR D 250 9.16 -6.34 26.47
C TYR D 250 8.92 -5.15 25.53
N LEU D 251 9.30 -5.31 24.26
CA LEU D 251 9.17 -4.26 23.26
C LEU D 251 8.37 -4.71 22.04
N HIS D 252 7.80 -3.75 21.32
CA HIS D 252 7.00 -4.03 20.13
C HIS D 252 7.84 -4.25 18.91
N SER D 253 7.54 -5.33 18.19
CA SER D 253 8.17 -5.61 16.90
C SER D 253 7.08 -5.61 15.82
N PRO D 254 7.23 -4.74 14.80
CA PRO D 254 6.24 -4.66 13.72
C PRO D 254 6.23 -5.92 12.85
N SER D 255 7.37 -6.57 12.73
CA SER D 255 7.50 -7.80 11.96
C SER D 255 6.97 -9.02 12.73
N ASN D 256 6.93 -8.90 14.07
CA ASN D 256 6.43 -9.97 14.93
C ASN D 256 5.07 -9.61 15.57
N PRO D 257 3.98 -10.17 15.00
CA PRO D 257 2.63 -9.88 15.51
C PRO D 257 2.35 -10.50 16.89
N LYS D 258 3.15 -11.49 17.27
CA LYS D 258 2.99 -12.18 18.56
C LYS D 258 3.50 -11.35 19.74
N SER D 259 4.32 -10.33 19.45
CA SER D 259 4.79 -9.39 20.46
C SER D 259 3.73 -8.34 20.75
N ILE D 260 4.00 -7.47 21.72
CA ILE D 260 3.08 -6.38 22.08
C ILE D 260 2.80 -5.45 20.91
N SER D 261 1.64 -4.80 20.93
CA SER D 261 1.19 -3.95 19.82
C SER D 261 1.90 -2.59 19.80
N SER D 262 2.12 -2.02 20.98
CA SER D 262 2.73 -0.69 21.09
C SER D 262 3.65 -0.59 22.31
N ASN D 263 4.65 0.28 22.22
CA ASN D 263 5.56 0.54 23.34
C ASN D 263 5.00 1.54 24.35
N TYR D 264 4.00 2.32 23.92
CA TYR D 264 3.31 3.25 24.79
C TYR D 264 2.15 2.54 25.49
N ILE D 265 2.34 2.22 26.76
CA ILE D 265 1.34 1.47 27.55
C ILE D 265 0.76 2.35 28.65
N ARG D 266 -0.54 2.18 28.92
CA ARG D 266 -1.27 3.06 29.83
C ARG D 266 -1.94 2.36 31.02
N SER D 267 -2.48 1.17 30.79
CA SER D 267 -3.26 0.48 31.81
C SER D 267 -2.91 -1.00 31.93
N LEU D 268 -3.05 -1.53 33.15
CA LEU D 268 -2.82 -2.95 33.44
C LEU D 268 -3.89 -3.47 34.39
N ALA D 269 -4.51 -4.59 34.03
CA ALA D 269 -5.57 -5.20 34.84
C ALA D 269 -5.59 -6.72 34.75
N MET D 270 -6.13 -7.36 35.78
CA MET D 270 -6.27 -8.82 35.82
C MET D 270 -7.74 -9.21 35.78
N ASP D 271 -8.04 -10.30 35.06
CA ASP D 271 -9.41 -10.81 34.99
C ASP D 271 -9.65 -11.93 36.01
N SER D 272 -10.89 -12.41 36.07
CA SER D 272 -11.27 -13.47 37.00
C SER D 272 -10.55 -14.79 36.74
N GLN D 273 -10.14 -15.01 35.49
CA GLN D 273 -9.41 -16.22 35.11
C GLN D 273 -7.89 -16.04 35.12
N ASN D 274 -7.43 -15.09 35.95
CA ASN D 274 -6.00 -14.86 36.21
C ASN D 274 -5.16 -14.60 34.94
N ARG D 275 -5.63 -13.68 34.10
CA ARG D 275 -4.93 -13.31 32.88
C ARG D 275 -4.66 -11.81 32.85
N LEU D 276 -3.47 -11.44 32.37
CA LEU D 276 -3.04 -10.04 32.32
C LEU D 276 -3.62 -9.32 31.11
N TRP D 277 -4.31 -8.21 31.38
CA TRP D 277 -4.86 -7.36 30.33
C TRP D 277 -4.06 -6.10 30.23
N ILE D 278 -3.52 -5.85 29.04
CA ILE D 278 -2.61 -4.75 28.81
C ILE D 278 -3.20 -3.74 27.82
N GLY D 279 -3.47 -2.53 28.31
CA GLY D 279 -4.04 -1.46 27.48
C GLY D 279 -2.97 -0.50 26.99
N THR D 280 -2.82 -0.42 25.68
CA THR D 280 -1.76 0.37 25.06
C THR D 280 -2.31 1.52 24.20
N PHE D 281 -1.39 2.29 23.61
CA PHE D 281 -1.74 3.36 22.68
C PHE D 281 -2.38 2.78 21.41
N ASN D 282 -1.91 1.62 21.00
CA ASN D 282 -2.49 0.89 19.88
C ASN D 282 -2.88 -0.53 20.28
N ASP D 283 -4.18 -0.81 20.20
CA ASP D 283 -4.76 -2.15 20.45
C ASP D 283 -4.64 -2.64 21.90
N LEU D 284 -5.25 -3.80 22.17
CA LEU D 284 -5.20 -4.43 23.47
C LEU D 284 -4.33 -5.69 23.41
N ASN D 285 -3.52 -5.89 24.45
CA ASN D 285 -2.67 -7.07 24.55
C ASN D 285 -3.02 -7.97 25.73
N ILE D 286 -3.03 -9.28 25.49
CA ILE D 286 -3.26 -10.27 26.56
C ILE D 286 -2.09 -11.23 26.59
N TYR D 287 -1.35 -11.21 27.71
CA TYR D 287 -0.16 -12.03 27.88
C TYR D 287 -0.52 -13.49 28.11
N HIS D 288 0.10 -14.37 27.32
CA HIS D 288 -0.04 -15.81 27.50
C HIS D 288 1.16 -16.33 28.25
N GLU D 289 0.90 -17.14 29.28
CA GLU D 289 1.95 -17.61 30.20
C GLU D 289 2.91 -18.60 29.54
N GLY D 290 2.37 -19.68 28.99
CA GLY D 290 3.18 -20.76 28.41
C GLY D 290 4.01 -20.36 27.21
N THR D 291 3.41 -19.65 26.28
CA THR D 291 4.06 -19.26 25.03
C THR D 291 4.92 -18.01 25.16
N ASP D 292 4.72 -17.26 26.25
CA ASP D 292 5.40 -15.99 26.50
C ASP D 292 5.08 -14.94 25.42
N SER D 293 3.91 -15.09 24.79
CA SER D 293 3.49 -14.22 23.70
C SER D 293 2.32 -13.33 24.09
N PHE D 294 1.88 -12.49 23.16
CA PHE D 294 0.77 -11.57 23.37
C PHE D 294 -0.28 -11.71 22.28
N ALA D 295 -1.55 -11.69 22.68
CA ALA D 295 -2.66 -11.76 21.72
C ALA D 295 -3.23 -10.37 21.48
N SER D 296 -3.07 -9.89 20.24
CA SER D 296 -3.51 -8.55 19.87
C SER D 296 -5.00 -8.50 19.55
N TYR D 297 -5.67 -7.51 20.12
CA TYR D 297 -7.08 -7.26 19.82
C TYR D 297 -7.26 -5.82 19.35
N SER D 298 -7.52 -5.67 18.05
CA SER D 298 -7.53 -4.37 17.38
C SER D 298 -8.93 -3.80 17.19
N SER D 299 -8.98 -2.52 16.82
CA SER D 299 -10.21 -1.88 16.39
C SER D 299 -10.51 -2.33 14.96
N ASN D 300 -11.65 -2.98 14.77
CA ASN D 300 -12.01 -3.52 13.46
C ASN D 300 -13.43 -3.12 13.05
N PRO D 301 -13.53 -2.29 11.98
CA PRO D 301 -14.84 -1.84 11.48
C PRO D 301 -15.59 -2.92 10.70
N VAL D 302 -14.86 -3.94 10.24
CA VAL D 302 -15.44 -5.01 9.43
C VAL D 302 -16.12 -6.06 10.32
N GLU D 303 -15.31 -6.80 11.07
CA GLU D 303 -15.82 -7.83 11.99
C GLU D 303 -16.43 -7.17 13.22
N ASN D 304 -17.74 -7.28 13.35
CA ASN D 304 -18.49 -6.65 14.44
C ASN D 304 -18.26 -7.36 15.77
N GLY D 305 -18.27 -6.57 16.85
CA GLY D 305 -18.00 -7.09 18.19
C GLY D 305 -16.60 -6.77 18.67
N SER D 306 -15.77 -6.27 17.76
CA SER D 306 -14.39 -5.91 18.08
C SER D 306 -14.31 -4.62 18.91
N LEU D 307 -13.08 -4.18 19.20
CA LEU D 307 -12.83 -2.99 20.01
C LEU D 307 -13.35 -1.73 19.32
N SER D 308 -13.86 -0.79 20.11
CA SER D 308 -14.44 0.44 19.59
C SER D 308 -13.40 1.44 19.08
N GLN D 309 -12.30 1.57 19.81
CA GLN D 309 -11.19 2.42 19.38
C GLN D 309 -9.85 1.75 19.70
N ARG D 310 -8.83 2.09 18.91
CA ARG D 310 -7.50 1.50 19.02
C ARG D 310 -6.81 1.78 20.35
N SER D 311 -6.98 2.99 20.87
CA SER D 311 -6.30 3.42 22.10
C SER D 311 -7.07 3.05 23.37
N VAL D 312 -6.44 2.22 24.19
CA VAL D 312 -7.01 1.83 25.48
C VAL D 312 -6.32 2.63 26.59
N ARG D 313 -7.12 3.26 27.43
CA ARG D 313 -6.61 4.12 28.50
C ARG D 313 -6.76 3.54 29.91
N SER D 314 -7.86 2.83 30.14
CA SER D 314 -8.17 2.27 31.46
C SER D 314 -8.90 0.94 31.38
N ILE D 315 -8.42 -0.03 32.14
CA ILE D 315 -9.08 -1.34 32.26
C ILE D 315 -9.38 -1.65 33.73
N PHE D 316 -10.62 -2.04 34.00
CA PHE D 316 -11.08 -2.33 35.35
C PHE D 316 -12.00 -3.55 35.38
N MET D 317 -11.85 -4.37 36.42
CA MET D 317 -12.74 -5.51 36.64
C MET D 317 -13.71 -5.24 37.78
N ASP D 318 -14.99 -5.40 37.50
CA ASP D 318 -16.04 -5.19 38.51
C ASP D 318 -16.15 -6.37 39.48
N SER D 319 -17.16 -6.32 40.34
CA SER D 319 -17.41 -7.40 41.31
C SER D 319 -17.89 -8.68 40.64
N GLN D 320 -18.57 -8.55 39.50
CA GLN D 320 -19.08 -9.69 38.75
C GLN D 320 -17.97 -10.46 38.04
N GLY D 321 -16.90 -9.75 37.66
CA GLY D 321 -15.79 -10.35 36.93
C GLY D 321 -15.67 -9.82 35.51
N GLY D 322 -16.58 -8.95 35.12
CA GLY D 322 -16.59 -8.34 33.79
C GLY D 322 -15.50 -7.30 33.62
N MET D 323 -14.97 -7.21 32.41
CA MET D 323 -13.88 -6.29 32.10
C MET D 323 -14.40 -5.02 31.44
N TRP D 324 -13.98 -3.87 31.98
CA TRP D 324 -14.35 -2.56 31.45
C TRP D 324 -13.16 -1.90 30.82
N LEU D 325 -13.27 -1.59 29.53
CA LEU D 325 -12.19 -0.95 28.81
C LEU D 325 -12.54 0.49 28.44
N GLY D 326 -11.70 1.41 28.88
CA GLY D 326 -11.87 2.84 28.61
C GLY D 326 -11.00 3.29 27.45
N THR D 327 -11.66 3.68 26.36
CA THR D 327 -10.98 4.14 25.15
C THR D 327 -10.95 5.67 25.08
N TYR D 328 -10.02 6.21 24.29
CA TYR D 328 -9.84 7.65 24.17
C TYR D 328 -10.92 8.30 23.30
N PHE D 329 -11.37 7.59 22.27
CA PHE D 329 -12.36 8.14 21.34
C PHE D 329 -13.60 7.27 21.16
N GLY D 330 -13.49 5.99 21.49
CA GLY D 330 -14.59 5.04 21.28
C GLY D 330 -15.63 5.04 22.38
N GLY D 331 -15.19 5.27 23.61
CA GLY D 331 -16.08 5.21 24.78
C GLY D 331 -15.72 4.06 25.69
N LEU D 332 -16.65 3.13 25.85
CA LEU D 332 -16.47 1.99 26.75
C LEU D 332 -16.72 0.66 26.07
N ASN D 333 -15.98 -0.36 26.50
CA ASN D 333 -16.13 -1.72 25.98
C ASN D 333 -16.25 -2.75 27.11
N TYR D 334 -17.42 -3.38 27.19
CA TYR D 334 -17.72 -4.36 28.24
C TYR D 334 -17.66 -5.78 27.70
N TYR D 335 -16.94 -6.65 28.40
CA TYR D 335 -16.84 -8.06 28.04
C TYR D 335 -17.11 -8.97 29.22
N HIS D 336 -18.05 -9.91 29.02
CA HIS D 336 -18.31 -10.96 30.00
C HIS D 336 -18.67 -12.24 29.30
N PRO D 337 -17.92 -13.32 29.58
CA PRO D 337 -18.10 -14.63 28.94
C PRO D 337 -19.55 -15.14 28.97
N ILE D 338 -20.30 -14.77 30.01
CA ILE D 338 -21.69 -15.18 30.13
C ILE D 338 -22.58 -14.42 29.14
N ARG D 339 -22.27 -13.15 28.93
CA ARG D 339 -23.06 -12.30 28.02
C ARG D 339 -22.80 -12.61 26.55
N ASN D 340 -21.67 -13.26 26.27
CA ASN D 340 -21.35 -13.73 24.92
C ASN D 340 -22.21 -14.94 24.54
N ARG D 341 -23.47 -14.66 24.20
CA ARG D 341 -24.44 -15.72 23.91
C ARG D 341 -24.68 -15.90 22.42
N PHE D 342 -24.93 -14.80 21.73
CA PHE D 342 -25.34 -14.83 20.33
C PHE D 342 -24.25 -14.39 19.37
N LYS D 343 -24.18 -15.07 18.23
CA LYS D 343 -23.31 -14.66 17.12
C LYS D 343 -24.21 -14.27 15.95
N ASN D 344 -23.94 -13.10 15.38
CA ASN D 344 -24.75 -12.59 14.28
C ASN D 344 -24.05 -12.64 12.92
N ILE D 345 -24.81 -13.06 11.92
CA ILE D 345 -24.31 -13.11 10.54
C ILE D 345 -25.05 -12.07 9.72
N ARG D 346 -24.30 -11.13 9.15
CA ARG D 346 -24.87 -10.04 8.36
C ARG D 346 -24.12 -9.81 7.05
N ASN D 347 -24.68 -8.97 6.20
CA ASN D 347 -24.05 -8.58 4.93
C ASN D 347 -22.88 -7.63 5.14
N ILE D 348 -21.74 -7.99 4.56
CA ILE D 348 -20.56 -7.12 4.55
C ILE D 348 -20.26 -6.75 3.10
N PRO D 349 -20.52 -5.47 2.73
CA PRO D 349 -20.25 -4.99 1.39
C PRO D 349 -18.78 -5.13 0.99
N TYR D 350 -18.54 -5.54 -0.25
CA TYR D 350 -17.20 -5.77 -0.81
C TYR D 350 -16.42 -6.86 -0.08
N LYS D 351 -17.13 -7.85 0.44
CA LYS D 351 -16.51 -9.00 1.11
C LYS D 351 -17.34 -10.26 0.99
N ASN D 352 -16.67 -11.41 1.10
CA ASN D 352 -17.34 -12.71 1.10
C ASN D 352 -18.24 -12.85 2.33
N SER D 353 -19.52 -12.52 2.13
CA SER D 353 -20.50 -12.53 3.21
C SER D 353 -21.89 -12.83 2.67
N LEU D 354 -22.90 -12.70 3.53
CA LEU D 354 -24.29 -12.84 3.15
C LEU D 354 -24.68 -11.75 2.15
N SER D 355 -25.53 -12.11 1.19
CA SER D 355 -25.92 -11.18 0.13
C SER D 355 -26.93 -10.12 0.60
N ASP D 356 -28.00 -10.57 1.24
CA ASP D 356 -29.05 -9.67 1.71
C ASP D 356 -29.39 -9.96 3.18
N ASN D 357 -29.64 -8.90 3.95
CA ASN D 357 -29.93 -9.02 5.37
C ASN D 357 -31.35 -9.50 5.69
N VAL D 358 -32.28 -9.31 4.76
CA VAL D 358 -33.64 -9.82 4.91
C VAL D 358 -33.63 -11.31 4.54
N VAL D 359 -33.71 -12.15 5.56
CA VAL D 359 -33.48 -13.59 5.41
C VAL D 359 -34.77 -14.40 5.53
N SER D 360 -35.00 -15.27 4.56
CA SER D 360 -36.13 -16.20 4.57
C SER D 360 -35.66 -17.61 4.96
N CYS D 361 -36.18 -18.62 4.27
CA CYS D 361 -35.94 -20.04 4.60
C CYS D 361 -34.46 -20.42 4.74
N ILE D 362 -34.18 -21.31 5.70
CA ILE D 362 -32.84 -21.84 5.93
C ILE D 362 -32.90 -23.37 6.00
N VAL D 363 -32.12 -24.03 5.15
CA VAL D 363 -32.12 -25.49 5.07
C VAL D 363 -30.68 -26.04 5.14
N GLU D 364 -30.51 -27.14 5.87
CA GLU D 364 -29.24 -27.84 5.94
C GLU D 364 -29.28 -29.13 5.11
N ASP D 365 -28.23 -29.38 4.34
CA ASP D 365 -28.13 -30.60 3.54
C ASP D 365 -27.36 -31.69 4.28
N LYS D 366 -27.11 -32.81 3.60
CA LYS D 366 -26.35 -33.92 4.19
C LYS D 366 -24.87 -33.59 4.37
N ASP D 367 -24.41 -32.54 3.70
CA ASP D 367 -23.04 -32.06 3.84
C ASP D 367 -22.87 -31.08 5.00
N LYS D 368 -23.91 -30.95 5.81
CA LYS D 368 -23.95 -30.01 6.97
C LYS D 368 -23.83 -28.54 6.56
N ASN D 369 -23.87 -28.27 5.26
CA ASN D 369 -23.84 -26.90 4.75
C ASN D 369 -25.24 -26.28 4.75
N LEU D 370 -25.28 -24.95 4.74
CA LEU D 370 -26.56 -24.24 4.87
C LEU D 370 -26.96 -23.49 3.60
N TRP D 371 -28.18 -23.74 3.16
CA TRP D 371 -28.77 -23.06 2.02
C TRP D 371 -29.68 -21.96 2.50
N ILE D 372 -29.16 -20.75 2.53
CA ILE D 372 -29.88 -19.59 3.07
C ILE D 372 -30.57 -18.80 1.97
N GLY D 373 -31.88 -18.64 2.10
CA GLY D 373 -32.66 -17.86 1.15
C GLY D 373 -32.85 -16.42 1.61
N THR D 374 -32.74 -15.48 0.68
CA THR D 374 -32.91 -14.06 0.99
C THR D 374 -34.01 -13.42 0.13
N ASN D 375 -34.39 -12.20 0.48
CA ASN D 375 -35.48 -11.49 -0.17
C ASN D 375 -35.07 -10.69 -1.41
N ASP D 376 -33.83 -10.19 -1.40
CA ASP D 376 -33.35 -9.34 -2.50
C ASP D 376 -32.00 -9.78 -3.07
N GLY D 377 -31.25 -10.56 -2.29
CA GLY D 377 -29.91 -10.99 -2.68
C GLY D 377 -29.81 -12.39 -3.26
N GLY D 378 -30.98 -12.98 -3.58
CA GLY D 378 -31.03 -14.31 -4.18
C GLY D 378 -30.89 -15.44 -3.18
N LEU D 379 -30.12 -16.46 -3.56
CA LEU D 379 -29.89 -17.62 -2.69
C LEU D 379 -28.43 -17.70 -2.29
N ASN D 380 -28.20 -18.05 -1.02
CA ASN D 380 -26.85 -18.15 -0.48
C ASN D 380 -26.50 -19.56 -0.02
N LEU D 381 -25.29 -20.00 -0.36
CA LEU D 381 -24.74 -21.25 0.14
C LEU D 381 -23.62 -20.95 1.12
N TYR D 382 -23.71 -21.53 2.32
CA TYR D 382 -22.80 -21.21 3.41
C TYR D 382 -22.11 -22.44 3.99
N ASN D 383 -20.80 -22.34 4.15
CA ASN D 383 -20.01 -23.35 4.85
C ASN D 383 -19.76 -22.90 6.29
N PRO D 384 -20.23 -23.69 7.28
CA PRO D 384 -20.11 -23.33 8.69
C PRO D 384 -18.68 -23.33 9.22
N ILE D 385 -17.77 -23.99 8.51
CA ILE D 385 -16.37 -24.10 8.93
C ILE D 385 -15.48 -23.16 8.10
N THR D 386 -15.59 -23.24 6.77
CA THR D 386 -14.77 -22.45 5.85
C THR D 386 -15.16 -20.96 5.85
N GLN D 387 -16.39 -20.67 6.28
CA GLN D 387 -16.96 -19.31 6.28
C GLN D 387 -17.18 -18.77 4.87
N ARG D 388 -17.15 -19.67 3.88
CA ARG D 388 -17.29 -19.30 2.48
C ARG D 388 -18.76 -19.08 2.09
N PHE D 389 -18.99 -18.04 1.28
CA PHE D 389 -20.32 -17.73 0.78
C PHE D 389 -20.39 -17.86 -0.75
N THR D 390 -21.48 -18.45 -1.24
CA THR D 390 -21.72 -18.58 -2.66
C THR D 390 -23.14 -18.09 -2.98
N SER D 391 -23.23 -17.08 -3.86
CA SER D 391 -24.50 -16.45 -4.16
C SER D 391 -25.00 -16.74 -5.59
N TYR D 392 -26.32 -16.70 -5.76
CA TYR D 392 -26.96 -16.91 -7.05
C TYR D 392 -27.92 -15.77 -7.36
N THR D 393 -27.73 -15.14 -8.51
CA THR D 393 -28.53 -13.97 -8.90
C THR D 393 -29.16 -14.13 -10.28
N LEU D 394 -29.99 -13.16 -10.66
CA LEU D 394 -30.65 -13.13 -11.97
C LEU D 394 -29.70 -12.89 -13.13
N GLN D 395 -30.13 -13.30 -14.33
CA GLN D 395 -29.36 -13.09 -15.55
C GLN D 395 -30.29 -12.93 -16.76
N GLY D 402 -29.17 -17.90 -14.76
CA GLY D 402 -30.20 -17.06 -14.13
C GLY D 402 -31.13 -17.87 -13.25
N ILE D 403 -31.53 -17.28 -12.13
CA ILE D 403 -32.41 -17.95 -11.15
C ILE D 403 -33.89 -17.62 -11.33
N GLY D 404 -34.19 -16.59 -12.11
CA GLY D 404 -35.57 -16.17 -12.36
C GLY D 404 -36.02 -15.02 -11.49
N SER D 405 -35.79 -15.14 -10.18
CA SER D 405 -36.14 -14.09 -9.22
C SER D 405 -35.27 -14.18 -7.97
N ASN D 406 -34.82 -13.03 -7.48
CA ASN D 406 -33.96 -12.96 -6.29
C ASN D 406 -34.72 -13.05 -4.97
N ASN D 407 -36.04 -13.26 -5.06
CA ASN D 407 -36.90 -13.37 -3.88
C ASN D 407 -37.20 -14.82 -3.52
N ILE D 408 -36.25 -15.46 -2.84
CA ILE D 408 -36.35 -16.88 -2.48
C ILE D 408 -37.25 -17.07 -1.25
N LYS D 409 -38.16 -18.03 -1.34
CA LYS D 409 -39.09 -18.33 -0.26
C LYS D 409 -39.10 -19.80 0.16
N ALA D 410 -38.67 -20.68 -0.75
CA ALA D 410 -38.66 -22.13 -0.49
C ALA D 410 -37.41 -22.83 -1.05
N VAL D 411 -36.84 -23.73 -0.25
CA VAL D 411 -35.65 -24.49 -0.64
C VAL D 411 -35.79 -25.98 -0.29
N TYR D 412 -35.59 -26.83 -1.28
CA TYR D 412 -35.54 -28.28 -1.07
C TYR D 412 -34.31 -28.89 -1.75
N VAL D 413 -33.69 -29.86 -1.09
CA VAL D 413 -32.47 -30.50 -1.60
C VAL D 413 -32.72 -31.96 -1.98
N ASP D 414 -32.53 -32.26 -3.26
CA ASP D 414 -32.54 -33.64 -3.74
C ASP D 414 -31.12 -34.17 -3.67
N GLU D 415 -30.80 -34.84 -2.56
CA GLU D 415 -29.44 -35.30 -2.29
C GLU D 415 -29.04 -36.50 -3.15
N LYS D 416 -30.03 -37.30 -3.54
CA LYS D 416 -29.81 -38.48 -4.38
C LYS D 416 -29.45 -38.12 -5.82
N LYS D 417 -30.10 -37.08 -6.34
CA LYS D 417 -29.90 -36.63 -7.71
C LYS D 417 -28.95 -35.44 -7.81
N SER D 418 -28.46 -34.97 -6.67
CA SER D 418 -27.60 -33.79 -6.57
C SER D 418 -28.25 -32.53 -7.18
N LEU D 419 -29.50 -32.32 -6.83
CA LEU D 419 -30.29 -31.19 -7.33
C LEU D 419 -30.84 -30.32 -6.21
N VAL D 420 -30.98 -29.03 -6.47
CA VAL D 420 -31.59 -28.10 -5.53
C VAL D 420 -32.83 -27.46 -6.15
N TYR D 421 -33.97 -27.69 -5.52
CA TYR D 421 -35.25 -27.12 -5.96
C TYR D 421 -35.54 -25.82 -5.22
N ILE D 422 -35.77 -24.76 -5.98
CA ILE D 422 -35.92 -23.41 -5.42
C ILE D 422 -37.31 -22.82 -5.74
N GLY D 423 -37.97 -22.32 -4.70
CA GLY D 423 -39.29 -21.69 -4.85
C GLY D 423 -39.23 -20.20 -4.59
N THR D 424 -39.40 -19.41 -5.64
CA THR D 424 -39.25 -17.95 -5.56
C THR D 424 -40.58 -17.21 -5.70
N HIS D 425 -40.59 -15.95 -5.30
CA HIS D 425 -41.72 -15.06 -5.53
C HIS D 425 -41.49 -14.28 -6.81
N ALA D 426 -42.54 -14.15 -7.60
CA ALA D 426 -42.51 -13.49 -8.92
C ALA D 426 -41.44 -14.08 -9.84
N GLY D 427 -41.35 -15.41 -9.84
CA GLY D 427 -40.37 -16.14 -10.64
C GLY D 427 -40.82 -17.54 -10.96
N GLY D 428 -41.12 -18.32 -9.92
CA GLY D 428 -41.61 -19.69 -10.08
C GLY D 428 -40.67 -20.72 -9.49
N LEU D 429 -40.44 -21.79 -10.25
CA LEU D 429 -39.59 -22.88 -9.81
C LEU D 429 -38.23 -22.85 -10.50
N SER D 430 -37.18 -23.07 -9.72
CA SER D 430 -35.81 -23.11 -10.25
C SER D 430 -35.11 -24.39 -9.82
N ILE D 431 -34.61 -25.14 -10.80
CA ILE D 431 -33.91 -26.39 -10.53
C ILE D 431 -32.40 -26.22 -10.79
N LEU D 432 -31.62 -26.21 -9.72
CA LEU D 432 -30.18 -26.05 -9.81
C LEU D 432 -29.47 -27.40 -9.85
N HIS D 433 -28.64 -27.58 -10.86
CA HIS D 433 -27.76 -28.74 -10.96
C HIS D 433 -26.47 -28.39 -10.29
N ARG D 434 -26.23 -29.00 -9.13
CA ARG D 434 -25.13 -28.61 -8.24
C ARG D 434 -23.75 -28.81 -8.85
N ASN D 435 -23.58 -29.87 -9.64
CA ASN D 435 -22.29 -30.23 -10.20
C ASN D 435 -21.84 -29.36 -11.39
N SER D 436 -22.79 -28.64 -11.99
CA SER D 436 -22.51 -27.78 -13.14
C SER D 436 -22.83 -26.31 -12.88
N GLY D 437 -23.99 -26.06 -12.27
CA GLY D 437 -24.43 -24.70 -11.98
C GLY D 437 -25.50 -24.20 -12.93
N GLN D 438 -26.04 -25.09 -13.76
CA GLN D 438 -27.11 -24.75 -14.70
C GLN D 438 -28.46 -24.72 -13.99
N VAL D 439 -29.28 -23.74 -14.32
CA VAL D 439 -30.56 -23.53 -13.66
C VAL D 439 -31.73 -23.62 -14.64
N GLU D 440 -32.72 -24.45 -14.31
CA GLU D 440 -33.94 -24.57 -15.10
C GLU D 440 -35.07 -23.76 -14.45
N ASN D 441 -35.52 -22.72 -15.15
CA ASN D 441 -36.56 -21.83 -14.63
C ASN D 441 -37.93 -22.08 -15.24
N PHE D 442 -38.96 -22.04 -14.42
CA PHE D 442 -40.34 -22.26 -14.87
C PHE D 442 -41.28 -21.19 -14.34
N ASN D 443 -42.14 -20.67 -15.22
CA ASN D 443 -43.14 -19.67 -14.86
C ASN D 443 -44.47 -19.90 -15.59
N GLN D 444 -45.38 -18.92 -15.49
CA GLN D 444 -46.71 -19.02 -16.10
C GLN D 444 -46.68 -18.90 -17.63
N ARG D 445 -45.70 -18.16 -18.14
CA ARG D 445 -45.60 -17.91 -19.58
C ARG D 445 -45.00 -19.08 -20.36
N ASN D 446 -43.93 -19.66 -19.83
CA ASN D 446 -43.20 -20.73 -20.53
C ASN D 446 -43.69 -22.15 -20.25
N SER D 447 -44.16 -22.38 -19.03
CA SER D 447 -44.60 -23.71 -18.61
C SER D 447 -46.08 -23.77 -18.21
N GLN D 448 -46.56 -24.97 -17.92
CA GLN D 448 -47.96 -25.20 -17.57
C GLN D 448 -48.28 -24.83 -16.12
N LEU D 449 -47.33 -24.19 -15.45
CA LEU D 449 -47.49 -23.73 -14.07
C LEU D 449 -48.54 -22.63 -13.97
N VAL D 450 -49.35 -22.67 -12.91
CA VAL D 450 -50.47 -21.75 -12.74
C VAL D 450 -50.12 -20.50 -11.91
N ASN D 451 -49.08 -20.58 -11.08
CA ASN D 451 -48.65 -19.46 -10.25
C ASN D 451 -47.14 -19.32 -10.14
N GLU D 452 -46.65 -18.10 -10.37
CA GLU D 452 -45.21 -17.81 -10.33
C GLU D 452 -44.67 -17.57 -8.92
N ASN D 453 -45.55 -17.69 -7.92
CA ASN D 453 -45.17 -17.41 -6.54
C ASN D 453 -45.14 -18.68 -5.68
N VAL D 454 -44.02 -19.41 -5.77
CA VAL D 454 -43.83 -20.63 -5.00
C VAL D 454 -43.26 -20.30 -3.62
N TYR D 455 -43.92 -20.80 -2.57
CA TYR D 455 -43.56 -20.47 -1.20
C TYR D 455 -43.18 -21.68 -0.35
N ALA D 456 -43.60 -22.88 -0.77
CA ALA D 456 -43.30 -24.11 -0.03
C ALA D 456 -43.10 -25.31 -0.95
N ILE D 457 -42.01 -26.04 -0.73
CA ILE D 457 -41.69 -27.25 -1.49
C ILE D 457 -41.53 -28.44 -0.54
N LEU D 458 -42.27 -29.51 -0.81
CA LEU D 458 -42.20 -30.74 0.00
C LEU D 458 -42.47 -31.96 -0.86
N PRO D 459 -41.62 -32.99 -0.77
CA PRO D 459 -41.78 -34.23 -1.56
C PRO D 459 -43.06 -34.97 -1.24
N ASP D 460 -43.68 -35.56 -2.25
CA ASP D 460 -44.93 -36.29 -2.10
C ASP D 460 -44.72 -37.70 -1.52
N GLY D 461 -43.50 -38.22 -1.68
CA GLY D 461 -43.18 -39.56 -1.24
C GLY D 461 -43.12 -40.54 -2.39
N GLU D 462 -43.95 -40.30 -3.40
CA GLU D 462 -44.01 -41.15 -4.60
C GLU D 462 -42.83 -40.86 -5.53
N GLY D 463 -42.39 -39.60 -5.55
CA GLY D 463 -41.29 -39.16 -6.41
C GLY D 463 -41.44 -37.72 -6.87
N ASN D 464 -42.67 -37.22 -6.81
CA ASN D 464 -42.98 -35.85 -7.23
C ASN D 464 -42.78 -34.83 -6.11
N LEU D 465 -43.21 -33.59 -6.36
CA LEU D 465 -43.07 -32.50 -5.39
C LEU D 465 -44.34 -31.69 -5.24
N TRP D 466 -44.64 -31.29 -4.01
CA TRP D 466 -45.76 -30.39 -3.72
C TRP D 466 -45.32 -28.96 -3.80
N LEU D 467 -46.12 -28.13 -4.47
CA LEU D 467 -45.80 -26.72 -4.62
C LEU D 467 -46.90 -25.83 -4.05
N GLY D 468 -46.58 -25.17 -2.94
CA GLY D 468 -47.51 -24.26 -2.27
C GLY D 468 -47.42 -22.85 -2.83
N THR D 469 -48.43 -22.46 -3.59
CA THR D 469 -48.47 -21.14 -4.21
C THR D 469 -49.62 -20.28 -3.67
N LEU D 470 -49.60 -19.00 -4.02
CA LEU D 470 -50.57 -18.03 -3.49
C LEU D 470 -52.00 -18.21 -4.03
N SER D 471 -52.17 -19.14 -4.98
CA SER D 471 -53.48 -19.39 -5.57
C SER D 471 -54.00 -20.80 -5.30
N ALA D 472 -53.18 -21.80 -5.59
CA ALA D 472 -53.57 -23.21 -5.40
C ALA D 472 -52.36 -24.11 -5.10
N LEU D 473 -52.60 -25.42 -5.09
CA LEU D 473 -51.54 -26.40 -4.88
C LEU D 473 -51.22 -27.13 -6.17
N VAL D 474 -49.93 -27.24 -6.49
CA VAL D 474 -49.48 -27.86 -7.73
C VAL D 474 -48.55 -29.05 -7.47
N ARG D 475 -48.77 -30.13 -8.22
CA ARG D 475 -47.89 -31.29 -8.21
C ARG D 475 -46.93 -31.22 -9.40
N PHE D 476 -45.64 -31.40 -9.13
CA PHE D 476 -44.62 -31.36 -10.17
C PHE D 476 -43.89 -32.69 -10.33
N ASN D 477 -44.04 -33.30 -11.49
CA ASN D 477 -43.32 -34.53 -11.84
C ASN D 477 -41.94 -34.19 -12.40
N PRO D 478 -40.87 -34.56 -11.69
CA PRO D 478 -39.51 -34.24 -12.11
C PRO D 478 -39.06 -35.02 -13.35
N GLU D 479 -39.62 -36.21 -13.55
CA GLU D 479 -39.29 -37.07 -14.68
C GLU D 479 -40.04 -36.67 -15.96
N GLN D 480 -41.12 -35.91 -15.79
CA GLN D 480 -41.96 -35.49 -16.91
C GLN D 480 -41.97 -33.98 -17.14
N ARG D 481 -41.46 -33.23 -16.16
CA ARG D 481 -41.44 -31.75 -16.18
C ARG D 481 -42.82 -31.14 -16.45
N SER D 482 -43.83 -31.65 -15.72
CA SER D 482 -45.21 -31.22 -15.91
C SER D 482 -45.81 -30.68 -14.61
N PHE D 483 -46.74 -29.74 -14.74
CA PHE D 483 -47.40 -29.12 -13.59
C PHE D 483 -48.89 -29.49 -13.53
N THR D 484 -49.32 -30.00 -12.39
CA THR D 484 -50.70 -30.43 -12.20
C THR D 484 -51.35 -29.70 -11.03
N THR D 485 -52.31 -28.84 -11.33
CA THR D 485 -53.04 -28.07 -10.32
C THR D 485 -54.12 -28.93 -9.67
N ILE D 486 -54.13 -28.96 -8.34
CA ILE D 486 -55.10 -29.75 -7.57
C ILE D 486 -56.43 -29.01 -7.42
N GLU D 487 -57.51 -29.65 -7.85
CA GLU D 487 -58.84 -29.06 -7.81
C GLU D 487 -59.87 -29.98 -7.16
N LYS D 488 -59.63 -31.29 -7.23
CA LYS D 488 -60.54 -32.29 -6.67
C LYS D 488 -59.86 -33.20 -5.65
N GLU D 489 -60.64 -33.70 -4.70
CA GLU D 489 -60.14 -34.67 -3.73
C GLU D 489 -60.15 -36.09 -4.30
N LYS D 490 -59.94 -37.08 -3.43
CA LYS D 490 -59.95 -38.49 -3.83
C LYS D 490 -61.36 -38.98 -4.18
N ASP D 491 -62.37 -38.37 -3.57
CA ASP D 491 -63.77 -38.71 -3.83
C ASP D 491 -64.40 -37.79 -4.88
N GLY D 492 -63.88 -36.57 -4.98
CA GLY D 492 -64.38 -35.58 -5.92
C GLY D 492 -64.83 -34.29 -5.25
N THR D 493 -64.37 -34.06 -4.03
CA THR D 493 -64.67 -32.85 -3.29
C THR D 493 -63.82 -31.69 -3.82
N PRO D 494 -64.47 -30.57 -4.20
CA PRO D 494 -63.76 -29.40 -4.74
C PRO D 494 -62.80 -28.78 -3.71
N VAL D 495 -61.55 -28.59 -4.13
CA VAL D 495 -60.54 -27.96 -3.30
C VAL D 495 -60.58 -26.45 -3.53
N VAL D 496 -60.71 -25.69 -2.44
CA VAL D 496 -60.81 -24.23 -2.51
C VAL D 496 -59.49 -23.59 -2.94
N SER D 497 -59.57 -22.64 -3.88
CA SER D 497 -58.41 -21.90 -4.35
C SER D 497 -57.96 -20.88 -3.30
N LYS D 498 -57.06 -21.32 -2.42
CA LYS D 498 -56.59 -20.49 -1.31
C LYS D 498 -55.07 -20.30 -1.33
N GLN D 499 -54.61 -19.28 -0.62
CA GLN D 499 -53.20 -18.98 -0.50
C GLN D 499 -52.48 -20.03 0.35
N ILE D 500 -51.43 -20.62 -0.21
CA ILE D 500 -50.63 -21.62 0.48
C ILE D 500 -49.24 -21.06 0.75
N THR D 501 -48.81 -21.11 2.00
CA THR D 501 -47.52 -20.55 2.41
C THR D 501 -46.57 -21.59 3.00
N THR D 502 -47.13 -22.58 3.69
CA THR D 502 -46.33 -23.60 4.36
C THR D 502 -46.88 -25.02 4.19
N LEU D 503 -45.98 -25.99 4.10
CA LEU D 503 -46.33 -27.40 3.99
C LEU D 503 -45.55 -28.23 4.99
N PHE D 504 -46.21 -29.22 5.58
CA PHE D 504 -45.59 -30.06 6.60
C PHE D 504 -46.01 -31.53 6.53
N ARG D 505 -45.05 -32.41 6.84
CA ARG D 505 -45.29 -33.84 6.91
C ARG D 505 -44.96 -34.35 8.32
N ASP D 506 -45.92 -35.04 8.94
CA ASP D 506 -45.73 -35.60 10.29
C ASP D 506 -45.16 -37.02 10.26
N SER D 507 -44.97 -37.59 11.44
CA SER D 507 -44.47 -38.96 11.59
C SER D 507 -45.47 -40.00 11.09
N HIS D 508 -46.73 -39.61 10.98
CA HIS D 508 -47.80 -40.47 10.47
C HIS D 508 -48.01 -40.30 8.98
N LYS D 509 -47.05 -39.63 8.33
CA LYS D 509 -47.05 -39.40 6.87
C LYS D 509 -48.29 -38.67 6.35
N ARG D 510 -48.72 -37.64 7.09
CA ARG D 510 -49.87 -36.82 6.69
C ARG D 510 -49.42 -35.45 6.22
N LEU D 511 -50.15 -34.89 5.26
CA LEU D 511 -49.82 -33.59 4.70
C LEU D 511 -50.58 -32.47 5.42
N TRP D 512 -49.84 -31.40 5.74
CA TRP D 512 -50.39 -30.25 6.44
C TRP D 512 -50.29 -29.02 5.58
N ILE D 513 -51.43 -28.41 5.30
CA ILE D 513 -51.51 -27.25 4.39
C ILE D 513 -52.02 -26.02 5.14
N GLY D 514 -51.21 -24.96 5.13
CA GLY D 514 -51.54 -23.72 5.82
C GLY D 514 -51.34 -22.47 4.97
N GLY D 515 -52.05 -21.41 5.32
CA GLY D 515 -51.95 -20.13 4.62
C GLY D 515 -52.76 -19.03 5.29
N GLU D 516 -53.20 -18.05 4.49
CA GLU D 516 -54.01 -16.94 5.00
C GLU D 516 -55.46 -17.35 5.25
N GLU D 517 -55.94 -18.34 4.48
CA GLU D 517 -57.29 -18.86 4.63
C GLU D 517 -57.42 -19.73 5.87
N GLY D 518 -56.37 -20.50 6.16
CA GLY D 518 -56.34 -21.35 7.34
C GLY D 518 -55.53 -22.63 7.17
N LEU D 519 -55.72 -23.57 8.09
CA LEU D 519 -55.00 -24.83 8.09
C LEU D 519 -55.92 -26.00 7.71
N SER D 520 -55.33 -27.04 7.12
CA SER D 520 -56.07 -28.23 6.71
C SER D 520 -55.17 -29.47 6.71
N VAL D 521 -55.75 -30.61 7.08
CA VAL D 521 -55.02 -31.88 7.16
C VAL D 521 -55.49 -32.86 6.08
N PHE D 522 -54.54 -33.54 5.44
CA PHE D 522 -54.84 -34.46 4.34
C PHE D 522 -54.06 -35.77 4.40
N LYS D 523 -54.69 -36.84 3.90
CA LYS D 523 -54.05 -38.14 3.75
C LYS D 523 -53.90 -38.49 2.28
N GLN D 524 -52.81 -39.17 1.93
CA GLN D 524 -52.52 -39.52 0.53
C GLN D 524 -52.96 -40.93 0.16
N GLU D 525 -53.89 -41.01 -0.78
CA GLU D 525 -54.33 -42.28 -1.36
C GLU D 525 -53.72 -42.44 -2.75
N GLY D 526 -52.40 -42.59 -2.79
CA GLY D 526 -51.66 -42.63 -4.04
C GLY D 526 -51.33 -41.23 -4.51
N LEU D 527 -51.94 -40.83 -5.63
CA LEU D 527 -51.79 -39.47 -6.16
C LEU D 527 -52.85 -38.53 -5.60
N ASP D 528 -54.07 -39.06 -5.42
CA ASP D 528 -55.19 -38.30 -4.87
C ASP D 528 -55.05 -38.06 -3.38
N ILE D 529 -55.73 -37.03 -2.89
CA ILE D 529 -55.70 -36.67 -1.47
C ILE D 529 -57.10 -36.65 -0.85
N GLN D 530 -57.20 -37.06 0.42
CA GLN D 530 -58.45 -37.11 1.13
C GLN D 530 -58.39 -36.25 2.40
N LYS D 531 -59.44 -35.47 2.62
CA LYS D 531 -59.54 -34.62 3.81
C LYS D 531 -59.75 -35.45 5.07
N ALA D 532 -58.72 -35.50 5.92
CA ALA D 532 -58.78 -36.23 7.18
C ALA D 532 -58.80 -35.26 8.36
N SER D 533 -59.98 -34.72 8.64
CA SER D 533 -60.16 -33.73 9.71
C SER D 533 -60.01 -34.34 11.10
N ILE D 534 -58.76 -34.44 11.54
CA ILE D 534 -58.44 -35.00 12.86
C ILE D 534 -58.48 -33.94 13.96
N LEU D 535 -58.49 -32.67 13.55
CA LEU D 535 -58.59 -31.54 14.46
C LEU D 535 -60.04 -31.31 14.88
N PRO D 536 -60.26 -30.93 16.16
CA PRO D 536 -61.61 -30.56 16.59
C PRO D 536 -62.05 -29.22 16.00
N VAL D 537 -63.36 -29.06 15.80
CA VAL D 537 -63.91 -27.84 15.21
C VAL D 537 -63.64 -26.59 16.06
N SER D 538 -62.84 -25.69 15.51
CA SER D 538 -62.43 -24.46 16.20
C SER D 538 -62.08 -23.36 15.21
N ASN D 539 -62.15 -22.12 15.67
CA ASN D 539 -61.81 -20.95 14.84
C ASN D 539 -60.31 -20.75 14.62
N VAL D 540 -59.50 -21.59 15.28
CA VAL D 540 -58.05 -21.59 15.09
C VAL D 540 -57.65 -22.20 13.73
N THR D 541 -58.57 -22.97 13.16
CA THR D 541 -58.39 -23.59 11.86
C THR D 541 -58.48 -22.56 10.74
N LYS D 542 -59.16 -21.45 11.00
CA LYS D 542 -59.33 -20.37 10.03
C LYS D 542 -58.47 -19.15 10.37
N LEU D 543 -57.22 -19.41 10.78
CA LEU D 543 -56.27 -18.34 11.11
C LEU D 543 -55.08 -18.32 10.15
N PHE D 544 -54.40 -17.17 10.11
CA PHE D 544 -53.22 -16.98 9.26
C PHE D 544 -52.07 -17.86 9.76
N THR D 545 -51.87 -19.00 9.09
CA THR D 545 -50.86 -19.97 9.49
C THR D 545 -49.49 -19.61 8.89
N ASN D 546 -48.43 -19.85 9.67
CA ASN D 546 -47.06 -19.55 9.23
C ASN D 546 -46.13 -20.77 9.21
N CYS D 547 -46.20 -21.59 10.26
CA CYS D 547 -45.33 -22.75 10.40
C CYS D 547 -45.96 -23.87 11.23
N ILE D 548 -45.55 -25.11 10.95
CA ILE D 548 -45.98 -26.28 11.72
C ILE D 548 -44.74 -27.09 12.13
N TYR D 549 -44.72 -27.52 13.39
CA TYR D 549 -43.63 -28.35 13.90
C TYR D 549 -44.14 -29.49 14.77
N GLU D 550 -43.63 -30.69 14.51
CA GLU D 550 -43.91 -31.86 15.35
C GLU D 550 -42.81 -32.01 16.39
N ALA D 551 -43.20 -31.92 17.66
CA ALA D 551 -42.26 -32.08 18.76
C ALA D 551 -41.92 -33.55 19.00
N SER D 552 -40.81 -33.80 19.70
CA SER D 552 -40.32 -35.15 19.96
C SER D 552 -41.27 -36.00 20.80
N ASN D 553 -42.14 -35.34 21.57
CA ASN D 553 -43.14 -36.04 22.38
C ASN D 553 -44.44 -36.33 21.64
N GLY D 554 -44.48 -35.98 20.35
CA GLY D 554 -45.62 -36.28 19.49
C GLY D 554 -46.64 -35.16 19.38
N ILE D 555 -46.44 -34.08 20.14
CA ILE D 555 -47.35 -32.95 20.13
C ILE D 555 -47.07 -32.04 18.93
N ILE D 556 -48.13 -31.73 18.19
CA ILE D 556 -48.05 -30.84 17.02
C ILE D 556 -48.22 -29.39 17.47
N TRP D 557 -47.27 -28.54 17.08
CA TRP D 557 -47.32 -27.12 17.42
C TRP D 557 -47.44 -26.26 16.19
N VAL D 558 -48.43 -25.37 16.21
CA VAL D 558 -48.73 -24.51 15.06
C VAL D 558 -48.54 -23.04 15.42
N GLY D 559 -47.71 -22.35 14.65
CA GLY D 559 -47.45 -20.93 14.85
C GLY D 559 -48.20 -20.05 13.87
N THR D 560 -49.11 -19.23 14.41
CA THR D 560 -49.94 -18.33 13.59
C THR D 560 -49.59 -16.86 13.83
N ARG D 561 -50.30 -15.98 13.13
CA ARG D 561 -50.12 -14.53 13.30
C ARG D 561 -50.83 -14.00 14.55
N GLU D 562 -51.69 -14.83 15.14
CA GLU D 562 -52.43 -14.48 16.36
C GLU D 562 -52.10 -15.43 17.51
N GLY D 563 -50.81 -15.62 17.77
CA GLY D 563 -50.35 -16.52 18.82
C GLY D 563 -49.94 -17.88 18.27
N PHE D 564 -49.90 -18.87 19.16
CA PHE D 564 -49.58 -20.26 18.78
C PHE D 564 -50.27 -21.28 19.67
N TYR D 565 -50.51 -22.47 19.14
CA TYR D 565 -51.23 -23.51 19.87
C TYR D 565 -50.64 -24.91 19.69
N CYS D 566 -50.95 -25.79 20.64
CA CYS D 566 -50.52 -27.19 20.60
C CYS D 566 -51.69 -28.10 20.23
N PHE D 567 -51.36 -29.27 19.70
CA PHE D 567 -52.37 -30.28 19.37
C PHE D 567 -51.96 -31.66 19.88
N ASN D 568 -52.80 -32.23 20.74
CA ASN D 568 -52.61 -33.58 21.24
C ASN D 568 -53.70 -34.49 20.70
N GLU D 569 -53.33 -35.36 19.76
CA GLU D 569 -54.27 -36.26 19.08
C GLU D 569 -54.78 -37.37 19.99
N LYS D 570 -54.06 -37.62 21.09
CA LYS D 570 -54.42 -38.64 22.07
C LYS D 570 -55.76 -38.38 22.77
N ASP D 571 -56.17 -37.11 22.78
CA ASP D 571 -57.45 -36.70 23.35
C ASP D 571 -58.14 -35.62 22.54
N LYS D 572 -57.51 -35.22 21.42
CA LYS D 572 -58.00 -34.15 20.55
C LYS D 572 -58.28 -32.85 21.32
N GLN D 573 -57.24 -32.32 21.95
CA GLN D 573 -57.34 -31.09 22.73
C GLN D 573 -56.33 -30.04 22.25
N ILE D 574 -56.78 -28.79 22.16
CA ILE D 574 -55.95 -27.68 21.71
C ILE D 574 -55.90 -26.57 22.77
N LYS D 575 -54.70 -26.22 23.20
CA LYS D 575 -54.49 -25.14 24.15
C LYS D 575 -53.81 -23.95 23.49
N ARG D 576 -54.48 -22.81 23.50
CA ARG D 576 -53.97 -21.58 22.90
C ARG D 576 -52.95 -20.87 23.78
N TYR D 577 -52.03 -20.14 23.14
CA TYR D 577 -51.04 -19.32 23.82
C TYR D 577 -50.82 -18.01 23.07
N ASN D 578 -50.93 -16.89 23.78
CA ASN D 578 -50.75 -15.57 23.19
C ASN D 578 -49.98 -14.61 24.10
N THR D 579 -50.01 -13.32 23.77
CA THR D 579 -49.25 -12.29 24.49
C THR D 579 -49.58 -12.18 25.98
N THR D 580 -50.84 -12.42 26.34
CA THR D 580 -51.29 -12.36 27.73
C THR D 580 -50.67 -13.48 28.58
N ASN D 581 -50.33 -14.58 27.93
CA ASN D 581 -49.72 -15.72 28.59
C ASN D 581 -48.23 -15.54 28.90
N GLY D 582 -47.64 -14.52 28.31
CA GLY D 582 -46.22 -14.21 28.53
C GLY D 582 -45.41 -14.11 27.24
N LEU D 583 -46.09 -14.25 26.11
CA LEU D 583 -45.47 -14.18 24.79
C LEU D 583 -45.20 -12.71 24.41
N PRO D 584 -43.99 -12.43 23.86
CA PRO D 584 -43.63 -11.06 23.48
C PRO D 584 -44.45 -10.50 22.31
N ASN D 585 -44.83 -11.37 21.37
CA ASN D 585 -45.62 -10.97 20.21
C ASN D 585 -46.41 -12.14 19.62
N ASN D 586 -47.63 -11.86 19.17
CA ASN D 586 -48.53 -12.87 18.63
C ASN D 586 -48.07 -13.52 17.33
N VAL D 587 -47.45 -12.74 16.44
CA VAL D 587 -47.00 -13.23 15.14
C VAL D 587 -45.80 -14.16 15.30
N VAL D 588 -46.04 -15.46 15.14
CA VAL D 588 -44.99 -16.47 15.26
C VAL D 588 -44.55 -16.96 13.88
N TYR D 589 -43.25 -16.85 13.61
CA TYR D 589 -42.68 -17.20 12.31
C TYR D 589 -42.09 -18.62 12.28
N GLY D 590 -41.44 -19.01 13.38
CA GLY D 590 -40.78 -20.32 13.46
C GLY D 590 -40.75 -20.92 14.85
N ILE D 591 -40.74 -22.25 14.91
CA ILE D 591 -40.70 -22.99 16.17
C ILE D 591 -39.65 -24.10 16.12
N LEU D 592 -38.77 -24.14 17.11
CA LEU D 592 -37.73 -25.17 17.19
C LEU D 592 -37.60 -25.75 18.61
N GLU D 593 -37.31 -27.04 18.68
CA GLU D 593 -37.16 -27.75 19.95
C GLU D 593 -35.69 -28.04 20.25
N ASP D 594 -35.28 -27.83 21.50
CA ASP D 594 -33.92 -28.11 21.93
C ASP D 594 -33.80 -29.50 22.60
N SER D 595 -32.61 -29.81 23.10
CA SER D 595 -32.32 -31.11 23.72
C SER D 595 -33.07 -31.36 25.02
N PHE D 596 -33.62 -30.29 25.60
CA PHE D 596 -34.34 -30.37 26.87
C PHE D 596 -35.86 -30.37 26.70
N GLY D 597 -36.32 -30.14 25.48
CA GLY D 597 -37.75 -30.15 25.17
C GLY D 597 -38.39 -28.78 25.17
N ARG D 598 -37.59 -27.74 25.36
CA ARG D 598 -38.06 -26.35 25.32
C ARG D 598 -38.19 -25.88 23.88
N LEU D 599 -39.18 -25.03 23.63
CA LEU D 599 -39.41 -24.48 22.30
C LEU D 599 -38.88 -23.06 22.18
N TRP D 600 -38.37 -22.74 20.99
CA TRP D 600 -37.87 -21.39 20.69
C TRP D 600 -38.66 -20.82 19.56
N LEU D 601 -39.16 -19.60 19.76
CA LEU D 601 -40.10 -19.00 18.81
C LEU D 601 -39.66 -17.62 18.34
N SER D 602 -39.68 -17.40 17.03
CA SER D 602 -39.35 -16.12 16.44
C SER D 602 -40.60 -15.27 16.23
N THR D 603 -40.54 -14.01 16.65
CA THR D 603 -41.68 -13.09 16.58
C THR D 603 -41.27 -11.71 16.06
N ASN D 604 -42.20 -10.76 16.12
CA ASN D 604 -41.90 -9.37 15.82
C ASN D 604 -41.21 -8.65 16.97
N ARG D 605 -41.22 -9.28 18.16
CA ARG D 605 -40.59 -8.73 19.34
C ARG D 605 -39.44 -9.59 19.90
N GLY D 606 -38.91 -10.48 19.06
CA GLY D 606 -37.72 -11.26 19.42
C GLY D 606 -37.97 -12.75 19.56
N ILE D 607 -37.03 -13.43 20.21
CA ILE D 607 -37.11 -14.88 20.41
C ILE D 607 -37.52 -15.22 21.84
N SER D 608 -38.52 -16.08 21.97
CA SER D 608 -39.03 -16.51 23.27
C SER D 608 -38.79 -18.01 23.49
N CYS D 609 -38.30 -18.34 24.69
CA CYS D 609 -38.10 -19.73 25.09
C CYS D 609 -39.29 -20.19 25.93
N PHE D 610 -40.07 -21.12 25.36
CA PHE D 610 -41.28 -21.61 26.01
C PHE D 610 -41.09 -23.01 26.58
N ASN D 611 -41.50 -23.19 27.84
CA ASN D 611 -41.49 -24.48 28.50
C ASN D 611 -42.93 -25.00 28.63
N PRO D 612 -43.26 -26.08 27.90
CA PRO D 612 -44.64 -26.62 27.87
C PRO D 612 -45.11 -27.21 29.20
N GLU D 613 -44.17 -27.68 30.02
CA GLU D 613 -44.50 -28.27 31.32
C GLU D 613 -44.90 -27.24 32.37
N THR D 614 -44.36 -26.02 32.24
CA THR D 614 -44.63 -24.94 33.19
C THR D 614 -45.45 -23.81 32.57
N GLU D 615 -45.59 -23.83 31.25
CA GLU D 615 -46.26 -22.76 30.49
C GLU D 615 -45.65 -21.38 30.78
N LYS D 616 -44.33 -21.36 30.95
CA LYS D 616 -43.59 -20.14 31.26
C LYS D 616 -42.72 -19.70 30.09
N PHE D 617 -42.43 -18.41 30.04
CA PHE D 617 -41.69 -17.81 28.92
C PHE D 617 -40.36 -17.20 29.33
N ARG D 618 -39.37 -17.31 28.44
CA ARG D 618 -38.07 -16.66 28.60
C ARG D 618 -37.77 -15.85 27.33
N ASN D 619 -38.00 -14.54 27.41
CA ASN D 619 -37.91 -13.68 26.24
C ASN D 619 -36.53 -13.08 25.99
N PHE D 620 -36.23 -12.85 24.72
CA PHE D 620 -35.00 -12.18 24.30
C PHE D 620 -35.32 -11.05 23.32
N THR D 621 -34.62 -9.93 23.47
CA THR D 621 -34.81 -8.76 22.62
C THR D 621 -33.54 -8.44 21.84
N GLU D 622 -33.61 -7.43 20.98
CA GLU D 622 -32.46 -7.01 20.18
C GLU D 622 -31.29 -6.58 21.06
N SER D 623 -31.60 -5.90 22.16
CA SER D 623 -30.60 -5.44 23.12
C SER D 623 -29.85 -6.60 23.77
N ASP D 624 -30.47 -7.78 23.81
CA ASP D 624 -29.83 -8.99 24.34
C ASP D 624 -28.75 -9.53 23.41
N GLY D 625 -28.85 -9.19 22.13
CA GLY D 625 -27.84 -9.57 21.14
C GLY D 625 -28.38 -10.17 19.86
N LEU D 626 -29.69 -9.99 19.63
CA LEU D 626 -30.34 -10.52 18.44
C LEU D 626 -30.11 -9.63 17.22
N GLN D 627 -30.34 -10.17 16.03
CA GLN D 627 -30.22 -9.42 14.78
C GLN D 627 -31.17 -8.23 14.72
N SER D 628 -32.39 -8.46 15.21
CA SER D 628 -33.45 -7.45 15.25
C SER D 628 -34.60 -8.03 16.07
N ASN D 629 -35.48 -7.16 16.57
CA ASN D 629 -36.67 -7.59 17.27
C ASN D 629 -37.63 -8.32 16.32
N GLN D 630 -37.76 -7.81 15.10
CA GLN D 630 -38.59 -8.43 14.08
C GLN D 630 -37.84 -9.54 13.33
N PHE D 631 -38.50 -10.68 13.19
CA PHE D 631 -37.99 -11.80 12.41
C PHE D 631 -38.86 -12.05 11.18
N ASN D 632 -38.38 -12.92 10.29
CA ASN D 632 -39.08 -13.16 9.03
C ASN D 632 -39.64 -14.58 8.88
N THR D 633 -40.60 -14.73 7.96
CA THR D 633 -41.31 -16.00 7.74
C THR D 633 -40.40 -17.11 7.25
N ALA D 634 -40.69 -18.33 7.69
CA ALA D 634 -39.95 -19.55 7.31
C ALA D 634 -38.46 -19.54 7.68
N SER D 635 -38.03 -18.47 8.35
CA SER D 635 -36.62 -18.29 8.68
C SER D 635 -36.26 -18.94 10.01
N TYR D 636 -36.19 -20.28 9.99
CA TYR D 636 -35.86 -21.08 11.17
C TYR D 636 -35.22 -22.40 10.76
N CYS D 637 -34.15 -22.79 11.45
CA CYS D 637 -33.44 -24.03 11.14
C CYS D 637 -32.71 -24.61 12.35
N ARG D 638 -32.86 -25.93 12.53
CA ARG D 638 -32.12 -26.66 13.55
C ARG D 638 -31.22 -27.69 12.88
N THR D 639 -29.92 -27.59 13.14
CA THR D 639 -28.95 -28.52 12.56
C THR D 639 -29.02 -29.88 13.24
N SER D 640 -28.45 -30.89 12.59
CA SER D 640 -28.34 -32.24 13.16
C SER D 640 -27.40 -32.24 14.37
N VAL D 641 -26.53 -31.24 14.44
CA VAL D 641 -25.63 -31.05 15.57
C VAL D 641 -26.39 -30.53 16.79
N GLY D 642 -27.30 -29.60 16.55
CA GLY D 642 -28.12 -29.01 17.62
C GLY D 642 -28.14 -27.50 17.62
N GLN D 643 -27.38 -26.91 16.68
CA GLN D 643 -27.29 -25.46 16.53
C GLN D 643 -28.58 -24.91 15.91
N MET D 644 -29.01 -23.74 16.39
CA MET D 644 -30.22 -23.10 15.91
C MET D 644 -29.93 -21.83 15.11
N TYR D 645 -30.71 -21.61 14.06
CA TYR D 645 -30.55 -20.46 13.17
C TYR D 645 -31.87 -19.73 12.97
N PHE D 646 -31.89 -18.46 13.32
CA PHE D 646 -33.08 -17.61 13.13
C PHE D 646 -32.72 -16.34 12.38
N GLY D 647 -33.37 -16.14 11.25
CA GLY D 647 -33.17 -14.94 10.43
C GLY D 647 -34.34 -13.99 10.51
N GLY D 648 -34.08 -12.70 10.26
CA GLY D 648 -35.10 -11.67 10.32
C GLY D 648 -34.97 -10.64 9.23
N ILE D 649 -34.94 -9.37 9.63
CA ILE D 649 -34.80 -8.26 8.69
C ILE D 649 -33.38 -7.70 8.64
N ASN D 650 -32.60 -7.95 9.70
CA ASN D 650 -31.23 -7.45 9.77
C ASN D 650 -30.22 -8.57 10.05
N GLY D 651 -30.32 -9.65 9.28
CA GLY D 651 -29.36 -10.75 9.36
C GLY D 651 -29.88 -12.00 10.05
N ILE D 652 -28.95 -12.88 10.43
CA ILE D 652 -29.28 -14.14 11.09
C ILE D 652 -28.60 -14.20 12.45
N THR D 653 -29.31 -14.74 13.44
CA THR D 653 -28.76 -14.98 14.77
C THR D 653 -28.59 -16.48 15.01
N THR D 654 -27.37 -16.86 15.40
CA THR D 654 -27.07 -18.27 15.71
C THR D 654 -26.53 -18.44 17.13
N PHE D 655 -26.97 -19.52 17.78
CA PHE D 655 -26.60 -19.82 19.16
C PHE D 655 -26.84 -21.29 19.47
N ARG D 656 -26.19 -21.78 20.52
CA ARG D 656 -26.42 -23.13 21.00
C ARG D 656 -27.17 -23.08 22.33
N PRO D 657 -28.47 -23.46 22.32
CA PRO D 657 -29.31 -23.40 23.53
C PRO D 657 -28.76 -24.23 24.69
N GLU D 658 -28.04 -25.30 24.37
CA GLU D 658 -27.44 -26.18 25.37
C GLU D 658 -26.18 -25.58 25.99
N LEU D 659 -25.64 -24.55 25.35
CA LEU D 659 -24.39 -23.93 25.79
C LEU D 659 -24.58 -22.57 26.46
N LEU D 660 -25.82 -22.09 26.49
CA LEU D 660 -26.15 -20.80 27.11
C LEU D 660 -25.92 -20.85 28.62
N LEU D 661 -25.21 -19.86 29.14
CA LEU D 661 -24.84 -19.82 30.55
C LEU D 661 -25.83 -19.04 31.39
N ASP D 662 -25.91 -19.41 32.68
CA ASP D 662 -26.78 -18.71 33.64
C ASP D 662 -26.00 -17.64 34.38
N ASN D 663 -26.67 -16.52 34.64
CA ASN D 663 -26.11 -15.43 35.44
C ASN D 663 -26.28 -15.74 36.93
N PRO D 664 -25.15 -15.97 37.64
CA PRO D 664 -25.19 -16.36 39.04
C PRO D 664 -25.29 -15.18 40.01
N TYR D 665 -25.34 -13.96 39.48
CA TYR D 665 -25.32 -12.75 40.30
C TYR D 665 -26.69 -12.15 40.52
N THR D 666 -27.03 -11.96 41.80
CA THR D 666 -28.28 -11.30 42.19
C THR D 666 -27.97 -10.15 43.15
N PRO D 667 -27.70 -8.96 42.60
CA PRO D 667 -27.35 -7.77 43.39
C PRO D 667 -28.54 -7.21 44.17
N PRO D 668 -28.27 -6.48 45.28
CA PRO D 668 -29.34 -5.85 46.06
C PRO D 668 -29.96 -4.68 45.32
N VAL D 669 -31.24 -4.43 45.57
CA VAL D 669 -31.95 -3.31 44.94
C VAL D 669 -31.56 -2.01 45.63
N VAL D 670 -31.25 -0.99 44.83
CA VAL D 670 -30.94 0.34 45.35
C VAL D 670 -32.01 1.33 44.87
N ILE D 671 -32.65 2.01 45.81
CA ILE D 671 -33.66 3.02 45.50
C ILE D 671 -32.97 4.30 45.05
N THR D 672 -33.15 4.66 43.79
CA THR D 672 -32.42 5.77 43.17
C THR D 672 -33.09 7.13 43.32
N LYS D 673 -34.41 7.17 43.15
CA LYS D 673 -35.14 8.44 43.18
C LYS D 673 -36.52 8.33 43.83
N LEU D 674 -36.89 9.40 44.55
CA LEU D 674 -38.23 9.55 45.11
C LEU D 674 -38.82 10.87 44.62
N GLN D 675 -40.06 10.82 44.16
CA GLN D 675 -40.74 12.02 43.66
C GLN D 675 -42.03 12.28 44.42
N LEU D 676 -42.18 13.51 44.90
CA LEU D 676 -43.40 13.95 45.55
C LEU D 676 -44.20 14.80 44.56
N PHE D 677 -45.38 14.33 44.21
CA PHE D 677 -46.23 14.94 43.18
C PHE D 677 -45.47 15.09 41.86
N ASN D 678 -44.75 14.03 41.49
CA ASN D 678 -43.92 13.97 40.29
C ASN D 678 -42.66 14.85 40.35
N LYS D 679 -42.53 15.64 41.42
CA LYS D 679 -41.36 16.49 41.63
C LYS D 679 -40.34 15.78 42.53
N VAL D 680 -39.10 15.67 42.06
CA VAL D 680 -38.05 14.92 42.73
C VAL D 680 -37.72 15.49 44.11
N VAL D 681 -37.70 14.61 45.11
CA VAL D 681 -37.36 14.99 46.49
C VAL D 681 -35.84 15.00 46.67
N ARG D 682 -35.34 16.04 47.33
CA ARG D 682 -33.91 16.23 47.53
C ARG D 682 -33.53 16.16 49.02
N PRO D 683 -32.26 15.85 49.33
CA PRO D 683 -31.81 15.94 50.72
C PRO D 683 -31.78 17.39 51.21
N ASP D 684 -32.32 17.62 52.41
CA ASP D 684 -32.38 18.94 53.05
C ASP D 684 -33.13 19.99 52.22
N ASP D 685 -34.14 19.56 51.48
CA ASP D 685 -34.94 20.47 50.66
C ASP D 685 -36.11 21.08 51.44
N GLU D 686 -37.01 21.75 50.73
CA GLU D 686 -38.14 22.45 51.33
C GLU D 686 -39.19 21.51 51.92
N THR D 687 -39.34 20.33 51.31
CA THR D 687 -40.31 19.34 51.78
C THR D 687 -39.89 18.72 53.10
N GLY D 688 -38.57 18.65 53.33
CA GLY D 688 -38.00 18.14 54.58
C GLY D 688 -38.20 16.66 54.79
N ILE D 689 -38.55 15.95 53.72
CA ILE D 689 -38.78 14.50 53.78
C ILE D 689 -37.44 13.76 53.86
N LEU D 690 -36.51 14.15 52.99
CA LEU D 690 -35.17 13.58 52.99
C LEU D 690 -34.14 14.58 53.49
N THR D 691 -33.25 14.10 54.35
CA THR D 691 -32.07 14.86 54.77
C THR D 691 -30.84 14.07 54.35
N LYS D 692 -30.97 12.75 54.35
CA LYS D 692 -30.01 11.86 53.72
C LYS D 692 -30.53 11.50 52.34
N ASN D 693 -29.68 10.86 51.52
CA ASN D 693 -30.07 10.37 50.20
C ASN D 693 -31.09 9.25 50.33
N ILE D 694 -31.95 9.12 49.32
CA ILE D 694 -33.00 8.09 49.30
C ILE D 694 -32.45 6.66 49.36
N SER D 695 -31.20 6.50 48.93
CA SER D 695 -30.51 5.22 49.05
C SER D 695 -30.00 4.99 50.47
N GLU D 696 -29.75 6.08 51.19
CA GLU D 696 -29.20 6.04 52.55
C GLU D 696 -30.28 5.97 53.61
N THR D 697 -31.41 6.64 53.36
CA THR D 697 -32.49 6.78 54.33
C THR D 697 -33.27 5.48 54.54
N LYS D 698 -33.49 5.13 55.81
CA LYS D 698 -34.18 3.90 56.18
C LYS D 698 -35.69 4.10 56.40
N SER D 699 -36.07 5.29 56.85
CA SER D 699 -37.46 5.61 57.12
C SER D 699 -37.81 7.05 56.79
N ILE D 700 -38.99 7.23 56.19
CA ILE D 700 -39.51 8.56 55.85
C ILE D 700 -40.88 8.81 56.50
N THR D 701 -41.24 10.08 56.64
CA THR D 701 -42.53 10.46 57.21
C THR D 701 -43.22 11.48 56.31
N LEU D 702 -44.47 11.19 55.96
CA LEU D 702 -45.24 12.04 55.05
C LEU D 702 -46.33 12.81 55.77
N LYS D 703 -46.34 14.13 55.56
CA LYS D 703 -47.31 15.02 56.19
C LYS D 703 -48.66 15.01 55.47
N SER D 704 -49.66 15.65 56.09
CA SER D 704 -51.05 15.58 55.64
C SER D 704 -51.29 15.99 54.19
N TRP D 705 -50.61 17.05 53.74
CA TRP D 705 -50.76 17.54 52.37
C TRP D 705 -50.00 16.71 51.37
N GLN D 706 -48.95 16.04 51.83
CA GLN D 706 -48.11 15.18 50.99
C GLN D 706 -48.79 13.82 50.75
N THR D 707 -49.61 13.74 49.71
CA THR D 707 -50.44 12.56 49.46
C THR D 707 -49.93 11.64 48.35
N ALA D 708 -49.40 12.22 47.27
CA ALA D 708 -48.97 11.45 46.10
C ALA D 708 -47.45 11.41 45.96
N PHE D 709 -46.94 10.21 45.64
CA PHE D 709 -45.50 10.00 45.46
C PHE D 709 -45.20 8.86 44.49
N SER D 710 -43.96 8.80 44.01
CA SER D 710 -43.49 7.71 43.17
C SER D 710 -42.07 7.30 43.54
N ILE D 711 -41.80 5.99 43.47
CA ILE D 711 -40.51 5.44 43.89
C ILE D 711 -39.78 4.74 42.75
N GLU D 712 -38.58 5.23 42.44
CA GLU D 712 -37.73 4.66 41.39
C GLU D 712 -36.57 3.89 42.01
N PHE D 713 -36.34 2.68 41.51
CA PHE D 713 -35.30 1.79 42.02
C PHE D 713 -34.49 1.12 40.91
N VAL D 714 -33.26 0.75 41.22
CA VAL D 714 -32.34 0.17 40.24
C VAL D 714 -31.63 -1.06 40.78
N VAL D 715 -31.09 -1.88 39.87
CA VAL D 715 -30.24 -3.02 40.24
C VAL D 715 -28.99 -3.04 39.36
N SER D 716 -27.83 -3.21 40.01
CA SER D 716 -26.54 -3.18 39.31
C SER D 716 -26.15 -4.55 38.76
N ASN D 717 -26.94 -5.03 37.80
CA ASN D 717 -26.66 -6.29 37.12
C ASN D 717 -26.22 -6.03 35.69
N TYR D 718 -24.92 -6.06 35.47
CA TYR D 718 -24.33 -5.71 34.18
C TYR D 718 -24.34 -6.88 33.19
N ILE D 719 -24.41 -8.09 33.72
CA ILE D 719 -24.51 -9.30 32.89
C ILE D 719 -25.92 -9.43 32.33
N SER D 720 -26.91 -9.19 33.18
CA SER D 720 -28.31 -9.18 32.75
C SER D 720 -28.69 -7.84 32.12
N GLY D 721 -27.87 -6.82 32.36
CA GLY D 721 -28.04 -5.50 31.75
C GLY D 721 -29.28 -4.76 32.21
N GLN D 722 -30.31 -4.78 31.37
CA GLN D 722 -31.57 -4.11 31.65
C GLN D 722 -32.74 -5.10 31.70
N HIS D 723 -32.41 -6.39 31.53
CA HIS D 723 -33.41 -7.45 31.56
C HIS D 723 -33.53 -8.00 32.95
N ASN D 724 -34.29 -7.31 33.79
CA ASN D 724 -34.46 -7.71 35.19
C ASN D 724 -35.92 -7.70 35.64
N THR D 725 -36.21 -8.55 36.62
CA THR D 725 -37.57 -8.64 37.20
C THR D 725 -37.58 -8.13 38.64
N PHE D 726 -38.39 -7.10 38.88
CA PHE D 726 -38.54 -6.51 40.20
C PHE D 726 -39.82 -7.01 40.86
N ALA D 727 -39.77 -7.23 42.17
CA ALA D 727 -40.95 -7.61 42.94
C ALA D 727 -41.16 -6.62 44.08
N TYR D 728 -42.32 -5.96 44.08
CA TYR D 728 -42.64 -4.97 45.10
C TYR D 728 -43.92 -5.28 45.86
N LYS D 729 -43.95 -4.84 47.13
CA LYS D 729 -45.14 -4.92 47.96
C LYS D 729 -45.05 -3.90 49.10
N LEU D 730 -46.12 -3.13 49.28
CA LEU D 730 -46.21 -2.20 50.40
C LEU D 730 -46.93 -2.87 51.57
N GLU D 731 -46.17 -3.16 52.62
CA GLU D 731 -46.69 -3.83 53.81
C GLU D 731 -47.71 -2.95 54.52
N GLY D 732 -48.91 -3.49 54.70
CA GLY D 732 -50.00 -2.77 55.35
C GLY D 732 -51.05 -2.24 54.40
N TYR D 733 -50.67 -2.07 53.13
CA TYR D 733 -51.57 -1.55 52.11
C TYR D 733 -51.79 -2.54 50.97
N ASP D 734 -50.71 -3.10 50.44
CA ASP D 734 -50.80 -4.12 49.40
C ASP D 734 -51.15 -5.47 50.01
N LYS D 735 -52.17 -6.12 49.45
CA LYS D 735 -52.61 -7.44 49.91
C LYS D 735 -51.66 -8.53 49.42
N GLU D 736 -51.03 -8.31 48.27
CA GLU D 736 -50.13 -9.28 47.66
C GLU D 736 -48.92 -8.62 47.00
N TRP D 737 -47.95 -9.44 46.60
CA TRP D 737 -46.78 -8.99 45.85
C TRP D 737 -47.13 -8.66 44.43
N TYR D 738 -46.41 -7.68 43.86
CA TYR D 738 -46.59 -7.32 42.46
C TYR D 738 -45.25 -7.32 41.72
N TYR D 739 -45.26 -7.77 40.48
CA TYR D 739 -44.05 -7.93 39.69
C TYR D 739 -43.93 -6.92 38.55
N LEU D 740 -42.71 -6.46 38.30
CA LEU D 740 -42.43 -5.54 37.20
C LEU D 740 -41.25 -6.03 36.37
N THR D 741 -41.35 -5.89 35.05
CA THR D 741 -40.29 -6.30 34.14
C THR D 741 -39.76 -5.13 33.30
N ASP D 742 -40.69 -4.28 32.85
CA ASP D 742 -40.34 -3.13 32.01
C ASP D 742 -40.14 -1.86 32.81
N SER D 743 -40.96 -1.66 33.83
CA SER D 743 -40.92 -0.43 34.63
C SER D 743 -40.07 -0.56 35.90
N ARG D 744 -39.67 0.58 36.43
CA ARG D 744 -38.87 0.66 37.65
C ARG D 744 -39.52 1.60 38.67
N THR D 745 -40.66 2.18 38.29
CA THR D 745 -41.33 3.18 39.11
C THR D 745 -42.69 2.69 39.61
N VAL D 746 -42.95 2.92 40.90
CA VAL D 746 -44.24 2.57 41.51
C VAL D 746 -44.85 3.84 42.12
N SER D 747 -46.12 4.09 41.80
CA SER D 747 -46.82 5.28 42.27
C SER D 747 -47.96 4.94 43.22
N TYR D 748 -48.07 5.71 44.31
CA TYR D 748 -49.15 5.57 45.28
C TYR D 748 -49.84 6.90 45.55
N SER D 749 -51.11 6.84 45.95
CA SER D 749 -51.91 8.04 46.19
C SER D 749 -52.90 7.86 47.34
N ASN D 750 -53.09 8.93 48.11
CA ASN D 750 -54.07 8.99 49.19
C ASN D 750 -54.04 7.80 50.15
N LEU D 751 -52.86 7.50 50.67
CA LEU D 751 -52.68 6.39 51.62
C LEU D 751 -53.28 6.72 52.98
N PRO D 752 -53.91 5.72 53.64
CA PRO D 752 -54.45 5.90 54.99
C PRO D 752 -53.37 6.12 56.04
N GLN D 753 -53.76 6.72 57.16
CA GLN D 753 -52.86 7.00 58.28
C GLN D 753 -52.25 5.71 58.83
N GLY D 754 -50.95 5.74 59.11
CA GLY D 754 -50.26 4.61 59.70
C GLY D 754 -48.83 4.42 59.22
N THR D 755 -48.20 3.34 59.72
CA THR D 755 -46.82 3.02 59.36
C THR D 755 -46.79 1.85 58.37
N TYR D 756 -46.10 2.04 57.25
CA TYR D 756 -45.99 1.04 56.19
C TYR D 756 -44.54 0.71 55.88
N GLN D 757 -44.32 -0.47 55.31
CA GLN D 757 -42.98 -0.90 54.89
C GLN D 757 -42.95 -1.27 53.41
N PHE D 758 -42.04 -0.65 52.66
CA PHE D 758 -41.88 -0.95 51.25
C PHE D 758 -40.74 -1.95 51.05
N LEU D 759 -41.04 -3.04 50.33
CA LEU D 759 -40.08 -4.10 50.08
C LEU D 759 -39.91 -4.34 48.58
N VAL D 760 -38.67 -4.58 48.15
CA VAL D 760 -38.38 -4.79 46.73
C VAL D 760 -37.27 -5.83 46.50
N LYS D 761 -37.55 -6.82 45.66
CA LYS D 761 -36.62 -7.89 45.33
C LYS D 761 -36.09 -7.75 43.90
N ALA D 762 -34.95 -8.38 43.63
CA ALA D 762 -34.33 -8.33 42.30
C ALA D 762 -34.06 -9.70 41.70
N ALA D 763 -34.55 -9.90 40.48
CA ALA D 763 -34.28 -11.11 39.71
C ALA D 763 -33.48 -10.79 38.46
N ASN D 764 -32.53 -11.66 38.12
CA ASN D 764 -31.76 -11.49 36.89
C ASN D 764 -32.51 -11.99 35.66
N SER D 765 -31.87 -11.85 34.49
CA SER D 765 -32.46 -12.29 33.23
C SER D 765 -32.85 -13.77 33.24
N ASP D 766 -31.99 -14.58 33.86
CA ASP D 766 -32.20 -16.03 33.92
C ASP D 766 -33.28 -16.46 34.92
N GLY D 767 -33.60 -15.57 35.86
CA GLY D 767 -34.70 -15.81 36.79
C GLY D 767 -34.28 -16.15 38.22
N LYS D 768 -33.02 -15.91 38.55
CA LYS D 768 -32.52 -16.11 39.90
C LYS D 768 -32.84 -14.88 40.75
N TRP D 769 -33.41 -15.11 41.93
CA TRP D 769 -33.88 -14.04 42.81
C TRP D 769 -32.91 -13.67 43.89
N ASN D 770 -33.04 -12.45 44.39
CA ASN D 770 -32.33 -12.01 45.59
C ASN D 770 -33.24 -12.18 46.81
N PRO D 771 -32.91 -13.13 47.70
CA PRO D 771 -33.73 -13.49 48.86
C PRO D 771 -34.01 -12.34 49.83
N ILE D 772 -32.98 -11.55 50.13
CA ILE D 772 -33.14 -10.36 50.97
C ILE D 772 -33.60 -9.16 50.13
N PRO D 773 -34.78 -8.59 50.47
CA PRO D 773 -35.27 -7.40 49.79
C PRO D 773 -34.73 -6.10 50.41
N THR D 774 -34.97 -4.98 49.73
CA THR D 774 -34.59 -3.67 50.25
C THR D 774 -35.82 -3.02 50.91
N ALA D 775 -35.64 -2.57 52.15
CA ALA D 775 -36.74 -2.05 52.94
C ALA D 775 -36.70 -0.54 53.14
N LEU D 776 -37.85 0.10 52.98
CA LEU D 776 -38.02 1.52 53.26
C LEU D 776 -39.32 1.74 54.03
N GLU D 777 -39.20 2.28 55.25
CA GLU D 777 -40.35 2.53 56.10
C GLU D 777 -41.02 3.85 55.73
N ILE D 778 -42.33 3.80 55.54
CA ILE D 778 -43.13 4.97 55.19
C ILE D 778 -44.20 5.22 56.26
N ILE D 779 -44.13 6.38 56.90
CA ILE D 779 -45.08 6.75 57.94
C ILE D 779 -46.04 7.84 57.43
N VAL D 780 -47.34 7.54 57.48
CA VAL D 780 -48.37 8.48 57.03
C VAL D 780 -49.07 9.10 58.23
N LEU D 781 -49.06 10.44 58.27
CA LEU D 781 -49.63 11.20 59.38
C LEU D 781 -51.14 11.47 59.17
N PRO D 782 -51.89 11.66 60.27
CA PRO D 782 -53.35 11.81 60.24
C PRO D 782 -53.85 12.98 59.38
N ILE D 783 -55.10 12.89 58.94
CA ILE D 783 -55.73 13.94 58.14
C ILE D 783 -57.02 14.40 58.81
C1 NGS E . 9.13 15.32 -33.93
C2 NGS E . 9.61 13.89 -33.82
C3 NGS E . 10.27 13.66 -32.47
C4 NGS E . 11.27 14.75 -32.07
C5 NGS E . 10.91 16.15 -32.59
C6 NGS E . 12.18 17.01 -32.63
O1 NGS E . 8.45 15.54 -35.18
O3 NGS E . 10.96 12.40 -32.52
O5 NGS E . 10.29 16.14 -33.87
O6 NGS E . 13.27 16.30 -33.20
N2 NGS E . 8.42 13.05 -33.83
C7 NGS E . 8.21 12.11 -34.75
O7 NGS E . 7.21 11.42 -34.74
C8 NGS E . 9.24 11.94 -35.84
S NGS E . 14.66 16.29 -32.53
O7A NGS E . 14.89 14.98 -31.86
O8 NGS E . 14.77 17.37 -31.52
O9 NGS E . 15.68 16.49 -33.59
O4 NGS E . 11.30 14.95 -30.66
C1 GCD E . 11.76 13.90 -29.81
C2 GCD E . 12.04 14.49 -28.44
C3 GCD E . 12.72 13.45 -27.56
C4 GCD E . 11.97 12.13 -27.66
C5 GCD E . 11.07 11.89 -28.63
C6 GCD E . 10.37 10.61 -28.69
O2 GCD E . 12.87 15.65 -28.56
O3 GCD E . 12.74 13.90 -26.20
O5 GCD E . 10.76 12.90 -29.64
O6A GCD E . 10.09 10.14 -29.81
O6B GCD E . 10.10 9.99 -27.63
C1 NGS F . 39.80 -17.94 8.94
C2 NGS F . 39.88 -16.80 7.94
C3 NGS F . 38.50 -16.33 7.49
C4 NGS F . 37.40 -16.93 8.40
C5 NGS F . 37.49 -18.48 8.53
C6 NGS F . 36.63 -19.21 7.49
O1 NGS F . 41.07 -18.54 9.15
O3 NGS F . 38.30 -16.73 6.12
O5 NGS F . 38.85 -18.92 8.45
O6 NGS F . 37.31 -19.41 6.26
N2 NGS F . 40.48 -15.68 8.66
C7 NGS F . 41.75 -15.29 8.52
O7 NGS F . 42.19 -14.34 9.16
C8 NGS F . 42.63 -16.03 7.53
S NGS F . 36.64 -20.14 5.06
O7A NGS F . 36.41 -19.17 3.96
O8 NGS F . 35.33 -20.73 5.47
O9 NGS F . 37.52 -21.23 4.57
O4 NGS F . 36.05 -16.53 8.15
C1 GCD F . 35.71 -15.76 6.98
C2 GCD F . 34.23 -15.99 6.67
C3 GCD F . 33.74 -15.16 5.47
C4 GCD F . 34.54 -13.87 5.29
C5 GCD F . 35.56 -13.52 6.10
C6 GCD F . 36.31 -12.28 5.87
O2 GCD F . 33.98 -17.39 6.42
O3 GCD F . 32.35 -14.85 5.65
O5 GCD F . 35.95 -14.37 7.22
O6A GCD F . 35.69 -11.21 5.63
O6B GCD F . 37.55 -12.31 5.96
C1 NGS G . -50.06 -10.44 -1.99
C2 NGS G . -49.24 -9.27 -1.43
C3 NGS G . -47.80 -9.29 -1.94
C4 NGS G . -47.25 -10.74 -2.03
C5 NGS G . -48.10 -11.78 -1.24
C6 NGS G . -47.93 -11.63 0.28
O1 NGS G . -51.41 -10.35 -1.52
O3 NGS G . -47.01 -8.43 -1.10
O5 NGS G . -49.50 -11.72 -1.59
O6 NGS G . -47.96 -12.91 0.89
N2 NGS G . -49.83 -7.97 -1.80
C7 NGS G . -50.36 -7.48 -2.94
O7 NGS G . -50.77 -6.34 -2.96
C8 NGS G . -50.44 -8.34 -4.18
S NGS G . -47.79 -13.04 2.42
O7A NGS G . -46.51 -12.42 2.84
O8 NGS G . -47.80 -14.48 2.78
O9 NGS G . -48.92 -12.36 3.10
O4 NGS G . -45.87 -10.97 -1.81
C1 GCD G . -45.09 -10.20 -0.88
C2 GCD G . -43.99 -11.11 -0.34
C3 GCD G . -42.92 -10.38 0.47
C4 GCD G . -42.80 -8.90 0.13
C5 GCD G . -43.55 -8.33 -0.82
C6 GCD G . -43.39 -6.90 -1.11
O2 GCD G . -44.58 -12.14 0.45
O3 GCD G . -41.65 -11.00 0.27
O5 GCD G . -44.53 -9.09 -1.58
O6A GCD G . -42.25 -6.37 -1.07
O6B GCD G . -44.42 -6.24 -1.42
C1 NGS H . 0.42 14.02 26.38
C2 NGS H . -0.53 12.96 26.93
C3 NGS H . -1.40 12.39 25.80
C4 NGS H . -2.02 13.47 24.90
C5 NGS H . -1.13 14.71 24.71
C6 NGS H . -1.96 15.90 24.23
O1 NGS H . 1.29 14.49 27.42
O3 NGS H . -2.44 11.62 26.40
O5 NGS H . -0.41 15.08 25.89
O6 NGS H . -2.89 16.32 25.24
N2 NGS H . 0.30 11.85 27.36
C7 NGS H . 0.31 11.39 28.63
O7 NGS H . 1.03 10.46 28.95
C8 NGS H . -0.58 12.06 29.63
S NGS H . -4.37 16.58 24.85
O7A NGS H . -5.03 15.28 24.54
O8 NGS H . -4.46 17.48 23.67
O9 NGS H . -5.05 17.23 26.00
O4 NGS H . -2.25 12.91 23.60
C1 GCD H . -3.59 12.45 23.37
C2 GCD H . -4.00 12.82 21.94
C3 GCD H . -5.26 12.08 21.47
C4 GCD H . -5.18 10.62 21.79
C5 GCD H . -4.41 10.16 22.80
C6 GCD H . -4.36 8.72 23.07
O2 GCD H . -4.26 14.24 21.89
O3 GCD H . -5.40 12.24 20.05
O5 GCD H . -3.61 11.03 23.65
O6A GCD H . -4.60 7.90 22.15
O6B GCD H . -4.10 8.34 24.23
#